data_6TWE
#
_entry.id   6TWE
#
loop_
_entity.id
_entity.type
_entity.pdbx_description
1 polymer 'Putative chitin binding protein'
2 non-polymer 'COPPER (I) ION'
#
_entity_poly.entity_id   1
_entity_poly.type   'polypeptide(L)'
_entity_poly.pdbx_seq_one_letter_code
;HGFIEKPGSRAALCSEAFGFLNLNCGSVMYEPQSLEAKKGFPHSGPADGQIASAGGLFGGILDQQSENRWFKHIMTGGEH
TFTWTYTAPHNTSQWHYYITKKGWDPDKPLKRADFELIGAVPHDGSPASRNLSHHIYIPEDRLGYHVILAVWDVADTENA
FYQVIDVDLVNK
;
_entity_poly.pdbx_strand_id   A
#
loop_
_chem_comp.id
_chem_comp.type
_chem_comp.name
_chem_comp.formula
CU1 non-polymer 'COPPER (I) ION' 'Cu 1'
#
# COMPACT_ATOMS: atom_id res chain seq x y z
N HIS A 1 -0.04 3.51 15.24
CA HIS A 1 -0.34 2.18 14.60
C HIS A 1 -1.79 2.17 14.10
N GLY A 2 -2.04 1.18 13.27
CA GLY A 2 -3.24 0.97 12.53
C GLY A 2 -3.25 -0.22 11.57
N PHE A 3 -4.39 -0.55 10.94
CA PHE A 3 -4.57 -1.70 10.04
C PHE A 3 -5.63 -1.48 8.99
N ILE A 4 -5.68 -2.29 7.96
CA ILE A 4 -6.60 -2.12 6.83
C ILE A 4 -7.99 -2.59 7.30
N GLU A 5 -9.01 -1.79 6.96
CA GLU A 5 -10.37 -2.11 7.39
C GLU A 5 -11.26 -2.58 6.24
N LYS A 6 -11.04 -2.00 5.07
CA LYS A 6 -11.75 -2.28 3.83
C LYS A 6 -10.76 -2.03 2.69
N PRO A 7 -11.05 -2.64 1.51
CA PRO A 7 -12.13 -3.59 1.10
C PRO A 7 -11.98 -4.94 1.73
N GLY A 8 -13.12 -5.51 2.00
CA GLY A 8 -13.23 -6.94 2.29
C GLY A 8 -12.83 -7.28 3.72
N SER A 9 -12.68 -8.57 4.07
CA SER A 9 -12.13 -9.09 5.34
C SER A 9 -11.28 -10.28 5.00
N ARG A 10 -10.04 -10.16 5.39
CA ARG A 10 -9.16 -11.24 5.05
C ARG A 10 -9.27 -12.27 6.12
N ALA A 11 -9.81 -11.89 7.23
CA ALA A 11 -10.02 -12.82 8.35
C ALA A 11 -11.12 -13.80 8.03
N ALA A 12 -12.11 -13.27 7.31
CA ALA A 12 -13.24 -14.08 6.77
C ALA A 12 -12.76 -15.16 5.78
N LEU A 13 -11.80 -14.74 4.98
CA LEU A 13 -11.19 -15.69 4.06
C LEU A 13 -10.42 -16.84 4.74
N CYS A 14 -9.75 -16.49 5.83
CA CYS A 14 -9.00 -17.48 6.60
C CYS A 14 -9.90 -18.47 7.37
N SER A 15 -11.19 -18.11 7.54
CA SER A 15 -12.10 -18.77 8.39
C SER A 15 -12.60 -19.97 7.63
N GLU A 16 -13.29 -20.87 8.31
CA GLU A 16 -13.68 -22.17 7.75
C GLU A 16 -14.71 -22.07 6.62
N ALA A 17 -15.24 -20.90 6.37
CA ALA A 17 -16.21 -20.63 5.33
C ALA A 17 -15.52 -20.61 3.94
N PHE A 18 -14.20 -20.68 3.95
CA PHE A 18 -13.42 -20.83 2.68
C PHE A 18 -14.05 -22.02 1.96
N GLY A 19 -14.38 -23.04 2.74
CA GLY A 19 -15.20 -24.17 2.26
C GLY A 19 -15.85 -24.75 3.48
N PHE A 20 -15.01 -25.46 4.25
CA PHE A 20 -15.33 -26.13 5.55
C PHE A 20 -14.01 -26.71 6.17
N LEU A 21 -13.12 -27.13 5.31
CA LEU A 21 -11.82 -27.64 5.75
C LEU A 21 -10.47 -27.11 5.28
N ASN A 22 -10.47 -26.39 4.18
CA ASN A 22 -9.24 -25.99 3.53
C ASN A 22 -9.09 -24.46 3.67
N LEU A 23 -7.92 -23.93 3.43
CA LEU A 23 -7.72 -22.51 3.60
C LEU A 23 -6.44 -22.05 2.93
N ASN A 24 -6.26 -20.74 2.85
CA ASN A 24 -5.11 -20.11 2.14
C ASN A 24 -4.88 -18.77 2.81
N CYS A 25 -4.68 -18.78 4.13
CA CYS A 25 -4.84 -17.67 4.97
C CYS A 25 -3.83 -16.54 4.73
N GLY A 26 -2.63 -16.86 4.31
CA GLY A 26 -1.66 -15.81 4.04
C GLY A 26 -1.18 -15.04 5.31
N SER A 27 -1.01 -15.86 6.34
CA SER A 27 -0.79 -15.47 7.72
C SER A 27 0.40 -14.46 7.97
N VAL A 28 1.16 -14.10 6.94
CA VAL A 28 2.20 -13.00 6.88
C VAL A 28 1.47 -11.64 7.09
N MET A 29 0.17 -11.67 6.93
CA MET A 29 -0.64 -10.43 7.06
C MET A 29 -0.89 -9.91 8.45
N TYR A 30 -0.07 -10.19 9.42
CA TYR A 30 -0.37 -9.72 10.78
C TYR A 30 -0.40 -8.17 10.90
N GLU A 31 0.67 -7.50 10.41
CA GLU A 31 0.88 -6.01 10.53
C GLU A 31 1.35 -5.27 9.27
N PRO A 32 0.78 -5.58 8.07
CA PRO A 32 1.52 -4.94 7.01
C PRO A 32 1.27 -3.49 6.75
N GLN A 33 0.19 -2.97 7.27
CA GLN A 33 -0.16 -1.57 7.04
C GLN A 33 0.80 -0.71 7.84
N SER A 34 1.08 -1.22 9.02
CA SER A 34 2.06 -0.69 9.97
C SER A 34 3.47 -1.15 9.68
N LEU A 35 3.90 -0.96 8.42
CA LEU A 35 5.33 -1.19 8.01
C LEU A 35 6.08 0.08 8.26
N GLU A 36 6.98 0.02 9.24
CA GLU A 36 7.67 1.24 9.68
C GLU A 36 8.81 1.60 8.69
N ALA A 37 9.20 2.89 8.82
CA ALA A 37 10.28 3.49 8.07
C ALA A 37 11.14 4.26 9.16
N LYS A 38 12.45 4.30 9.02
CA LYS A 38 13.25 4.95 10.01
C LYS A 38 14.26 5.79 9.26
N LYS A 39 14.67 6.93 9.78
CA LYS A 39 15.68 7.74 9.18
C LYS A 39 16.98 7.25 9.80
N GLY A 40 18.08 7.23 9.10
CA GLY A 40 19.29 6.64 9.66
C GLY A 40 19.10 5.15 9.61
N PHE A 41 19.75 4.46 10.53
CA PHE A 41 19.72 3.02 10.62
C PHE A 41 19.52 2.80 12.12
N PRO A 42 19.28 1.56 12.56
CA PRO A 42 19.14 0.29 11.78
C PRO A 42 17.77 0.21 11.12
N HIS A 43 17.50 -0.88 10.42
CA HIS A 43 16.18 -1.18 9.81
C HIS A 43 15.62 -2.53 10.31
N SER A 44 16.48 -3.38 10.88
CA SER A 44 16.22 -4.77 11.27
C SER A 44 16.09 -5.65 10.01
N GLY A 45 15.12 -5.37 9.14
CA GLY A 45 15.06 -6.01 7.81
C GLY A 45 16.15 -5.51 6.90
N PRO A 46 15.97 -5.77 5.61
CA PRO A 46 16.92 -5.23 4.61
C PRO A 46 16.77 -3.74 4.35
N ALA A 47 17.74 -3.10 3.71
CA ALA A 47 17.74 -1.62 3.57
C ALA A 47 16.47 -1.06 2.87
N ASP A 48 16.00 0.00 3.47
CA ASP A 48 14.89 0.79 2.91
C ASP A 48 15.55 2.13 3.02
N GLY A 49 14.91 3.21 2.59
CA GLY A 49 15.52 4.54 2.67
C GLY A 49 16.38 4.75 1.51
N GLN A 50 16.13 4.01 0.47
CA GLN A 50 17.01 3.93 -0.67
C GLN A 50 16.40 4.55 -1.92
N ILE A 51 15.44 5.45 -1.75
CA ILE A 51 14.72 5.99 -2.85
C ILE A 51 15.56 6.96 -3.75
N ALA A 52 16.42 7.79 -3.19
CA ALA A 52 17.25 8.72 -4.02
C ALA A 52 18.34 7.98 -4.81
N SER A 53 18.95 6.96 -4.23
CA SER A 53 19.83 6.06 -4.97
C SER A 53 19.04 5.12 -5.89
N ALA A 54 17.71 5.10 -5.78
CA ALA A 54 16.84 4.15 -6.39
C ALA A 54 17.23 2.69 -6.19
N GLY A 55 17.91 2.47 -5.07
CA GLY A 55 18.23 1.09 -4.68
C GLY A 55 16.91 0.48 -4.24
N GLY A 56 16.01 1.25 -3.70
CA GLY A 56 14.69 0.78 -3.34
C GLY A 56 13.70 0.89 -4.48
N LEU A 57 14.19 1.11 -5.71
CA LEU A 57 13.35 1.24 -6.91
C LEU A 57 13.79 0.28 -8.00
N PHE A 58 14.90 0.54 -8.66
CA PHE A 58 15.42 -0.36 -9.73
C PHE A 58 15.87 -1.68 -9.08
N GLY A 59 16.35 -1.52 -7.85
CA GLY A 59 16.75 -2.68 -7.05
C GLY A 59 15.56 -3.29 -6.30
N GLY A 60 14.51 -2.52 -6.28
CA GLY A 60 13.28 -2.87 -5.59
C GLY A 60 12.43 -3.81 -6.37
N ILE A 61 12.92 -4.17 -7.55
CA ILE A 61 12.32 -5.25 -8.27
C ILE A 61 12.55 -6.56 -7.57
N LEU A 62 13.65 -6.61 -6.84
CA LEU A 62 13.90 -7.77 -5.99
C LEU A 62 13.01 -7.78 -4.79
N ASP A 63 12.47 -6.65 -4.35
CA ASP A 63 11.54 -6.61 -3.25
C ASP A 63 10.17 -7.06 -3.70
N GLN A 64 9.94 -6.94 -5.01
CA GLN A 64 8.75 -7.44 -5.69
C GLN A 64 8.95 -8.90 -6.12
N GLN A 65 10.03 -9.48 -5.57
CA GLN A 65 10.38 -10.88 -5.69
C GLN A 65 10.76 -11.45 -4.31
N SER A 66 10.26 -10.79 -3.27
CA SER A 66 10.68 -11.11 -1.91
C SER A 66 9.79 -12.22 -1.35
N GLU A 67 10.27 -12.96 -0.39
CA GLU A 67 9.44 -13.89 0.44
C GLU A 67 8.30 -13.19 1.10
N ASN A 68 8.53 -11.93 1.50
CA ASN A 68 7.57 -11.04 2.21
C ASN A 68 6.48 -10.33 1.38
N ARG A 69 6.64 -10.56 0.06
CA ARG A 69 5.71 -10.11 -0.99
C ARG A 69 4.46 -10.89 -1.03
N TRP A 70 3.58 -10.37 -0.15
CA TRP A 70 2.26 -10.87 0.10
C TRP A 70 1.33 -10.50 -0.98
N PHE A 71 0.15 -11.02 -0.82
CA PHE A 71 -0.71 -11.48 -1.89
C PHE A 71 -1.40 -10.40 -2.67
N LYS A 72 -1.70 -10.70 -3.93
CA LYS A 72 -2.43 -9.69 -4.76
C LYS A 72 -3.88 -9.63 -4.34
N HIS A 73 -4.42 -8.47 -4.05
CA HIS A 73 -5.84 -8.39 -3.77
C HIS A 73 -6.59 -8.28 -5.10
N ILE A 74 -7.59 -9.07 -5.32
CA ILE A 74 -8.27 -9.02 -6.61
C ILE A 74 -9.44 -8.04 -6.49
N MET A 75 -9.48 -7.09 -7.37
CA MET A 75 -10.56 -6.11 -7.41
C MET A 75 -11.06 -6.03 -8.89
N THR A 76 -12.37 -6.14 -9.07
CA THR A 76 -12.98 -5.95 -10.37
C THR A 76 -13.13 -4.47 -10.59
N GLY A 77 -13.56 -4.06 -11.77
CA GLY A 77 -13.82 -2.67 -12.06
C GLY A 77 -14.94 -2.00 -11.32
N GLY A 78 -14.82 -0.68 -11.32
CA GLY A 78 -15.71 0.20 -10.61
C GLY A 78 -15.08 0.75 -9.34
N GLU A 79 -15.71 1.66 -8.61
CA GLU A 79 -15.06 2.27 -7.46
C GLU A 79 -15.16 1.33 -6.30
N HIS A 80 -14.17 1.33 -5.43
CA HIS A 80 -14.24 0.49 -4.22
C HIS A 80 -13.87 1.41 -3.04
N THR A 81 -14.33 1.08 -1.86
CA THR A 81 -13.94 1.90 -0.70
C THR A 81 -12.59 1.46 -0.13
N PHE A 82 -11.69 2.31 0.25
CA PHE A 82 -10.47 1.87 0.84
C PHE A 82 -10.47 2.63 2.17
N THR A 83 -10.36 1.90 3.29
CA THR A 83 -10.53 2.43 4.60
C THR A 83 -9.47 1.80 5.44
N TRP A 84 -8.88 2.63 6.29
CA TRP A 84 -7.89 2.17 7.25
C TRP A 84 -8.41 2.53 8.58
N THR A 85 -8.14 1.73 9.60
CA THR A 85 -8.57 2.03 10.96
C THR A 85 -7.33 2.08 11.83
N TYR A 86 -7.27 3.08 12.71
CA TYR A 86 -6.10 3.38 13.52
C TYR A 86 -6.41 3.44 15.03
N THR A 87 -5.34 3.26 15.82
CA THR A 87 -5.30 3.22 17.29
C THR A 87 -4.36 4.36 17.65
N ALA A 88 -4.11 5.26 16.68
CA ALA A 88 -3.10 6.29 16.76
C ALA A 88 -3.58 7.48 17.56
N PRO A 89 -2.88 7.90 18.57
CA PRO A 89 -3.00 9.30 19.02
C PRO A 89 -1.97 10.16 18.23
N HIS A 90 -1.17 9.49 17.48
CA HIS A 90 -0.12 10.10 16.70
C HIS A 90 -0.60 11.18 15.73
N ASN A 91 0.14 12.29 15.61
CA ASN A 91 -0.22 13.33 14.66
C ASN A 91 0.42 13.17 13.26
N THR A 92 -0.40 12.82 12.30
CA THR A 92 0.02 12.65 10.90
C THR A 92 0.42 14.02 10.41
N SER A 93 1.38 14.02 9.51
CA SER A 93 1.65 15.25 8.74
C SER A 93 1.02 15.15 7.39
N GLN A 94 1.12 14.01 6.76
CA GLN A 94 0.63 13.75 5.42
C GLN A 94 0.56 12.28 5.10
N TRP A 95 -0.50 11.99 4.33
CA TRP A 95 -0.48 10.64 3.75
C TRP A 95 -0.95 10.71 2.32
N HIS A 96 -0.30 9.94 1.46
CA HIS A 96 -0.68 9.88 0.06
C HIS A 96 -0.38 8.46 -0.53
N TYR A 97 -1.15 8.10 -1.51
CA TYR A 97 -1.04 6.71 -2.03
C TYR A 97 -1.09 6.70 -3.55
N TYR A 98 -0.30 5.78 -4.12
CA TYR A 98 0.02 5.71 -5.52
C TYR A 98 -0.31 4.28 -5.97
N ILE A 99 -0.36 4.05 -7.31
CA ILE A 99 -0.28 2.68 -7.83
C ILE A 99 0.95 2.73 -8.72
N THR A 100 1.57 1.56 -8.90
CA THR A 100 2.54 1.43 -10.03
C THR A 100 1.83 1.33 -11.33
N LYS A 101 2.47 1.78 -12.39
CA LYS A 101 2.07 1.49 -13.76
C LYS A 101 3.17 0.80 -14.56
N LYS A 102 2.83 -0.28 -15.28
CA LYS A 102 3.76 -1.20 -16.02
C LYS A 102 4.44 -0.41 -17.19
N GLY A 103 5.58 -0.80 -17.72
CA GLY A 103 6.03 -0.27 -18.98
C GLY A 103 6.83 1.02 -18.96
N TRP A 104 7.71 1.14 -17.94
CA TRP A 104 8.52 2.40 -17.77
C TRP A 104 9.50 2.49 -18.96
N ASP A 105 10.13 3.66 -19.08
CA ASP A 105 11.09 3.97 -20.17
C ASP A 105 12.21 4.86 -19.64
N PRO A 106 13.49 4.42 -19.81
CA PRO A 106 14.54 5.40 -19.43
C PRO A 106 14.55 6.75 -20.14
N ASP A 107 14.10 6.81 -21.39
CA ASP A 107 14.17 8.11 -22.06
C ASP A 107 13.23 9.17 -21.54
N LYS A 108 12.45 8.76 -20.51
CA LYS A 108 11.28 9.48 -20.00
C LYS A 108 11.46 9.50 -18.46
N PRO A 109 10.65 10.20 -17.65
CA PRO A 109 10.59 10.22 -16.19
C PRO A 109 10.51 9.01 -15.31
N LEU A 110 10.92 7.88 -15.84
CA LEU A 110 10.96 6.62 -15.11
C LEU A 110 10.92 6.56 -13.54
N LYS A 111 11.71 7.31 -12.72
CA LYS A 111 11.61 7.22 -11.25
C LYS A 111 10.46 7.95 -10.70
N ARG A 112 9.74 8.73 -11.47
CA ARG A 112 8.43 9.26 -11.18
C ARG A 112 7.32 8.66 -11.98
N ALA A 113 7.62 8.46 -13.22
CA ALA A 113 6.58 7.85 -14.03
C ALA A 113 6.44 6.33 -13.85
N ASP A 114 7.06 5.83 -12.83
CA ASP A 114 6.84 4.47 -12.36
C ASP A 114 5.44 4.35 -11.87
N PHE A 115 4.87 5.48 -11.42
CA PHE A 115 3.61 5.49 -10.77
C PHE A 115 2.58 6.59 -11.11
N GLU A 116 1.42 6.44 -10.54
CA GLU A 116 0.33 7.44 -10.63
C GLU A 116 -0.15 7.76 -9.21
N LEU A 117 -0.25 9.04 -8.81
CA LEU A 117 -0.80 9.45 -7.52
C LEU A 117 -2.29 9.15 -7.66
N ILE A 118 -2.86 8.32 -6.77
CA ILE A 118 -4.29 7.96 -6.93
C ILE A 118 -5.07 8.72 -5.90
N GLY A 119 -4.40 9.31 -4.92
CA GLY A 119 -4.94 10.24 -3.93
C GLY A 119 -3.99 10.73 -2.88
N ALA A 120 -4.28 11.90 -2.35
CA ALA A 120 -3.41 12.52 -1.31
C ALA A 120 -4.25 13.18 -0.27
N VAL A 121 -3.89 13.08 1.00
CA VAL A 121 -4.48 13.87 2.09
C VAL A 121 -3.49 14.52 3.12
N PRO A 122 -3.22 15.83 3.03
CA PRO A 122 -2.38 16.48 4.01
C PRO A 122 -3.18 16.69 5.30
N HIS A 123 -2.43 16.83 6.39
CA HIS A 123 -3.03 17.22 7.66
C HIS A 123 -3.20 18.70 7.72
N ASP A 124 -4.42 19.11 7.59
CA ASP A 124 -4.70 20.55 7.51
C ASP A 124 -5.88 21.13 8.22
N GLY A 125 -7.06 20.56 8.13
CA GLY A 125 -8.21 21.13 8.75
C GLY A 125 -9.40 20.60 7.98
N SER A 126 -10.65 20.90 8.40
CA SER A 126 -11.89 20.44 7.74
C SER A 126 -12.17 18.94 7.61
N PRO A 127 -13.47 18.55 7.34
CA PRO A 127 -13.61 17.11 7.20
C PRO A 127 -13.03 16.46 5.99
N ALA A 128 -12.38 17.25 5.16
CA ALA A 128 -11.62 16.72 4.02
C ALA A 128 -10.33 16.09 4.51
N SER A 129 -9.60 16.69 5.44
CA SER A 129 -8.41 16.04 5.89
C SER A 129 -8.73 14.89 6.87
N ARG A 130 -9.88 15.04 7.56
CA ARG A 130 -10.36 14.03 8.52
C ARG A 130 -10.77 12.70 7.91
N ASN A 131 -11.06 12.80 6.59
CA ASN A 131 -11.53 11.60 5.90
C ASN A 131 -10.45 10.51 5.93
N LEU A 132 -10.82 9.34 6.36
CA LEU A 132 -9.90 8.20 6.53
C LEU A 132 -10.47 7.07 5.67
N SER A 133 -11.54 7.35 4.91
CA SER A 133 -12.16 6.38 4.03
C SER A 133 -12.23 7.11 2.76
N HIS A 134 -11.91 6.53 1.61
CA HIS A 134 -11.86 7.19 0.30
C HIS A 134 -12.25 6.16 -0.73
N HIS A 135 -12.79 6.60 -1.83
CA HIS A 135 -13.31 5.75 -2.88
C HIS A 135 -12.41 5.90 -4.10
N ILE A 136 -11.87 4.81 -4.65
CA ILE A 136 -10.94 4.90 -5.78
C ILE A 136 -11.51 4.11 -6.94
N TYR A 137 -11.57 4.71 -8.14
CA TYR A 137 -12.01 4.03 -9.36
C TYR A 137 -11.00 3.08 -9.91
N ILE A 138 -11.52 1.93 -10.29
CA ILE A 138 -10.70 0.84 -10.90
C ILE A 138 -11.16 0.68 -12.39
N PRO A 139 -10.26 0.82 -13.38
CA PRO A 139 -10.89 0.68 -14.74
C PRO A 139 -11.57 -0.61 -14.97
N GLU A 140 -12.64 -0.47 -15.79
CA GLU A 140 -13.52 -1.56 -16.07
C GLU A 140 -13.06 -2.41 -17.27
N ASP A 141 -12.07 -1.89 -18.01
CA ASP A 141 -11.71 -2.56 -19.25
C ASP A 141 -10.35 -3.17 -19.16
N ARG A 142 -9.57 -2.94 -18.14
CA ARG A 142 -8.18 -3.45 -18.05
C ARG A 142 -8.02 -4.54 -17.00
N LEU A 143 -6.93 -5.31 -17.13
CA LEU A 143 -6.49 -6.44 -16.27
C LEU A 143 -5.03 -6.30 -16.11
N GLY A 144 -4.58 -6.43 -14.89
CA GLY A 144 -3.17 -6.35 -14.57
C GLY A 144 -2.77 -5.98 -13.18
N TYR A 145 -1.61 -6.59 -12.89
CA TYR A 145 -0.89 -6.41 -11.62
C TYR A 145 -0.44 -4.95 -11.50
N HIS A 146 -0.49 -4.49 -10.26
CA HIS A 146 -0.04 -3.13 -9.85
C HIS A 146 0.39 -3.38 -8.38
N VAL A 147 1.10 -2.47 -7.78
CA VAL A 147 1.33 -2.44 -6.32
C VAL A 147 0.75 -1.12 -5.88
N ILE A 148 0.01 -1.00 -4.81
CA ILE A 148 -0.28 0.27 -4.17
C ILE A 148 0.96 0.63 -3.36
N LEU A 149 1.56 1.81 -3.54
CA LEU A 149 2.61 2.33 -2.70
C LEU A 149 1.93 3.40 -1.91
N ALA A 150 2.10 3.42 -0.60
CA ALA A 150 1.42 4.39 0.26
C ALA A 150 2.46 4.91 1.30
N VAL A 151 2.29 6.15 1.63
CA VAL A 151 3.15 6.75 2.66
C VAL A 151 2.24 7.41 3.69
N TRP A 152 2.57 7.25 4.99
CA TRP A 152 1.81 7.80 6.15
C TRP A 152 2.85 8.31 7.10
N ASP A 153 3.09 9.61 6.94
CA ASP A 153 4.18 10.36 7.56
C ASP A 153 3.57 11.01 8.81
N VAL A 154 4.47 11.09 9.81
CA VAL A 154 4.13 11.46 11.18
C VAL A 154 4.84 12.74 11.53
N ALA A 155 4.14 13.71 12.02
CA ALA A 155 4.64 15.01 12.41
C ALA A 155 5.45 14.92 13.72
N ASP A 156 5.07 13.95 14.55
CA ASP A 156 5.55 13.85 15.87
C ASP A 156 6.99 13.39 15.99
N THR A 157 7.50 12.73 14.96
CA THR A 157 8.81 12.15 15.02
C THR A 157 9.39 12.13 13.57
N GLU A 158 10.71 12.02 13.41
CA GLU A 158 11.32 12.01 12.07
C GLU A 158 11.17 10.64 11.37
N ASN A 159 10.57 9.69 12.03
CA ASN A 159 10.33 8.34 11.51
C ASN A 159 8.82 8.24 11.08
N ALA A 160 8.45 7.29 10.23
CA ALA A 160 7.16 7.26 9.57
C ALA A 160 6.75 5.84 9.33
N PHE A 161 5.64 5.64 8.61
CA PHE A 161 5.25 4.34 8.00
C PHE A 161 5.32 4.53 6.46
N TYR A 162 5.65 3.46 5.80
CA TYR A 162 5.72 3.39 4.34
C TYR A 162 5.31 2.01 4.02
N GLN A 163 4.23 1.81 3.28
CA GLN A 163 3.58 0.51 3.21
C GLN A 163 3.18 0.22 1.81
N VAL A 164 3.09 -1.06 1.46
CA VAL A 164 2.79 -1.49 0.09
C VAL A 164 1.69 -2.62 0.14
N ILE A 165 0.91 -2.68 -0.95
CA ILE A 165 -0.08 -3.77 -1.08
C ILE A 165 -0.03 -4.18 -2.54
N ASP A 166 0.26 -5.39 -2.86
CA ASP A 166 0.14 -5.92 -4.22
C ASP A 166 -1.37 -6.12 -4.55
N VAL A 167 -1.72 -5.84 -5.78
CA VAL A 167 -3.10 -6.02 -6.23
C VAL A 167 -3.11 -6.47 -7.64
N ASP A 168 -4.26 -6.98 -8.02
CA ASP A 168 -4.54 -7.47 -9.35
C ASP A 168 -5.90 -6.88 -9.68
N LEU A 169 -5.81 -5.87 -10.52
CA LEU A 169 -6.99 -5.02 -10.82
C LEU A 169 -7.47 -5.57 -12.19
N VAL A 170 -8.75 -5.80 -12.33
CA VAL A 170 -9.32 -6.42 -13.49
C VAL A 170 -10.67 -5.73 -13.92
N ASN A 171 -11.18 -6.27 -15.01
CA ASN A 171 -12.34 -5.76 -15.65
C ASN A 171 -13.64 -5.84 -14.85
N LYS A 172 -14.70 -5.22 -15.38
CA LYS A 172 -15.97 -5.19 -14.66
C LYS A 172 -16.57 -6.58 -14.71
CU CU1 B . 1.71 3.79 16.74
N HIS A 1 -0.80 1.57 13.70
CA HIS A 1 -0.50 0.96 12.36
C HIS A 1 -1.76 0.76 11.56
N GLY A 2 -2.75 0.26 12.31
CA GLY A 2 -4.11 0.13 11.85
C GLY A 2 -4.52 -1.13 11.12
N PHE A 3 -5.61 -1.04 10.38
CA PHE A 3 -6.22 -2.21 9.81
C PHE A 3 -6.99 -1.71 8.64
N ILE A 4 -7.28 -2.55 7.66
CA ILE A 4 -8.10 -2.11 6.53
C ILE A 4 -9.59 -2.24 6.96
N GLU A 5 -10.37 -1.20 7.18
CA GLU A 5 -11.80 -1.30 7.37
C GLU A 5 -12.51 -1.34 6.02
N LYS A 6 -12.04 -0.58 5.06
CA LYS A 6 -12.53 -0.63 3.62
C LYS A 6 -11.27 -0.54 2.79
N PRO A 7 -11.23 -1.15 1.59
CA PRO A 7 -12.16 -2.10 0.99
C PRO A 7 -12.13 -3.49 1.66
N GLY A 8 -13.14 -4.28 1.50
CA GLY A 8 -13.02 -5.72 1.61
C GLY A 8 -13.08 -6.32 3.01
N SER A 9 -12.83 -7.62 3.06
CA SER A 9 -12.83 -8.33 4.37
C SER A 9 -11.88 -9.52 4.11
N ARG A 10 -10.62 -9.24 4.10
CA ARG A 10 -9.60 -10.25 3.84
C ARG A 10 -9.50 -11.21 5.03
N ALA A 11 -10.18 -10.91 6.09
CA ALA A 11 -10.51 -11.89 7.14
C ALA A 11 -11.12 -13.16 6.62
N ALA A 12 -12.01 -13.05 5.65
CA ALA A 12 -12.59 -14.22 5.03
C ALA A 12 -11.55 -15.11 4.20
N LEU A 13 -10.51 -14.47 3.73
CA LEU A 13 -9.40 -15.13 3.03
C LEU A 13 -8.33 -15.69 3.95
N CYS A 14 -8.49 -15.28 5.20
CA CYS A 14 -7.64 -15.82 6.29
C CYS A 14 -8.25 -17.01 7.00
N SER A 15 -9.58 -17.08 6.95
CA SER A 15 -10.34 -18.29 7.34
C SER A 15 -10.12 -19.42 6.32
N GLU A 16 -10.18 -20.72 6.73
CA GLU A 16 -10.02 -21.81 5.72
C GLU A 16 -11.29 -21.98 4.93
N ALA A 17 -12.28 -21.08 5.16
CA ALA A 17 -13.48 -21.00 4.29
C ALA A 17 -13.05 -20.55 2.86
N PHE A 18 -11.87 -20.02 2.72
CA PHE A 18 -11.19 -19.89 1.41
C PHE A 18 -11.08 -21.15 0.50
N GLY A 19 -11.24 -22.34 1.12
CA GLY A 19 -11.19 -23.59 0.40
C GLY A 19 -10.83 -24.86 1.09
N PHE A 20 -10.70 -24.85 2.41
CA PHE A 20 -10.44 -26.03 3.24
C PHE A 20 -9.41 -27.06 2.80
N LEU A 21 -8.59 -26.90 1.77
CA LEU A 21 -7.58 -27.90 1.40
C LEU A 21 -6.39 -27.70 2.34
N ASN A 22 -6.10 -26.43 2.56
CA ASN A 22 -5.05 -26.05 3.50
C ASN A 22 -5.50 -24.73 4.12
N LEU A 23 -4.77 -24.24 5.07
CA LEU A 23 -4.88 -22.89 5.48
C LEU A 23 -4.42 -21.96 4.40
N ASN A 24 -4.85 -20.72 4.54
CA ASN A 24 -4.71 -19.63 3.53
C ASN A 24 -4.39 -18.23 4.18
N CYS A 25 -4.18 -18.17 5.47
CA CYS A 25 -3.96 -16.92 6.12
C CYS A 25 -2.62 -16.30 5.89
N GLY A 26 -1.61 -17.13 5.95
CA GLY A 26 -0.25 -16.61 5.82
C GLY A 26 0.26 -16.18 7.21
N SER A 27 1.34 -16.80 7.66
CA SER A 27 1.79 -16.65 9.04
C SER A 27 2.20 -15.24 9.36
N VAL A 28 2.36 -14.37 8.34
CA VAL A 28 2.64 -12.93 8.56
C VAL A 28 1.43 -12.33 9.28
N MET A 29 0.28 -12.94 9.38
CA MET A 29 -0.80 -12.50 10.30
C MET A 29 -0.52 -12.22 11.76
N TYR A 30 0.64 -12.70 12.21
CA TYR A 30 1.16 -12.31 13.54
C TYR A 30 1.35 -10.82 13.58
N GLU A 31 1.72 -10.30 12.42
CA GLU A 31 2.08 -8.87 12.35
C GLU A 31 1.76 -8.09 11.02
N PRO A 32 0.54 -8.22 10.43
CA PRO A 32 0.34 -7.91 9.04
C PRO A 32 0.49 -6.46 8.76
N GLN A 33 0.53 -5.60 9.80
CA GLN A 33 0.62 -4.16 9.64
C GLN A 33 1.92 -3.58 10.21
N SER A 34 2.91 -4.38 10.68
CA SER A 34 4.08 -3.85 11.41
C SER A 34 5.24 -3.49 10.47
N LEU A 35 4.95 -2.64 9.51
CA LEU A 35 5.99 -2.06 8.61
C LEU A 35 6.34 -0.63 8.96
N GLU A 36 7.39 -0.35 9.71
CA GLU A 36 7.94 1.01 9.81
C GLU A 36 9.38 0.86 9.42
N ALA A 37 9.92 1.99 8.98
CA ALA A 37 11.34 2.19 8.57
C ALA A 37 11.82 3.57 8.97
N LYS A 38 13.09 3.82 9.20
CA LYS A 38 13.50 5.11 9.69
C LYS A 38 13.30 6.13 8.59
N LYS A 39 13.02 7.36 8.98
CA LYS A 39 12.99 8.50 8.09
C LYS A 39 14.32 8.73 7.41
N GLY A 40 14.33 9.36 6.26
CA GLY A 40 15.58 9.56 5.50
C GLY A 40 16.44 10.74 5.88
N PHE A 41 17.50 10.51 6.64
CA PHE A 41 18.49 11.53 6.92
C PHE A 41 19.84 10.87 6.50
N PRO A 42 20.40 11.12 5.33
CA PRO A 42 19.82 11.99 4.24
C PRO A 42 18.85 11.25 3.33
N HIS A 43 18.23 11.98 2.39
CA HIS A 43 17.11 11.48 1.61
C HIS A 43 17.50 10.31 0.71
N SER A 44 18.70 10.29 0.19
CA SER A 44 19.22 9.19 -0.62
C SER A 44 18.46 8.75 -1.88
N GLY A 45 17.88 7.59 -1.98
CA GLY A 45 17.16 7.24 -3.21
C GLY A 45 15.95 8.10 -3.31
N PRO A 46 15.41 8.46 -4.49
CA PRO A 46 14.42 9.52 -4.50
C PRO A 46 13.03 9.23 -3.97
N ALA A 47 12.56 7.98 -4.11
CA ALA A 47 11.24 7.59 -3.67
C ALA A 47 10.97 7.59 -2.18
N ASP A 48 9.93 8.28 -1.76
CA ASP A 48 9.47 8.22 -0.40
C ASP A 48 8.90 6.81 0.00
N GLY A 49 9.16 6.33 1.20
CA GLY A 49 8.66 5.05 1.69
C GLY A 49 9.64 3.85 1.44
N GLN A 50 10.68 4.07 0.61
CA GLN A 50 11.64 3.08 0.22
C GLN A 50 13.04 3.31 0.84
N ILE A 51 13.20 4.38 1.63
CA ILE A 51 14.61 4.86 1.91
C ILE A 51 15.49 4.02 2.82
N ALA A 52 14.99 3.55 3.92
CA ALA A 52 15.67 2.65 4.81
C ALA A 52 14.85 1.33 4.90
N SER A 53 13.78 1.15 4.15
CA SER A 53 12.97 -0.11 4.26
C SER A 53 13.52 -1.22 3.41
N ALA A 54 14.46 -0.92 2.49
CA ALA A 54 15.00 -1.78 1.40
C ALA A 54 13.90 -2.11 0.32
N GLY A 55 12.77 -1.46 0.36
CA GLY A 55 11.66 -1.77 -0.51
C GLY A 55 11.77 -1.32 -1.96
N GLY A 56 12.75 -0.45 -2.13
CA GLY A 56 13.04 0.07 -3.48
C GLY A 56 14.03 -0.79 -4.25
N LEU A 57 14.50 -1.85 -3.63
CA LEU A 57 15.31 -2.79 -4.39
C LEU A 57 14.32 -3.74 -5.00
N PHE A 58 13.97 -3.53 -6.29
CA PHE A 58 12.95 -4.31 -6.97
C PHE A 58 13.36 -5.69 -7.31
N GLY A 59 14.68 -5.89 -7.44
CA GLY A 59 15.20 -7.25 -7.50
C GLY A 59 14.76 -7.99 -6.20
N GLY A 60 14.76 -7.25 -5.08
CA GLY A 60 14.35 -7.82 -3.78
C GLY A 60 12.84 -8.16 -3.68
N ILE A 61 12.00 -7.43 -4.38
CA ILE A 61 10.61 -7.80 -4.60
C ILE A 61 10.52 -9.03 -5.48
N LEU A 62 11.18 -9.10 -6.63
CA LEU A 62 11.04 -10.22 -7.54
C LEU A 62 11.64 -11.43 -6.85
N ASP A 63 12.60 -11.23 -5.93
CA ASP A 63 13.19 -12.40 -5.21
C ASP A 63 12.16 -13.02 -4.26
N GLN A 64 11.22 -12.20 -3.74
CA GLN A 64 10.15 -12.69 -2.89
C GLN A 64 9.08 -13.32 -3.74
N GLN A 65 9.41 -14.31 -4.54
CA GLN A 65 8.50 -15.18 -5.22
C GLN A 65 8.28 -16.37 -4.30
N SER A 66 7.77 -16.00 -3.13
CA SER A 66 7.76 -16.84 -1.91
C SER A 66 6.61 -16.67 -1.02
N GLU A 67 6.69 -17.13 0.20
CA GLU A 67 5.70 -16.93 1.23
C GLU A 67 5.56 -15.42 1.57
N ASN A 68 6.61 -14.65 1.36
CA ASN A 68 6.47 -13.20 1.47
C ASN A 68 6.03 -12.46 0.20
N ARG A 69 5.50 -13.22 -0.79
CA ARG A 69 4.93 -12.66 -2.00
C ARG A 69 3.57 -12.08 -1.66
N TRP A 70 3.72 -10.84 -1.30
CA TRP A 70 2.71 -9.86 -0.88
C TRP A 70 1.27 -10.06 -1.17
N PHE A 71 0.46 -9.67 -0.23
CA PHE A 71 -0.93 -9.97 -0.32
C PHE A 71 -1.56 -9.24 -1.49
N LYS A 72 -2.22 -10.05 -2.34
CA LYS A 72 -2.91 -9.56 -3.51
C LYS A 72 -4.37 -9.76 -3.62
N HIS A 73 -5.12 -8.86 -4.31
CA HIS A 73 -6.56 -9.13 -4.58
C HIS A 73 -7.15 -8.66 -5.99
N ILE A 74 -7.77 -9.52 -6.76
CA ILE A 74 -8.40 -9.21 -7.99
C ILE A 74 -9.70 -8.46 -7.65
N MET A 75 -9.99 -7.26 -8.15
CA MET A 75 -11.27 -6.61 -7.83
C MET A 75 -11.55 -5.83 -9.06
N THR A 76 -12.77 -5.40 -9.29
CA THR A 76 -13.12 -4.74 -10.54
C THR A 76 -12.90 -3.23 -10.47
N GLY A 77 -12.91 -2.52 -11.58
CA GLY A 77 -12.93 -1.05 -11.43
C GLY A 77 -14.26 -0.44 -11.03
N GLY A 78 -14.26 0.86 -10.81
CA GLY A 78 -15.33 1.64 -10.21
C GLY A 78 -14.68 2.43 -9.10
N GLU A 79 -15.50 3.11 -8.26
CA GLU A 79 -14.91 3.72 -7.08
C GLU A 79 -14.42 2.52 -6.25
N HIS A 80 -13.27 2.72 -5.66
CA HIS A 80 -12.81 1.99 -4.53
C HIS A 80 -12.84 3.05 -3.45
N THR A 81 -13.19 2.60 -2.26
CA THR A 81 -13.41 3.52 -1.17
C THR A 81 -12.49 2.96 -0.13
N PHE A 82 -11.56 3.74 0.33
CA PHE A 82 -10.51 3.29 1.24
C PHE A 82 -10.65 3.95 2.56
N THR A 83 -10.86 3.11 3.57
CA THR A 83 -11.12 3.53 4.97
C THR A 83 -10.14 2.65 5.70
N TRP A 84 -9.01 3.27 5.97
CA TRP A 84 -7.89 2.59 6.76
C TRP A 84 -7.78 3.29 8.04
N THR A 85 -8.06 2.53 9.08
CA THR A 85 -8.38 3.05 10.38
C THR A 85 -7.45 2.38 11.35
N TYR A 86 -7.28 3.03 12.45
CA TYR A 86 -6.39 2.71 13.55
C TYR A 86 -7.25 2.39 14.72
N THR A 87 -6.91 1.38 15.54
CA THR A 87 -7.78 0.82 16.60
C THR A 87 -7.56 1.61 17.87
N ALA A 88 -6.56 2.45 17.85
CA ALA A 88 -6.16 3.30 18.92
C ALA A 88 -5.66 4.57 18.15
N PRO A 89 -5.78 5.77 18.74
CA PRO A 89 -5.44 6.96 17.95
C PRO A 89 -3.95 7.06 17.62
N HIS A 90 -3.64 7.64 16.47
CA HIS A 90 -2.26 7.71 16.01
C HIS A 90 -1.97 9.05 15.31
N ASN A 91 -0.79 9.62 15.52
CA ASN A 91 -0.54 10.91 14.95
C ASN A 91 -0.15 10.86 13.46
N THR A 92 -0.30 11.94 12.70
CA THR A 92 0.05 12.05 11.30
C THR A 92 0.44 13.48 10.97
N SER A 93 1.35 13.72 10.02
CA SER A 93 1.70 15.02 9.47
C SER A 93 1.25 15.16 8.00
N GLN A 94 1.23 14.03 7.33
CA GLN A 94 0.79 13.88 5.95
C GLN A 94 0.60 12.38 5.67
N TRP A 95 -0.18 12.01 4.66
CA TRP A 95 -0.31 10.62 4.29
C TRP A 95 -0.43 10.58 2.71
N HIS A 96 0.09 9.56 2.04
CA HIS A 96 0.28 9.52 0.64
C HIS A 96 0.04 8.16 0.11
N TYR A 97 -0.43 8.15 -1.13
CA TYR A 97 -0.58 6.92 -1.92
C TYR A 97 0.04 7.07 -3.28
N TYR A 98 0.79 6.05 -3.67
CA TYR A 98 1.38 5.95 -4.99
C TYR A 98 0.94 4.61 -5.46
N ILE A 99 1.20 4.34 -6.75
CA ILE A 99 1.08 2.99 -7.30
C ILE A 99 2.36 2.81 -8.09
N THR A 100 2.81 1.59 -8.31
CA THR A 100 3.82 1.45 -9.31
C THR A 100 3.13 1.43 -10.61
N LYS A 101 3.90 1.84 -11.59
CA LYS A 101 3.37 2.02 -13.00
C LYS A 101 3.49 0.72 -13.78
N LYS A 102 2.32 0.12 -14.00
CA LYS A 102 2.01 -0.82 -15.10
C LYS A 102 2.51 -0.14 -16.37
N GLY A 103 3.44 -0.74 -17.03
CA GLY A 103 3.90 -0.22 -18.32
C GLY A 103 4.87 0.94 -18.26
N TRP A 104 5.73 0.99 -17.22
CA TRP A 104 6.86 1.95 -17.17
C TRP A 104 7.65 1.86 -18.49
N ASP A 105 8.39 2.92 -18.73
CA ASP A 105 9.44 2.98 -19.78
C ASP A 105 10.72 2.83 -18.95
N PRO A 106 11.40 1.69 -19.02
CA PRO A 106 12.56 1.41 -18.17
C PRO A 106 13.84 2.17 -18.52
N ASP A 107 13.82 2.71 -19.74
CA ASP A 107 14.97 3.40 -20.36
C ASP A 107 14.94 4.87 -19.85
N LYS A 108 13.92 5.14 -19.07
CA LYS A 108 13.48 6.47 -18.69
C LYS A 108 13.29 6.36 -17.19
N PRO A 109 13.37 7.39 -16.36
CA PRO A 109 13.44 7.31 -14.89
C PRO A 109 12.90 6.14 -14.12
N LEU A 110 13.83 5.23 -13.95
CA LEU A 110 13.58 3.90 -13.41
C LEU A 110 13.30 3.92 -11.92
N LYS A 111 13.59 5.00 -11.20
CA LYS A 111 13.29 5.13 -9.81
C LYS A 111 12.36 6.29 -9.54
N ARG A 112 11.86 6.91 -10.61
CA ARG A 112 11.04 8.10 -10.46
C ARG A 112 9.79 8.21 -11.29
N ALA A 113 9.96 7.92 -12.58
CA ALA A 113 8.84 7.67 -13.46
C ALA A 113 8.23 6.25 -13.38
N ASP A 114 8.80 5.33 -12.58
CA ASP A 114 8.32 3.97 -12.37
C ASP A 114 7.23 3.84 -11.31
N PHE A 115 6.74 5.00 -10.84
CA PHE A 115 5.58 5.04 -9.94
C PHE A 115 4.76 6.23 -10.34
N GLU A 116 3.52 6.34 -9.86
CA GLU A 116 2.71 7.53 -10.12
C GLU A 116 2.09 7.93 -8.79
N LEU A 117 1.73 9.17 -8.57
CA LEU A 117 0.98 9.56 -7.34
C LEU A 117 -0.57 9.64 -7.56
N ILE A 118 -1.32 8.84 -6.81
CA ILE A 118 -2.75 8.63 -6.93
C ILE A 118 -3.40 9.49 -5.91
N GLY A 119 -2.55 9.90 -4.94
CA GLY A 119 -2.86 11.03 -4.07
C GLY A 119 -1.97 11.24 -2.86
N ALA A 120 -2.06 12.43 -2.27
CA ALA A 120 -1.50 12.66 -0.93
C ALA A 120 -2.61 13.53 -0.27
N VAL A 121 -2.62 13.51 1.05
CA VAL A 121 -3.53 14.30 1.86
C VAL A 121 -2.64 14.77 3.03
N PRO A 122 -2.63 16.09 3.38
CA PRO A 122 -1.85 16.47 4.58
C PRO A 122 -2.64 16.27 5.83
N HIS A 123 -1.98 16.35 6.98
CA HIS A 123 -2.67 16.36 8.32
C HIS A 123 -2.16 17.53 9.15
N ASP A 124 -2.27 18.69 8.60
CA ASP A 124 -1.58 19.96 9.00
C ASP A 124 -2.55 21.11 9.30
N GLY A 125 -3.83 20.78 9.14
CA GLY A 125 -4.96 21.69 9.30
C GLY A 125 -6.17 20.77 9.32
N SER A 126 -7.34 21.37 9.16
CA SER A 126 -8.59 20.58 9.15
C SER A 126 -9.43 20.68 7.85
N PRO A 127 -8.97 20.12 6.74
CA PRO A 127 -9.73 20.18 5.46
C PRO A 127 -10.92 19.14 5.43
N ALA A 128 -11.67 19.13 4.33
CA ALA A 128 -12.75 18.15 4.21
C ALA A 128 -12.00 16.77 4.12
N SER A 129 -10.76 16.76 3.56
CA SER A 129 -9.89 15.57 3.40
C SER A 129 -9.34 14.99 4.73
N ARG A 130 -9.77 15.63 5.83
CA ARG A 130 -9.53 15.09 7.18
C ARG A 130 -10.38 13.85 7.43
N ASN A 131 -11.41 13.66 6.61
CA ASN A 131 -12.26 12.47 6.78
C ASN A 131 -11.35 11.32 6.39
N LEU A 132 -11.19 10.32 7.25
CA LEU A 132 -10.14 9.32 6.99
C LEU A 132 -10.49 8.31 5.89
N SER A 133 -11.73 8.35 5.40
CA SER A 133 -12.14 7.55 4.25
C SER A 133 -11.73 8.39 3.01
N HIS A 134 -11.29 7.70 1.97
CA HIS A 134 -11.04 8.39 0.69
C HIS A 134 -11.54 7.60 -0.52
N HIS A 135 -12.19 8.27 -1.46
CA HIS A 135 -12.72 7.60 -2.63
C HIS A 135 -11.80 7.84 -3.80
N ILE A 136 -11.44 6.70 -4.42
CA ILE A 136 -10.63 6.85 -5.62
C ILE A 136 -11.40 6.27 -6.79
N TYR A 137 -11.69 7.08 -7.83
CA TYR A 137 -12.45 6.42 -8.95
C TYR A 137 -11.49 5.70 -9.86
N ILE A 138 -11.59 4.38 -10.00
CA ILE A 138 -10.62 3.68 -10.87
C ILE A 138 -11.33 3.22 -12.08
N PRO A 139 -11.24 4.00 -13.21
CA PRO A 139 -11.88 3.39 -14.41
C PRO A 139 -11.02 2.20 -14.91
N GLU A 140 -11.66 1.06 -15.20
CA GLU A 140 -10.94 -0.13 -15.58
C GLU A 140 -11.68 -0.85 -16.69
N ASP A 141 -11.32 -0.65 -17.93
CA ASP A 141 -11.92 -1.38 -19.07
C ASP A 141 -10.99 -2.60 -19.28
N ARG A 142 -9.82 -2.66 -18.70
CA ARG A 142 -8.81 -3.74 -19.03
C ARG A 142 -8.68 -4.76 -17.93
N LEU A 143 -7.72 -5.68 -18.07
CA LEU A 143 -7.38 -6.58 -16.97
C LEU A 143 -5.88 -6.60 -16.69
N GLY A 144 -5.47 -6.43 -15.45
CA GLY A 144 -4.08 -6.40 -15.10
C GLY A 144 -3.72 -5.61 -13.86
N TYR A 145 -2.45 -5.55 -13.50
CA TYR A 145 -2.05 -5.33 -12.09
C TYR A 145 -1.00 -4.23 -11.83
N HIS A 146 -0.98 -3.75 -10.59
CA HIS A 146 0.04 -2.83 -10.07
C HIS A 146 0.08 -2.89 -8.52
N VAL A 147 1.07 -2.33 -7.83
CA VAL A 147 1.15 -2.41 -6.35
C VAL A 147 0.62 -1.01 -5.86
N ILE A 148 -0.26 -0.95 -4.83
CA ILE A 148 -0.58 0.36 -4.15
C ILE A 148 0.54 0.45 -3.15
N LEU A 149 1.15 1.60 -3.03
CA LEU A 149 2.17 1.86 -2.05
C LEU A 149 1.60 2.95 -1.14
N ALA A 150 1.71 2.86 0.19
CA ALA A 150 1.09 3.80 1.05
C ALA A 150 2.33 4.27 1.74
N VAL A 151 2.40 5.57 1.91
CA VAL A 151 3.42 6.21 2.66
C VAL A 151 2.75 7.08 3.72
N TRP A 152 2.97 6.90 5.00
CA TRP A 152 2.25 7.68 6.04
C TRP A 152 3.30 8.33 6.93
N ASP A 153 3.25 9.66 7.01
CA ASP A 153 4.24 10.37 7.73
C ASP A 153 3.69 10.80 9.10
N VAL A 154 4.52 10.58 10.13
CA VAL A 154 4.11 10.78 11.49
C VAL A 154 5.23 11.61 12.15
N ALA A 155 5.05 12.94 12.29
CA ALA A 155 6.23 13.74 12.63
C ALA A 155 6.78 13.41 14.01
N ASP A 156 5.90 12.81 14.84
CA ASP A 156 6.23 12.61 16.26
C ASP A 156 7.12 11.43 16.49
N THR A 157 7.27 10.51 15.56
CA THR A 157 7.97 9.26 15.79
C THR A 157 9.30 9.26 15.03
N GLU A 158 10.19 8.36 15.37
CA GLU A 158 11.51 8.36 14.68
C GLU A 158 11.41 7.64 13.35
N ASN A 159 10.59 6.61 13.39
CA ASN A 159 10.30 5.81 12.26
C ASN A 159 9.06 6.42 11.55
N ALA A 160 8.95 6.16 10.28
CA ALA A 160 7.73 6.45 9.47
C ALA A 160 7.05 5.16 9.03
N PHE A 161 5.78 5.22 8.70
CA PHE A 161 4.90 4.06 8.55
C PHE A 161 4.56 3.89 7.08
N TYR A 162 4.47 2.65 6.61
CA TYR A 162 4.10 2.36 5.22
C TYR A 162 3.39 1.02 5.08
N GLN A 163 2.69 0.84 3.92
CA GLN A 163 2.23 -0.45 3.51
C GLN A 163 2.45 -0.58 2.02
N VAL A 164 2.53 -1.79 1.48
CA VAL A 164 2.43 -2.07 0.08
C VAL A 164 1.42 -3.21 -0.15
N ILE A 165 0.52 -3.08 -1.09
CA ILE A 165 -0.63 -3.98 -1.25
C ILE A 165 -0.65 -4.20 -2.75
N ASP A 166 -0.50 -5.41 -3.13
CA ASP A 166 -0.59 -5.76 -4.56
C ASP A 166 -2.12 -5.95 -5.02
N VAL A 167 -2.46 -5.35 -6.17
CA VAL A 167 -3.82 -5.36 -6.68
C VAL A 167 -3.86 -5.81 -8.12
N ASP A 168 -4.88 -6.52 -8.46
CA ASP A 168 -5.14 -6.75 -9.89
C ASP A 168 -6.51 -6.13 -10.03
N LEU A 169 -6.70 -5.35 -11.09
CA LEU A 169 -7.91 -4.61 -11.25
C LEU A 169 -8.39 -4.98 -12.57
N VAL A 170 -9.65 -5.38 -12.69
CA VAL A 170 -10.24 -5.92 -13.93
C VAL A 170 -11.53 -5.26 -14.38
N ASN A 171 -11.91 -5.48 -15.64
CA ASN A 171 -13.14 -4.93 -16.20
C ASN A 171 -14.40 -5.61 -15.60
N LYS A 172 -15.38 -4.85 -15.21
CA LYS A 172 -16.55 -5.36 -14.51
C LYS A 172 -17.58 -6.01 -15.46
CU CU1 B . 0.71 1.79 15.40
N HIS A 1 -0.85 0.43 14.03
CA HIS A 1 -1.20 -1.01 14.26
C HIS A 1 -2.71 -1.23 13.96
N GLY A 2 -3.25 -0.43 13.03
CA GLY A 2 -4.71 -0.48 12.72
C GLY A 2 -5.12 -1.54 11.70
N PHE A 3 -6.31 -1.54 11.09
CA PHE A 3 -6.61 -2.66 10.16
C PHE A 3 -7.55 -2.32 8.98
N ILE A 4 -7.47 -2.99 7.81
CA ILE A 4 -8.29 -2.73 6.63
C ILE A 4 -9.71 -3.14 7.03
N GLU A 5 -10.66 -2.27 6.73
CA GLU A 5 -12.10 -2.42 7.09
C GLU A 5 -12.91 -2.44 5.75
N LYS A 6 -12.24 -3.16 4.85
CA LYS A 6 -12.69 -3.64 3.52
C LYS A 6 -12.81 -2.54 2.45
N PRO A 7 -12.90 -2.83 1.13
CA PRO A 7 -12.95 -4.11 0.39
C PRO A 7 -11.81 -5.08 0.71
N GLY A 8 -12.21 -6.28 1.17
CA GLY A 8 -11.31 -7.36 1.44
C GLY A 8 -10.78 -7.29 2.86
N SER A 9 -10.50 -8.43 3.49
CA SER A 9 -9.79 -8.49 4.82
C SER A 9 -8.93 -9.74 4.85
N ARG A 10 -7.66 -9.67 5.29
CA ARG A 10 -6.80 -10.87 5.26
C ARG A 10 -7.15 -11.85 6.35
N ALA A 11 -7.88 -11.39 7.34
CA ALA A 11 -8.34 -12.24 8.43
C ALA A 11 -9.50 -13.07 7.91
N ALA A 12 -10.31 -12.62 6.95
CA ALA A 12 -11.38 -13.41 6.42
C ALA A 12 -10.82 -14.55 5.59
N LEU A 13 -9.63 -14.36 5.10
CA LEU A 13 -9.03 -15.42 4.25
C LEU A 13 -8.46 -16.51 5.10
N CYS A 14 -8.44 -16.28 6.42
CA CYS A 14 -7.94 -17.25 7.40
C CYS A 14 -8.91 -18.36 7.72
N SER A 15 -10.17 -18.13 7.35
CA SER A 15 -11.22 -19.09 7.56
C SER A 15 -11.17 -20.14 6.48
N GLU A 16 -11.34 -21.39 6.83
CA GLU A 16 -11.19 -22.41 5.86
C GLU A 16 -12.53 -22.49 5.15
N ALA A 17 -13.60 -21.97 5.79
CA ALA A 17 -14.91 -21.83 5.20
C ALA A 17 -14.97 -20.83 4.08
N PHE A 18 -14.23 -19.76 4.21
CA PHE A 18 -14.19 -18.77 3.13
C PHE A 18 -13.68 -19.41 1.88
N GLY A 19 -12.87 -20.47 1.90
CA GLY A 19 -12.36 -21.11 0.69
C GLY A 19 -13.01 -22.43 0.52
N PHE A 20 -14.14 -22.60 1.24
CA PHE A 20 -14.92 -23.82 1.48
C PHE A 20 -14.13 -24.95 2.12
N LEU A 21 -13.00 -25.31 1.57
CA LEU A 21 -12.08 -26.34 2.11
C LEU A 21 -10.61 -25.88 2.11
N ASN A 22 -10.35 -24.62 1.87
CA ASN A 22 -8.99 -24.20 1.73
C ASN A 22 -8.95 -22.83 2.42
N LEU A 23 -7.76 -22.34 2.65
CA LEU A 23 -7.61 -21.15 3.44
C LEU A 23 -6.28 -20.56 2.98
N ASN A 24 -5.99 -19.34 3.39
CA ASN A 24 -4.82 -18.60 2.94
C ASN A 24 -4.56 -17.49 4.03
N CYS A 25 -4.15 -17.91 5.21
CA CYS A 25 -4.24 -17.09 6.39
C CYS A 25 -3.34 -15.87 6.48
N GLY A 26 -2.16 -16.01 5.91
CA GLY A 26 -1.22 -14.89 5.90
C GLY A 26 -0.46 -14.54 7.16
N SER A 27 -0.07 -15.58 7.89
CA SER A 27 0.57 -15.40 9.19
C SER A 27 1.83 -14.56 9.38
N VAL A 28 2.30 -13.96 8.30
CA VAL A 28 3.18 -12.79 8.40
C VAL A 28 2.53 -11.51 9.03
N MET A 29 1.23 -11.53 9.24
CA MET A 29 0.41 -10.55 9.96
C MET A 29 0.74 -10.06 11.35
N TYR A 30 1.92 -10.41 11.80
CA TYR A 30 2.40 -10.06 13.16
C TYR A 30 2.40 -8.53 13.45
N GLU A 31 2.94 -7.75 12.52
CA GLU A 31 2.96 -6.30 12.64
C GLU A 31 2.92 -5.42 11.38
N PRO A 32 2.01 -5.75 10.42
CA PRO A 32 2.22 -5.07 9.12
C PRO A 32 1.69 -3.63 9.08
N GLN A 33 0.84 -3.25 9.99
CA GLN A 33 0.45 -1.87 10.15
C GLN A 33 1.31 -1.15 11.17
N SER A 34 2.36 -1.81 11.69
CA SER A 34 3.21 -1.17 12.70
C SER A 34 4.64 -1.05 12.22
N LEU A 35 4.84 -1.19 10.92
CA LEU A 35 6.14 -1.15 10.25
C LEU A 35 6.62 0.27 10.21
N GLU A 36 7.78 0.59 10.70
CA GLU A 36 8.31 1.94 10.58
C GLU A 36 9.68 1.96 9.99
N ALA A 37 10.05 3.16 9.59
CA ALA A 37 11.41 3.48 9.18
C ALA A 37 11.80 4.91 9.58
N LYS A 38 13.03 5.15 10.06
CA LYS A 38 13.41 6.48 10.47
C LYS A 38 13.32 7.49 9.33
N LYS A 39 12.81 8.70 9.53
CA LYS A 39 12.74 9.71 8.51
C LYS A 39 14.20 10.09 8.28
N GLY A 40 14.41 10.67 7.13
CA GLY A 40 15.75 11.03 6.64
C GLY A 40 15.79 11.48 5.17
N PHE A 41 16.94 11.35 4.49
CA PHE A 41 17.04 11.63 3.01
C PHE A 41 17.21 10.35 2.18
N PRO A 42 16.44 10.07 1.13
CA PRO A 42 15.21 10.77 0.67
C PRO A 42 14.02 10.40 1.59
N HIS A 43 12.90 11.01 1.25
CA HIS A 43 11.61 10.73 1.89
C HIS A 43 10.37 11.05 1.09
N SER A 44 10.49 11.92 0.08
CA SER A 44 9.35 12.24 -0.79
C SER A 44 8.60 10.98 -1.35
N GLY A 45 9.26 10.08 -1.99
CA GLY A 45 8.66 8.83 -2.49
C GLY A 45 8.55 7.83 -1.31
N PRO A 46 7.80 6.69 -1.49
CA PRO A 46 7.58 5.74 -0.41
C PRO A 46 8.78 4.86 -0.03
N ALA A 47 9.64 4.63 -0.99
CA ALA A 47 10.72 3.66 -0.75
C ALA A 47 11.67 4.20 0.35
N ASP A 48 12.13 3.29 1.24
CA ASP A 48 13.21 3.64 2.23
C ASP A 48 13.85 2.33 2.53
N GLY A 49 15.17 2.32 2.73
CA GLY A 49 15.90 1.18 3.36
C GLY A 49 16.79 0.56 2.32
N GLN A 50 16.52 0.66 1.03
CA GLN A 50 17.36 0.04 -0.01
C GLN A 50 17.67 0.97 -1.20
N ILE A 51 17.80 2.27 -0.91
CA ILE A 51 17.70 3.29 -1.99
C ILE A 51 18.88 3.25 -2.93
N ALA A 52 20.06 3.17 -2.35
CA ALA A 52 21.27 3.24 -3.17
C ALA A 52 21.43 1.98 -4.04
N SER A 53 21.07 0.81 -3.53
CA SER A 53 21.12 -0.45 -4.33
C SER A 53 19.96 -0.66 -5.32
N ALA A 54 18.95 0.21 -5.20
CA ALA A 54 17.67 0.08 -5.92
C ALA A 54 17.04 -1.27 -5.52
N GLY A 55 17.41 -1.80 -4.36
CA GLY A 55 16.92 -3.10 -3.97
C GLY A 55 15.36 -3.14 -3.68
N GLY A 56 14.77 -2.01 -3.33
CA GLY A 56 13.32 -1.82 -3.13
C GLY A 56 12.65 -1.83 -4.49
N LEU A 57 13.40 -1.72 -5.58
CA LEU A 57 12.83 -1.68 -6.96
C LEU A 57 13.01 -2.95 -7.68
N PHE A 58 14.21 -3.32 -7.94
CA PHE A 58 14.48 -4.59 -8.65
C PHE A 58 14.09 -5.75 -7.74
N GLY A 59 14.07 -5.53 -6.42
CA GLY A 59 13.45 -6.50 -5.57
C GLY A 59 11.99 -6.76 -5.81
N GLY A 60 11.29 -5.79 -6.37
CA GLY A 60 9.94 -6.05 -6.82
C GLY A 60 9.90 -7.08 -7.94
N ILE A 61 10.92 -7.37 -8.71
CA ILE A 61 10.86 -8.45 -9.71
C ILE A 61 11.01 -9.82 -9.08
N LEU A 62 11.81 -9.83 -8.03
CA LEU A 62 12.26 -11.00 -7.35
C LEU A 62 11.11 -11.47 -6.44
N ASP A 63 10.13 -10.57 -6.15
CA ASP A 63 8.95 -10.87 -5.36
C ASP A 63 8.27 -12.17 -5.67
N GLN A 64 8.19 -12.53 -6.91
CA GLN A 64 7.43 -13.64 -7.36
C GLN A 64 8.07 -15.04 -7.15
N GLN A 65 9.13 -15.02 -6.37
CA GLN A 65 9.94 -16.14 -5.94
C GLN A 65 10.52 -15.87 -4.53
N SER A 66 9.74 -15.42 -3.60
CA SER A 66 10.32 -14.88 -2.37
C SER A 66 9.61 -15.10 -1.03
N GLU A 67 10.24 -14.98 0.14
CA GLU A 67 9.51 -14.95 1.44
C GLU A 67 8.69 -13.67 1.53
N ASN A 68 9.05 -12.72 0.68
CA ASN A 68 8.43 -11.41 0.58
C ASN A 68 7.38 -11.47 -0.58
N ARG A 69 6.85 -12.66 -0.86
CA ARG A 69 5.80 -12.93 -1.89
C ARG A 69 4.42 -12.52 -1.37
N TRP A 70 4.41 -11.19 -1.25
CA TRP A 70 3.34 -10.41 -0.67
C TRP A 70 2.09 -10.56 -1.41
N PHE A 71 1.02 -10.53 -0.65
CA PHE A 71 -0.26 -10.94 -1.19
C PHE A 71 -0.89 -9.91 -2.10
N LYS A 72 -1.57 -10.32 -3.17
CA LYS A 72 -2.29 -9.40 -4.02
C LYS A 72 -3.78 -9.50 -3.83
N HIS A 73 -4.57 -8.56 -4.29
CA HIS A 73 -6.02 -8.60 -4.29
C HIS A 73 -6.46 -8.31 -5.69
N ILE A 74 -7.19 -9.21 -6.24
CA ILE A 74 -7.64 -9.08 -7.61
C ILE A 74 -8.87 -8.22 -7.49
N MET A 75 -8.93 -7.14 -8.23
CA MET A 75 -10.11 -6.24 -8.30
C MET A 75 -10.25 -5.88 -9.79
N THR A 76 -11.48 -5.51 -10.11
CA THR A 76 -11.83 -5.04 -11.47
C THR A 76 -11.66 -3.56 -11.41
N GLY A 77 -11.63 -2.93 -12.57
CA GLY A 77 -11.77 -1.49 -12.61
C GLY A 77 -13.14 -0.97 -12.31
N GLY A 78 -13.24 0.34 -12.10
CA GLY A 78 -14.44 1.10 -11.72
C GLY A 78 -13.96 1.89 -10.47
N GLU A 79 -14.80 2.82 -10.00
CA GLU A 79 -14.51 3.40 -8.70
C GLU A 79 -14.56 2.33 -7.58
N HIS A 80 -13.72 2.46 -6.61
CA HIS A 80 -13.90 1.79 -5.33
C HIS A 80 -13.61 2.74 -4.28
N THR A 81 -14.30 2.61 -3.16
CA THR A 81 -14.00 3.28 -1.94
C THR A 81 -13.34 2.34 -1.02
N PHE A 82 -12.28 2.76 -0.32
CA PHE A 82 -11.53 1.87 0.61
C PHE A 82 -11.74 2.42 2.05
N THR A 83 -11.92 1.53 3.07
CA THR A 83 -11.98 1.97 4.44
C THR A 83 -11.01 1.22 5.31
N TRP A 84 -10.33 1.96 6.14
CA TRP A 84 -9.24 1.48 6.98
C TRP A 84 -9.72 2.03 8.32
N THR A 85 -9.29 1.50 9.44
CA THR A 85 -9.71 1.98 10.72
C THR A 85 -8.64 1.84 11.72
N TYR A 86 -8.69 2.67 12.75
CA TYR A 86 -7.87 2.59 13.97
C TYR A 86 -8.84 2.67 15.09
N THR A 87 -8.49 2.29 16.30
CA THR A 87 -9.37 2.66 17.43
C THR A 87 -8.70 3.57 18.43
N ALA A 88 -7.39 3.79 18.32
CA ALA A 88 -6.65 4.81 19.02
C ALA A 88 -5.90 5.55 17.98
N PRO A 89 -5.86 6.88 18.07
CA PRO A 89 -5.11 7.50 16.97
C PRO A 89 -3.63 7.31 16.98
N HIS A 90 -3.10 7.42 15.80
CA HIS A 90 -1.64 7.45 15.57
C HIS A 90 -1.25 8.93 15.75
N ASN A 91 0.03 9.18 16.08
CA ASN A 91 0.57 10.54 15.98
C ASN A 91 0.90 10.72 14.53
N THR A 92 0.49 11.86 13.90
CA THR A 92 0.68 12.06 12.47
C THR A 92 0.79 13.59 12.17
N SER A 93 1.45 13.98 11.11
CA SER A 93 1.45 15.34 10.55
C SER A 93 0.81 15.31 9.21
N GLN A 94 1.11 14.34 8.34
CA GLN A 94 0.45 14.13 7.06
C GLN A 94 0.48 12.69 6.67
N TRP A 95 -0.56 12.19 6.02
CA TRP A 95 -0.41 10.89 5.38
C TRP A 95 -0.49 10.96 3.85
N HIS A 96 0.23 10.02 3.22
CA HIS A 96 0.48 10.11 1.76
C HIS A 96 0.22 8.66 1.24
N TYR A 97 -0.21 8.44 -0.01
CA TYR A 97 -0.46 7.11 -0.59
C TYR A 97 -0.13 7.23 -2.10
N TYR A 98 0.33 6.13 -2.67
CA TYR A 98 1.12 6.12 -3.88
C TYR A 98 0.87 4.78 -4.56
N ILE A 99 1.24 4.72 -5.82
CA ILE A 99 1.08 3.48 -6.57
C ILE A 99 2.33 3.31 -7.43
N THR A 100 2.53 2.14 -8.01
CA THR A 100 3.59 1.97 -9.00
C THR A 100 2.99 2.08 -10.38
N LYS A 101 3.92 2.40 -11.29
CA LYS A 101 3.52 2.58 -12.69
C LYS A 101 3.20 1.26 -13.43
N LYS A 102 1.94 0.86 -13.41
CA LYS A 102 1.43 -0.17 -14.31
C LYS A 102 1.60 0.15 -15.80
N GLY A 103 2.44 -0.67 -16.45
CA GLY A 103 2.56 -0.66 -17.90
C GLY A 103 3.55 0.36 -18.43
N TRP A 104 4.64 0.51 -17.64
CA TRP A 104 5.73 1.43 -17.96
C TRP A 104 6.63 0.92 -19.08
N ASP A 105 7.41 1.85 -19.67
CA ASP A 105 8.38 1.50 -20.75
C ASP A 105 9.79 1.93 -20.33
N PRO A 106 10.81 1.10 -20.73
CA PRO A 106 12.16 1.50 -20.27
C PRO A 106 12.83 2.65 -20.95
N ASP A 107 12.39 3.02 -22.13
CA ASP A 107 12.95 4.17 -22.84
C ASP A 107 12.28 5.44 -22.33
N LYS A 108 11.51 5.27 -21.28
CA LYS A 108 10.70 6.26 -20.58
C LYS A 108 11.16 6.07 -19.12
N PRO A 109 10.80 6.95 -18.19
CA PRO A 109 11.17 6.98 -16.77
C PRO A 109 10.94 5.80 -15.83
N LEU A 110 10.93 4.59 -16.31
CA LEU A 110 10.71 3.38 -15.47
C LEU A 110 11.68 3.29 -14.28
N LYS A 111 12.94 3.65 -14.50
CA LYS A 111 13.92 3.57 -13.45
C LYS A 111 14.00 4.77 -12.52
N ARG A 112 13.28 5.81 -12.79
CA ARG A 112 13.29 7.04 -11.99
C ARG A 112 12.00 7.16 -11.30
N ALA A 113 10.96 7.35 -12.09
CA ALA A 113 9.60 7.63 -11.70
C ALA A 113 8.80 6.34 -11.71
N ASP A 114 9.39 5.43 -10.96
CA ASP A 114 8.81 4.15 -10.71
C ASP A 114 7.40 4.31 -9.96
N PHE A 115 7.37 5.23 -8.99
CA PHE A 115 6.22 5.55 -8.13
C PHE A 115 5.55 6.86 -8.53
N GLU A 116 4.25 6.95 -8.27
CA GLU A 116 3.50 8.19 -8.42
C GLU A 116 2.46 8.36 -7.30
N LEU A 117 2.49 9.54 -6.67
CA LEU A 117 1.61 9.80 -5.55
C LEU A 117 0.11 9.83 -6.01
N ILE A 118 -0.82 9.15 -5.42
CA ILE A 118 -2.18 9.10 -5.88
C ILE A 118 -2.98 9.95 -4.96
N GLY A 119 -2.48 10.20 -3.77
CA GLY A 119 -3.12 11.18 -2.88
C GLY A 119 -2.42 11.37 -1.54
N ALA A 120 -2.73 12.48 -0.89
CA ALA A 120 -2.15 12.88 0.43
C ALA A 120 -3.13 13.78 1.21
N VAL A 121 -3.26 13.42 2.49
CA VAL A 121 -4.26 14.05 3.41
C VAL A 121 -3.57 14.60 4.66
N PRO A 122 -3.25 15.90 4.74
CA PRO A 122 -2.66 16.43 5.98
C PRO A 122 -3.55 16.46 7.20
N HIS A 123 -2.97 16.40 8.40
CA HIS A 123 -3.71 16.35 9.64
C HIS A 123 -4.21 17.75 10.05
N ASP A 124 -5.16 18.35 9.33
CA ASP A 124 -5.68 19.71 9.59
C ASP A 124 -6.61 19.78 10.82
N GLY A 125 -7.31 18.70 11.05
CA GLY A 125 -8.35 18.62 12.06
C GLY A 125 -9.75 18.91 11.53
N SER A 126 -9.82 19.29 10.26
CA SER A 126 -11.05 19.58 9.56
C SER A 126 -11.80 18.26 9.31
N PRO A 127 -13.08 18.36 8.92
CA PRO A 127 -13.80 17.07 8.68
C PRO A 127 -13.43 16.29 7.44
N ALA A 128 -12.65 16.92 6.55
CA ALA A 128 -12.01 16.18 5.47
C ALA A 128 -10.78 15.47 6.01
N SER A 129 -10.12 16.02 6.99
CA SER A 129 -8.86 15.53 7.51
C SER A 129 -9.17 14.24 8.38
N ARG A 130 -10.21 14.41 9.19
CA ARG A 130 -10.76 13.37 10.05
C ARG A 130 -11.35 12.16 9.28
N ASN A 131 -11.74 12.37 8.03
CA ASN A 131 -12.28 11.34 7.20
C ASN A 131 -11.13 10.41 6.64
N LEU A 132 -10.97 9.17 7.08
CA LEU A 132 -9.97 8.21 6.67
C LEU A 132 -10.43 7.54 5.41
N SER A 133 -11.73 7.32 5.22
CA SER A 133 -12.08 6.52 4.05
C SER A 133 -12.04 7.42 2.78
N HIS A 134 -11.33 7.01 1.75
CA HIS A 134 -11.20 7.77 0.47
C HIS A 134 -11.60 7.00 -0.76
N HIS A 135 -12.01 7.69 -1.82
CA HIS A 135 -12.49 7.01 -3.03
C HIS A 135 -11.33 7.01 -4.00
N ILE A 136 -11.19 6.01 -4.85
CA ILE A 136 -10.22 6.03 -5.93
C ILE A 136 -10.86 5.36 -7.16
N TYR A 137 -10.82 6.00 -8.31
CA TYR A 137 -11.18 5.43 -9.58
C TYR A 137 -10.11 4.49 -10.15
N ILE A 138 -10.43 3.23 -10.39
CA ILE A 138 -9.46 2.26 -10.92
C ILE A 138 -9.90 2.18 -12.41
N PRO A 139 -8.99 2.47 -13.37
CA PRO A 139 -9.38 2.31 -14.78
C PRO A 139 -9.74 0.86 -15.06
N GLU A 140 -10.59 0.60 -16.01
CA GLU A 140 -11.06 -0.70 -16.38
C GLU A 140 -10.53 -1.16 -17.72
N ASP A 141 -9.71 -0.39 -18.42
CA ASP A 141 -9.25 -0.65 -19.79
C ASP A 141 -8.01 -1.52 -19.94
N ARG A 142 -7.36 -1.80 -18.80
CA ARG A 142 -6.14 -2.57 -18.77
C ARG A 142 -6.05 -3.66 -17.73
N LEU A 143 -5.28 -4.71 -18.01
CA LEU A 143 -5.09 -5.87 -17.15
C LEU A 143 -3.75 -5.69 -16.42
N GLY A 144 -3.56 -6.30 -15.27
CA GLY A 144 -2.23 -6.29 -14.62
C GLY A 144 -1.99 -5.73 -13.27
N TYR A 145 -0.92 -6.21 -12.66
CA TYR A 145 -0.54 -5.90 -11.29
C TYR A 145 0.19 -4.57 -11.15
N HIS A 146 -0.06 -3.93 -10.00
CA HIS A 146 0.80 -2.84 -9.50
C HIS A 146 0.73 -2.76 -7.95
N VAL A 147 1.72 -2.15 -7.34
CA VAL A 147 1.83 -2.16 -5.92
C VAL A 147 1.29 -0.81 -5.40
N ILE A 148 0.59 -0.83 -4.24
CA ILE A 148 0.10 0.39 -3.61
C ILE A 148 0.89 0.67 -2.34
N LEU A 149 1.32 1.93 -2.12
CA LEU A 149 2.12 2.25 -0.96
C LEU A 149 1.41 3.31 -0.18
N ALA A 150 1.70 3.37 1.12
CA ALA A 150 1.30 4.48 1.94
C ALA A 150 2.43 4.84 2.88
N VAL A 151 2.52 6.09 3.34
CA VAL A 151 3.47 6.64 4.27
C VAL A 151 2.65 7.43 5.32
N TRP A 152 2.71 7.04 6.59
CA TRP A 152 1.95 7.74 7.64
C TRP A 152 3.00 8.55 8.50
N ASP A 153 3.24 9.75 8.04
CA ASP A 153 4.38 10.55 8.41
C ASP A 153 4.19 11.19 9.78
N VAL A 154 5.19 11.28 10.57
CA VAL A 154 5.06 11.84 11.94
C VAL A 154 6.09 12.94 12.23
N ALA A 155 5.68 14.14 12.61
CA ALA A 155 6.65 15.20 12.82
C ALA A 155 7.16 15.20 14.27
N ASP A 156 6.34 14.74 15.20
CA ASP A 156 6.78 14.69 16.64
C ASP A 156 7.90 13.69 16.95
N THR A 157 8.10 12.71 16.12
CA THR A 157 9.02 11.60 16.34
C THR A 157 10.06 11.41 15.24
N GLU A 158 11.16 10.71 15.52
CA GLU A 158 12.12 10.47 14.45
C GLU A 158 11.66 9.55 13.32
N ASN A 159 10.94 8.49 13.68
CA ASN A 159 10.45 7.49 12.74
C ASN A 159 9.08 7.82 12.24
N ALA A 160 8.67 7.25 11.12
CA ALA A 160 7.34 7.44 10.55
C ALA A 160 6.98 5.98 10.08
N PHE A 161 5.70 5.70 9.90
CA PHE A 161 5.18 4.37 9.57
C PHE A 161 5.13 4.22 8.06
N TYR A 162 5.21 3.03 7.50
CA TYR A 162 4.81 2.91 6.10
C TYR A 162 3.96 1.67 5.87
N GLN A 163 3.25 1.53 4.76
CA GLN A 163 2.55 0.26 4.52
C GLN A 163 2.68 0.00 3.03
N VAL A 164 2.64 -1.27 2.76
CA VAL A 164 2.59 -1.81 1.38
C VAL A 164 1.52 -2.91 1.15
N ILE A 165 0.78 -2.82 0.09
CA ILE A 165 -0.19 -3.86 -0.38
C ILE A 165 0.02 -4.00 -1.86
N ASP A 166 0.07 -5.23 -2.40
CA ASP A 166 0.26 -5.40 -3.83
C ASP A 166 -1.16 -5.74 -4.29
N VAL A 167 -1.55 -5.40 -5.51
CA VAL A 167 -2.92 -5.67 -5.98
C VAL A 167 -2.83 -6.02 -7.45
N ASP A 168 -3.90 -6.54 -8.03
CA ASP A 168 -3.94 -6.85 -9.43
C ASP A 168 -5.27 -6.28 -9.90
N LEU A 169 -5.22 -5.58 -11.02
CA LEU A 169 -6.28 -4.70 -11.46
C LEU A 169 -6.65 -5.11 -12.90
N VAL A 170 -7.89 -5.57 -13.15
CA VAL A 170 -8.32 -6.16 -14.41
C VAL A 170 -9.51 -5.56 -15.09
N ASN A 171 -9.71 -5.82 -16.41
CA ASN A 171 -10.94 -5.56 -17.17
C ASN A 171 -12.01 -6.55 -16.67
N LYS A 172 -13.29 -6.27 -16.92
CA LYS A 172 -14.37 -7.10 -16.45
C LYS A 172 -14.77 -8.31 -17.27
CU CU1 B . -1.21 1.96 15.58
N HIS A 1 -0.06 3.06 15.91
CA HIS A 1 -0.18 1.67 15.17
C HIS A 1 -1.57 1.47 14.68
N GLY A 2 -1.71 0.95 13.50
CA GLY A 2 -3.03 0.72 12.99
C GLY A 2 -3.16 -0.28 11.85
N PHE A 3 -4.37 -0.61 11.43
CA PHE A 3 -4.51 -1.68 10.42
C PHE A 3 -5.34 -1.12 9.24
N ILE A 4 -5.41 -1.86 8.17
CA ILE A 4 -6.28 -1.56 7.08
C ILE A 4 -7.67 -2.06 7.43
N GLU A 5 -8.60 -1.12 7.53
CA GLU A 5 -10.00 -1.41 7.86
C GLU A 5 -10.72 -1.91 6.60
N LYS A 6 -10.43 -1.30 5.47
CA LYS A 6 -11.07 -1.73 4.21
C LYS A 6 -10.10 -1.32 3.11
N PRO A 7 -9.88 -2.20 2.14
CA PRO A 7 -10.41 -3.56 1.95
C PRO A 7 -9.98 -4.59 3.02
N GLY A 8 -10.85 -5.53 3.35
CA GLY A 8 -10.60 -6.45 4.47
C GLY A 8 -9.51 -7.48 4.12
N SER A 9 -9.11 -8.19 5.14
CA SER A 9 -7.96 -9.07 5.00
C SER A 9 -8.14 -10.31 4.15
N ARG A 10 -7.08 -10.93 3.71
CA ARG A 10 -7.22 -12.21 2.99
C ARG A 10 -7.71 -13.35 3.96
N ALA A 11 -7.85 -13.02 5.23
CA ALA A 11 -8.45 -13.97 6.14
C ALA A 11 -9.92 -14.23 5.79
N ALA A 12 -10.56 -13.22 5.18
CA ALA A 12 -11.90 -13.41 4.63
C ALA A 12 -11.82 -14.47 3.52
N LEU A 13 -10.81 -14.31 2.66
CA LEU A 13 -10.58 -15.20 1.50
C LEU A 13 -10.11 -16.61 1.84
N CYS A 14 -9.75 -16.86 3.09
CA CYS A 14 -9.30 -18.09 3.68
C CYS A 14 -10.55 -18.90 4.12
N SER A 15 -11.75 -18.35 4.10
CA SER A 15 -12.92 -19.06 4.56
C SER A 15 -13.13 -20.24 3.59
N GLU A 16 -13.70 -21.35 4.06
CA GLU A 16 -14.03 -22.52 3.29
C GLU A 16 -15.25 -22.46 2.40
N ALA A 17 -15.98 -21.32 2.44
CA ALA A 17 -17.17 -21.05 1.60
C ALA A 17 -16.76 -20.95 0.09
N PHE A 18 -15.50 -20.65 -0.09
CA PHE A 18 -14.86 -20.57 -1.43
C PHE A 18 -14.54 -21.92 -2.12
N GLY A 19 -14.92 -23.05 -1.52
CA GLY A 19 -14.71 -24.35 -2.17
C GLY A 19 -14.39 -25.54 -1.28
N PHE A 20 -13.91 -25.29 -0.06
CA PHE A 20 -13.77 -26.26 1.05
C PHE A 20 -12.60 -27.29 1.04
N LEU A 21 -12.37 -27.95 -0.07
CA LEU A 21 -11.34 -29.02 -0.15
C LEU A 21 -9.98 -28.42 0.12
N ASN A 22 -9.78 -27.14 -0.25
CA ASN A 22 -8.51 -26.47 -0.10
C ASN A 22 -8.66 -25.03 0.28
N LEU A 23 -7.59 -24.36 0.75
CA LEU A 23 -7.61 -22.97 1.16
C LEU A 23 -6.12 -22.53 1.20
N ASN A 24 -5.87 -21.24 1.34
CA ASN A 24 -4.53 -20.65 1.38
C ASN A 24 -4.59 -19.38 2.18
N CYS A 25 -4.67 -19.49 3.53
CA CYS A 25 -4.81 -18.30 4.38
C CYS A 25 -3.75 -17.24 4.16
N GLY A 26 -2.48 -17.61 3.92
CA GLY A 26 -1.51 -16.62 3.58
C GLY A 26 -0.82 -15.81 4.69
N SER A 27 0.40 -16.14 5.06
CA SER A 27 1.19 -15.43 6.10
C SER A 27 1.25 -13.96 6.06
N VAL A 28 0.90 -13.30 4.92
CA VAL A 28 0.90 -11.85 4.78
C VAL A 28 -0.10 -11.20 5.75
N MET A 29 -1.07 -11.98 6.25
CA MET A 29 -2.16 -11.49 7.09
C MET A 29 -1.70 -11.17 8.49
N TYR A 30 -0.53 -11.71 8.81
CA TYR A 30 -0.13 -11.83 10.24
C TYR A 30 0.27 -10.49 10.80
N GLU A 31 1.14 -9.76 10.15
CA GLU A 31 1.42 -8.36 10.59
C GLU A 31 1.67 -7.41 9.37
N PRO A 32 0.69 -7.17 8.47
CA PRO A 32 1.07 -6.36 7.32
C PRO A 32 1.39 -4.93 7.66
N GLN A 33 0.82 -4.42 8.72
CA GLN A 33 1.15 -3.05 9.25
C GLN A 33 2.56 -2.79 9.66
N SER A 34 3.41 -3.83 9.73
CA SER A 34 4.72 -3.77 10.34
C SER A 34 5.75 -3.04 9.49
N LEU A 35 5.44 -2.64 8.28
CA LEU A 35 6.42 -2.06 7.39
C LEU A 35 6.77 -0.59 7.75
N GLU A 36 8.06 -0.37 8.00
CA GLU A 36 8.59 0.96 8.34
C GLU A 36 9.91 1.33 7.61
N ALA A 37 10.26 2.64 7.67
CA ALA A 37 11.67 3.07 7.41
C ALA A 37 11.93 4.25 8.33
N LYS A 38 13.15 4.38 8.88
CA LYS A 38 13.62 5.57 9.64
C LYS A 38 14.18 6.49 8.57
N LYS A 39 14.29 7.80 8.82
CA LYS A 39 15.00 8.60 7.88
C LYS A 39 16.48 8.34 8.11
N GLY A 40 17.28 8.80 7.15
CA GLY A 40 18.69 8.43 7.18
C GLY A 40 19.57 9.23 8.13
N PHE A 41 19.14 9.97 9.13
CA PHE A 41 19.98 10.83 9.92
C PHE A 41 20.59 10.01 11.09
N PRO A 42 21.77 10.37 11.61
CA PRO A 42 22.77 11.41 11.27
C PRO A 42 23.62 10.98 10.07
N HIS A 43 24.58 11.80 9.63
CA HIS A 43 25.23 11.43 8.38
C HIS A 43 26.19 10.23 8.48
N SER A 44 26.65 10.00 9.70
CA SER A 44 27.51 8.86 9.94
C SER A 44 26.97 7.47 9.63
N GLY A 45 25.75 7.12 10.04
CA GLY A 45 25.23 5.75 9.74
C GLY A 45 24.68 5.66 8.36
N PRO A 46 24.28 4.46 8.00
CA PRO A 46 23.82 4.26 6.61
C PRO A 46 22.51 4.88 6.33
N ALA A 47 22.19 5.01 5.05
CA ALA A 47 20.85 5.43 4.72
C ALA A 47 19.82 4.46 5.15
N ASP A 48 18.66 5.01 5.39
CA ASP A 48 17.43 4.23 5.46
C ASP A 48 16.50 5.24 4.79
N GLY A 49 15.22 5.04 4.66
CA GLY A 49 14.39 5.96 3.91
C GLY A 49 14.31 5.70 2.41
N GLN A 50 15.03 4.69 2.00
CA GLN A 50 15.31 4.38 0.59
C GLN A 50 14.14 3.73 -0.07
N ILE A 51 13.05 3.55 0.68
CA ILE A 51 11.77 3.04 0.07
C ILE A 51 11.22 4.22 -0.75
N ALA A 52 11.44 5.40 -0.22
CA ALA A 52 10.93 6.62 -0.85
C ALA A 52 11.51 6.95 -2.24
N SER A 53 12.80 6.74 -2.39
CA SER A 53 13.48 7.02 -3.64
C SER A 53 13.51 5.79 -4.50
N ALA A 54 13.09 4.65 -3.91
CA ALA A 54 13.10 3.24 -4.47
C ALA A 54 14.55 2.75 -4.76
N GLY A 55 15.48 3.46 -4.15
CA GLY A 55 16.89 3.07 -4.22
C GLY A 55 17.17 1.86 -3.35
N GLY A 56 16.24 1.53 -2.48
CA GLY A 56 16.45 0.37 -1.64
C GLY A 56 15.47 -0.74 -2.10
N LEU A 57 14.83 -0.47 -3.26
CA LEU A 57 13.83 -1.40 -3.85
C LEU A 57 14.18 -1.79 -5.31
N PHE A 58 15.48 -1.84 -5.57
CA PHE A 58 15.95 -2.68 -6.71
C PHE A 58 15.69 -4.09 -6.17
N GLY A 59 15.68 -4.21 -4.87
CA GLY A 59 15.37 -5.42 -4.17
C GLY A 59 13.85 -5.70 -4.23
N GLY A 60 13.11 -4.68 -4.59
CA GLY A 60 11.66 -4.74 -4.49
C GLY A 60 11.05 -5.74 -5.42
N ILE A 61 11.68 -5.96 -6.55
CA ILE A 61 11.30 -6.98 -7.52
C ILE A 61 11.39 -8.42 -6.92
N LEU A 62 12.44 -8.70 -6.17
CA LEU A 62 12.68 -10.02 -5.53
C LEU A 62 11.77 -10.11 -4.27
N ASP A 63 11.37 -8.98 -3.74
CA ASP A 63 10.50 -8.97 -2.56
C ASP A 63 9.09 -9.37 -2.88
N GLN A 64 8.69 -9.03 -4.11
CA GLN A 64 7.32 -9.32 -4.55
C GLN A 64 7.24 -10.71 -5.22
N GLN A 65 8.01 -11.63 -4.69
CA GLN A 65 8.02 -13.05 -5.13
C GLN A 65 8.64 -13.73 -3.91
N SER A 66 8.10 -13.43 -2.74
CA SER A 66 8.58 -13.86 -1.41
C SER A 66 7.33 -14.14 -0.70
N GLU A 67 7.28 -14.58 0.55
CA GLU A 67 6.05 -14.97 1.21
C GLU A 67 5.18 -13.78 1.54
N ASN A 68 5.82 -12.68 1.80
CA ASN A 68 5.18 -11.42 2.06
C ASN A 68 4.77 -10.64 0.80
N ARG A 69 4.61 -11.30 -0.35
CA ARG A 69 3.95 -10.83 -1.57
C ARG A 69 2.50 -10.52 -1.17
N TRP A 70 2.48 -9.28 -0.81
CA TRP A 70 1.35 -8.45 -0.49
C TRP A 70 -0.05 -8.89 -0.95
N PHE A 71 -1.00 -8.87 -0.04
CA PHE A 71 -2.22 -9.62 -0.20
C PHE A 71 -3.16 -9.18 -1.25
N LYS A 72 -3.84 -10.04 -1.96
CA LYS A 72 -4.55 -9.66 -3.23
C LYS A 72 -6.06 -9.79 -2.99
N HIS A 73 -6.81 -8.89 -3.66
CA HIS A 73 -8.24 -8.97 -3.75
C HIS A 73 -8.64 -9.02 -5.24
N ILE A 74 -9.59 -9.85 -5.67
CA ILE A 74 -10.08 -9.83 -7.06
C ILE A 74 -11.33 -8.97 -7.04
N MET A 75 -11.27 -7.86 -7.84
CA MET A 75 -12.20 -6.71 -7.75
C MET A 75 -12.80 -6.37 -9.08
N THR A 76 -13.74 -5.41 -9.11
CA THR A 76 -14.36 -4.86 -10.32
C THR A 76 -13.92 -3.38 -10.51
N GLY A 77 -14.24 -2.76 -11.64
CA GLY A 77 -14.01 -1.30 -11.73
C GLY A 77 -15.19 -0.64 -11.04
N GLY A 78 -15.14 0.62 -10.82
CA GLY A 78 -16.09 1.39 -10.00
C GLY A 78 -15.34 2.12 -8.89
N GLU A 79 -16.02 2.91 -8.05
CA GLU A 79 -15.28 3.36 -6.88
C GLU A 79 -14.97 2.25 -5.87
N HIS A 80 -13.75 2.34 -5.42
CA HIS A 80 -13.19 1.45 -4.38
C HIS A 80 -13.00 2.29 -3.19
N THR A 81 -13.38 1.81 -2.04
CA THR A 81 -13.10 2.50 -0.75
C THR A 81 -11.84 2.06 -0.10
N PHE A 82 -11.01 2.93 0.38
CA PHE A 82 -9.79 2.62 1.20
C PHE A 82 -9.88 3.33 2.55
N THR A 83 -9.73 2.58 3.61
CA THR A 83 -10.07 3.06 4.97
C THR A 83 -8.99 2.53 5.91
N TRP A 84 -8.45 3.51 6.62
CA TRP A 84 -7.49 3.18 7.68
C TRP A 84 -8.19 3.31 9.05
N THR A 85 -7.60 2.74 10.07
CA THR A 85 -7.99 3.06 11.45
C THR A 85 -6.70 2.87 12.22
N TYR A 86 -6.44 3.65 13.26
CA TYR A 86 -5.34 3.52 14.20
C TYR A 86 -5.83 3.34 15.61
N THR A 87 -5.11 2.50 16.39
CA THR A 87 -5.48 1.98 17.67
C THR A 87 -4.92 2.73 18.84
N ALA A 88 -4.06 3.72 18.56
CA ALA A 88 -3.44 4.51 19.64
C ALA A 88 -3.28 5.92 19.00
N PRO A 89 -3.59 6.98 19.76
CA PRO A 89 -3.38 8.26 19.14
C PRO A 89 -1.95 8.61 18.77
N HIS A 90 -1.72 9.19 17.59
CA HIS A 90 -0.42 9.63 17.15
C HIS A 90 -0.82 10.85 16.28
N ASN A 91 0.14 11.68 15.86
CA ASN A 91 -0.16 12.86 15.08
C ASN A 91 0.36 12.66 13.68
N THR A 92 -0.60 12.58 12.77
CA THR A 92 -0.30 12.55 11.32
C THR A 92 0.17 13.90 10.82
N SER A 93 1.20 13.88 10.02
CA SER A 93 1.63 15.03 9.22
C SER A 93 1.15 14.96 7.79
N GLN A 94 1.27 13.85 7.07
CA GLN A 94 0.71 13.76 5.74
C GLN A 94 0.38 12.30 5.61
N TRP A 95 -0.51 11.97 4.70
CA TRP A 95 -0.53 10.58 4.26
C TRP A 95 -0.81 10.45 2.75
N HIS A 96 -0.32 9.38 2.12
CA HIS A 96 -0.04 9.27 0.64
C HIS A 96 -0.66 8.02 0.10
N TYR A 97 -1.02 8.05 -1.18
CA TYR A 97 -1.16 6.84 -1.99
C TYR A 97 -0.50 7.00 -3.37
N TYR A 98 0.02 5.88 -3.86
CA TYR A 98 0.56 5.79 -5.22
C TYR A 98 -0.08 4.54 -5.79
N ILE A 99 -0.04 4.38 -7.13
CA ILE A 99 -0.30 3.07 -7.70
C ILE A 99 0.92 2.70 -8.51
N THR A 100 1.40 1.46 -8.35
CA THR A 100 2.56 0.87 -9.03
C THR A 100 2.01 0.63 -10.45
N LYS A 101 2.80 1.05 -11.44
CA LYS A 101 2.25 1.09 -12.81
C LYS A 101 2.50 -0.32 -13.40
N LYS A 102 1.43 -1.10 -13.47
CA LYS A 102 1.38 -2.16 -14.48
C LYS A 102 1.58 -1.57 -15.86
N GLY A 103 2.73 -1.98 -16.40
CA GLY A 103 3.00 -1.54 -17.75
C GLY A 103 3.63 -0.21 -17.71
N TRP A 104 4.53 0.01 -16.77
CA TRP A 104 5.41 1.21 -16.78
C TRP A 104 6.21 1.28 -18.13
N ASP A 105 6.74 2.44 -18.52
CA ASP A 105 7.65 2.46 -19.66
C ASP A 105 8.95 2.01 -19.06
N PRO A 106 9.50 0.86 -19.51
CA PRO A 106 10.69 0.31 -18.86
C PRO A 106 12.00 1.08 -19.10
N ASP A 107 11.99 1.76 -20.26
CA ASP A 107 13.21 2.34 -20.81
C ASP A 107 13.46 3.64 -20.05
N LYS A 108 12.47 3.96 -19.23
CA LYS A 108 12.36 5.24 -18.51
C LYS A 108 12.45 5.02 -17.01
N PRO A 109 12.95 5.98 -16.21
CA PRO A 109 13.02 5.94 -14.74
C PRO A 109 12.47 4.79 -13.94
N LEU A 110 13.38 3.83 -13.81
CA LEU A 110 13.05 2.55 -13.10
C LEU A 110 12.64 2.85 -11.67
N LYS A 111 13.21 3.84 -11.04
CA LYS A 111 12.85 4.24 -9.64
C LYS A 111 11.69 5.21 -9.47
N ARG A 112 11.22 5.82 -10.57
CA ARG A 112 10.24 6.94 -10.54
C ARG A 112 9.07 6.99 -11.50
N ALA A 113 9.29 6.58 -12.73
CA ALA A 113 8.24 6.40 -13.71
C ALA A 113 7.50 5.11 -13.50
N ASP A 114 8.03 4.29 -12.62
CA ASP A 114 7.38 3.02 -12.33
C ASP A 114 6.16 3.18 -11.41
N PHE A 115 5.81 4.37 -11.07
CA PHE A 115 4.52 4.67 -10.34
C PHE A 115 3.82 5.91 -10.88
N GLU A 116 2.54 6.05 -10.41
CA GLU A 116 1.81 7.29 -10.42
C GLU A 116 1.47 7.68 -9.02
N LEU A 117 1.52 8.97 -8.68
CA LEU A 117 0.78 9.52 -7.52
C LEU A 117 -0.71 9.41 -7.90
N ILE A 118 -1.45 8.88 -6.95
CA ILE A 118 -2.94 9.01 -6.99
C ILE A 118 -3.61 9.89 -5.97
N GLY A 119 -2.86 10.23 -4.93
CA GLY A 119 -3.33 11.31 -4.07
C GLY A 119 -2.46 11.49 -2.87
N ALA A 120 -2.59 12.60 -2.16
CA ALA A 120 -1.98 12.74 -0.88
C ALA A 120 -2.79 13.76 -0.07
N VAL A 121 -2.93 13.53 1.22
CA VAL A 121 -3.82 14.26 2.13
C VAL A 121 -3.06 14.82 3.36
N PRO A 122 -2.73 16.13 3.35
CA PRO A 122 -1.96 16.58 4.49
C PRO A 122 -2.81 16.99 5.68
N HIS A 123 -2.10 17.22 6.79
CA HIS A 123 -2.67 17.87 8.00
C HIS A 123 -2.30 19.37 7.97
N ASP A 124 -2.97 20.19 7.19
CA ASP A 124 -2.48 21.47 6.72
C ASP A 124 -3.65 22.53 6.63
N GLY A 125 -4.55 22.41 7.63
CA GLY A 125 -5.76 23.27 7.67
C GLY A 125 -6.83 22.65 6.78
N SER A 126 -6.84 21.35 6.78
CA SER A 126 -7.38 20.65 5.62
C SER A 126 -8.92 20.63 5.45
N PRO A 127 -9.45 20.63 4.21
CA PRO A 127 -10.88 20.39 4.16
C PRO A 127 -11.16 18.94 4.47
N ALA A 128 -12.44 18.54 4.51
CA ALA A 128 -12.88 17.23 5.05
C ALA A 128 -12.50 15.99 4.24
N SER A 129 -11.70 16.23 3.21
CA SER A 129 -10.94 15.17 2.53
C SER A 129 -9.85 14.65 3.48
N ARG A 130 -9.70 15.24 4.65
CA ARG A 130 -8.89 14.68 5.76
C ARG A 130 -9.47 13.46 6.37
N ASN A 131 -10.76 13.24 6.13
CA ASN A 131 -11.47 12.07 6.61
C ASN A 131 -10.66 10.79 6.20
N LEU A 132 -10.51 9.91 7.19
CA LEU A 132 -9.49 8.82 7.23
C LEU A 132 -9.81 7.71 6.21
N SER A 133 -11.04 7.71 5.65
CA SER A 133 -11.41 6.95 4.44
C SER A 133 -11.36 7.86 3.21
N HIS A 134 -10.89 7.34 2.07
CA HIS A 134 -10.85 8.02 0.75
C HIS A 134 -11.42 6.98 -0.21
N HIS A 135 -11.92 7.48 -1.32
CA HIS A 135 -12.53 6.59 -2.33
C HIS A 135 -11.66 6.91 -3.55
N ILE A 136 -11.49 5.88 -4.39
CA ILE A 136 -10.67 5.98 -5.59
C ILE A 136 -11.58 5.42 -6.72
N TYR A 137 -11.78 6.18 -7.79
CA TYR A 137 -12.44 5.65 -8.99
C TYR A 137 -11.44 4.82 -9.83
N ILE A 138 -11.96 3.70 -10.27
CA ILE A 138 -11.20 2.73 -11.07
C ILE A 138 -11.98 2.43 -12.38
N PRO A 139 -11.39 2.70 -13.58
CA PRO A 139 -12.14 2.20 -14.72
C PRO A 139 -12.03 0.69 -14.97
N GLU A 140 -12.97 0.14 -15.71
CA GLU A 140 -12.96 -1.27 -16.09
C GLU A 140 -12.56 -1.42 -17.59
N ASP A 141 -11.53 -0.63 -17.90
CA ASP A 141 -10.97 -0.63 -19.23
C ASP A 141 -10.39 -1.96 -19.67
N ARG A 142 -9.64 -2.62 -18.77
CA ARG A 142 -9.02 -3.94 -18.98
C ARG A 142 -8.94 -4.67 -17.65
N LEU A 143 -8.91 -5.97 -17.72
CA LEU A 143 -8.69 -6.82 -16.53
C LEU A 143 -7.21 -6.75 -16.22
N GLY A 144 -6.86 -6.99 -14.92
CA GLY A 144 -5.48 -7.20 -14.51
C GLY A 144 -4.97 -6.43 -13.27
N TYR A 145 -3.82 -6.85 -12.83
CA TYR A 145 -3.37 -6.44 -11.53
C TYR A 145 -2.92 -4.99 -11.35
N HIS A 146 -3.04 -4.46 -10.14
CA HIS A 146 -2.28 -3.26 -9.72
C HIS A 146 -1.80 -3.44 -8.28
N VAL A 147 -0.64 -2.89 -7.97
CA VAL A 147 -0.21 -2.85 -6.57
C VAL A 147 -0.46 -1.41 -6.14
N ILE A 148 -1.06 -1.20 -5.00
CA ILE A 148 -1.34 0.13 -4.50
C ILE A 148 -0.28 0.34 -3.39
N LEU A 149 0.37 1.49 -3.24
CA LEU A 149 1.39 1.74 -2.22
C LEU A 149 0.88 2.98 -1.43
N ALA A 150 1.15 3.00 -0.12
CA ALA A 150 0.76 4.08 0.74
C ALA A 150 1.83 4.35 1.81
N VAL A 151 1.81 5.55 2.30
CA VAL A 151 2.79 5.99 3.25
C VAL A 151 2.06 6.82 4.27
N TRP A 152 2.28 6.60 5.56
CA TRP A 152 1.76 7.48 6.62
C TRP A 152 3.01 8.24 7.10
N ASP A 153 2.97 9.55 7.21
CA ASP A 153 4.03 10.37 7.78
C ASP A 153 3.51 10.76 9.16
N VAL A 154 4.26 10.54 10.23
CA VAL A 154 3.79 10.70 11.60
C VAL A 154 4.83 11.56 12.34
N ALA A 155 4.34 12.55 13.07
CA ALA A 155 5.18 13.60 13.73
C ALA A 155 5.78 13.07 15.04
N ASP A 156 5.27 11.94 15.49
CA ASP A 156 5.72 11.26 16.71
C ASP A 156 7.14 10.76 16.65
N THR A 157 7.53 10.31 15.43
CA THR A 157 8.77 9.48 15.25
C THR A 157 9.50 9.81 13.92
N GLU A 158 10.77 9.47 13.84
CA GLU A 158 11.50 9.77 12.66
C GLU A 158 11.09 8.75 11.58
N ASN A 159 10.62 7.58 12.06
CA ASN A 159 10.11 6.55 11.21
C ASN A 159 8.83 6.96 10.58
N ALA A 160 8.58 6.40 9.40
CA ALA A 160 7.29 6.46 8.70
C ALA A 160 6.96 5.00 8.49
N PHE A 161 5.67 4.77 8.28
CA PHE A 161 5.10 3.43 8.05
C PHE A 161 4.64 3.47 6.57
N TYR A 162 4.61 2.26 6.05
CA TYR A 162 4.23 2.01 4.65
C TYR A 162 3.15 0.94 4.69
N GLN A 163 2.26 1.00 3.72
CA GLN A 163 1.14 0.04 3.66
C GLN A 163 1.07 -0.44 2.20
N VAL A 164 1.03 -1.73 1.88
CA VAL A 164 0.99 -2.24 0.50
C VAL A 164 -0.25 -3.11 0.22
N ILE A 165 -0.96 -2.97 -0.92
CA ILE A 165 -2.17 -3.70 -1.20
C ILE A 165 -2.04 -4.15 -2.64
N ASP A 166 -2.32 -5.43 -2.95
CA ASP A 166 -2.32 -5.90 -4.32
C ASP A 166 -3.83 -6.07 -4.71
N VAL A 167 -4.20 -5.74 -5.93
CA VAL A 167 -5.59 -5.92 -6.32
C VAL A 167 -5.60 -6.44 -7.70
N ASP A 168 -6.59 -7.25 -8.09
CA ASP A 168 -6.71 -7.77 -9.41
C ASP A 168 -8.07 -7.38 -9.85
N LEU A 169 -8.11 -6.25 -10.54
CA LEU A 169 -9.29 -5.66 -11.07
C LEU A 169 -9.65 -6.38 -12.32
N VAL A 170 -10.82 -7.04 -12.42
CA VAL A 170 -11.23 -7.75 -13.65
C VAL A 170 -12.48 -7.11 -14.19
N ASN A 171 -12.62 -7.35 -15.46
CA ASN A 171 -13.75 -6.88 -16.23
C ASN A 171 -14.79 -7.98 -16.18
N LYS A 172 -16.04 -7.70 -16.49
CA LYS A 172 -16.98 -8.79 -16.72
C LYS A 172 -16.57 -9.52 -18.05
CU CU1 B . 1.23 3.32 17.75
N HIS A 1 -1.73 2.93 17.03
CA HIS A 1 -2.07 1.49 16.68
C HIS A 1 -3.41 1.34 16.02
N GLY A 2 -3.40 0.69 14.87
CA GLY A 2 -4.58 0.62 14.06
C GLY A 2 -4.57 -0.60 13.16
N PHE A 3 -5.61 -0.59 12.36
CA PHE A 3 -5.76 -1.65 11.41
C PHE A 3 -6.39 -1.12 10.19
N ILE A 4 -6.29 -1.83 9.08
CA ILE A 4 -6.93 -1.35 7.81
C ILE A 4 -8.24 -2.11 7.75
N GLU A 5 -9.36 -1.39 7.66
CA GLU A 5 -10.70 -1.94 7.53
C GLU A 5 -11.03 -2.22 6.07
N LYS A 6 -10.63 -1.38 5.15
CA LYS A 6 -10.97 -1.53 3.71
C LYS A 6 -9.75 -1.25 2.86
N PRO A 7 -9.72 -1.71 1.61
CA PRO A 7 -10.64 -2.50 0.80
C PRO A 7 -10.59 -3.95 1.08
N GLY A 8 -11.74 -4.66 1.09
CA GLY A 8 -11.76 -6.11 1.24
C GLY A 8 -11.37 -6.72 2.58
N SER A 9 -11.17 -8.02 2.65
CA SER A 9 -10.64 -8.57 3.88
C SER A 9 -9.73 -9.78 3.51
N ARG A 10 -8.76 -10.15 4.38
CA ARG A 10 -7.90 -11.35 4.11
C ARG A 10 -8.65 -12.62 4.46
N ALA A 11 -9.82 -12.43 5.10
CA ALA A 11 -10.66 -13.59 5.48
C ALA A 11 -11.02 -14.44 4.23
N ALA A 12 -11.11 -13.83 3.08
CA ALA A 12 -11.44 -14.63 1.92
C ALA A 12 -10.41 -15.70 1.42
N LEU A 13 -9.18 -15.40 1.71
CA LEU A 13 -8.05 -16.25 1.30
C LEU A 13 -7.61 -17.17 2.44
N CYS A 14 -7.96 -16.78 3.65
CA CYS A 14 -7.68 -17.56 4.88
C CYS A 14 -8.77 -18.62 4.95
N SER A 15 -9.89 -18.43 4.27
CA SER A 15 -10.96 -19.42 4.34
C SER A 15 -10.51 -20.77 3.86
N GLU A 16 -11.09 -21.79 4.36
CA GLU A 16 -10.92 -23.15 3.84
C GLU A 16 -11.50 -23.27 2.42
N ALA A 17 -12.51 -22.42 2.11
CA ALA A 17 -13.10 -22.52 0.76
C ALA A 17 -12.16 -22.05 -0.32
N PHE A 18 -11.16 -21.28 0.11
CA PHE A 18 -10.02 -20.97 -0.77
C PHE A 18 -9.33 -22.23 -1.43
N GLY A 19 -9.59 -23.41 -0.90
CA GLY A 19 -8.98 -24.58 -1.49
C GLY A 19 -8.57 -25.67 -0.50
N PHE A 20 -8.79 -25.60 0.79
CA PHE A 20 -8.15 -26.47 1.76
C PHE A 20 -6.62 -26.55 1.72
N LEU A 21 -6.02 -25.47 1.24
CA LEU A 21 -4.57 -25.35 1.06
C LEU A 21 -3.77 -25.34 2.36
N ASN A 22 -4.47 -24.84 3.36
CA ASN A 22 -3.98 -24.75 4.75
C ASN A 22 -2.56 -24.23 4.95
N LEU A 23 -2.32 -23.00 4.48
CA LEU A 23 -1.04 -22.23 4.67
C LEU A 23 -1.23 -20.71 4.31
N ASN A 24 -0.32 -19.91 4.78
CA ASN A 24 -0.25 -18.50 4.39
C ASN A 24 -1.48 -17.53 4.50
N CYS A 25 -2.15 -17.56 5.68
CA CYS A 25 -3.13 -16.53 6.07
C CYS A 25 -2.44 -15.19 6.42
N GLY A 26 -1.12 -15.12 6.55
CA GLY A 26 -0.37 -13.89 6.80
C GLY A 26 -0.05 -13.64 8.25
N SER A 27 1.22 -13.47 8.51
CA SER A 27 1.75 -13.25 9.85
C SER A 27 1.28 -11.98 10.54
N VAL A 28 0.51 -11.16 9.79
CA VAL A 28 -0.31 -10.06 10.39
C VAL A 28 -1.26 -10.53 11.45
N MET A 29 -1.55 -11.83 11.48
CA MET A 29 -2.27 -12.45 12.56
C MET A 29 -1.68 -12.25 13.96
N TYR A 30 -0.37 -12.11 14.07
CA TYR A 30 0.22 -11.71 15.36
C TYR A 30 0.57 -10.27 15.36
N GLU A 31 1.20 -9.76 14.31
CA GLU A 31 1.54 -8.32 14.29
C GLU A 31 0.82 -7.48 13.21
N PRO A 32 -0.45 -7.09 13.44
CA PRO A 32 -1.09 -6.19 12.47
C PRO A 32 -0.72 -4.68 12.61
N GLN A 33 -0.23 -4.22 13.73
CA GLN A 33 -0.23 -2.77 14.07
C GLN A 33 1.09 -2.07 14.52
N SER A 34 2.23 -2.77 14.54
CA SER A 34 3.48 -2.12 14.98
C SER A 34 4.15 -1.49 13.74
N LEU A 35 3.38 -0.73 12.97
CA LEU A 35 3.84 -0.28 11.64
C LEU A 35 4.64 1.05 11.73
N GLU A 36 5.89 0.95 12.10
CA GLU A 36 6.79 2.11 11.95
C GLU A 36 8.11 1.69 11.38
N ALA A 37 8.78 2.55 10.66
CA ALA A 37 10.19 2.39 10.22
C ALA A 37 10.70 3.77 10.25
N LYS A 38 12.02 3.98 10.18
CA LYS A 38 12.50 5.41 10.11
C LYS A 38 12.68 5.88 8.66
N LYS A 39 12.34 7.12 8.41
CA LYS A 39 12.56 7.68 7.08
C LYS A 39 14.05 7.58 6.73
N GLY A 40 14.40 7.36 5.46
CA GLY A 40 15.81 7.40 5.04
C GLY A 40 16.67 6.20 5.45
N PHE A 41 17.99 6.48 5.40
CA PHE A 41 19.01 5.49 5.64
C PHE A 41 20.29 6.21 6.21
N PRO A 42 21.32 5.43 6.74
CA PRO A 42 21.54 4.02 7.06
C PRO A 42 20.46 3.31 7.86
N HIS A 43 20.13 2.13 7.39
CA HIS A 43 18.90 1.45 7.80
C HIS A 43 19.06 -0.02 8.23
N SER A 44 20.30 -0.49 8.15
CA SER A 44 20.60 -1.91 8.45
C SER A 44 19.95 -2.98 7.56
N GLY A 45 18.67 -3.26 7.79
CA GLY A 45 17.96 -3.97 6.78
C GLY A 45 17.75 -3.08 5.55
N PRO A 46 17.13 -3.58 4.44
CA PRO A 46 16.87 -2.65 3.33
C PRO A 46 15.84 -1.58 3.65
N ALA A 47 16.00 -0.43 3.05
CA ALA A 47 14.92 0.60 3.18
C ALA A 47 13.84 0.28 2.17
N ASP A 48 12.67 0.68 2.51
CA ASP A 48 11.53 0.70 1.63
C ASP A 48 10.87 2.03 2.05
N GLY A 49 9.79 2.44 1.38
CA GLY A 49 9.51 3.85 1.35
C GLY A 49 10.53 4.55 0.51
N GLN A 50 11.04 3.94 -0.55
CA GLN A 50 12.16 4.40 -1.38
C GLN A 50 11.51 4.22 -2.78
N ILE A 51 10.37 4.86 -2.85
CA ILE A 51 9.56 4.89 -4.09
C ILE A 51 10.27 5.86 -5.08
N ALA A 52 10.96 6.87 -4.55
CA ALA A 52 11.59 7.93 -5.35
C ALA A 52 12.92 7.56 -6.00
N SER A 53 13.67 6.70 -5.40
CA SER A 53 14.85 6.12 -6.10
C SER A 53 14.51 4.85 -6.88
N ALA A 54 13.26 4.42 -6.70
CA ALA A 54 12.71 3.18 -7.11
C ALA A 54 13.44 2.03 -6.49
N GLY A 55 14.25 2.28 -5.49
CA GLY A 55 15.04 1.22 -4.88
C GLY A 55 14.18 0.22 -4.19
N GLY A 56 13.09 0.75 -3.63
CA GLY A 56 12.11 -0.08 -2.93
C GLY A 56 11.17 -0.75 -3.89
N LEU A 57 11.33 -0.52 -5.19
CA LEU A 57 10.45 -1.12 -6.17
C LEU A 57 11.11 -2.11 -7.04
N PHE A 58 12.41 -2.04 -7.02
CA PHE A 58 13.31 -3.09 -7.48
C PHE A 58 13.22 -4.18 -6.45
N GLY A 59 13.06 -3.78 -5.21
CA GLY A 59 12.86 -4.67 -4.05
C GLY A 59 11.39 -5.14 -4.00
N GLY A 60 10.60 -4.49 -4.83
CA GLY A 60 9.19 -4.75 -4.94
C GLY A 60 8.85 -6.10 -5.47
N ILE A 61 9.73 -6.61 -6.30
CA ILE A 61 9.51 -7.92 -6.91
C ILE A 61 9.78 -8.96 -5.82
N LEU A 62 10.80 -8.74 -4.99
CA LEU A 62 11.11 -9.69 -3.87
C LEU A 62 10.00 -9.62 -2.80
N ASP A 63 9.32 -8.51 -2.66
CA ASP A 63 8.19 -8.43 -1.70
C ASP A 63 7.03 -9.30 -2.14
N GLN A 64 6.90 -9.53 -3.45
CA GLN A 64 5.81 -10.37 -3.96
C GLN A 64 6.22 -11.82 -3.78
N GLN A 65 7.38 -12.06 -3.16
CA GLN A 65 7.89 -13.37 -2.85
C GLN A 65 8.21 -13.27 -1.34
N SER A 66 7.28 -12.67 -0.56
CA SER A 66 7.44 -12.51 0.92
C SER A 66 6.10 -12.88 1.63
N GLU A 67 6.22 -13.15 2.93
CA GLU A 67 5.05 -13.12 3.83
C GLU A 67 4.39 -11.71 3.86
N ASN A 68 5.20 -10.70 3.64
CA ASN A 68 4.78 -9.26 3.62
C ASN A 68 3.94 -8.84 2.38
N ARG A 69 3.69 -9.78 1.48
CA ARG A 69 2.75 -9.59 0.40
C ARG A 69 1.43 -9.72 1.04
N TRP A 70 0.95 -8.54 1.41
CA TRP A 70 -0.45 -8.28 1.83
C TRP A 70 -1.39 -8.99 0.85
N PHE A 71 -2.54 -9.32 1.35
CA PHE A 71 -3.48 -10.14 0.61
C PHE A 71 -3.88 -9.62 -0.77
N LYS A 72 -3.94 -10.44 -1.79
CA LYS A 72 -4.35 -10.06 -3.20
C LYS A 72 -5.83 -10.30 -3.48
N HIS A 73 -6.41 -9.59 -4.45
CA HIS A 73 -7.80 -9.80 -4.78
C HIS A 73 -7.97 -9.39 -6.25
N ILE A 74 -8.94 -9.98 -6.96
CA ILE A 74 -9.34 -9.52 -8.30
C ILE A 74 -10.40 -8.44 -8.15
N MET A 75 -10.31 -7.34 -8.88
CA MET A 75 -11.15 -6.18 -8.70
C MET A 75 -11.44 -5.54 -10.07
N THR A 76 -12.07 -4.39 -10.09
CA THR A 76 -12.46 -3.74 -11.32
C THR A 76 -11.89 -2.36 -11.23
N GLY A 77 -11.97 -1.58 -12.30
CA GLY A 77 -11.52 -0.18 -12.29
C GLY A 77 -12.42 0.75 -11.46
N GLY A 78 -12.07 2.01 -11.45
CA GLY A 78 -12.92 3.02 -10.85
C GLY A 78 -12.65 3.14 -9.32
N GLU A 79 -13.57 3.61 -8.50
CA GLU A 79 -13.24 3.87 -7.12
C GLU A 79 -13.01 2.71 -6.12
N HIS A 80 -12.07 2.88 -5.23
CA HIS A 80 -11.77 1.85 -4.20
C HIS A 80 -11.88 2.66 -2.94
N THR A 81 -12.40 2.07 -1.87
CA THR A 81 -12.51 2.73 -0.60
C THR A 81 -11.35 2.27 0.19
N PHE A 82 -10.55 3.19 0.74
CA PHE A 82 -9.45 2.79 1.61
C PHE A 82 -9.81 3.37 2.97
N THR A 83 -9.78 2.51 3.98
CA THR A 83 -10.11 2.92 5.35
C THR A 83 -8.99 2.30 6.24
N TRP A 84 -8.13 3.20 6.76
CA TRP A 84 -7.36 2.88 7.96
C TRP A 84 -8.22 3.16 9.14
N THR A 85 -8.10 2.47 10.26
CA THR A 85 -8.85 2.87 11.44
C THR A 85 -7.98 2.65 12.71
N TYR A 86 -7.75 3.69 13.51
CA TYR A 86 -6.90 3.61 14.65
C TYR A 86 -7.67 3.68 16.01
N THR A 87 -7.16 2.91 16.91
CA THR A 87 -7.66 2.84 18.30
C THR A 87 -6.92 3.82 19.18
N ALA A 88 -5.81 4.37 18.68
CA ALA A 88 -5.14 5.50 19.32
C ALA A 88 -4.56 6.50 18.34
N PRO A 89 -4.61 7.82 18.70
CA PRO A 89 -4.03 8.90 17.91
C PRO A 89 -2.50 9.07 17.95
N HIS A 90 -1.92 9.39 16.81
CA HIS A 90 -0.51 9.73 16.76
C HIS A 90 -0.61 10.92 15.77
N ASN A 91 0.25 11.92 15.79
CA ASN A 91 0.10 13.08 14.91
C ASN A 91 0.55 12.82 13.49
N THR A 92 -0.36 12.75 12.53
CA THR A 92 0.05 12.57 11.13
C THR A 92 0.50 13.89 10.56
N SER A 93 1.59 13.96 9.84
CA SER A 93 1.94 15.16 9.12
C SER A 93 1.08 15.17 7.81
N GLN A 94 1.13 14.06 7.10
CA GLN A 94 0.48 13.80 5.83
C GLN A 94 0.43 12.33 5.47
N TRP A 95 -0.27 11.99 4.40
CA TRP A 95 -0.14 10.71 3.74
C TRP A 95 -0.25 10.80 2.24
N HIS A 96 0.25 9.83 1.53
CA HIS A 96 0.37 9.94 0.09
C HIS A 96 -0.14 8.63 -0.46
N TYR A 97 -0.64 8.54 -1.69
CA TYR A 97 -0.96 7.24 -2.31
C TYR A 97 -0.81 7.21 -3.85
N TYR A 98 -0.48 6.05 -4.41
CA TYR A 98 0.17 5.87 -5.76
C TYR A 98 -0.43 4.72 -6.46
N ILE A 99 -0.31 4.69 -7.76
CA ILE A 99 -0.54 3.49 -8.54
C ILE A 99 0.81 3.10 -9.17
N THR A 100 0.92 1.84 -9.59
CA THR A 100 1.91 1.49 -10.64
C THR A 100 1.45 2.02 -12.00
N LYS A 101 2.39 2.24 -12.93
CA LYS A 101 2.07 2.61 -14.31
C LYS A 101 2.67 1.67 -15.36
N LYS A 102 1.78 0.96 -16.03
CA LYS A 102 2.14 0.05 -17.14
C LYS A 102 2.78 0.82 -18.26
N GLY A 103 3.53 0.24 -19.21
CA GLY A 103 4.02 0.93 -20.39
C GLY A 103 5.50 1.32 -20.35
N TRP A 104 6.19 0.99 -19.26
CA TRP A 104 7.63 1.27 -19.15
C TRP A 104 8.50 0.59 -20.26
N ASP A 105 9.75 1.13 -20.50
CA ASP A 105 10.72 0.65 -21.43
C ASP A 105 12.01 1.26 -20.99
N PRO A 106 13.17 0.60 -21.07
CA PRO A 106 14.31 1.32 -20.50
C PRO A 106 14.84 2.58 -21.22
N ASP A 107 14.47 2.78 -22.50
CA ASP A 107 14.72 4.00 -23.24
C ASP A 107 13.90 5.14 -22.62
N LYS A 108 12.84 4.77 -21.89
CA LYS A 108 11.87 5.67 -21.28
C LYS A 108 12.33 5.74 -19.82
N PRO A 109 11.84 6.76 -19.08
CA PRO A 109 11.64 6.86 -17.59
C PRO A 109 11.28 5.60 -16.73
N LEU A 110 11.72 4.47 -17.15
CA LEU A 110 11.37 3.18 -16.48
C LEU A 110 11.62 3.15 -14.97
N LYS A 111 12.70 3.72 -14.47
CA LYS A 111 12.96 3.87 -13.03
C LYS A 111 12.16 4.98 -12.29
N ARG A 112 11.46 5.79 -13.04
CA ARG A 112 10.90 7.02 -12.55
C ARG A 112 9.39 7.06 -12.66
N ALA A 113 8.90 7.00 -13.87
CA ALA A 113 7.51 6.68 -14.17
C ALA A 113 6.99 5.24 -13.82
N ASP A 114 7.76 4.59 -12.96
CA ASP A 114 7.44 3.25 -12.50
C ASP A 114 6.19 3.29 -11.71
N PHE A 115 5.91 4.43 -11.10
CA PHE A 115 4.71 4.60 -10.28
C PHE A 115 4.25 5.98 -10.61
N GLU A 116 2.98 6.28 -10.34
CA GLU A 116 2.42 7.63 -10.44
C GLU A 116 1.70 7.93 -9.11
N LEU A 117 1.93 9.13 -8.59
CA LEU A 117 1.19 9.56 -7.46
C LEU A 117 -0.26 9.72 -7.99
N ILE A 118 -1.27 9.45 -7.20
CA ILE A 118 -2.64 9.64 -7.67
C ILE A 118 -3.48 10.47 -6.71
N GLY A 119 -2.93 10.64 -5.52
CA GLY A 119 -3.41 11.59 -4.52
C GLY A 119 -2.55 11.61 -3.28
N ALA A 120 -2.80 12.63 -2.49
CA ALA A 120 -2.27 12.73 -1.11
C ALA A 120 -3.34 13.44 -0.24
N VAL A 121 -3.29 13.32 1.08
CA VAL A 121 -4.11 14.20 1.93
C VAL A 121 -3.14 14.72 2.98
N PRO A 122 -2.78 16.05 2.98
CA PRO A 122 -1.98 16.52 4.12
C PRO A 122 -2.82 16.66 5.36
N HIS A 123 -2.27 16.72 6.55
CA HIS A 123 -3.06 16.79 7.76
C HIS A 123 -2.68 18.06 8.43
N ASP A 124 -2.73 19.11 7.59
CA ASP A 124 -2.47 20.51 8.07
C ASP A 124 -3.70 21.03 8.81
N GLY A 125 -4.88 20.61 8.42
CA GLY A 125 -6.14 21.07 8.99
C GLY A 125 -7.40 20.60 8.25
N SER A 126 -8.48 21.14 8.76
CA SER A 126 -9.79 21.02 8.15
C SER A 126 -10.50 19.62 8.21
N PRO A 127 -11.84 19.52 8.12
CA PRO A 127 -12.41 18.20 8.51
C PRO A 127 -12.17 17.08 7.43
N ALA A 128 -11.57 17.45 6.30
CA ALA A 128 -11.10 16.45 5.32
C ALA A 128 -9.94 15.57 5.74
N SER A 129 -9.04 16.20 6.50
CA SER A 129 -7.86 15.58 7.05
C SER A 129 -8.21 14.79 8.31
N ARG A 130 -9.32 15.20 8.89
CA ARG A 130 -9.89 14.52 10.09
C ARG A 130 -10.50 13.17 9.75
N ASN A 131 -10.96 13.10 8.51
CA ASN A 131 -11.45 11.86 7.91
C ASN A 131 -10.19 11.12 7.57
N LEU A 132 -10.21 9.82 7.79
CA LEU A 132 -9.14 8.93 7.34
C LEU A 132 -9.59 8.14 6.08
N SER A 133 -10.85 7.76 6.08
CA SER A 133 -11.41 6.90 5.11
C SER A 133 -11.67 7.71 3.86
N HIS A 134 -11.19 7.29 2.69
CA HIS A 134 -11.29 8.06 1.45
C HIS A 134 -11.59 7.17 0.30
N HIS A 135 -12.19 7.77 -0.76
CA HIS A 135 -12.41 7.03 -1.96
C HIS A 135 -11.40 7.50 -3.01
N ILE A 136 -10.87 6.60 -3.79
CA ILE A 136 -9.76 6.82 -4.75
C ILE A 136 -10.12 6.23 -6.13
N TYR A 137 -10.16 6.98 -7.23
CA TYR A 137 -10.47 6.40 -8.54
C TYR A 137 -9.16 5.82 -9.07
N ILE A 138 -9.19 4.56 -9.43
CA ILE A 138 -8.04 3.78 -9.88
C ILE A 138 -8.33 3.54 -11.38
N PRO A 139 -7.40 3.96 -12.30
CA PRO A 139 -7.59 3.49 -13.66
C PRO A 139 -7.34 1.95 -13.91
N GLU A 140 -8.11 1.41 -14.83
CA GLU A 140 -7.91 0.04 -15.36
C GLU A 140 -7.48 0.23 -16.80
N ASP A 141 -6.28 0.78 -16.93
CA ASP A 141 -5.66 1.12 -18.20
C ASP A 141 -5.40 -0.09 -19.09
N ARG A 142 -5.19 -1.21 -18.43
CA ARG A 142 -5.19 -2.49 -19.11
C ARG A 142 -5.83 -3.48 -18.14
N LEU A 143 -6.35 -4.62 -18.60
CA LEU A 143 -6.74 -5.67 -17.64
C LEU A 143 -5.33 -6.30 -17.25
N GLY A 144 -5.12 -6.61 -15.98
CA GLY A 144 -3.86 -7.06 -15.45
C GLY A 144 -3.57 -6.64 -14.01
N TYR A 145 -2.41 -7.14 -13.55
CA TYR A 145 -1.80 -6.84 -12.28
C TYR A 145 -1.31 -5.37 -12.16
N HIS A 146 -1.55 -4.78 -11.02
CA HIS A 146 -1.11 -3.46 -10.63
C HIS A 146 -0.82 -3.46 -9.12
N VAL A 147 -0.17 -2.42 -8.63
CA VAL A 147 -0.07 -2.25 -7.14
C VAL A 147 -0.65 -0.84 -6.78
N ILE A 148 -1.31 -0.73 -5.64
CA ILE A 148 -1.80 0.54 -5.14
C ILE A 148 -0.95 0.79 -3.90
N LEU A 149 -0.10 1.78 -3.90
CA LEU A 149 0.92 1.98 -2.85
C LEU A 149 0.50 3.14 -1.91
N ALA A 150 0.95 3.14 -0.64
CA ALA A 150 0.49 4.10 0.35
C ALA A 150 1.64 4.43 1.32
N VAL A 151 1.81 5.72 1.65
CA VAL A 151 2.81 6.08 2.60
C VAL A 151 2.30 7.06 3.61
N TRP A 152 2.61 6.85 4.89
CA TRP A 152 2.08 7.53 6.09
C TRP A 152 3.29 8.21 6.73
N ASP A 153 3.22 9.48 6.96
CA ASP A 153 4.30 10.22 7.60
C ASP A 153 3.82 10.70 8.95
N VAL A 154 4.70 10.65 9.94
CA VAL A 154 4.37 11.05 11.29
C VAL A 154 5.06 12.37 11.49
N ALA A 155 4.30 13.24 12.15
CA ALA A 155 4.81 14.56 12.49
C ALA A 155 5.46 14.60 13.87
N ASP A 156 5.15 13.66 14.71
CA ASP A 156 5.79 13.64 16.07
C ASP A 156 7.23 13.13 16.11
N THR A 157 7.59 12.35 15.14
CA THR A 157 8.86 11.60 15.10
C THR A 157 9.45 11.47 13.69
N GLU A 158 10.58 10.81 13.50
CA GLU A 158 11.17 10.64 12.17
C GLU A 158 10.67 9.40 11.46
N ASN A 159 9.80 8.71 12.15
CA ASN A 159 9.27 7.50 11.58
C ASN A 159 8.24 7.75 10.53
N ALA A 160 8.01 6.78 9.67
CA ALA A 160 7.02 6.81 8.60
C ALA A 160 6.83 5.31 8.24
N PHE A 161 5.73 4.89 7.61
CA PHE A 161 5.62 3.50 7.12
C PHE A 161 4.81 3.48 5.81
N TYR A 162 5.07 2.37 5.11
CA TYR A 162 4.66 2.14 3.74
C TYR A 162 3.77 0.93 3.82
N GLN A 163 2.73 0.90 3.01
CA GLN A 163 1.82 -0.22 2.91
C GLN A 163 1.45 -0.39 1.44
N VAL A 164 1.38 -1.60 0.90
CA VAL A 164 0.97 -1.73 -0.50
C VAL A 164 -0.12 -2.75 -0.62
N ILE A 165 -0.92 -2.65 -1.67
CA ILE A 165 -1.91 -3.70 -1.96
C ILE A 165 -1.75 -4.12 -3.41
N ASP A 166 -1.35 -5.40 -3.59
CA ASP A 166 -1.11 -6.02 -4.94
C ASP A 166 -2.47 -6.44 -5.53
N VAL A 167 -2.89 -5.91 -6.66
CA VAL A 167 -4.23 -6.15 -7.17
C VAL A 167 -4.24 -6.65 -8.67
N ASP A 168 -5.28 -7.34 -9.10
CA ASP A 168 -5.50 -7.72 -10.52
C ASP A 168 -6.72 -6.90 -10.90
N LEU A 169 -6.57 -5.77 -11.56
CA LEU A 169 -7.78 -4.97 -11.93
C LEU A 169 -8.07 -5.55 -13.31
N VAL A 170 -9.30 -5.86 -13.61
CA VAL A 170 -9.74 -6.28 -14.98
C VAL A 170 -10.99 -5.58 -15.47
N ASN A 171 -11.30 -5.74 -16.77
CA ASN A 171 -12.57 -5.20 -17.27
C ASN A 171 -13.75 -5.84 -16.52
N LYS A 172 -14.72 -4.98 -16.21
CA LYS A 172 -15.97 -5.37 -15.55
C LYS A 172 -16.93 -6.29 -16.39
CU CU1 B . 0.24 3.33 18.10
N HIS A 1 0.27 3.01 14.64
CA HIS A 1 -0.12 1.57 14.71
C HIS A 1 -1.58 1.42 14.29
N GLY A 2 -1.83 0.95 13.11
CA GLY A 2 -3.20 0.81 12.53
C GLY A 2 -3.46 -0.09 11.33
N PHE A 3 -4.74 -0.28 11.05
CA PHE A 3 -5.19 -1.35 10.18
C PHE A 3 -6.26 -0.96 9.14
N ILE A 4 -6.33 -1.62 7.99
CA ILE A 4 -7.38 -1.35 7.03
C ILE A 4 -8.60 -1.94 7.74
N GLU A 5 -9.75 -1.21 7.66
CA GLU A 5 -11.02 -1.69 8.18
C GLU A 5 -12.05 -2.01 7.10
N LYS A 6 -12.04 -1.37 5.90
CA LYS A 6 -12.90 -1.67 4.72
C LYS A 6 -12.07 -1.25 3.51
N PRO A 7 -12.07 -1.99 2.41
CA PRO A 7 -12.75 -3.31 2.20
C PRO A 7 -12.10 -4.49 2.95
N GLY A 8 -12.92 -5.45 3.37
CA GLY A 8 -12.54 -6.78 3.74
C GLY A 8 -12.12 -7.03 5.19
N SER A 9 -11.89 -8.29 5.54
CA SER A 9 -11.31 -8.76 6.82
C SER A 9 -10.19 -9.76 6.49
N ARG A 10 -9.10 -9.73 7.24
CA ARG A 10 -8.08 -10.78 7.21
C ARG A 10 -8.59 -12.17 7.54
N ALA A 11 -9.56 -12.24 8.38
CA ALA A 11 -10.06 -13.51 8.82
C ALA A 11 -10.81 -14.25 7.74
N ALA A 12 -11.52 -13.50 6.92
CA ALA A 12 -12.30 -14.08 5.84
C ALA A 12 -11.40 -14.72 4.84
N LEU A 13 -10.26 -14.09 4.51
CA LEU A 13 -9.38 -14.62 3.49
C LEU A 13 -8.51 -15.71 4.12
N CYS A 14 -8.43 -15.74 5.43
CA CYS A 14 -7.61 -16.70 6.22
C CYS A 14 -8.34 -18.02 6.45
N SER A 15 -9.63 -18.03 6.14
CA SER A 15 -10.50 -19.14 6.40
C SER A 15 -10.19 -20.40 5.60
N GLU A 16 -10.26 -21.60 6.21
CA GLU A 16 -10.06 -22.81 5.44
C GLU A 16 -11.24 -23.17 4.53
N ALA A 17 -12.32 -22.40 4.49
CA ALA A 17 -13.15 -22.51 3.32
C ALA A 17 -12.35 -22.08 2.05
N PHE A 18 -11.51 -21.06 2.19
CA PHE A 18 -10.51 -20.66 1.14
C PHE A 18 -9.43 -21.70 1.01
N GLY A 19 -8.83 -22.01 2.19
CA GLY A 19 -7.73 -23.03 2.32
C GLY A 19 -8.25 -24.44 2.65
N PHE A 20 -8.99 -24.91 1.65
CA PHE A 20 -9.72 -26.13 1.68
C PHE A 20 -8.78 -27.32 1.76
N LEU A 21 -7.67 -27.24 1.04
CA LEU A 21 -6.71 -28.39 0.91
C LEU A 21 -5.58 -28.41 1.97
N ASN A 22 -5.07 -27.24 2.25
CA ASN A 22 -4.00 -27.03 3.22
C ASN A 22 -4.25 -25.56 3.69
N LEU A 23 -3.76 -25.08 4.84
CA LEU A 23 -4.15 -23.76 5.26
C LEU A 23 -3.40 -22.85 4.34
N ASN A 24 -3.83 -21.61 4.31
CA ASN A 24 -3.53 -20.63 3.25
C ASN A 24 -3.52 -19.16 3.83
N CYS A 25 -3.34 -19.05 5.12
CA CYS A 25 -3.69 -17.77 5.79
C CYS A 25 -2.96 -16.48 5.39
N GLY A 26 -1.78 -16.71 4.81
CA GLY A 26 -1.06 -15.53 4.33
C GLY A 26 -0.52 -14.73 5.49
N SER A 27 0.03 -15.50 6.38
CA SER A 27 0.28 -15.16 7.80
C SER A 27 1.14 -13.88 8.10
N VAL A 28 1.73 -13.29 7.08
CA VAL A 28 2.26 -11.93 7.22
C VAL A 28 1.13 -10.97 7.67
N MET A 29 -0.14 -11.29 7.54
CA MET A 29 -1.22 -10.60 8.23
C MET A 29 -1.21 -10.62 9.77
N TYR A 30 -0.29 -11.25 10.49
CA TYR A 30 -0.28 -11.17 12.00
C TYR A 30 0.05 -9.71 12.31
N GLU A 31 1.05 -9.12 11.67
CA GLU A 31 1.45 -7.75 11.98
C GLU A 31 1.83 -6.84 10.83
N PRO A 32 0.77 -6.41 10.05
CA PRO A 32 1.02 -5.58 8.85
C PRO A 32 1.47 -4.12 9.24
N GLN A 33 1.16 -3.70 10.47
CA GLN A 33 1.32 -2.32 10.92
C GLN A 33 2.77 -2.05 11.38
N SER A 34 3.52 -3.13 11.29
CA SER A 34 4.93 -3.11 11.61
C SER A 34 5.68 -2.47 10.45
N LEU A 35 5.11 -2.35 9.25
CA LEU A 35 5.85 -1.76 8.14
C LEU A 35 5.99 -0.28 8.40
N GLU A 36 7.18 0.25 8.52
CA GLU A 36 7.36 1.64 8.91
C GLU A 36 8.68 2.07 8.29
N ALA A 37 9.06 3.34 8.45
CA ALA A 37 10.40 3.83 8.17
C ALA A 37 10.66 4.90 9.18
N LYS A 38 11.85 5.07 9.68
CA LYS A 38 12.08 6.00 10.84
C LYS A 38 13.21 6.92 10.52
N LYS A 39 13.06 8.14 11.05
CA LYS A 39 14.16 9.11 11.02
C LYS A 39 15.41 8.50 11.75
N GLY A 40 16.57 9.04 11.49
CA GLY A 40 17.75 8.61 12.21
C GLY A 40 18.21 7.25 11.66
N PHE A 41 18.68 6.47 12.63
CA PHE A 41 19.17 5.14 12.43
C PHE A 41 19.00 4.31 13.70
N PRO A 42 19.03 2.96 13.66
CA PRO A 42 19.17 1.97 12.59
C PRO A 42 18.06 2.05 11.59
N HIS A 43 18.46 2.17 10.32
CA HIS A 43 17.48 2.36 9.24
C HIS A 43 16.53 1.10 9.19
N SER A 44 17.11 -0.06 9.49
CA SER A 44 16.40 -1.32 9.61
C SER A 44 15.76 -1.74 8.28
N GLY A 45 14.59 -1.21 7.93
CA GLY A 45 13.80 -1.68 6.78
C GLY A 45 14.42 -1.31 5.45
N PRO A 46 13.68 -1.58 4.35
CA PRO A 46 14.11 -1.28 2.98
C PRO A 46 14.27 0.19 2.76
N ALA A 47 14.94 0.50 1.68
CA ALA A 47 15.31 1.90 1.32
C ALA A 47 14.05 2.70 0.91
N ASP A 48 13.21 3.08 1.86
CA ASP A 48 12.08 4.01 1.69
C ASP A 48 12.51 5.43 1.39
N GLY A 49 11.69 6.18 0.72
CA GLY A 49 11.96 7.54 0.26
C GLY A 49 12.83 7.70 -0.98
N GLN A 50 13.27 6.52 -1.48
CA GLN A 50 14.13 6.44 -2.71
C GLN A 50 13.25 6.01 -3.84
N ILE A 51 12.02 6.57 -3.87
CA ILE A 51 10.96 6.11 -4.80
C ILE A 51 11.39 6.35 -6.25
N ALA A 52 11.93 7.51 -6.59
CA ALA A 52 12.16 7.77 -8.00
C ALA A 52 13.26 6.86 -8.54
N SER A 53 14.25 6.39 -7.79
CA SER A 53 15.21 5.43 -8.32
C SER A 53 14.76 3.95 -8.16
N ALA A 54 13.64 3.72 -7.47
CA ALA A 54 13.14 2.42 -7.00
C ALA A 54 14.11 1.77 -6.11
N GLY A 55 14.89 2.54 -5.37
CA GLY A 55 16.03 1.95 -4.67
C GLY A 55 15.69 1.05 -3.47
N GLY A 56 14.45 1.08 -3.02
CA GLY A 56 13.92 0.09 -2.12
C GLY A 56 12.89 -0.79 -2.77
N LEU A 57 12.44 -0.44 -3.99
CA LEU A 57 11.26 -1.05 -4.69
C LEU A 57 11.58 -1.82 -5.98
N PHE A 58 12.85 -1.93 -6.29
CA PHE A 58 13.36 -3.05 -7.08
C PHE A 58 13.44 -4.23 -6.06
N GLY A 59 13.52 -3.88 -4.79
CA GLY A 59 13.50 -4.87 -3.70
C GLY A 59 12.10 -5.36 -3.43
N GLY A 60 11.13 -4.61 -3.89
CA GLY A 60 9.73 -5.04 -3.85
C GLY A 60 9.57 -6.31 -4.61
N ILE A 61 10.32 -6.49 -5.70
CA ILE A 61 10.17 -7.68 -6.57
C ILE A 61 10.44 -8.97 -5.87
N LEU A 62 11.49 -8.97 -5.02
CA LEU A 62 11.86 -10.13 -4.21
C LEU A 62 10.79 -10.38 -3.15
N ASP A 63 10.12 -9.29 -2.70
CA ASP A 63 9.22 -9.38 -1.57
C ASP A 63 7.93 -10.07 -1.98
N GLN A 64 7.50 -9.79 -3.23
CA GLN A 64 6.45 -10.59 -3.86
C GLN A 64 6.93 -11.98 -4.42
N GLN A 65 8.04 -12.45 -3.93
CA GLN A 65 8.61 -13.76 -4.29
C GLN A 65 9.31 -14.35 -3.14
N SER A 66 8.66 -14.16 -1.99
CA SER A 66 9.04 -14.67 -0.67
C SER A 66 7.84 -15.24 0.19
N GLU A 67 8.13 -15.66 1.39
CA GLU A 67 7.06 -16.01 2.35
C GLU A 67 6.09 -14.82 2.71
N ASN A 68 6.58 -13.64 2.52
CA ASN A 68 5.85 -12.33 2.74
C ASN A 68 5.23 -11.87 1.40
N ARG A 69 5.09 -12.80 0.46
CA ARG A 69 4.32 -12.56 -0.78
C ARG A 69 2.85 -12.46 -0.44
N TRP A 70 2.54 -11.21 -0.18
CA TRP A 70 1.23 -10.76 0.21
C TRP A 70 0.20 -11.25 -0.78
N PHE A 71 -1.08 -11.26 -0.42
CA PHE A 71 -2.22 -11.50 -1.34
C PHE A 71 -2.36 -10.46 -2.40
N LYS A 72 -2.73 -10.92 -3.55
CA LYS A 72 -3.15 -10.00 -4.60
C LYS A 72 -4.64 -9.92 -4.34
N HIS A 73 -5.34 -8.78 -4.51
CA HIS A 73 -6.79 -8.71 -4.49
C HIS A 73 -7.28 -8.23 -5.84
N ILE A 74 -8.13 -8.99 -6.42
CA ILE A 74 -8.58 -8.69 -7.74
C ILE A 74 -9.73 -7.62 -7.73
N MET A 75 -9.58 -6.53 -8.43
CA MET A 75 -10.42 -5.36 -8.22
C MET A 75 -10.80 -4.73 -9.56
N THR A 76 -11.90 -3.99 -9.54
CA THR A 76 -12.38 -3.44 -10.81
C THR A 76 -11.70 -2.08 -10.99
N GLY A 77 -12.02 -1.42 -12.12
CA GLY A 77 -11.76 -0.02 -12.31
C GLY A 77 -12.77 0.81 -11.55
N GLY A 78 -12.77 2.09 -11.79
CA GLY A 78 -13.78 2.94 -11.13
C GLY A 78 -13.40 3.49 -9.78
N GLU A 79 -14.28 4.29 -9.14
CA GLU A 79 -13.90 4.70 -7.82
C GLU A 79 -14.14 3.52 -6.86
N HIS A 80 -13.31 3.51 -5.86
CA HIS A 80 -13.40 2.65 -4.67
C HIS A 80 -13.29 3.53 -3.45
N THR A 81 -13.81 3.03 -2.34
CA THR A 81 -13.65 3.71 -1.08
C THR A 81 -12.93 2.79 -0.08
N PHE A 82 -12.32 3.39 0.92
CA PHE A 82 -11.51 2.69 1.93
C PHE A 82 -11.73 3.37 3.28
N THR A 83 -11.57 2.62 4.38
CA THR A 83 -11.59 3.12 5.73
C THR A 83 -10.54 2.46 6.44
N TRP A 84 -9.88 3.21 7.31
CA TRP A 84 -8.84 2.54 8.13
C TRP A 84 -9.18 3.13 9.47
N THR A 85 -8.60 2.58 10.50
CA THR A 85 -8.49 3.22 11.83
C THR A 85 -7.03 3.07 12.24
N TYR A 86 -6.51 4.06 12.96
CA TYR A 86 -5.31 3.91 13.80
C TYR A 86 -5.75 3.61 15.26
N THR A 87 -5.02 2.85 16.05
CA THR A 87 -5.35 2.69 17.49
C THR A 87 -4.44 3.48 18.43
N ALA A 88 -3.22 3.82 18.03
CA ALA A 88 -2.38 4.64 18.84
C ALA A 88 -2.77 6.08 18.68
N PRO A 89 -2.83 6.83 19.73
CA PRO A 89 -3.05 8.29 19.51
C PRO A 89 -1.86 8.98 18.82
N HIS A 90 -2.15 9.81 17.82
CA HIS A 90 -1.12 10.24 16.87
C HIS A 90 -1.57 11.61 16.38
N ASN A 91 -0.68 12.28 15.67
CA ASN A 91 -0.99 13.57 15.01
C ASN A 91 -0.59 13.47 13.52
N THR A 92 -1.48 13.17 12.60
CA THR A 92 -1.20 13.03 11.22
C THR A 92 -0.76 14.37 10.69
N SER A 93 0.21 14.32 9.78
CA SER A 93 0.62 15.44 8.94
C SER A 93 0.17 15.39 7.47
N GLN A 94 0.37 14.33 6.76
CA GLN A 94 -0.13 14.11 5.40
C GLN A 94 -0.09 12.60 5.04
N TRP A 95 -0.65 12.19 3.91
CA TRP A 95 -0.42 10.85 3.41
C TRP A 95 -0.41 10.77 1.91
N HIS A 96 0.38 9.83 1.37
CA HIS A 96 0.67 9.72 -0.10
C HIS A 96 0.27 8.37 -0.62
N TYR A 97 0.04 8.24 -1.89
CA TYR A 97 -0.33 6.95 -2.45
C TYR A 97 0.05 6.91 -3.91
N TYR A 98 0.77 5.82 -4.22
CA TYR A 98 1.51 5.61 -5.52
C TYR A 98 1.41 4.17 -5.93
N ILE A 99 1.38 3.95 -7.22
CA ILE A 99 1.16 2.66 -7.81
C ILE A 99 2.24 2.36 -8.84
N THR A 100 2.42 1.12 -9.26
CA THR A 100 3.35 0.84 -10.40
C THR A 100 2.86 1.50 -11.70
N LYS A 101 3.70 1.77 -12.69
CA LYS A 101 3.28 2.42 -13.97
C LYS A 101 2.91 1.39 -15.01
N LYS A 102 1.63 1.09 -15.17
CA LYS A 102 1.21 0.45 -16.45
C LYS A 102 1.58 1.26 -17.70
N GLY A 103 1.74 0.68 -18.86
CA GLY A 103 1.97 1.50 -20.02
C GLY A 103 3.31 2.26 -20.20
N TRP A 104 4.29 2.09 -19.27
CA TRP A 104 5.65 2.64 -19.46
C TRP A 104 6.28 2.23 -20.82
N ASP A 105 7.38 2.79 -21.25
CA ASP A 105 8.02 2.41 -22.49
C ASP A 105 9.50 2.57 -22.18
N PRO A 106 10.32 1.51 -22.49
CA PRO A 106 11.72 1.50 -22.07
C PRO A 106 12.55 2.65 -22.55
N ASP A 107 12.24 3.14 -23.73
CA ASP A 107 12.94 4.31 -24.36
C ASP A 107 12.49 5.64 -23.73
N LYS A 108 11.57 5.57 -22.80
CA LYS A 108 10.98 6.72 -22.11
C LYS A 108 11.36 6.38 -20.61
N PRO A 109 10.96 7.14 -19.60
CA PRO A 109 11.23 6.92 -18.18
C PRO A 109 10.90 5.67 -17.48
N LEU A 110 10.62 4.53 -18.06
CA LEU A 110 10.26 3.30 -17.33
C LEU A 110 11.14 2.86 -16.15
N LYS A 111 12.45 2.98 -16.21
CA LYS A 111 13.25 2.58 -15.02
C LYS A 111 13.19 3.67 -13.94
N ARG A 112 12.83 4.90 -14.28
CA ARG A 112 12.71 6.00 -13.27
C ARG A 112 11.31 6.11 -12.73
N ALA A 113 10.32 6.23 -13.58
CA ALA A 113 8.92 6.32 -13.21
C ALA A 113 8.35 4.94 -12.99
N ASP A 114 9.13 4.09 -12.30
CA ASP A 114 8.80 2.70 -11.99
C ASP A 114 7.53 2.58 -11.13
N PHE A 115 7.37 3.62 -10.32
CA PHE A 115 6.17 3.92 -9.57
C PHE A 115 5.67 5.36 -9.94
N GLU A 116 4.37 5.50 -9.94
CA GLU A 116 3.68 6.72 -10.36
C GLU A 116 2.69 7.09 -9.25
N LEU A 117 2.72 8.36 -8.89
CA LEU A 117 1.97 8.85 -7.76
C LEU A 117 0.54 8.82 -8.35
N ILE A 118 -0.48 8.43 -7.56
CA ILE A 118 -1.88 8.67 -7.98
C ILE A 118 -2.54 9.76 -7.15
N GLY A 119 -1.87 10.08 -6.02
CA GLY A 119 -2.10 11.40 -5.33
C GLY A 119 -1.49 11.51 -3.93
N ALA A 120 -1.75 12.59 -3.21
CA ALA A 120 -1.28 12.75 -1.88
C ALA A 120 -2.28 13.73 -1.28
N VAL A 121 -2.50 13.74 0.01
CA VAL A 121 -3.39 14.71 0.60
C VAL A 121 -2.87 15.08 1.98
N PRO A 122 -2.62 16.40 2.16
CA PRO A 122 -2.25 16.81 3.53
C PRO A 122 -3.38 16.87 4.51
N HIS A 123 -2.99 16.91 5.77
CA HIS A 123 -3.84 16.92 6.98
C HIS A 123 -3.33 18.04 7.98
N ASP A 124 -3.59 19.29 7.62
CA ASP A 124 -3.15 20.45 8.40
C ASP A 124 -3.86 20.76 9.67
N GLY A 125 -5.12 20.30 9.73
CA GLY A 125 -5.89 20.49 11.00
C GLY A 125 -7.18 19.71 10.95
N SER A 126 -8.25 20.38 10.49
CA SER A 126 -9.52 19.75 10.26
C SER A 126 -10.06 19.87 8.80
N PRO A 127 -9.31 19.33 7.81
CA PRO A 127 -9.79 19.48 6.41
C PRO A 127 -10.77 18.36 6.01
N ALA A 128 -11.06 18.24 4.73
CA ALA A 128 -12.00 17.14 4.30
C ALA A 128 -11.28 15.79 4.66
N SER A 129 -9.94 15.79 4.69
CA SER A 129 -9.06 14.65 5.07
C SER A 129 -8.99 14.55 6.56
N ARG A 130 -9.96 15.16 7.26
CA ARG A 130 -10.09 14.88 8.69
C ARG A 130 -10.66 13.50 8.72
N ASN A 131 -11.38 13.21 7.65
CA ASN A 131 -11.75 11.83 7.41
C ASN A 131 -10.50 11.14 6.91
N LEU A 132 -10.22 9.94 7.48
CA LEU A 132 -9.12 9.08 7.13
C LEU A 132 -9.62 8.19 5.97
N SER A 133 -10.93 7.93 5.93
CA SER A 133 -11.52 7.23 4.82
C SER A 133 -11.56 8.13 3.55
N HIS A 134 -11.27 7.53 2.44
CA HIS A 134 -10.94 8.31 1.27
C HIS A 134 -11.40 7.52 0.07
N HIS A 135 -11.63 8.24 -1.00
CA HIS A 135 -11.89 7.68 -2.33
C HIS A 135 -10.70 7.62 -3.25
N ILE A 136 -10.54 6.58 -4.00
CA ILE A 136 -9.54 6.60 -5.09
C ILE A 136 -10.24 6.18 -6.35
N TYR A 137 -10.07 6.92 -7.44
CA TYR A 137 -10.49 6.54 -8.79
C TYR A 137 -9.34 5.75 -9.44
N ILE A 138 -9.72 4.62 -9.95
CA ILE A 138 -8.83 3.73 -10.71
C ILE A 138 -9.25 3.85 -12.21
N PRO A 139 -8.32 4.19 -13.17
CA PRO A 139 -8.75 4.20 -14.58
C PRO A 139 -9.00 2.77 -14.98
N GLU A 140 -9.94 2.70 -15.96
CA GLU A 140 -10.48 1.41 -16.40
C GLU A 140 -10.16 1.11 -17.88
N ASP A 141 -9.03 1.67 -18.27
CA ASP A 141 -8.70 1.60 -19.68
C ASP A 141 -8.23 0.21 -20.18
N ARG A 142 -7.63 -0.53 -19.30
CA ARG A 142 -7.04 -1.83 -19.63
C ARG A 142 -7.08 -2.68 -18.32
N LEU A 143 -6.89 -3.98 -18.45
CA LEU A 143 -6.62 -4.86 -17.31
C LEU A 143 -5.10 -4.78 -17.02
N GLY A 144 -4.66 -5.12 -15.84
CA GLY A 144 -3.21 -5.13 -15.53
C GLY A 144 -2.82 -5.24 -14.10
N TYR A 145 -2.04 -6.28 -13.75
CA TYR A 145 -1.66 -6.47 -12.32
C TYR A 145 -0.74 -5.35 -11.77
N HIS A 146 -0.99 -4.92 -10.56
CA HIS A 146 -0.33 -3.71 -10.04
C HIS A 146 0.15 -4.00 -8.61
N VAL A 147 0.99 -3.10 -8.06
CA VAL A 147 1.27 -3.00 -6.58
C VAL A 147 0.64 -1.66 -6.22
N ILE A 148 -0.03 -1.56 -5.13
CA ILE A 148 -0.39 -0.29 -4.54
C ILE A 148 0.40 -0.04 -3.24
N LEU A 149 0.99 1.14 -3.18
CA LEU A 149 1.78 1.60 -1.96
C LEU A 149 1.24 2.88 -1.34
N ALA A 150 1.27 2.97 -0.02
CA ALA A 150 0.88 4.20 0.70
C ALA A 150 1.85 4.55 1.74
N VAL A 151 1.87 5.78 2.19
CA VAL A 151 2.70 6.26 3.31
C VAL A 151 1.94 7.29 4.10
N TRP A 152 1.86 7.00 5.37
CA TRP A 152 1.07 7.79 6.34
C TRP A 152 2.19 8.56 7.09
N ASP A 153 2.30 9.90 6.96
CA ASP A 153 3.35 10.66 7.70
C ASP A 153 2.64 11.30 8.90
N VAL A 154 3.29 11.16 10.04
CA VAL A 154 2.68 11.51 11.32
C VAL A 154 3.71 12.22 12.20
N ALA A 155 3.35 13.36 12.74
CA ALA A 155 4.37 14.29 13.21
C ALA A 155 4.83 14.00 14.67
N ASP A 156 4.07 13.27 15.42
CA ASP A 156 4.32 13.08 16.87
C ASP A 156 5.29 11.94 17.23
N THR A 157 5.83 11.32 16.18
CA THR A 157 6.77 10.24 16.30
C THR A 157 7.76 10.40 15.16
N GLU A 158 8.93 9.84 15.26
CA GLU A 158 9.98 9.92 14.19
C GLU A 158 9.71 8.87 13.12
N ASN A 159 8.74 8.00 13.35
CA ASN A 159 8.40 6.94 12.41
C ASN A 159 7.40 7.55 11.41
N ALA A 160 7.20 6.91 10.28
CA ALA A 160 6.10 7.14 9.36
C ALA A 160 5.58 5.69 9.12
N PHE A 161 4.28 5.52 8.86
CA PHE A 161 3.68 4.12 8.77
C PHE A 161 3.50 3.82 7.25
N TYR A 162 3.79 2.61 6.82
CA TYR A 162 3.82 2.19 5.42
C TYR A 162 2.74 1.12 5.20
N GLN A 163 2.22 0.99 4.00
CA GLN A 163 1.21 0.03 3.69
C GLN A 163 1.36 -0.44 2.26
N VAL A 164 1.20 -1.74 2.03
CA VAL A 164 1.27 -2.25 0.61
C VAL A 164 0.16 -3.26 0.46
N ILE A 165 -0.50 -3.29 -0.71
CA ILE A 165 -1.48 -4.28 -1.08
C ILE A 165 -1.13 -4.64 -2.52
N ASP A 166 -0.96 -5.93 -2.80
CA ASP A 166 -0.66 -6.33 -4.17
C ASP A 166 -2.03 -6.54 -4.81
N VAL A 167 -2.17 -6.24 -6.06
CA VAL A 167 -3.54 -6.20 -6.66
C VAL A 167 -3.57 -6.55 -8.12
N ASP A 168 -4.71 -7.01 -8.61
CA ASP A 168 -4.87 -7.23 -10.02
C ASP A 168 -6.06 -6.35 -10.43
N LEU A 169 -5.79 -5.19 -10.99
CA LEU A 169 -6.86 -4.23 -11.32
C LEU A 169 -7.25 -4.62 -12.70
N VAL A 170 -8.52 -4.97 -12.92
CA VAL A 170 -8.96 -5.56 -14.20
C VAL A 170 -10.20 -4.95 -14.85
N ASN A 171 -10.41 -5.28 -16.11
CA ASN A 171 -11.61 -4.86 -16.78
C ASN A 171 -12.59 -6.04 -16.79
N LYS A 172 -13.88 -5.76 -16.96
CA LYS A 172 -14.86 -6.86 -17.13
C LYS A 172 -14.75 -7.54 -18.47
CU CU1 B . 1.24 4.15 16.42
N HIS A 1 -1.98 2.78 15.34
CA HIS A 1 -1.72 1.51 14.48
C HIS A 1 -2.71 0.39 14.82
N GLY A 2 -3.47 -0.15 13.88
CA GLY A 2 -3.72 0.39 12.54
C GLY A 2 -4.52 -0.67 11.76
N PHE A 3 -5.76 -0.44 11.30
CA PHE A 3 -6.51 -1.52 10.68
C PHE A 3 -7.08 -1.09 9.36
N ILE A 4 -7.15 -1.95 8.39
CA ILE A 4 -7.58 -1.60 7.02
C ILE A 4 -9.02 -2.05 7.04
N GLU A 5 -9.90 -1.07 6.91
CA GLU A 5 -11.36 -1.31 6.93
C GLU A 5 -11.87 -1.61 5.54
N LYS A 6 -11.36 -0.91 4.53
CA LYS A 6 -11.74 -1.07 3.11
C LYS A 6 -10.65 -0.82 2.07
N PRO A 7 -10.60 -1.55 0.90
CA PRO A 7 -11.40 -2.71 0.51
C PRO A 7 -11.06 -4.02 1.22
N GLY A 8 -12.12 -4.80 1.36
CA GLY A 8 -11.96 -6.20 1.82
C GLY A 8 -11.55 -6.29 3.24
N SER A 9 -11.15 -7.51 3.63
CA SER A 9 -10.58 -7.83 4.94
C SER A 9 -9.27 -8.52 4.76
N ARG A 10 -8.22 -7.95 5.29
CA ARG A 10 -6.86 -8.52 5.21
C ARG A 10 -6.78 -9.73 6.06
N ALA A 11 -7.48 -9.71 7.20
CA ALA A 11 -7.47 -10.79 8.19
C ALA A 11 -8.14 -12.01 7.63
N ALA A 12 -9.22 -11.85 6.86
CA ALA A 12 -9.87 -13.01 6.27
C ALA A 12 -9.01 -13.71 5.19
N LEU A 13 -8.28 -12.91 4.45
CA LEU A 13 -7.37 -13.44 3.41
C LEU A 13 -6.23 -14.15 4.07
N CYS A 14 -5.92 -13.74 5.30
CA CYS A 14 -4.84 -14.36 6.08
C CYS A 14 -5.36 -15.70 6.69
N SER A 15 -6.65 -15.78 6.82
CA SER A 15 -7.23 -16.91 7.58
C SER A 15 -7.35 -18.15 6.77
N GLU A 16 -7.69 -19.27 7.38
CA GLU A 16 -7.82 -20.52 6.61
C GLU A 16 -9.09 -20.55 5.72
N ALA A 17 -9.98 -19.60 5.95
CA ALA A 17 -11.21 -19.61 5.13
C ALA A 17 -10.96 -19.06 3.70
N PHE A 18 -9.78 -18.44 3.57
CA PHE A 18 -9.13 -18.18 2.32
C PHE A 18 -8.97 -19.40 1.43
N GLY A 19 -8.62 -20.55 2.04
CA GLY A 19 -8.44 -21.81 1.31
C GLY A 19 -7.26 -22.45 2.03
N PHE A 20 -7.62 -23.21 3.05
CA PHE A 20 -6.76 -23.76 4.11
C PHE A 20 -5.42 -24.43 3.64
N LEU A 21 -5.36 -25.07 2.45
CA LEU A 21 -4.09 -25.78 2.10
C LEU A 21 -2.98 -24.80 1.79
N ASN A 22 -3.29 -23.51 1.56
CA ASN A 22 -2.26 -22.53 1.11
C ASN A 22 -2.44 -21.15 1.69
N LEU A 23 -1.38 -20.32 1.74
CA LEU A 23 -1.54 -18.98 2.36
C LEU A 23 -0.26 -18.13 1.98
N ASN A 24 -0.24 -16.88 2.49
CA ASN A 24 0.90 -15.96 2.22
C ASN A 24 0.93 -14.97 3.43
N CYS A 25 0.88 -15.53 4.62
CA CYS A 25 0.67 -14.80 5.82
C CYS A 25 1.43 -15.24 7.09
N GLY A 26 2.19 -16.36 6.92
CA GLY A 26 2.69 -17.13 8.05
C GLY A 26 3.54 -16.29 8.98
N SER A 27 4.38 -15.41 8.39
CA SER A 27 5.22 -14.49 9.19
C SER A 27 4.56 -13.17 9.44
N VAL A 28 3.78 -12.83 8.45
CA VAL A 28 3.07 -11.52 8.45
C VAL A 28 2.00 -11.40 9.56
N MET A 29 1.36 -12.52 9.98
CA MET A 29 0.39 -12.46 11.09
C MET A 29 0.97 -12.16 12.52
N TYR A 30 2.29 -12.18 12.62
CA TYR A 30 2.78 -11.80 13.96
C TYR A 30 2.52 -10.30 14.23
N GLU A 31 2.90 -9.42 13.31
CA GLU A 31 2.61 -7.98 13.49
C GLU A 31 2.19 -7.34 12.15
N PRO A 32 0.93 -7.60 11.76
CA PRO A 32 0.66 -7.05 10.44
C PRO A 32 0.57 -5.52 10.36
N GLN A 33 0.31 -4.84 11.47
CA GLN A 33 0.21 -3.42 11.60
C GLN A 33 1.56 -2.69 11.73
N SER A 34 2.66 -3.48 11.66
CA SER A 34 4.03 -2.95 11.78
C SER A 34 4.89 -3.16 10.56
N LEU A 35 4.98 -2.10 9.76
CA LEU A 35 6.12 -1.96 8.85
C LEU A 35 6.61 -0.60 9.25
N GLU A 36 7.89 -0.47 9.45
CA GLU A 36 8.48 0.74 10.04
C GLU A 36 9.52 1.41 9.16
N ALA A 37 9.46 2.74 9.03
CA ALA A 37 10.36 3.56 8.21
C ALA A 37 10.86 4.78 9.03
N LYS A 38 12.14 5.03 9.16
CA LYS A 38 12.69 6.14 9.94
C LYS A 38 13.41 7.20 9.07
N LYS A 39 13.08 8.45 9.30
CA LYS A 39 13.56 9.53 8.47
C LYS A 39 15.08 9.65 8.49
N GLY A 40 15.68 10.14 7.41
CA GLY A 40 17.14 10.31 7.35
C GLY A 40 17.91 9.06 7.14
N PHE A 41 19.11 9.01 7.67
CA PHE A 41 20.01 7.84 7.58
C PHE A 41 20.01 7.10 8.89
N PRO A 42 20.53 5.88 8.93
CA PRO A 42 21.19 5.06 7.92
C PRO A 42 20.15 4.35 7.02
N HIS A 43 20.61 3.40 6.23
CA HIS A 43 19.69 2.55 5.49
C HIS A 43 18.77 1.68 6.33
N SER A 44 19.36 1.09 7.38
CA SER A 44 18.61 0.33 8.44
C SER A 44 17.79 -0.87 7.88
N GLY A 45 16.49 -0.71 7.60
CA GLY A 45 15.77 -1.83 7.00
C GLY A 45 16.33 -2.26 5.66
N PRO A 46 15.96 -3.39 5.07
CA PRO A 46 16.37 -3.84 3.72
C PRO A 46 15.80 -3.02 2.62
N ALA A 47 16.45 -3.16 1.46
CA ALA A 47 16.00 -2.55 0.21
C ALA A 47 14.80 -3.30 -0.37
N ASP A 48 13.70 -3.19 0.33
CA ASP A 48 12.37 -3.74 0.08
C ASP A 48 11.37 -2.79 0.70
N GLY A 49 10.26 -2.50 0.07
CA GLY A 49 9.33 -1.52 0.65
C GLY A 49 9.88 -0.08 0.54
N GLN A 50 10.84 0.12 -0.36
CA GLN A 50 11.44 1.44 -0.58
C GLN A 50 11.26 1.83 -2.03
N ILE A 51 10.06 1.56 -2.46
CA ILE A 51 9.69 1.40 -3.81
C ILE A 51 9.46 2.75 -4.41
N ALA A 52 8.78 3.57 -3.66
CA ALA A 52 8.44 4.97 -4.15
C ALA A 52 9.72 5.85 -4.22
N SER A 53 10.72 5.65 -3.35
CA SER A 53 11.96 6.47 -3.55
C SER A 53 12.95 5.66 -4.39
N ALA A 54 12.55 4.42 -4.67
CA ALA A 54 13.26 3.49 -5.62
C ALA A 54 14.71 3.04 -5.28
N GLY A 55 15.03 3.05 -3.98
CA GLY A 55 16.25 2.43 -3.54
C GLY A 55 16.00 0.91 -3.44
N GLY A 56 14.76 0.51 -3.32
CA GLY A 56 14.36 -0.93 -3.16
C GLY A 56 13.24 -1.54 -4.03
N LEU A 57 13.15 -1.11 -5.27
CA LEU A 57 11.99 -1.47 -6.13
C LEU A 57 12.20 -2.65 -7.04
N PHE A 58 13.38 -3.20 -6.93
CA PHE A 58 13.54 -4.55 -7.44
C PHE A 58 12.89 -5.55 -6.35
N GLY A 59 12.60 -4.97 -5.21
CA GLY A 59 11.88 -5.66 -4.13
C GLY A 59 10.45 -6.02 -4.55
N GLY A 60 9.96 -5.24 -5.52
CA GLY A 60 8.64 -5.39 -6.09
C GLY A 60 8.51 -6.60 -6.98
N ILE A 61 9.68 -6.96 -7.54
CA ILE A 61 9.82 -8.00 -8.59
C ILE A 61 9.93 -9.30 -7.83
N LEU A 62 10.65 -9.23 -6.73
CA LEU A 62 10.88 -10.41 -5.88
C LEU A 62 9.57 -10.95 -5.22
N ASP A 63 8.64 -10.07 -4.86
CA ASP A 63 7.53 -10.46 -4.00
C ASP A 63 6.65 -11.58 -4.53
N GLN A 64 6.71 -11.85 -5.86
CA GLN A 64 5.88 -12.93 -6.45
C GLN A 64 6.38 -14.32 -6.23
N GLN A 65 7.38 -14.39 -5.42
CA GLN A 65 7.80 -15.68 -4.79
C GLN A 65 8.31 -15.42 -3.37
N SER A 66 7.43 -14.90 -2.53
CA SER A 66 7.81 -14.67 -1.12
C SER A 66 6.74 -15.26 -0.09
N GLU A 67 7.11 -15.65 1.10
CA GLU A 67 6.04 -15.92 2.12
C GLU A 67 5.30 -14.60 2.41
N ASN A 68 6.01 -13.48 2.20
CA ASN A 68 5.43 -12.18 2.58
C ASN A 68 4.72 -11.54 1.44
N ARG A 69 4.28 -12.35 0.48
CA ARG A 69 3.59 -11.91 -0.76
C ARG A 69 2.27 -11.28 -0.43
N TRP A 70 2.52 -9.99 -0.53
CA TRP A 70 1.59 -8.89 -0.39
C TRP A 70 0.17 -9.16 -0.87
N PHE A 71 -0.82 -8.70 -0.09
CA PHE A 71 -2.11 -9.29 -0.12
C PHE A 71 -2.87 -8.84 -1.34
N LYS A 72 -3.40 -9.81 -2.08
CA LYS A 72 -4.05 -9.51 -3.34
C LYS A 72 -5.55 -9.41 -3.41
N HIS A 73 -6.15 -8.55 -4.26
CA HIS A 73 -7.63 -8.63 -4.50
C HIS A 73 -7.74 -8.44 -6.08
N ILE A 74 -8.81 -8.95 -6.64
CA ILE A 74 -9.02 -8.72 -8.07
C ILE A 74 -10.13 -7.69 -7.96
N MET A 75 -9.97 -6.52 -8.58
CA MET A 75 -10.79 -5.37 -8.37
C MET A 75 -11.28 -4.79 -9.70
N THR A 76 -12.53 -4.36 -9.75
CA THR A 76 -13.08 -3.64 -10.92
C THR A 76 -12.64 -2.20 -11.07
N GLY A 77 -13.05 -1.65 -12.22
CA GLY A 77 -12.89 -0.23 -12.52
C GLY A 77 -14.00 0.48 -11.73
N GLY A 78 -13.98 1.77 -11.93
CA GLY A 78 -14.96 2.61 -11.43
C GLY A 78 -14.58 3.18 -10.09
N GLU A 79 -15.46 3.86 -9.36
CA GLU A 79 -15.12 4.47 -8.05
C GLU A 79 -15.14 3.47 -6.92
N HIS A 80 -14.14 3.57 -6.06
CA HIS A 80 -13.88 2.59 -4.92
C HIS A 80 -13.51 3.38 -3.72
N THR A 81 -13.62 2.78 -2.56
CA THR A 81 -13.27 3.41 -1.33
C THR A 81 -12.04 2.74 -0.75
N PHE A 82 -11.08 3.60 -0.38
CA PHE A 82 -9.93 3.12 0.33
C PHE A 82 -9.87 3.76 1.68
N THR A 83 -9.97 2.95 2.69
CA THR A 83 -10.08 3.35 4.06
C THR A 83 -9.25 2.55 5.01
N TRP A 84 -8.61 3.27 5.87
CA TRP A 84 -8.00 2.67 7.08
C TRP A 84 -8.75 3.24 8.22
N THR A 85 -8.66 2.60 9.40
CA THR A 85 -9.41 3.01 10.60
C THR A 85 -8.56 2.71 11.80
N TYR A 86 -8.64 3.48 12.89
CA TYR A 86 -7.89 3.14 14.06
C TYR A 86 -8.77 3.59 15.32
N THR A 87 -8.63 2.85 16.41
CA THR A 87 -9.55 3.07 17.49
C THR A 87 -9.33 4.32 18.42
N ALA A 88 -8.32 5.12 18.09
CA ALA A 88 -8.03 6.41 18.75
C ALA A 88 -7.56 7.40 17.71
N PRO A 89 -7.63 8.69 17.98
CA PRO A 89 -6.96 9.59 16.99
C PRO A 89 -5.41 9.43 17.05
N HIS A 90 -4.82 9.92 15.99
CA HIS A 90 -3.34 10.17 16.10
C HIS A 90 -2.83 11.42 15.49
N ASN A 91 -1.76 11.89 16.09
CA ASN A 91 -1.06 13.05 15.52
C ASN A 91 -0.37 12.56 14.27
N THR A 92 -0.66 13.13 13.12
CA THR A 92 -0.16 12.62 11.86
C THR A 92 0.07 13.94 11.14
N SER A 93 1.19 14.06 10.41
CA SER A 93 1.39 15.22 9.60
C SER A 93 0.59 15.12 8.32
N GLN A 94 0.71 13.98 7.65
CA GLN A 94 0.01 13.74 6.36
C GLN A 94 0.01 12.21 6.06
N TRP A 95 -0.62 11.77 5.00
CA TRP A 95 -0.50 10.43 4.43
C TRP A 95 -0.61 10.53 2.96
N HIS A 96 -0.03 9.60 2.26
CA HIS A 96 0.03 9.59 0.80
C HIS A 96 -0.47 8.25 0.27
N TYR A 97 -0.87 8.15 -1.01
CA TYR A 97 -1.04 6.91 -1.79
C TYR A 97 -0.39 7.24 -3.11
N TYR A 98 0.15 6.20 -3.69
CA TYR A 98 0.81 6.27 -4.98
C TYR A 98 0.37 5.02 -5.69
N ILE A 99 0.64 4.91 -6.99
CA ILE A 99 0.43 3.64 -7.79
C ILE A 99 1.71 3.52 -8.66
N THR A 100 1.92 2.29 -9.13
CA THR A 100 3.06 1.98 -9.99
C THR A 100 2.49 1.37 -11.28
N LYS A 101 3.17 1.61 -12.41
CA LYS A 101 2.56 1.18 -13.71
C LYS A 101 3.55 0.29 -14.45
N LYS A 102 3.47 -1.02 -14.29
CA LYS A 102 4.21 -1.95 -15.14
C LYS A 102 3.84 -1.82 -16.62
N GLY A 103 4.63 -2.38 -17.51
CA GLY A 103 4.42 -2.15 -18.95
C GLY A 103 5.20 -0.89 -19.37
N TRP A 104 6.19 -0.57 -18.54
CA TRP A 104 7.15 0.55 -18.79
C TRP A 104 8.15 0.17 -19.90
N ASP A 105 8.75 1.18 -20.49
CA ASP A 105 9.86 1.12 -21.40
C ASP A 105 11.02 0.78 -20.46
N PRO A 106 11.83 -0.26 -20.76
CA PRO A 106 12.96 -0.45 -19.77
C PRO A 106 14.14 0.54 -19.83
N ASP A 107 14.45 1.16 -20.98
CA ASP A 107 15.72 1.85 -21.19
C ASP A 107 15.62 3.24 -20.56
N LYS A 108 14.45 3.47 -19.98
CA LYS A 108 13.87 4.80 -19.63
C LYS A 108 13.65 4.96 -18.08
N PRO A 109 13.39 6.17 -17.52
CA PRO A 109 13.05 6.53 -16.13
C PRO A 109 12.00 5.84 -15.31
N LEU A 110 11.74 4.54 -15.52
CA LEU A 110 10.66 3.83 -14.88
C LEU A 110 10.63 3.97 -13.32
N LYS A 111 11.81 4.18 -12.67
CA LYS A 111 11.87 4.36 -11.16
C LYS A 111 11.30 5.68 -10.72
N ARG A 112 11.12 6.58 -11.68
CA ARG A 112 10.64 7.98 -11.52
C ARG A 112 9.33 8.20 -12.21
N ALA A 113 9.28 8.01 -13.50
CA ALA A 113 8.12 8.38 -14.31
C ALA A 113 6.97 7.36 -14.31
N ASP A 114 7.31 6.13 -14.05
CA ASP A 114 6.35 5.02 -14.10
C ASP A 114 5.90 4.58 -12.76
N PHE A 115 5.88 5.50 -11.79
CA PHE A 115 5.05 5.40 -10.65
C PHE A 115 4.53 6.83 -10.46
N GLU A 116 3.34 6.95 -9.87
CA GLU A 116 2.70 8.20 -9.68
C GLU A 116 2.23 8.38 -8.25
N LEU A 117 2.24 9.65 -7.76
CA LEU A 117 1.39 10.00 -6.64
C LEU A 117 -0.10 9.88 -7.17
N ILE A 118 -1.02 9.29 -6.42
CA ILE A 118 -2.42 9.33 -6.80
C ILE A 118 -3.17 10.25 -5.82
N GLY A 119 -2.56 10.60 -4.66
CA GLY A 119 -3.01 11.71 -3.88
C GLY A 119 -2.25 11.79 -2.61
N ALA A 120 -2.20 12.98 -1.99
CA ALA A 120 -1.83 13.06 -0.61
C ALA A 120 -2.83 13.82 0.21
N VAL A 121 -2.95 13.48 1.47
CA VAL A 121 -3.87 14.06 2.42
C VAL A 121 -3.23 14.57 3.68
N PRO A 122 -3.20 15.92 3.90
CA PRO A 122 -2.75 16.30 5.25
C PRO A 122 -3.72 16.22 6.40
N HIS A 123 -3.16 16.13 7.60
CA HIS A 123 -3.91 16.03 8.82
C HIS A 123 -3.50 17.19 9.70
N ASP A 124 -3.85 18.37 9.16
CA ASP A 124 -3.37 19.74 9.57
C ASP A 124 -4.56 20.64 9.92
N GLY A 125 -5.65 19.99 10.36
CA GLY A 125 -6.83 20.65 10.81
C GLY A 125 -7.76 20.88 9.62
N SER A 126 -7.44 20.16 8.59
CA SER A 126 -8.07 20.17 7.28
C SER A 126 -9.59 20.05 7.20
N PRO A 127 -10.21 20.44 6.06
CA PRO A 127 -11.67 20.25 5.84
C PRO A 127 -12.14 18.78 5.72
N ALA A 128 -13.34 18.55 5.27
CA ALA A 128 -13.91 17.18 5.32
C ALA A 128 -13.05 16.07 4.70
N SER A 129 -12.17 16.46 3.80
CA SER A 129 -11.23 15.51 3.25
C SER A 129 -10.16 15.03 4.25
N ARG A 130 -10.10 15.63 5.39
CA ARG A 130 -9.26 15.15 6.52
C ARG A 130 -9.51 13.70 6.90
N ASN A 131 -10.70 13.17 6.70
CA ASN A 131 -11.05 11.85 7.12
C ASN A 131 -10.29 10.80 6.35
N LEU A 132 -9.93 9.76 7.06
CA LEU A 132 -9.02 8.66 6.63
C LEU A 132 -9.67 7.85 5.47
N SER A 133 -10.96 7.93 5.33
CA SER A 133 -11.65 7.38 4.12
C SER A 133 -11.68 8.26 2.89
N HIS A 134 -11.25 7.74 1.78
CA HIS A 134 -11.30 8.52 0.48
C HIS A 134 -11.76 7.68 -0.69
N HIS A 135 -12.47 8.33 -1.60
CA HIS A 135 -12.97 7.67 -2.82
C HIS A 135 -12.02 7.95 -4.01
N ILE A 136 -11.64 6.91 -4.71
CA ILE A 136 -10.64 6.93 -5.78
C ILE A 136 -11.23 6.19 -7.00
N TYR A 137 -11.35 6.89 -8.10
CA TYR A 137 -11.81 6.34 -9.33
C TYR A 137 -10.66 5.52 -9.92
N ILE A 138 -10.99 4.23 -10.22
CA ILE A 138 -10.12 3.29 -10.87
C ILE A 138 -10.43 3.22 -12.39
N PRO A 139 -9.43 3.36 -13.29
CA PRO A 139 -9.84 3.41 -14.72
C PRO A 139 -10.53 2.12 -15.12
N GLU A 140 -11.35 2.21 -16.16
CA GLU A 140 -12.22 1.17 -16.67
C GLU A 140 -11.82 0.57 -17.98
N ASP A 141 -10.83 1.18 -18.61
CA ASP A 141 -10.59 0.81 -20.01
C ASP A 141 -9.53 -0.29 -20.25
N ARG A 142 -8.73 -0.61 -19.23
CA ARG A 142 -7.78 -1.77 -19.27
C ARG A 142 -7.92 -2.74 -18.18
N LEU A 143 -7.33 -3.93 -18.37
CA LEU A 143 -6.97 -4.82 -17.31
C LEU A 143 -5.42 -4.94 -17.08
N GLY A 144 -5.09 -5.12 -15.80
CA GLY A 144 -3.73 -5.38 -15.43
C GLY A 144 -3.33 -5.25 -13.95
N TYR A 145 -2.24 -5.92 -13.66
CA TYR A 145 -1.68 -5.99 -12.29
C TYR A 145 -1.06 -4.67 -11.88
N HIS A 146 -1.32 -4.25 -10.65
CA HIS A 146 -0.66 -3.08 -10.04
C HIS A 146 -0.38 -3.32 -8.54
N VAL A 147 0.46 -2.45 -7.99
CA VAL A 147 0.65 -2.42 -6.53
C VAL A 147 0.33 -0.94 -6.20
N ILE A 148 -0.53 -0.76 -5.20
CA ILE A 148 -1.01 0.54 -4.66
C ILE A 148 -0.13 0.61 -3.43
N LEU A 149 0.62 1.70 -3.33
CA LEU A 149 1.61 1.86 -2.27
C LEU A 149 1.06 2.99 -1.40
N ALA A 150 1.25 2.90 -0.08
CA ALA A 150 0.95 4.01 0.79
C ALA A 150 1.94 4.20 1.83
N VAL A 151 1.82 5.44 2.36
CA VAL A 151 2.62 5.92 3.55
C VAL A 151 1.68 6.69 4.46
N TRP A 152 1.60 6.32 5.74
CA TRP A 152 0.95 7.16 6.78
C TRP A 152 2.07 7.73 7.68
N ASP A 153 2.34 9.02 7.46
CA ASP A 153 3.40 9.75 8.22
C ASP A 153 2.80 10.09 9.56
N VAL A 154 2.65 9.09 10.40
CA VAL A 154 2.29 9.19 11.81
C VAL A 154 3.37 9.95 12.67
N ALA A 155 2.99 11.09 13.24
CA ALA A 155 3.89 11.94 13.98
C ALA A 155 3.87 11.46 15.46
N ASP A 156 2.86 10.80 15.95
CA ASP A 156 2.89 10.18 17.28
C ASP A 156 4.00 9.18 17.63
N THR A 157 4.76 8.84 16.62
CA THR A 157 5.84 7.82 16.71
C THR A 157 6.97 8.47 15.98
N GLU A 158 8.17 7.89 16.19
CA GLU A 158 9.40 8.34 15.47
C GLU A 158 9.39 7.80 14.02
N ASN A 159 8.99 6.55 13.84
CA ASN A 159 8.95 5.93 12.51
C ASN A 159 7.62 6.42 11.88
N ALA A 160 7.46 6.17 10.59
CA ALA A 160 6.26 6.38 9.74
C ALA A 160 5.91 4.99 9.31
N PHE A 161 4.63 4.80 9.02
CA PHE A 161 4.09 3.49 8.61
C PHE A 161 4.01 3.47 7.11
N TYR A 162 4.15 2.32 6.45
CA TYR A 162 3.98 2.25 5.04
C TYR A 162 3.26 0.95 4.80
N GLN A 163 2.62 0.67 3.62
CA GLN A 163 1.79 -0.53 3.40
C GLN A 163 1.69 -0.62 1.93
N VAL A 164 1.67 -1.84 1.40
CA VAL A 164 1.28 -1.99 0.03
C VAL A 164 0.12 -2.93 -0.18
N ILE A 165 -0.58 -2.73 -1.26
CA ILE A 165 -1.81 -3.50 -1.63
C ILE A 165 -1.42 -4.02 -2.99
N ASP A 166 -1.35 -5.33 -3.15
CA ASP A 166 -1.18 -5.94 -4.49
C ASP A 166 -2.59 -6.00 -5.11
N VAL A 167 -2.79 -5.47 -6.34
CA VAL A 167 -4.09 -5.58 -7.03
C VAL A 167 -4.02 -6.04 -8.49
N ASP A 168 -5.14 -6.60 -8.92
CA ASP A 168 -5.36 -6.90 -10.36
C ASP A 168 -6.60 -6.11 -10.76
N LEU A 169 -6.32 -4.95 -11.38
CA LEU A 169 -7.36 -3.97 -11.62
C LEU A 169 -7.89 -4.41 -13.01
N VAL A 170 -9.18 -4.73 -13.21
CA VAL A 170 -9.71 -5.20 -14.51
C VAL A 170 -10.68 -4.31 -15.23
N ASN A 171 -10.87 -4.54 -16.50
CA ASN A 171 -11.59 -3.66 -17.37
C ASN A 171 -13.07 -3.98 -17.26
N LYS A 172 -13.94 -3.06 -17.74
CA LYS A 172 -15.41 -3.28 -17.69
C LYS A 172 -15.79 -4.33 -18.77
CU CU1 B . -0.42 4.43 15.83
N HIS A 1 -1.26 1.66 12.62
CA HIS A 1 -1.70 0.34 12.10
C HIS A 1 -3.23 0.07 12.32
N GLY A 2 -3.91 -0.38 11.25
CA GLY A 2 -5.36 -0.49 11.36
C GLY A 2 -5.97 -1.51 10.44
N PHE A 3 -7.28 -1.71 10.45
CA PHE A 3 -7.84 -2.85 9.72
C PHE A 3 -8.91 -2.48 8.74
N ILE A 4 -9.12 -3.25 7.66
CA ILE A 4 -10.02 -2.89 6.53
C ILE A 4 -11.44 -2.95 6.95
N GLU A 5 -12.19 -1.89 6.80
CA GLU A 5 -13.55 -1.86 7.30
C GLU A 5 -14.52 -2.10 6.13
N LYS A 6 -13.95 -2.52 4.98
CA LYS A 6 -14.49 -2.99 3.72
C LYS A 6 -14.80 -1.84 2.74
N PRO A 7 -14.89 -2.09 1.41
CA PRO A 7 -14.81 -3.33 0.62
C PRO A 7 -13.48 -3.95 0.62
N GLY A 8 -13.54 -5.22 0.71
CA GLY A 8 -12.38 -6.10 0.42
C GLY A 8 -11.52 -6.40 1.67
N SER A 9 -12.02 -7.16 2.62
CA SER A 9 -11.24 -7.61 3.79
C SER A 9 -10.22 -8.61 3.32
N ARG A 10 -9.01 -8.46 3.87
CA ARG A 10 -7.87 -9.35 3.53
C ARG A 10 -7.93 -10.44 4.62
N ALA A 11 -8.60 -10.20 5.75
CA ALA A 11 -8.83 -11.21 6.80
C ALA A 11 -9.77 -12.33 6.34
N ALA A 12 -10.71 -11.92 5.49
CA ALA A 12 -11.63 -12.83 4.87
C ALA A 12 -10.88 -13.86 4.06
N LEU A 13 -9.82 -13.36 3.43
CA LEU A 13 -9.07 -14.16 2.49
C LEU A 13 -7.99 -14.99 3.26
N CYS A 14 -7.74 -14.59 4.51
CA CYS A 14 -6.80 -15.18 5.40
C CYS A 14 -7.30 -16.47 6.09
N SER A 15 -8.57 -16.81 6.01
CA SER A 15 -9.18 -17.96 6.65
C SER A 15 -8.33 -19.24 6.33
N GLU A 16 -8.10 -20.05 7.35
CA GLU A 16 -7.34 -21.30 7.33
C GLU A 16 -8.10 -22.39 6.46
N ALA A 17 -9.40 -22.21 6.26
CA ALA A 17 -10.15 -23.13 5.36
C ALA A 17 -9.66 -23.15 3.88
N PHE A 18 -8.86 -22.19 3.49
CA PHE A 18 -8.13 -22.25 2.27
C PHE A 18 -7.29 -23.52 2.11
N GLY A 19 -6.92 -24.20 3.20
CA GLY A 19 -6.18 -25.45 3.06
C GLY A 19 -5.34 -25.97 4.22
N PHE A 20 -5.62 -25.45 5.40
CA PHE A 20 -4.87 -25.90 6.63
C PHE A 20 -3.33 -25.81 6.56
N LEU A 21 -2.79 -24.98 5.65
CA LEU A 21 -1.36 -24.91 5.44
C LEU A 21 -0.77 -23.96 6.45
N ASN A 22 -1.45 -22.90 6.82
CA ASN A 22 -0.98 -21.92 7.78
C ASN A 22 -1.85 -21.99 9.00
N LEU A 23 -1.52 -21.22 10.01
CA LEU A 23 -2.47 -21.02 11.18
C LEU A 23 -3.69 -20.20 10.83
N ASN A 24 -4.62 -20.13 11.77
CA ASN A 24 -5.93 -19.40 11.69
C ASN A 24 -5.98 -18.06 10.95
N CYS A 25 -4.90 -17.29 11.10
CA CYS A 25 -4.46 -16.35 10.08
C CYS A 25 -2.93 -16.23 10.04
N GLY A 26 -2.25 -16.58 11.15
CA GLY A 26 -0.82 -16.44 11.26
C GLY A 26 -0.57 -15.10 11.89
N SER A 27 0.11 -15.08 13.05
CA SER A 27 0.23 -13.95 13.94
C SER A 27 0.81 -12.56 13.48
N VAL A 28 1.35 -12.41 12.24
CA VAL A 28 1.67 -11.11 11.64
C VAL A 28 0.43 -10.24 11.47
N MET A 29 -0.72 -10.84 11.61
CA MET A 29 -2.10 -10.25 11.65
C MET A 29 -2.41 -9.10 12.67
N TYR A 30 -1.51 -8.92 13.61
CA TYR A 30 -1.56 -7.75 14.50
C TYR A 30 -1.33 -6.45 13.68
N GLU A 31 -0.44 -6.54 12.71
CA GLU A 31 -0.04 -5.41 11.86
C GLU A 31 0.32 -5.83 10.45
N PRO A 32 -0.63 -6.42 9.72
CA PRO A 32 -0.03 -7.10 8.57
C PRO A 32 0.35 -6.20 7.39
N GLN A 33 -0.26 -5.03 7.30
CA GLN A 33 0.04 -4.06 6.28
C GLN A 33 1.33 -3.31 6.60
N SER A 34 1.78 -3.40 7.86
CA SER A 34 2.74 -2.41 8.33
C SER A 34 4.14 -2.65 7.71
N LEU A 35 4.67 -1.74 6.94
CA LEU A 35 6.07 -1.69 6.63
C LEU A 35 6.54 -0.32 7.19
N GLU A 36 7.76 -0.25 7.68
CA GLU A 36 8.24 0.97 8.32
C GLU A 36 9.68 1.20 7.86
N ALA A 37 10.07 2.46 7.97
CA ALA A 37 11.39 2.98 7.62
C ALA A 37 11.75 3.94 8.75
N LYS A 38 13.00 4.22 9.03
CA LYS A 38 13.36 5.35 9.90
C LYS A 38 14.50 6.17 9.28
N LYS A 39 14.61 7.42 9.67
CA LYS A 39 15.74 8.31 9.24
C LYS A 39 17.08 8.04 9.96
N GLY A 40 18.19 8.43 9.37
CA GLY A 40 19.49 8.15 9.96
C GLY A 40 20.49 8.25 8.79
N PHE A 41 21.76 8.37 9.16
CA PHE A 41 22.93 8.43 8.33
C PHE A 41 24.12 7.62 8.88
N PRO A 42 25.08 7.20 8.01
CA PRO A 42 25.20 7.36 6.55
C PRO A 42 24.14 6.58 5.74
N HIS A 43 23.61 5.42 6.22
CA HIS A 43 22.65 4.63 5.43
C HIS A 43 21.39 4.24 6.21
N SER A 44 21.26 4.87 7.39
CA SER A 44 20.30 4.51 8.38
C SER A 44 20.54 3.13 8.85
N GLY A 45 19.51 2.35 9.22
CA GLY A 45 19.74 0.92 9.45
C GLY A 45 20.18 0.13 8.20
N PRO A 46 20.05 -1.21 8.30
CA PRO A 46 20.23 -2.10 7.17
C PRO A 46 19.13 -1.95 6.09
N ALA A 47 19.32 -2.56 4.93
CA ALA A 47 18.50 -2.38 3.75
C ALA A 47 17.03 -2.92 3.88
N ASP A 48 16.17 -2.17 4.53
CA ASP A 48 14.76 -2.49 4.54
C ASP A 48 14.25 -1.07 4.58
N GLY A 49 13.03 -0.84 4.18
CA GLY A 49 12.52 0.52 4.09
C GLY A 49 13.20 1.25 2.92
N GLN A 50 13.44 0.51 1.83
CA GLN A 50 14.08 1.00 0.61
C GLN A 50 12.97 1.37 -0.41
N ILE A 51 11.79 1.60 0.07
CA ILE A 51 10.60 1.67 -0.80
C ILE A 51 10.63 3.00 -1.55
N ALA A 52 10.92 4.14 -0.89
CA ALA A 52 11.00 5.44 -1.53
C ALA A 52 12.18 5.47 -2.56
N SER A 53 13.23 4.69 -2.26
CA SER A 53 14.28 4.52 -3.22
C SER A 53 14.03 3.47 -4.32
N ALA A 54 12.79 2.94 -4.36
CA ALA A 54 12.39 1.79 -5.12
C ALA A 54 13.26 0.57 -4.98
N GLY A 55 14.21 0.47 -4.08
CA GLY A 55 15.01 -0.76 -3.98
C GLY A 55 14.09 -1.94 -3.65
N GLY A 56 13.13 -1.66 -2.75
CA GLY A 56 12.24 -2.71 -2.33
C GLY A 56 11.12 -3.05 -3.36
N LEU A 57 11.09 -2.32 -4.46
CA LEU A 57 10.09 -2.51 -5.51
C LEU A 57 10.67 -3.08 -6.84
N PHE A 58 11.95 -2.87 -7.07
CA PHE A 58 12.68 -3.70 -8.07
C PHE A 58 12.83 -5.09 -7.47
N GLY A 59 13.05 -5.14 -6.15
CA GLY A 59 13.03 -6.39 -5.44
C GLY A 59 11.66 -6.99 -5.25
N GLY A 60 10.62 -6.21 -5.42
CA GLY A 60 9.26 -6.70 -5.34
C GLY A 60 8.89 -7.59 -6.52
N ILE A 61 9.75 -7.48 -7.59
CA ILE A 61 9.57 -8.34 -8.81
C ILE A 61 10.11 -9.70 -8.46
N LEU A 62 11.15 -9.82 -7.63
CA LEU A 62 11.69 -11.14 -7.29
C LEU A 62 10.70 -11.82 -6.29
N ASP A 63 9.94 -10.95 -5.62
CA ASP A 63 8.95 -11.44 -4.63
C ASP A 63 7.73 -12.08 -5.28
N GLN A 64 7.60 -11.99 -6.62
CA GLN A 64 6.52 -12.56 -7.37
C GLN A 64 6.66 -14.03 -7.58
N GLN A 65 7.67 -14.61 -6.87
CA GLN A 65 8.09 -16.01 -7.00
C GLN A 65 8.19 -16.57 -5.59
N SER A 66 7.33 -16.13 -4.67
CA SER A 66 7.47 -16.30 -3.24
C SER A 66 6.11 -16.55 -2.56
N GLU A 67 6.13 -17.17 -1.37
CA GLU A 67 4.91 -17.35 -0.52
C GLU A 67 4.35 -15.98 -0.13
N ASN A 68 5.24 -14.97 -0.13
CA ASN A 68 5.02 -13.58 0.30
C ASN A 68 4.59 -12.76 -0.93
N ARG A 69 4.21 -13.46 -2.01
CA ARG A 69 3.52 -12.84 -3.16
C ARG A 69 2.11 -12.66 -2.67
N TRP A 70 1.99 -11.41 -2.31
CA TRP A 70 0.74 -10.70 -2.03
C TRP A 70 -0.36 -10.94 -3.08
N PHE A 71 -1.65 -11.00 -2.73
CA PHE A 71 -2.63 -11.36 -3.76
C PHE A 71 -2.97 -10.13 -4.64
N LYS A 72 -3.27 -10.33 -5.91
CA LYS A 72 -3.79 -9.27 -6.80
C LYS A 72 -5.31 -9.21 -6.61
N HIS A 73 -5.80 -8.26 -5.85
CA HIS A 73 -7.26 -8.20 -5.55
C HIS A 73 -7.95 -7.73 -6.83
N ILE A 74 -8.84 -8.58 -7.35
CA ILE A 74 -9.51 -8.38 -8.59
C ILE A 74 -10.62 -7.47 -8.27
N MET A 75 -10.79 -6.40 -9.03
CA MET A 75 -11.89 -5.47 -8.80
C MET A 75 -12.32 -4.88 -10.19
N THR A 76 -13.62 -4.83 -10.46
CA THR A 76 -14.15 -4.32 -11.75
C THR A 76 -14.09 -2.78 -11.61
N GLY A 77 -13.92 -2.15 -12.74
CA GLY A 77 -13.86 -0.66 -12.72
C GLY A 77 -15.09 0.14 -12.32
N GLY A 78 -14.83 1.43 -12.01
CA GLY A 78 -15.86 2.35 -11.59
C GLY A 78 -15.33 3.05 -10.37
N GLU A 79 -16.16 3.92 -9.81
CA GLU A 79 -15.69 4.63 -8.58
C GLU A 79 -15.94 3.69 -7.41
N HIS A 80 -15.13 3.82 -6.35
CA HIS A 80 -15.14 3.00 -5.13
C HIS A 80 -15.00 3.96 -3.98
N THR A 81 -15.49 3.59 -2.83
CA THR A 81 -15.18 4.22 -1.57
C THR A 81 -14.52 3.11 -0.78
N PHE A 82 -13.39 3.43 -0.20
CA PHE A 82 -12.62 2.48 0.59
C PHE A 82 -12.61 2.98 2.00
N THR A 83 -12.72 2.02 2.90
CA THR A 83 -12.92 2.31 4.31
C THR A 83 -12.09 1.38 5.22
N TRP A 84 -11.38 2.00 6.13
CA TRP A 84 -10.42 1.39 7.06
C TRP A 84 -10.82 1.98 8.36
N THR A 85 -10.39 1.38 9.46
CA THR A 85 -10.27 2.05 10.74
C THR A 85 -8.95 1.78 11.38
N TYR A 86 -8.33 2.77 12.00
CA TYR A 86 -7.20 2.57 12.95
C TYR A 86 -7.79 2.15 14.28
N THR A 87 -7.02 1.43 15.10
CA THR A 87 -7.60 0.74 16.23
C THR A 87 -7.54 1.69 17.42
N ALA A 88 -6.66 2.65 17.29
CA ALA A 88 -6.57 3.68 18.37
C ALA A 88 -6.11 5.01 17.75
N PRO A 89 -6.69 6.18 18.17
CA PRO A 89 -6.17 7.41 17.57
C PRO A 89 -4.63 7.61 17.93
N HIS A 90 -3.89 7.89 16.90
CA HIS A 90 -2.47 8.21 16.96
C HIS A 90 -2.21 9.12 15.70
N ASN A 91 -1.10 9.90 15.70
CA ASN A 91 -0.94 11.09 14.88
C ASN A 91 -0.50 10.86 13.45
N THR A 92 -0.72 11.85 12.63
CA THR A 92 -0.33 11.79 11.20
C THR A 92 -0.14 13.19 10.75
N SER A 93 0.94 13.47 10.01
CA SER A 93 1.20 14.83 9.52
C SER A 93 0.55 14.92 8.15
N GLN A 94 0.68 13.89 7.34
CA GLN A 94 -0.03 13.82 6.06
C GLN A 94 -0.01 12.34 5.67
N TRP A 95 -0.72 11.95 4.61
CA TRP A 95 -0.54 10.62 4.02
C TRP A 95 -0.67 10.57 2.48
N HIS A 96 0.01 9.60 1.87
CA HIS A 96 0.21 9.57 0.43
C HIS A 96 -0.19 8.24 -0.13
N TYR A 97 -0.79 8.16 -1.32
CA TYR A 97 -0.96 6.89 -2.00
C TYR A 97 -0.25 6.99 -3.33
N TYR A 98 0.37 5.94 -3.82
CA TYR A 98 1.11 5.95 -5.04
C TYR A 98 0.67 4.67 -5.82
N ILE A 99 1.02 4.59 -7.06
CA ILE A 99 0.83 3.39 -7.92
C ILE A 99 2.19 3.13 -8.57
N THR A 100 2.56 1.87 -8.84
CA THR A 100 3.75 1.55 -9.64
C THR A 100 3.44 1.76 -11.08
N LYS A 101 4.46 2.02 -11.89
CA LYS A 101 4.30 2.21 -13.34
C LYS A 101 5.43 1.70 -14.24
N LYS A 102 5.35 0.40 -14.46
CA LYS A 102 6.15 -0.24 -15.50
C LYS A 102 6.12 0.45 -16.84
N GLY A 103 7.17 0.16 -17.60
CA GLY A 103 7.10 0.56 -19.03
C GLY A 103 7.51 1.99 -19.23
N TRP A 104 8.43 2.45 -18.43
CA TRP A 104 8.76 3.87 -18.39
C TRP A 104 9.29 4.46 -19.69
N ASP A 105 9.21 5.76 -19.85
CA ASP A 105 10.00 6.45 -20.87
C ASP A 105 11.43 6.51 -20.35
N PRO A 106 12.44 6.19 -21.21
CA PRO A 106 13.77 6.11 -20.59
C PRO A 106 14.42 7.35 -20.03
N ASP A 107 14.12 8.53 -20.51
CA ASP A 107 14.94 9.65 -20.08
C ASP A 107 14.41 10.24 -18.77
N LYS A 108 13.28 9.69 -18.43
CA LYS A 108 12.57 10.00 -17.17
C LYS A 108 13.38 9.50 -15.94
N PRO A 109 13.14 10.08 -14.74
CA PRO A 109 13.83 9.71 -13.48
C PRO A 109 13.60 8.37 -12.77
N LEU A 110 13.68 7.32 -13.52
CA LEU A 110 13.53 5.90 -13.26
C LEU A 110 13.26 5.43 -11.80
N LYS A 111 14.16 5.58 -10.81
CA LYS A 111 13.81 5.06 -9.53
C LYS A 111 12.72 5.88 -8.76
N ARG A 112 12.38 7.04 -9.31
CA ARG A 112 11.20 7.81 -8.95
C ARG A 112 10.11 7.58 -10.00
N ALA A 113 10.38 7.81 -11.29
CA ALA A 113 9.48 7.61 -12.41
C ALA A 113 8.72 6.22 -12.48
N ASP A 114 9.27 5.17 -11.88
CA ASP A 114 8.63 3.84 -11.90
C ASP A 114 7.58 3.76 -10.78
N PHE A 115 7.27 4.85 -10.11
CA PHE A 115 6.03 4.97 -9.36
C PHE A 115 5.48 6.38 -9.53
N GLU A 116 4.22 6.59 -9.28
CA GLU A 116 3.52 7.85 -9.61
C GLU A 116 2.53 8.07 -8.50
N LEU A 117 2.47 9.30 -8.02
CA LEU A 117 1.49 9.76 -7.02
C LEU A 117 0.07 9.71 -7.56
N ILE A 118 -0.89 9.15 -6.82
CA ILE A 118 -2.28 9.12 -7.29
C ILE A 118 -3.04 10.05 -6.38
N GLY A 119 -2.52 10.40 -5.24
CA GLY A 119 -3.17 11.30 -4.32
C GLY A 119 -2.45 11.45 -2.99
N ALA A 120 -2.67 12.55 -2.35
CA ALA A 120 -2.04 12.85 -1.09
C ALA A 120 -3.05 13.68 -0.26
N VAL A 121 -3.11 13.36 1.01
CA VAL A 121 -4.13 13.86 1.92
C VAL A 121 -3.47 14.47 3.19
N PRO A 122 -3.46 15.82 3.34
CA PRO A 122 -2.77 16.25 4.54
C PRO A 122 -3.54 16.06 5.82
N HIS A 123 -2.84 16.15 6.92
CA HIS A 123 -3.49 15.99 8.20
C HIS A 123 -3.08 16.90 9.34
N ASP A 124 -2.18 17.82 9.02
CA ASP A 124 -1.65 18.74 10.05
C ASP A 124 -2.57 19.99 10.07
N GLY A 125 -3.23 20.24 8.92
CA GLY A 125 -4.48 21.00 8.85
C GLY A 125 -5.09 20.13 7.74
N SER A 126 -6.40 20.14 7.52
CA SER A 126 -6.93 19.26 6.51
C SER A 126 -8.27 19.76 5.92
N PRO A 127 -8.54 19.48 4.65
CA PRO A 127 -9.89 19.79 4.24
C PRO A 127 -10.90 18.78 4.82
N ALA A 128 -12.18 18.92 4.50
CA ALA A 128 -13.11 17.82 4.87
C ALA A 128 -12.74 16.42 4.34
N SER A 129 -11.85 16.34 3.35
CA SER A 129 -11.21 15.09 2.90
C SER A 129 -10.29 14.39 3.95
N ARG A 130 -10.22 14.92 5.17
CA ARG A 130 -9.60 14.34 6.34
C ARG A 130 -10.15 12.97 6.75
N ASN A 131 -11.43 12.70 6.55
CA ASN A 131 -11.98 11.39 6.78
C ASN A 131 -11.18 10.26 6.15
N LEU A 132 -10.89 9.24 6.93
CA LEU A 132 -10.13 8.10 6.47
C LEU A 132 -10.86 7.26 5.36
N SER A 133 -12.16 7.26 5.41
CA SER A 133 -12.93 6.77 4.27
C SER A 133 -12.78 7.73 3.03
N HIS A 134 -12.51 7.17 1.88
CA HIS A 134 -12.08 7.99 0.69
C HIS A 134 -12.44 7.31 -0.59
N HIS A 135 -12.46 8.12 -1.66
CA HIS A 135 -12.94 7.69 -2.98
C HIS A 135 -11.89 7.62 -4.01
N ILE A 136 -11.84 6.63 -4.82
CA ILE A 136 -10.92 6.52 -5.99
C ILE A 136 -11.83 6.11 -7.12
N TYR A 137 -11.68 6.77 -8.22
CA TYR A 137 -12.37 6.43 -9.46
C TYR A 137 -11.33 5.66 -10.33
N ILE A 138 -11.76 4.56 -10.88
CA ILE A 138 -10.85 3.75 -11.74
C ILE A 138 -11.64 3.65 -13.00
N PRO A 139 -11.25 4.28 -14.09
CA PRO A 139 -12.13 4.11 -15.25
C PRO A 139 -12.06 2.69 -15.74
N GLU A 140 -13.11 2.17 -16.32
CA GLU A 140 -13.09 0.81 -16.83
C GLU A 140 -12.68 0.88 -18.29
N ASP A 141 -11.65 1.62 -18.67
CA ASP A 141 -11.19 1.79 -20.04
C ASP A 141 -10.46 0.59 -20.64
N ARG A 142 -10.03 -0.36 -19.78
CA ARG A 142 -9.29 -1.50 -20.16
C ARG A 142 -9.35 -2.41 -18.93
N LEU A 143 -8.91 -3.70 -19.07
CA LEU A 143 -8.57 -4.57 -17.93
C LEU A 143 -7.10 -4.41 -17.87
N GLY A 144 -6.47 -4.57 -16.72
CA GLY A 144 -5.08 -4.25 -16.60
C GLY A 144 -4.67 -4.11 -15.14
N TYR A 145 -3.39 -4.12 -14.82
CA TYR A 145 -2.87 -4.10 -13.43
C TYR A 145 -1.65 -3.27 -13.17
N HIS A 146 -1.47 -2.89 -11.91
CA HIS A 146 -0.31 -2.25 -11.34
C HIS A 146 -0.49 -2.59 -9.85
N VAL A 147 0.46 -2.21 -9.02
CA VAL A 147 0.32 -2.22 -7.57
C VAL A 147 -0.06 -0.83 -7.03
N ILE A 148 -0.86 -0.75 -5.93
CA ILE A 148 -1.15 0.48 -5.30
C ILE A 148 -0.42 0.47 -3.96
N LEU A 149 0.33 1.53 -3.73
CA LEU A 149 1.31 1.62 -2.64
C LEU A 149 0.82 2.71 -1.69
N ALA A 150 1.15 2.70 -0.42
CA ALA A 150 0.81 3.85 0.37
C ALA A 150 1.86 4.25 1.41
N VAL A 151 1.92 5.51 1.79
CA VAL A 151 2.85 6.05 2.77
C VAL A 151 2.14 6.95 3.82
N TRP A 152 2.42 6.82 5.12
CA TRP A 152 2.03 7.68 6.19
C TRP A 152 3.30 8.30 6.78
N ASP A 153 3.20 9.61 7.06
CA ASP A 153 4.25 10.44 7.69
C ASP A 153 3.59 10.89 9.00
N VAL A 154 4.45 10.98 10.00
CA VAL A 154 3.97 11.31 11.35
C VAL A 154 5.05 12.17 11.97
N ALA A 155 4.75 13.45 12.23
CA ALA A 155 5.76 14.43 12.55
C ALA A 155 6.39 14.27 13.93
N ASP A 156 5.72 13.44 14.75
CA ASP A 156 6.17 13.12 16.11
C ASP A 156 7.38 12.23 16.09
N THR A 157 7.45 11.52 14.96
CA THR A 157 8.42 10.36 14.87
C THR A 157 9.45 10.58 13.72
N GLU A 158 10.50 9.77 13.77
CA GLU A 158 11.60 9.78 12.84
C GLU A 158 11.37 8.61 11.83
N ASN A 159 10.38 7.80 12.18
CA ASN A 159 9.86 6.69 11.41
C ASN A 159 8.93 7.13 10.30
N ALA A 160 8.69 6.35 9.26
CA ALA A 160 7.73 6.64 8.20
C ALA A 160 7.12 5.22 8.02
N PHE A 161 5.85 5.16 7.66
CA PHE A 161 5.04 3.93 7.72
C PHE A 161 4.43 3.70 6.33
N TYR A 162 4.43 2.41 5.92
CA TYR A 162 4.15 2.09 4.51
C TYR A 162 3.27 0.87 4.40
N GLN A 163 2.61 0.70 3.28
CA GLN A 163 1.93 -0.56 2.87
C GLN A 163 1.94 -0.75 1.38
N VAL A 164 1.70 -1.97 0.97
CA VAL A 164 1.63 -2.30 -0.46
C VAL A 164 0.38 -3.23 -0.63
N ILE A 165 -0.49 -2.91 -1.62
CA ILE A 165 -1.63 -3.77 -1.95
C ILE A 165 -1.56 -4.04 -3.44
N ASP A 166 -1.46 -5.31 -3.81
CA ASP A 166 -1.36 -5.63 -5.23
C ASP A 166 -2.81 -5.87 -5.76
N VAL A 167 -3.11 -5.50 -7.02
CA VAL A 167 -4.43 -5.44 -7.64
C VAL A 167 -4.44 -5.87 -9.08
N ASP A 168 -5.64 -6.15 -9.55
CA ASP A 168 -6.02 -6.49 -10.94
C ASP A 168 -7.32 -5.80 -11.31
N LEU A 169 -7.33 -4.78 -12.16
CA LEU A 169 -8.47 -3.82 -12.25
C LEU A 169 -9.04 -4.11 -13.63
N VAL A 170 -10.26 -4.58 -13.64
CA VAL A 170 -10.72 -5.34 -14.78
C VAL A 170 -11.98 -4.79 -15.40
N ASN A 171 -12.31 -5.29 -16.57
CA ASN A 171 -13.63 -5.03 -17.13
C ASN A 171 -14.61 -5.94 -16.44
N LYS A 172 -15.87 -5.47 -16.45
CA LYS A 172 -16.90 -6.24 -15.76
C LYS A 172 -17.25 -7.43 -16.66
CU CU1 B . -0.98 2.14 14.81
N HIS A 1 -0.89 2.55 14.64
CA HIS A 1 -1.35 1.15 14.34
C HIS A 1 -2.63 1.10 13.48
N GLY A 2 -2.65 0.27 12.43
CA GLY A 2 -3.75 0.39 11.55
C GLY A 2 -3.85 -0.63 10.45
N PHE A 3 -4.99 -0.73 9.78
CA PHE A 3 -5.14 -1.72 8.74
C PHE A 3 -6.10 -1.13 7.71
N ILE A 4 -6.27 -1.84 6.59
CA ILE A 4 -7.22 -1.46 5.55
C ILE A 4 -8.37 -2.42 5.77
N GLU A 5 -9.53 -1.86 6.00
CA GLU A 5 -10.80 -2.51 6.30
C GLU A 5 -11.54 -2.95 5.09
N LYS A 6 -11.56 -2.09 4.08
CA LYS A 6 -12.19 -2.37 2.76
C LYS A 6 -11.44 -1.54 1.74
N PRO A 7 -11.41 -1.91 0.44
CA PRO A 7 -12.07 -3.00 -0.27
C PRO A 7 -11.72 -4.42 0.19
N GLY A 8 -12.71 -5.28 0.26
CA GLY A 8 -12.56 -6.69 0.57
C GLY A 8 -12.39 -7.00 2.06
N SER A 9 -12.18 -8.26 2.34
CA SER A 9 -11.89 -8.78 3.67
C SER A 9 -10.57 -9.54 3.59
N ARG A 10 -9.53 -8.89 4.07
CA ARG A 10 -8.26 -9.55 4.31
C ARG A 10 -8.37 -10.71 5.29
N ALA A 11 -9.37 -10.61 6.18
CA ALA A 11 -9.60 -11.63 7.18
C ALA A 11 -10.01 -12.94 6.53
N ALA A 12 -10.72 -12.82 5.39
CA ALA A 12 -11.17 -14.03 4.68
C ALA A 12 -9.97 -14.72 4.09
N LEU A 13 -9.05 -13.99 3.51
CA LEU A 13 -7.81 -14.45 2.85
C LEU A 13 -6.83 -15.01 3.92
N CYS A 14 -7.09 -14.66 5.18
CA CYS A 14 -6.25 -15.07 6.26
C CYS A 14 -6.74 -16.46 6.77
N SER A 15 -8.01 -16.73 6.44
CA SER A 15 -8.70 -17.90 6.91
C SER A 15 -8.30 -19.13 6.06
N GLU A 16 -7.76 -20.18 6.59
CA GLU A 16 -7.36 -21.32 5.77
C GLU A 16 -8.59 -21.94 5.21
N ALA A 17 -9.74 -21.85 5.91
CA ALA A 17 -10.99 -22.38 5.48
C ALA A 17 -11.59 -21.73 4.23
N PHE A 18 -11.31 -20.47 4.02
CA PHE A 18 -11.79 -19.78 2.83
C PHE A 18 -11.03 -20.29 1.63
N GLY A 19 -9.86 -20.85 1.82
CA GLY A 19 -9.12 -21.51 0.75
C GLY A 19 -8.98 -22.98 1.05
N PHE A 20 -9.96 -23.47 1.81
CA PHE A 20 -10.14 -24.83 2.32
C PHE A 20 -9.05 -25.40 3.22
N LEU A 21 -7.80 -25.31 2.74
CA LEU A 21 -6.65 -25.67 3.53
C LEU A 21 -5.61 -24.54 3.67
N ASN A 22 -5.84 -23.54 2.88
CA ASN A 22 -4.83 -22.63 2.41
C ASN A 22 -5.10 -21.14 2.59
N LEU A 23 -4.06 -20.31 2.60
CA LEU A 23 -4.16 -18.87 2.92
C LEU A 23 -3.01 -18.13 2.29
N ASN A 24 -3.26 -16.87 2.13
CA ASN A 24 -2.38 -15.97 1.41
C ASN A 24 -2.29 -14.60 1.96
N CYS A 25 -2.47 -14.56 3.28
CA CYS A 25 -2.46 -13.28 3.98
C CYS A 25 -1.08 -12.65 4.08
N GLY A 26 -0.04 -13.45 3.93
CA GLY A 26 1.34 -12.97 4.19
C GLY A 26 1.57 -13.30 5.61
N SER A 27 2.77 -13.78 5.87
CA SER A 27 3.22 -14.07 7.28
C SER A 27 3.16 -12.91 8.19
N VAL A 28 2.88 -11.80 7.58
CA VAL A 28 2.64 -10.49 8.19
C VAL A 28 1.47 -10.59 9.17
N MET A 29 0.51 -11.45 8.91
CA MET A 29 -0.58 -11.65 9.86
C MET A 29 -0.26 -12.14 11.27
N TYR A 30 0.99 -12.35 11.59
CA TYR A 30 1.46 -12.53 12.95
C TYR A 30 1.31 -11.25 13.76
N GLU A 31 1.63 -10.10 13.12
CA GLU A 31 1.52 -8.75 13.73
C GLU A 31 1.00 -7.68 12.80
N PRO A 32 -0.16 -7.81 12.19
CA PRO A 32 -0.48 -6.89 11.10
C PRO A 32 -0.80 -5.45 11.38
N GLN A 33 -1.21 -5.08 12.61
CA GLN A 33 -1.40 -3.63 12.86
C GLN A 33 -0.17 -2.97 13.47
N SER A 34 0.87 -3.79 13.74
CA SER A 34 2.07 -3.24 14.36
C SER A 34 2.92 -2.51 13.35
N LEU A 35 2.61 -1.23 13.17
CA LEU A 35 3.14 -0.48 12.07
C LEU A 35 4.17 0.49 12.61
N GLU A 36 5.39 0.10 12.91
CA GLU A 36 6.46 1.04 13.29
C GLU A 36 7.78 0.72 12.74
N ALA A 37 8.46 1.72 12.24
CA ALA A 37 9.87 1.73 11.86
C ALA A 37 10.31 3.18 12.08
N LYS A 38 11.59 3.46 12.10
CA LYS A 38 12.05 4.84 12.04
C LYS A 38 12.10 5.25 10.63
N LYS A 39 11.81 6.54 10.35
CA LYS A 39 12.01 7.17 9.06
C LYS A 39 13.45 7.10 8.64
N GLY A 40 13.66 7.00 7.31
CA GLY A 40 14.93 6.94 6.67
C GLY A 40 15.19 8.18 5.86
N PHE A 41 16.06 7.92 4.92
CA PHE A 41 16.57 8.83 3.91
C PHE A 41 16.37 8.06 2.58
N PRO A 42 16.52 8.72 1.43
CA PRO A 42 16.69 10.14 1.12
C PRO A 42 15.48 11.04 0.75
N HIS A 43 14.35 10.42 0.44
CA HIS A 43 13.06 11.10 0.23
C HIS A 43 12.93 11.52 -1.22
N SER A 44 14.04 11.92 -1.84
CA SER A 44 14.12 12.38 -3.25
C SER A 44 13.47 11.31 -4.15
N GLY A 45 14.15 10.22 -4.44
CA GLY A 45 13.69 9.15 -5.32
C GLY A 45 12.54 8.37 -4.68
N PRO A 46 11.77 7.60 -5.42
CA PRO A 46 10.73 6.92 -4.67
C PRO A 46 11.15 5.81 -3.69
N ALA A 47 12.33 5.25 -3.98
CA ALA A 47 13.02 4.36 -3.03
C ALA A 47 13.49 5.30 -1.88
N ASP A 48 12.88 5.08 -0.72
CA ASP A 48 13.11 5.78 0.52
C ASP A 48 12.88 4.94 1.77
N GLY A 49 13.87 4.95 2.64
CA GLY A 49 13.86 4.20 3.86
C GLY A 49 13.92 2.67 3.84
N GLN A 50 13.44 2.01 2.82
CA GLN A 50 13.50 0.50 2.68
C GLN A 50 14.72 0.25 1.82
N ILE A 51 15.81 1.02 2.03
CA ILE A 51 17.02 0.95 1.24
C ILE A 51 17.63 -0.45 1.37
N ALA A 52 17.73 -0.92 2.58
CA ALA A 52 18.40 -2.19 2.85
C ALA A 52 17.76 -3.44 2.18
N SER A 53 16.44 -3.41 2.06
CA SER A 53 15.62 -4.46 1.50
C SER A 53 15.37 -4.30 -0.01
N ALA A 54 15.74 -3.11 -0.46
CA ALA A 54 15.60 -2.72 -1.86
C ALA A 54 14.17 -2.78 -2.36
N GLY A 55 13.25 -2.52 -1.44
CA GLY A 55 11.84 -2.57 -1.84
C GLY A 55 11.36 -1.48 -2.76
N GLY A 56 12.04 -0.34 -2.84
CA GLY A 56 11.70 0.66 -3.79
C GLY A 56 12.46 0.53 -5.06
N LEU A 57 13.21 -0.53 -5.25
CA LEU A 57 14.00 -0.87 -6.46
C LEU A 57 13.49 -2.17 -7.11
N PHE A 58 14.22 -2.64 -8.10
CA PHE A 58 13.83 -3.90 -8.71
C PHE A 58 14.01 -5.09 -7.76
N GLY A 59 14.73 -4.88 -6.68
CA GLY A 59 14.90 -5.96 -5.66
C GLY A 59 13.53 -6.19 -5.03
N GLY A 60 12.70 -5.15 -5.06
CA GLY A 60 11.36 -5.30 -4.44
C GLY A 60 10.30 -5.99 -5.24
N ILE A 61 10.66 -6.17 -6.51
CA ILE A 61 9.77 -6.98 -7.46
C ILE A 61 10.03 -8.46 -7.18
N LEU A 62 11.29 -8.72 -6.79
CA LEU A 62 11.78 -10.09 -6.55
C LEU A 62 11.36 -10.53 -5.21
N ASP A 63 10.96 -9.60 -4.32
CA ASP A 63 10.34 -9.89 -3.05
C ASP A 63 8.94 -10.51 -3.10
N GLN A 64 8.46 -10.76 -4.31
CA GLN A 64 7.22 -11.50 -4.52
C GLN A 64 7.56 -12.96 -4.51
N GLN A 65 8.42 -13.41 -3.64
CA GLN A 65 8.93 -14.76 -3.55
C GLN A 65 9.39 -14.95 -2.11
N SER A 66 8.51 -14.57 -1.17
CA SER A 66 8.79 -14.32 0.20
C SER A 66 7.63 -14.72 0.99
N GLU A 67 7.81 -15.01 2.28
CA GLU A 67 6.69 -15.35 3.15
C GLU A 67 6.00 -14.05 3.30
N ASN A 68 6.75 -12.93 3.25
CA ASN A 68 6.15 -11.62 3.59
C ASN A 68 5.53 -10.97 2.30
N ARG A 69 5.26 -11.89 1.34
CA ARG A 69 4.51 -11.55 0.12
C ARG A 69 3.11 -11.29 0.62
N TRP A 70 3.01 -9.99 0.72
CA TRP A 70 1.76 -9.20 0.87
C TRP A 70 0.56 -9.82 0.14
N PHE A 71 -0.60 -9.67 0.77
CA PHE A 71 -1.85 -10.21 0.34
C PHE A 71 -2.22 -9.50 -0.96
N LYS A 72 -2.67 -10.24 -1.97
CA LYS A 72 -3.28 -9.67 -3.18
C LYS A 72 -4.69 -9.33 -2.94
N HIS A 73 -5.24 -8.36 -3.67
CA HIS A 73 -6.68 -8.27 -3.86
C HIS A 73 -7.19 -7.95 -5.27
N ILE A 74 -8.30 -8.56 -5.66
CA ILE A 74 -8.87 -8.38 -6.98
C ILE A 74 -10.00 -7.36 -6.81
N MET A 75 -10.07 -6.39 -7.68
CA MET A 75 -11.18 -5.47 -7.73
C MET A 75 -11.40 -5.18 -9.17
N THR A 76 -12.63 -4.95 -9.51
CA THR A 76 -12.94 -4.43 -10.80
C THR A 76 -12.88 -2.91 -10.72
N GLY A 77 -12.97 -2.30 -11.87
CA GLY A 77 -12.79 -0.84 -11.93
C GLY A 77 -13.92 -0.01 -11.34
N GLY A 78 -13.79 1.31 -11.52
CA GLY A 78 -14.71 2.31 -11.07
C GLY A 78 -14.25 2.80 -9.72
N GLU A 79 -15.01 3.70 -9.12
CA GLU A 79 -14.61 4.24 -7.83
C GLU A 79 -14.63 3.18 -6.75
N HIS A 80 -13.78 3.30 -5.78
CA HIS A 80 -13.75 2.29 -4.72
C HIS A 80 -13.37 3.02 -3.43
N THR A 81 -14.02 2.70 -2.35
CA THR A 81 -13.79 3.46 -1.12
C THR A 81 -12.75 2.70 -0.39
N PHE A 82 -11.56 3.24 -0.41
CA PHE A 82 -10.48 2.61 0.37
C PHE A 82 -10.80 3.04 1.79
N THR A 83 -10.59 2.18 2.76
CA THR A 83 -10.97 2.48 4.12
C THR A 83 -9.82 2.05 5.01
N TRP A 84 -9.03 3.02 5.48
CA TRP A 84 -7.84 2.78 6.37
C TRP A 84 -8.37 3.13 7.75
N THR A 85 -8.20 2.15 8.67
CA THR A 85 -8.77 2.29 10.02
C THR A 85 -7.64 2.17 10.95
N TYR A 86 -7.47 3.22 11.73
CA TYR A 86 -6.35 3.22 12.71
C TYR A 86 -6.93 3.20 14.13
N THR A 87 -6.11 2.65 15.03
CA THR A 87 -6.46 2.65 16.49
C THR A 87 -5.48 3.46 17.33
N ALA A 88 -4.60 4.16 16.60
CA ALA A 88 -3.39 4.84 17.04
C ALA A 88 -3.67 5.85 18.16
N PRO A 89 -3.08 5.66 19.35
CA PRO A 89 -2.95 6.79 20.32
C PRO A 89 -1.98 7.93 19.92
N HIS A 90 -0.87 7.53 19.30
CA HIS A 90 0.09 8.49 18.79
C HIS A 90 -0.51 9.29 17.58
N ASN A 91 -0.20 10.58 17.61
CA ASN A 91 -0.66 11.45 16.60
C ASN A 91 0.13 11.36 15.33
N THR A 92 -0.50 11.22 14.18
CA THR A 92 0.28 11.17 12.92
C THR A 92 0.36 12.59 12.33
N SER A 93 1.26 12.80 11.40
CA SER A 93 1.31 14.07 10.75
C SER A 93 0.55 14.02 9.42
N GLN A 94 0.84 13.02 8.60
CA GLN A 94 0.23 12.87 7.28
C GLN A 94 0.50 11.45 6.70
N TRP A 95 -0.15 11.09 5.59
CA TRP A 95 0.18 9.87 4.91
C TRP A 95 0.05 10.07 3.40
N HIS A 96 0.81 9.28 2.67
CA HIS A 96 1.09 9.53 1.25
C HIS A 96 0.81 8.22 0.60
N TYR A 97 0.24 8.17 -0.62
CA TYR A 97 -0.10 6.91 -1.28
C TYR A 97 0.14 6.95 -2.79
N TYR A 98 0.74 5.91 -3.39
CA TYR A 98 1.05 5.89 -4.77
C TYR A 98 0.93 4.46 -5.35
N ILE A 99 0.95 4.44 -6.66
CA ILE A 99 0.77 3.22 -7.44
C ILE A 99 1.94 2.90 -8.34
N THR A 100 1.94 1.79 -9.01
CA THR A 100 2.93 1.52 -10.05
C THR A 100 2.33 0.92 -11.31
N LYS A 101 2.94 1.11 -12.46
CA LYS A 101 2.36 0.87 -13.78
C LYS A 101 3.31 0.18 -14.83
N LYS A 102 3.13 -1.11 -15.01
CA LYS A 102 3.54 -1.87 -16.20
C LYS A 102 3.32 -1.28 -17.63
N GLY A 103 4.00 -1.81 -18.67
CA GLY A 103 3.64 -1.55 -20.08
C GLY A 103 4.35 -0.31 -20.52
N TRP A 104 5.45 -0.11 -19.83
CA TRP A 104 6.25 1.10 -19.96
C TRP A 104 6.95 1.25 -21.34
N ASP A 105 7.36 2.47 -21.69
CA ASP A 105 8.43 2.72 -22.63
C ASP A 105 9.75 2.48 -21.89
N PRO A 106 10.55 1.46 -22.19
CA PRO A 106 11.67 1.07 -21.38
C PRO A 106 12.78 2.10 -21.28
N ASP A 107 12.86 2.96 -22.28
CA ASP A 107 13.85 3.97 -22.28
C ASP A 107 13.72 4.95 -21.09
N LYS A 108 12.56 4.94 -20.46
CA LYS A 108 12.24 5.89 -19.36
C LYS A 108 13.06 5.50 -18.13
N PRO A 109 13.19 6.42 -17.19
CA PRO A 109 13.57 6.16 -15.78
C PRO A 109 12.79 5.16 -14.87
N LEU A 110 12.22 4.09 -15.42
CA LEU A 110 11.48 2.98 -14.75
C LEU A 110 11.45 2.83 -13.22
N LYS A 111 12.57 2.81 -12.52
CA LYS A 111 12.60 2.67 -11.00
C LYS A 111 11.97 3.95 -10.35
N ARG A 112 11.88 5.00 -11.13
CA ARG A 112 11.22 6.27 -10.75
C ARG A 112 9.97 6.39 -11.61
N ALA A 113 10.14 6.37 -12.92
CA ALA A 113 9.08 6.72 -13.82
C ALA A 113 7.85 5.86 -13.75
N ASP A 114 7.97 4.62 -13.31
CA ASP A 114 6.82 3.76 -13.19
C ASP A 114 5.85 4.14 -12.08
N PHE A 115 6.07 5.12 -11.23
CA PHE A 115 5.19 5.43 -10.11
C PHE A 115 4.63 6.83 -10.26
N GLU A 116 3.42 7.04 -9.73
CA GLU A 116 2.83 8.36 -9.53
C GLU A 116 2.05 8.42 -8.24
N LEU A 117 2.00 9.60 -7.64
CA LEU A 117 1.29 9.76 -6.38
C LEU A 117 -0.20 9.79 -6.66
N ILE A 118 -0.96 8.94 -6.05
CA ILE A 118 -2.40 8.94 -6.31
C ILE A 118 -3.02 9.78 -5.18
N GLY A 119 -2.24 10.11 -4.16
CA GLY A 119 -2.62 11.14 -3.27
C GLY A 119 -1.87 11.21 -1.98
N ALA A 120 -2.18 12.27 -1.25
CA ALA A 120 -1.61 12.52 0.10
C ALA A 120 -2.50 13.47 0.92
N VAL A 121 -2.80 13.11 2.16
CA VAL A 121 -3.78 13.83 2.95
C VAL A 121 -3.15 13.98 4.36
N PRO A 122 -3.11 15.20 4.98
CA PRO A 122 -2.64 15.30 6.39
C PRO A 122 -3.67 15.00 7.46
N HIS A 123 -3.15 14.78 8.66
CA HIS A 123 -3.99 14.41 9.78
C HIS A 123 -4.57 15.68 10.38
N ASP A 124 -5.89 15.59 10.68
CA ASP A 124 -6.74 16.70 11.16
C ASP A 124 -6.65 17.93 10.19
N GLY A 125 -6.45 17.69 8.88
CA GLY A 125 -6.10 18.73 7.98
C GLY A 125 -7.30 19.68 7.84
N SER A 126 -7.03 20.88 7.29
CA SER A 126 -8.11 21.91 7.25
C SER A 126 -9.29 21.50 6.37
N PRO A 127 -9.07 20.85 5.17
CA PRO A 127 -10.33 20.80 4.42
C PRO A 127 -11.19 19.65 5.00
N ALA A 128 -12.50 19.72 4.73
CA ALA A 128 -13.48 18.68 5.18
C ALA A 128 -13.07 17.23 4.81
N SER A 129 -12.30 17.21 3.72
CA SER A 129 -11.66 16.00 3.20
C SER A 129 -10.56 15.27 3.94
N ARG A 130 -10.25 15.74 5.14
CA ARG A 130 -9.25 15.08 6.06
C ARG A 130 -9.41 13.64 6.49
N ASN A 131 -10.41 12.93 5.99
CA ASN A 131 -10.70 11.54 6.35
C ASN A 131 -9.86 10.39 5.83
N LEU A 132 -9.63 9.41 6.72
CA LEU A 132 -8.60 8.39 6.50
C LEU A 132 -9.11 7.50 5.34
N SER A 133 -10.43 7.44 5.15
CA SER A 133 -11.08 6.86 4.05
C SER A 133 -11.31 7.92 2.94
N HIS A 134 -10.87 7.59 1.75
CA HIS A 134 -11.27 8.26 0.55
C HIS A 134 -11.87 7.38 -0.59
N HIS A 135 -12.68 7.99 -1.46
CA HIS A 135 -13.11 7.33 -2.67
C HIS A 135 -11.99 7.42 -3.69
N ILE A 136 -11.46 6.39 -4.29
CA ILE A 136 -10.38 6.49 -5.26
C ILE A 136 -10.88 5.82 -6.52
N TYR A 137 -10.77 6.48 -7.67
CA TYR A 137 -11.15 5.92 -8.94
C TYR A 137 -10.07 5.00 -9.55
N ILE A 138 -10.48 3.78 -9.90
CA ILE A 138 -9.76 2.68 -10.56
C ILE A 138 -10.24 2.65 -11.99
N PRO A 139 -9.34 2.91 -12.94
CA PRO A 139 -9.91 2.75 -14.28
C PRO A 139 -10.25 1.34 -14.69
N GLU A 140 -11.12 1.19 -15.65
CA GLU A 140 -11.67 -0.14 -15.98
C GLU A 140 -11.25 -0.53 -17.36
N ASP A 141 -10.33 0.31 -17.89
CA ASP A 141 -9.92 0.21 -19.33
C ASP A 141 -9.01 -0.92 -19.71
N ARG A 142 -8.48 -1.62 -18.75
CA ARG A 142 -7.58 -2.77 -18.96
C ARG A 142 -7.91 -3.73 -17.82
N LEU A 143 -7.36 -4.93 -17.93
CA LEU A 143 -7.17 -5.87 -16.84
C LEU A 143 -5.65 -5.88 -16.72
N GLY A 144 -5.11 -5.74 -15.54
CA GLY A 144 -3.68 -5.95 -15.37
C GLY A 144 -3.22 -5.84 -13.94
N TYR A 145 -2.03 -6.34 -13.71
CA TYR A 145 -1.34 -6.33 -12.38
C TYR A 145 -0.68 -5.02 -12.11
N HIS A 146 -0.80 -4.60 -10.87
CA HIS A 146 -0.41 -3.23 -10.37
C HIS A 146 -0.11 -3.43 -8.89
N VAL A 147 0.64 -2.53 -8.28
CA VAL A 147 0.90 -2.48 -6.84
C VAL A 147 0.52 -1.12 -6.20
N ILE A 148 -0.14 -1.11 -5.07
CA ILE A 148 -0.46 0.15 -4.39
C ILE A 148 0.42 0.18 -3.08
N LEU A 149 1.10 1.32 -2.92
CA LEU A 149 2.13 1.46 -1.88
C LEU A 149 1.66 2.69 -1.08
N ALA A 150 1.84 2.69 0.22
CA ALA A 150 1.40 3.85 1.05
C ALA A 150 2.55 4.06 2.05
N VAL A 151 2.64 5.29 2.48
CA VAL A 151 3.66 5.70 3.48
C VAL A 151 2.94 6.49 4.52
N TRP A 152 3.20 6.26 5.83
CA TRP A 152 2.45 6.92 6.93
C TRP A 152 3.45 7.50 7.98
N ASP A 153 3.31 8.77 8.23
CA ASP A 153 4.27 9.44 9.15
C ASP A 153 3.65 9.76 10.53
N VAL A 154 4.47 9.64 11.59
CA VAL A 154 4.08 10.01 12.91
C VAL A 154 4.61 11.39 13.28
N ALA A 155 3.76 12.20 13.87
CA ALA A 155 4.15 13.57 14.21
C ALA A 155 4.84 13.65 15.53
N ASP A 156 4.39 12.79 16.43
CA ASP A 156 4.87 12.92 17.83
C ASP A 156 6.37 12.44 17.93
N THR A 157 6.81 11.69 16.92
CA THR A 157 8.17 11.00 16.96
C THR A 157 8.74 10.98 15.56
N GLU A 158 9.95 10.42 15.36
CA GLU A 158 10.59 10.26 14.04
C GLU A 158 10.15 8.90 13.33
N ASN A 159 9.19 8.24 13.89
CA ASN A 159 8.71 6.99 13.31
C ASN A 159 7.88 7.25 12.03
N ALA A 160 7.92 6.28 11.14
CA ALA A 160 7.18 6.30 9.88
C ALA A 160 6.94 4.81 9.61
N PHE A 161 6.01 4.45 8.80
CA PHE A 161 5.89 3.04 8.35
C PHE A 161 5.39 3.09 6.91
N TYR A 162 5.34 1.94 6.26
CA TYR A 162 5.08 1.82 4.83
C TYR A 162 4.09 0.63 4.68
N GLN A 163 3.21 0.60 3.71
CA GLN A 163 2.15 -0.37 3.56
C GLN A 163 2.08 -0.78 2.09
N VAL A 164 1.77 -2.01 1.78
CA VAL A 164 1.72 -2.46 0.34
C VAL A 164 0.54 -3.45 0.07
N ILE A 165 -0.08 -3.40 -1.10
CA ILE A 165 -1.08 -4.36 -1.47
C ILE A 165 -0.83 -4.60 -2.94
N ASP A 166 -0.83 -5.86 -3.31
CA ASP A 166 -0.82 -6.20 -4.72
C ASP A 166 -2.21 -6.24 -5.28
N VAL A 167 -2.47 -5.67 -6.46
CA VAL A 167 -3.88 -5.60 -6.95
C VAL A 167 -3.99 -6.00 -8.40
N ASP A 168 -4.95 -6.85 -8.63
CA ASP A 168 -5.25 -7.43 -9.89
C ASP A 168 -6.51 -6.69 -10.30
N LEU A 169 -6.29 -5.60 -10.98
CA LEU A 169 -7.35 -4.68 -11.26
C LEU A 169 -7.89 -5.03 -12.64
N VAL A 170 -9.17 -5.38 -12.64
CA VAL A 170 -9.78 -5.97 -13.87
C VAL A 170 -10.94 -5.18 -14.42
N ASN A 171 -11.15 -5.43 -15.71
CA ASN A 171 -12.31 -4.93 -16.44
C ASN A 171 -13.42 -5.84 -15.87
N LYS A 172 -14.66 -5.38 -15.65
CA LYS A 172 -15.78 -6.10 -15.04
C LYS A 172 -16.34 -7.11 -16.07
CU CU1 B . 1.04 2.84 15.82
N HIS A 1 -1.53 4.21 10.41
CA HIS A 1 -1.82 3.16 9.40
C HIS A 1 -2.85 2.19 9.92
N GLY A 2 -2.71 1.79 11.20
CA GLY A 2 -3.67 0.86 11.74
C GLY A 2 -3.86 -0.47 11.01
N PHE A 3 -5.05 -1.01 11.06
CA PHE A 3 -5.42 -2.30 10.43
C PHE A 3 -6.07 -2.00 9.06
N ILE A 4 -5.69 -2.68 8.00
CA ILE A 4 -6.43 -2.61 6.73
C ILE A 4 -7.60 -3.58 6.80
N GLU A 5 -8.80 -3.04 6.64
CA GLU A 5 -10.07 -3.78 6.58
C GLU A 5 -10.55 -4.04 5.15
N LYS A 6 -10.22 -3.13 4.23
CA LYS A 6 -10.69 -3.23 2.88
C LYS A 6 -9.52 -2.47 2.17
N PRO A 7 -9.14 -2.80 0.96
CA PRO A 7 -9.80 -3.62 -0.08
C PRO A 7 -10.05 -5.08 0.29
N GLY A 8 -11.28 -5.56 0.08
CA GLY A 8 -11.66 -6.94 0.31
C GLY A 8 -12.21 -7.32 1.65
N SER A 9 -12.60 -8.57 1.77
CA SER A 9 -13.09 -9.06 3.01
C SER A 9 -11.96 -9.87 3.60
N ARG A 10 -11.55 -9.58 4.82
CA ARG A 10 -10.64 -10.42 5.53
C ARG A 10 -11.29 -11.83 5.74
N ALA A 11 -12.60 -11.88 5.94
CA ALA A 11 -13.18 -13.20 6.13
C ALA A 11 -13.13 -14.01 4.84
N ALA A 12 -13.27 -13.32 3.69
CA ALA A 12 -13.27 -14.04 2.37
C ALA A 12 -11.95 -14.69 2.08
N LEU A 13 -10.89 -14.09 2.49
CA LEU A 13 -9.58 -14.69 2.29
C LEU A 13 -9.29 -15.77 3.36
N CYS A 14 -9.85 -15.58 4.56
CA CYS A 14 -9.80 -16.61 5.62
C CYS A 14 -10.56 -17.86 5.21
N SER A 15 -11.55 -17.79 4.34
CA SER A 15 -12.40 -18.93 3.93
C SER A 15 -11.53 -19.81 3.13
N GLU A 16 -11.67 -21.12 3.29
CA GLU A 16 -10.86 -22.12 2.61
C GLU A 16 -11.15 -22.10 1.12
N ALA A 17 -12.15 -21.44 0.63
CA ALA A 17 -12.35 -21.34 -0.77
C ALA A 17 -11.21 -20.54 -1.39
N PHE A 18 -10.76 -19.51 -0.70
CA PHE A 18 -9.55 -18.80 -1.08
C PHE A 18 -8.29 -19.59 -0.63
N GLY A 19 -8.36 -20.18 0.59
CA GLY A 19 -7.19 -20.43 1.40
C GLY A 19 -6.90 -21.87 1.75
N PHE A 20 -7.48 -22.84 1.03
CA PHE A 20 -7.29 -24.28 1.29
C PHE A 20 -5.85 -24.76 1.20
N LEU A 21 -5.07 -24.29 0.22
CA LEU A 21 -3.69 -24.73 0.17
C LEU A 21 -2.82 -24.21 1.23
N ASN A 22 -3.28 -23.17 1.92
CA ASN A 22 -2.53 -22.45 2.93
C ASN A 22 -3.08 -22.70 4.33
N LEU A 23 -2.42 -22.17 5.36
CA LEU A 23 -2.97 -22.26 6.70
C LEU A 23 -4.39 -21.71 6.87
N ASN A 24 -5.16 -22.24 7.84
CA ASN A 24 -6.55 -21.96 8.03
C ASN A 24 -7.07 -20.58 7.76
N CYS A 25 -6.33 -19.56 8.20
CA CYS A 25 -6.87 -18.20 8.19
C CYS A 25 -5.87 -17.06 7.92
N GLY A 26 -4.62 -17.44 7.60
CA GLY A 26 -3.53 -16.44 7.49
C GLY A 26 -3.12 -15.88 8.86
N SER A 27 -2.26 -16.59 9.59
CA SER A 27 -1.79 -16.27 10.95
C SER A 27 -1.22 -14.88 11.21
N VAL A 28 -0.96 -14.08 10.21
CA VAL A 28 -0.58 -12.71 10.40
C VAL A 28 -1.72 -11.95 11.21
N MET A 29 -2.92 -12.46 11.19
CA MET A 29 -4.00 -11.93 11.94
C MET A 29 -3.71 -11.63 13.44
N TYR A 30 -2.69 -12.29 13.96
CA TYR A 30 -2.26 -11.92 15.31
C TYR A 30 -1.73 -10.47 15.47
N GLU A 31 -0.99 -10.02 14.49
CA GLU A 31 -0.33 -8.73 14.52
C GLU A 31 -0.24 -7.94 13.29
N PRO A 32 -1.32 -7.77 12.50
CA PRO A 32 -1.12 -7.21 11.14
C PRO A 32 -0.69 -5.71 11.15
N GLN A 33 -1.17 -5.01 12.19
CA GLN A 33 -0.85 -3.56 12.40
C GLN A 33 0.55 -3.25 12.98
N SER A 34 1.30 -4.33 13.25
CA SER A 34 2.60 -4.26 13.88
C SER A 34 3.88 -4.02 13.04
N LEU A 35 3.68 -3.54 11.84
CA LEU A 35 4.78 -3.37 10.89
C LEU A 35 5.56 -2.10 11.20
N GLU A 36 6.79 -2.24 11.59
CA GLU A 36 7.71 -1.13 11.86
C GLU A 36 8.64 -0.89 10.67
N ALA A 37 9.29 0.28 10.58
CA ALA A 37 10.05 0.66 9.39
C ALA A 37 11.38 1.38 9.75
N LYS A 38 12.27 1.63 8.79
CA LYS A 38 13.57 2.23 9.05
C LYS A 38 13.47 3.71 8.88
N LYS A 39 14.60 4.37 8.94
CA LYS A 39 14.79 5.77 8.67
C LYS A 39 14.12 6.01 7.33
N GLY A 40 13.42 7.16 7.32
CA GLY A 40 12.76 7.65 6.14
C GLY A 40 12.79 9.15 6.08
N PHE A 41 13.28 9.85 7.10
CA PHE A 41 13.36 11.33 7.11
C PHE A 41 14.36 11.78 6.03
N PRO A 42 14.05 12.87 5.28
CA PRO A 42 12.88 13.73 5.24
C PRO A 42 11.70 13.02 4.63
N HIS A 43 10.64 12.80 5.38
CA HIS A 43 9.55 11.87 5.05
C HIS A 43 8.75 12.13 3.75
N SER A 44 8.66 13.34 3.28
CA SER A 44 7.78 13.74 2.16
C SER A 44 7.87 12.93 0.91
N GLY A 45 9.08 12.52 0.51
CA GLY A 45 9.26 11.85 -0.81
C GLY A 45 8.70 10.39 -0.85
N PRO A 46 8.79 9.67 -1.97
CA PRO A 46 8.56 8.20 -2.01
C PRO A 46 9.64 7.58 -1.16
N ALA A 47 9.52 6.35 -0.78
CA ALA A 47 10.33 5.71 0.25
C ALA A 47 11.87 5.81 0.17
N ASP A 48 12.47 6.13 1.31
CA ASP A 48 13.88 6.13 1.39
C ASP A 48 14.39 4.73 1.18
N GLY A 49 15.60 4.71 0.64
CA GLY A 49 16.28 3.42 0.47
C GLY A 49 15.95 2.83 -0.91
N GLN A 50 15.14 3.44 -1.71
CA GLN A 50 14.96 2.89 -3.04
C GLN A 50 15.15 4.02 -4.08
N ILE A 51 15.63 5.19 -3.61
CA ILE A 51 15.78 6.40 -4.40
C ILE A 51 17.00 6.26 -5.34
N ALA A 52 18.06 5.62 -4.89
CA ALA A 52 19.31 5.52 -5.62
C ALA A 52 19.22 4.51 -6.75
N SER A 53 18.71 3.31 -6.49
CA SER A 53 18.79 2.18 -7.41
C SER A 53 17.54 1.33 -7.61
N ALA A 54 16.49 1.62 -6.84
CA ALA A 54 15.32 0.79 -6.59
C ALA A 54 15.63 -0.68 -6.38
N GLY A 55 16.73 -0.94 -5.68
CA GLY A 55 17.07 -2.26 -5.18
C GLY A 55 16.00 -2.75 -4.24
N GLY A 56 15.34 -1.86 -3.57
CA GLY A 56 14.22 -2.17 -2.71
C GLY A 56 12.93 -2.68 -3.42
N LEU A 57 12.84 -2.39 -4.69
CA LEU A 57 11.73 -2.92 -5.50
C LEU A 57 12.09 -3.93 -6.58
N PHE A 58 13.40 -4.03 -6.85
CA PHE A 58 13.92 -5.25 -7.57
C PHE A 58 13.83 -6.33 -6.55
N GLY A 59 14.09 -5.99 -5.33
CA GLY A 59 13.96 -6.91 -4.23
C GLY A 59 12.48 -7.18 -4.02
N GLY A 60 11.62 -6.28 -4.52
CA GLY A 60 10.18 -6.43 -4.37
C GLY A 60 9.58 -7.60 -5.06
N ILE A 61 10.36 -8.06 -6.00
CA ILE A 61 10.04 -9.26 -6.80
C ILE A 61 10.23 -10.42 -5.86
N LEU A 62 11.32 -10.49 -5.10
CA LEU A 62 11.57 -11.59 -4.19
C LEU A 62 10.78 -11.57 -2.83
N ASP A 63 10.25 -10.41 -2.47
CA ASP A 63 9.29 -10.34 -1.38
C ASP A 63 8.00 -11.07 -1.77
N GLN A 64 7.74 -11.07 -3.06
CA GLN A 64 6.56 -11.79 -3.57
C GLN A 64 6.83 -13.27 -3.85
N GLN A 65 7.83 -13.78 -3.15
CA GLN A 65 7.98 -15.23 -2.87
C GLN A 65 8.55 -15.45 -1.47
N SER A 66 7.93 -14.75 -0.50
CA SER A 66 8.44 -14.77 0.86
C SER A 66 7.33 -15.00 1.89
N GLU A 67 7.69 -15.14 3.16
CA GLU A 67 6.68 -15.41 4.11
C GLU A 67 5.91 -14.11 4.37
N ASN A 68 6.59 -13.04 3.96
CA ASN A 68 5.98 -11.72 3.99
C ASN A 68 5.25 -11.41 2.69
N ARG A 69 4.70 -12.42 2.05
CA ARG A 69 3.92 -12.24 0.79
C ARG A 69 2.46 -11.80 0.94
N TRP A 70 2.46 -10.49 1.05
CA TRP A 70 1.32 -9.62 1.30
C TRP A 70 0.09 -10.04 0.54
N PHE A 71 -1.12 -9.76 1.04
CA PHE A 71 -2.27 -10.38 0.47
C PHE A 71 -2.39 -9.81 -0.93
N LYS A 72 -2.99 -10.59 -1.83
CA LYS A 72 -3.37 -10.03 -3.16
C LYS A 72 -4.87 -9.94 -3.21
N HIS A 73 -5.33 -8.96 -4.01
CA HIS A 73 -6.74 -8.85 -4.41
C HIS A 73 -7.03 -8.44 -5.86
N ILE A 74 -7.94 -9.15 -6.55
CA ILE A 74 -8.33 -8.70 -7.87
C ILE A 74 -9.54 -7.77 -7.73
N MET A 75 -9.57 -6.60 -8.40
CA MET A 75 -10.73 -5.75 -8.39
C MET A 75 -10.83 -4.98 -9.66
N THR A 76 -12.06 -4.78 -10.14
CA THR A 76 -12.31 -4.05 -11.35
C THR A 76 -12.27 -2.55 -11.17
N GLY A 77 -12.23 -1.73 -12.22
CA GLY A 77 -12.34 -0.28 -12.04
C GLY A 77 -13.73 0.18 -11.59
N GLY A 78 -13.80 1.23 -10.81
CA GLY A 78 -14.98 1.63 -10.12
C GLY A 78 -14.58 2.50 -8.89
N GLU A 79 -15.50 2.71 -7.98
CA GLU A 79 -15.12 3.22 -6.69
C GLU A 79 -14.25 2.14 -5.93
N HIS A 80 -13.16 2.51 -5.27
CA HIS A 80 -12.39 1.53 -4.46
C HIS A 80 -12.43 2.12 -3.07
N THR A 81 -12.41 1.33 -2.04
CA THR A 81 -12.47 1.77 -0.65
C THR A 81 -11.24 1.25 0.05
N PHE A 82 -10.50 2.15 0.69
CA PHE A 82 -9.20 1.81 1.36
C PHE A 82 -9.46 2.10 2.82
N THR A 83 -10.13 1.16 3.45
CA THR A 83 -10.45 1.28 4.87
C THR A 83 -9.25 0.82 5.67
N TRP A 84 -8.51 1.81 6.16
CA TRP A 84 -7.37 1.65 7.08
C TRP A 84 -8.02 2.17 8.39
N THR A 85 -7.80 1.53 9.50
CA THR A 85 -8.54 1.83 10.73
C THR A 85 -7.76 1.53 12.00
N TYR A 86 -7.97 2.38 12.98
CA TYR A 86 -7.35 2.15 14.26
C TYR A 86 -8.32 2.58 15.36
N THR A 87 -8.03 2.28 16.60
CA THR A 87 -8.83 2.73 17.70
C THR A 87 -8.68 4.21 17.98
N ALA A 88 -7.52 4.78 17.71
CA ALA A 88 -7.21 6.14 18.03
C ALA A 88 -6.42 6.78 16.86
N PRO A 89 -6.51 8.07 16.68
CA PRO A 89 -5.59 8.64 15.66
C PRO A 89 -4.15 8.65 16.25
N HIS A 90 -3.12 8.76 15.47
CA HIS A 90 -1.74 9.01 15.92
C HIS A 90 -1.09 10.24 15.23
N ASN A 91 -0.01 10.75 15.83
CA ASN A 91 0.62 11.92 15.35
C ASN A 91 1.17 11.53 13.94
N THR A 92 0.79 12.31 12.93
CA THR A 92 1.43 12.18 11.59
C THR A 92 1.41 13.58 11.06
N SER A 93 2.33 13.98 10.22
CA SER A 93 2.28 15.25 9.53
C SER A 93 1.66 15.04 8.13
N GLN A 94 1.83 13.89 7.53
CA GLN A 94 1.25 13.63 6.21
C GLN A 94 1.14 12.12 6.00
N TRP A 95 0.33 11.65 5.09
CA TRP A 95 0.40 10.30 4.64
C TRP A 95 0.11 10.30 3.15
N HIS A 96 0.67 9.41 2.45
CA HIS A 96 0.71 9.40 0.97
C HIS A 96 0.39 8.01 0.49
N TYR A 97 -0.19 7.88 -0.70
CA TYR A 97 -0.28 6.58 -1.39
C TYR A 97 0.26 6.83 -2.79
N TYR A 98 1.17 5.97 -3.14
CA TYR A 98 1.87 5.88 -4.38
C TYR A 98 1.38 4.59 -5.01
N ILE A 99 1.50 4.61 -6.32
CA ILE A 99 1.18 3.43 -7.15
C ILE A 99 2.26 3.16 -8.23
N THR A 100 2.33 1.92 -8.67
CA THR A 100 3.13 1.52 -9.85
C THR A 100 2.58 2.00 -11.20
N LYS A 101 3.43 2.11 -12.24
CA LYS A 101 3.02 2.41 -13.62
C LYS A 101 3.60 1.46 -14.71
N LYS A 102 2.81 0.44 -15.06
CA LYS A 102 3.21 -0.45 -16.16
C LYS A 102 3.13 0.36 -17.48
N GLY A 103 3.86 -0.05 -18.53
CA GLY A 103 3.72 0.58 -19.84
C GLY A 103 4.23 1.99 -19.80
N TRP A 104 5.32 2.09 -19.04
CA TRP A 104 5.87 3.38 -18.70
C TRP A 104 6.45 4.05 -19.93
N ASP A 105 6.58 5.35 -19.76
CA ASP A 105 7.14 6.15 -20.83
C ASP A 105 8.65 5.75 -20.97
N PRO A 106 9.04 5.33 -22.22
CA PRO A 106 10.41 4.93 -22.45
C PRO A 106 11.48 6.03 -22.55
N ASP A 107 11.11 7.30 -22.75
CA ASP A 107 12.04 8.43 -22.91
C ASP A 107 12.25 9.06 -21.56
N LYS A 108 11.71 8.36 -20.61
CA LYS A 108 11.81 8.83 -19.21
C LYS A 108 12.47 7.85 -18.26
N PRO A 109 12.93 8.29 -17.07
CA PRO A 109 13.80 7.41 -16.29
C PRO A 109 13.16 6.32 -15.55
N LEU A 110 13.15 5.18 -16.19
CA LEU A 110 12.50 3.94 -15.77
C LEU A 110 12.20 3.80 -14.27
N LYS A 111 13.18 3.82 -13.37
CA LYS A 111 12.97 3.46 -11.96
C LYS A 111 12.29 4.57 -11.13
N ARG A 112 11.96 5.62 -11.87
CA ARG A 112 11.13 6.71 -11.50
C ARG A 112 9.90 6.81 -12.45
N ALA A 113 10.11 6.64 -13.76
CA ALA A 113 9.03 6.60 -14.71
C ALA A 113 7.99 5.52 -14.36
N ASP A 114 8.40 4.60 -13.49
CA ASP A 114 7.51 3.46 -13.10
C ASP A 114 6.71 3.56 -11.79
N PHE A 115 6.57 4.75 -11.27
CA PHE A 115 5.62 4.93 -10.17
C PHE A 115 4.97 6.36 -10.31
N GLU A 116 3.81 6.56 -9.66
CA GLU A 116 3.15 7.85 -9.62
C GLU A 116 2.63 7.98 -8.18
N LEU A 117 2.40 9.21 -7.80
CA LEU A 117 1.57 9.42 -6.59
C LEU A 117 0.11 9.29 -7.04
N ILE A 118 -0.71 8.60 -6.26
CA ILE A 118 -2.12 8.61 -6.46
C ILE A 118 -2.83 9.67 -5.58
N GLY A 119 -2.25 10.01 -4.45
CA GLY A 119 -2.73 11.04 -3.58
C GLY A 119 -1.94 11.14 -2.30
N ALA A 120 -1.97 12.33 -1.66
CA ALA A 120 -1.46 12.51 -0.38
C ALA A 120 -2.48 13.24 0.43
N VAL A 121 -2.55 12.85 1.67
CA VAL A 121 -3.52 13.38 2.62
C VAL A 121 -2.76 14.11 3.73
N PRO A 122 -2.63 15.42 3.60
CA PRO A 122 -1.81 16.05 4.63
C PRO A 122 -2.55 16.08 5.98
N HIS A 123 -1.82 16.21 7.05
CA HIS A 123 -2.36 16.06 8.38
C HIS A 123 -1.84 17.07 9.41
N ASP A 124 -1.87 18.30 8.99
CA ASP A 124 -1.41 19.37 9.82
C ASP A 124 -2.64 20.22 10.21
N GLY A 125 -3.71 20.20 9.39
CA GLY A 125 -4.89 21.03 9.61
C GLY A 125 -6.14 20.54 8.87
N SER A 126 -6.32 19.20 8.86
CA SER A 126 -7.07 18.49 7.80
C SER A 126 -8.55 18.60 8.11
N PRO A 127 -9.42 18.67 7.09
CA PRO A 127 -10.91 18.57 7.19
C PRO A 127 -11.24 17.09 7.47
N ALA A 128 -12.50 16.66 7.39
CA ALA A 128 -12.84 15.20 7.56
C ALA A 128 -12.09 14.14 6.80
N SER A 129 -11.37 14.42 5.73
CA SER A 129 -10.33 13.54 5.16
C SER A 129 -9.30 13.09 6.15
N ARG A 130 -9.25 13.63 7.37
CA ARG A 130 -8.42 12.97 8.46
C ARG A 130 -8.87 11.56 8.77
N ASN A 131 -10.04 11.13 8.37
CA ASN A 131 -10.56 9.85 8.70
C ASN A 131 -9.70 8.89 7.94
N LEU A 132 -9.27 7.79 8.60
CA LEU A 132 -8.18 6.98 8.05
C LEU A 132 -8.64 6.25 6.78
N SER A 133 -9.95 6.04 6.71
CA SER A 133 -10.53 5.44 5.55
C SER A 133 -10.83 6.51 4.48
N HIS A 134 -10.50 6.21 3.20
CA HIS A 134 -10.90 7.05 2.06
C HIS A 134 -11.56 6.11 1.10
N HIS A 135 -12.40 6.69 0.26
CA HIS A 135 -12.96 6.05 -0.95
C HIS A 135 -12.28 6.75 -2.15
N ILE A 136 -11.54 6.03 -3.00
CA ILE A 136 -10.83 6.58 -4.19
C ILE A 136 -11.34 5.97 -5.43
N TYR A 137 -11.88 6.75 -6.34
CA TYR A 137 -12.38 6.15 -7.56
C TYR A 137 -11.17 5.86 -8.38
N ILE A 138 -11.13 4.61 -8.93
CA ILE A 138 -10.08 4.29 -9.87
C ILE A 138 -10.71 3.57 -11.05
N PRO A 139 -10.55 4.16 -12.27
CA PRO A 139 -11.03 3.42 -13.42
C PRO A 139 -10.01 2.42 -13.92
N GLU A 140 -10.50 1.42 -14.68
CA GLU A 140 -9.65 0.37 -15.21
C GLU A 140 -10.15 -0.32 -16.49
N ASP A 141 -9.38 -0.13 -17.54
CA ASP A 141 -9.62 -0.79 -18.86
C ASP A 141 -8.64 -1.95 -19.19
N ARG A 142 -7.64 -2.24 -18.39
CA ARG A 142 -6.54 -3.18 -18.66
C ARG A 142 -6.55 -4.29 -17.65
N LEU A 143 -5.85 -5.35 -17.87
CA LEU A 143 -5.82 -6.43 -16.86
C LEU A 143 -4.32 -6.47 -16.40
N GLY A 144 -4.09 -6.58 -15.11
CA GLY A 144 -2.76 -6.80 -14.57
C GLY A 144 -2.44 -6.40 -13.16
N TYR A 145 -1.23 -6.76 -12.71
CA TYR A 145 -0.73 -6.56 -11.34
C TYR A 145 -0.08 -5.17 -11.26
N HIS A 146 -0.29 -4.53 -10.13
CA HIS A 146 0.20 -3.21 -9.81
C HIS A 146 0.48 -3.26 -8.26
N VAL A 147 1.25 -2.36 -7.62
CA VAL A 147 1.51 -2.36 -6.17
C VAL A 147 1.23 -1.01 -5.53
N ILE A 148 0.58 -0.92 -4.37
CA ILE A 148 0.27 0.36 -3.71
C ILE A 148 1.27 0.48 -2.57
N LEU A 149 2.15 1.49 -2.54
CA LEU A 149 3.00 1.78 -1.38
C LEU A 149 2.33 2.92 -0.55
N ALA A 150 2.23 2.68 0.75
CA ALA A 150 1.64 3.59 1.72
C ALA A 150 2.72 4.15 2.62
N VAL A 151 2.73 5.46 2.69
CA VAL A 151 3.72 6.20 3.49
C VAL A 151 3.14 7.05 4.58
N TRP A 152 3.67 6.98 5.80
CA TRP A 152 3.22 7.72 6.96
C TRP A 152 4.36 8.55 7.50
N ASP A 153 4.16 9.82 7.50
CA ASP A 153 5.25 10.78 7.79
C ASP A 153 5.24 11.09 9.30
N VAL A 154 5.65 10.12 10.13
CA VAL A 154 5.61 10.40 11.57
C VAL A 154 6.77 11.28 11.98
N ALA A 155 6.53 12.58 12.12
CA ALA A 155 7.60 13.58 12.21
C ALA A 155 8.39 13.48 13.45
N ASP A 156 7.79 12.76 14.42
CA ASP A 156 8.41 12.55 15.75
C ASP A 156 9.83 11.80 15.64
N THR A 157 9.93 10.93 14.68
CA THR A 157 11.02 9.95 14.61
C THR A 157 11.78 10.08 13.26
N GLU A 158 13.00 9.64 13.16
CA GLU A 158 13.75 9.71 11.91
C GLU A 158 13.17 8.64 11.00
N ASN A 159 12.56 7.61 11.61
CA ASN A 159 11.81 6.60 10.94
C ASN A 159 10.59 7.11 10.20
N ALA A 160 10.05 6.29 9.33
CA ALA A 160 8.81 6.59 8.61
C ALA A 160 8.08 5.28 8.86
N PHE A 161 6.87 5.15 8.39
CA PHE A 161 6.24 3.86 8.47
C PHE A 161 5.83 3.64 6.99
N TYR A 162 6.18 2.46 6.48
CA TYR A 162 6.07 2.04 5.05
C TYR A 162 5.50 0.64 4.92
N GLN A 163 4.60 0.43 3.95
CA GLN A 163 4.10 -0.91 3.68
C GLN A 163 3.51 -0.83 2.22
N VAL A 164 3.08 -1.95 1.70
CA VAL A 164 2.50 -2.05 0.38
C VAL A 164 1.24 -2.93 0.47
N ILE A 165 0.46 -2.83 -0.58
CA ILE A 165 -0.76 -3.57 -0.82
C ILE A 165 -0.65 -4.05 -2.27
N ASP A 166 -0.69 -5.35 -2.41
CA ASP A 166 -0.55 -6.00 -3.71
C ASP A 166 -1.94 -6.12 -4.35
N VAL A 167 -2.10 -5.59 -5.57
CA VAL A 167 -3.34 -5.60 -6.27
C VAL A 167 -3.30 -6.01 -7.77
N ASP A 168 -4.43 -6.46 -8.31
CA ASP A 168 -4.51 -6.82 -9.71
C ASP A 168 -5.74 -6.11 -10.14
N LEU A 169 -5.66 -5.29 -11.16
CA LEU A 169 -6.77 -4.45 -11.61
C LEU A 169 -7.17 -4.95 -12.99
N VAL A 170 -8.46 -5.16 -13.14
CA VAL A 170 -9.04 -5.77 -14.37
C VAL A 170 -10.14 -4.98 -15.08
N ASN A 171 -10.33 -5.27 -16.35
CA ASN A 171 -11.39 -4.71 -17.11
C ASN A 171 -12.71 -5.54 -16.83
N LYS A 172 -13.83 -4.89 -16.54
CA LYS A 172 -15.01 -5.57 -16.02
C LYS A 172 -15.66 -6.45 -17.12
CU CU1 B . 0.41 4.45 11.61
N HIS A 1 -1.53 2.00 12.69
CA HIS A 1 -1.42 1.69 11.22
C HIS A 1 -2.81 1.26 10.63
N GLY A 2 -3.77 1.01 11.52
CA GLY A 2 -5.10 0.70 11.02
C GLY A 2 -5.28 -0.63 10.34
N PHE A 3 -6.50 -0.94 9.87
CA PHE A 3 -6.67 -2.20 9.12
C PHE A 3 -7.83 -2.11 8.12
N ILE A 4 -7.80 -2.89 7.05
CA ILE A 4 -8.64 -2.64 5.91
C ILE A 4 -10.03 -3.05 6.28
N GLU A 5 -11.00 -2.23 5.99
CA GLU A 5 -12.38 -2.60 6.41
C GLU A 5 -13.31 -2.71 5.22
N LYS A 6 -13.09 -1.96 4.16
CA LYS A 6 -13.54 -2.46 2.85
C LYS A 6 -12.50 -1.93 1.79
N PRO A 7 -12.50 -2.56 0.58
CA PRO A 7 -13.46 -3.61 0.12
C PRO A 7 -13.15 -4.97 0.72
N GLY A 8 -14.17 -5.77 0.92
CA GLY A 8 -14.01 -7.16 1.38
C GLY A 8 -13.84 -7.36 2.93
N SER A 9 -13.61 -8.64 3.24
CA SER A 9 -13.24 -9.09 4.54
C SER A 9 -11.85 -9.73 4.47
N ARG A 10 -10.80 -9.00 4.90
CA ARG A 10 -9.43 -9.42 4.67
C ARG A 10 -9.16 -10.77 5.24
N ALA A 11 -9.81 -11.19 6.36
CA ALA A 11 -9.53 -12.52 6.88
C ALA A 11 -10.18 -13.62 5.98
N ALA A 12 -11.34 -13.33 5.40
CA ALA A 12 -11.98 -14.37 4.59
C ALA A 12 -11.22 -14.44 3.28
N LEU A 13 -10.50 -13.38 2.89
CA LEU A 13 -9.70 -13.36 1.68
C LEU A 13 -8.43 -14.15 1.76
N CYS A 14 -7.86 -14.17 2.96
CA CYS A 14 -6.68 -15.00 3.18
C CYS A 14 -7.01 -16.48 3.37
N SER A 15 -7.98 -16.77 4.27
CA SER A 15 -8.37 -18.15 4.78
C SER A 15 -8.87 -19.08 3.71
N GLU A 16 -8.89 -20.37 4.06
CA GLU A 16 -9.08 -21.38 3.06
C GLU A 16 -10.49 -21.37 2.45
N ALA A 17 -11.47 -21.31 3.38
CA ALA A 17 -12.90 -21.35 3.02
C ALA A 17 -13.81 -21.42 4.27
N PHE A 18 -13.42 -22.15 5.28
CA PHE A 18 -14.28 -22.80 6.25
C PHE A 18 -14.59 -21.94 7.43
N GLY A 19 -14.40 -20.65 7.33
CA GLY A 19 -14.58 -19.83 8.52
C GLY A 19 -13.38 -19.68 9.34
N PHE A 20 -12.20 -19.72 8.78
CA PHE A 20 -10.89 -19.72 9.48
C PHE A 20 -10.87 -20.40 10.82
N LEU A 21 -11.45 -21.59 10.90
CA LEU A 21 -11.63 -22.34 12.13
C LEU A 21 -10.25 -22.90 12.45
N ASN A 22 -9.44 -23.12 11.43
CA ASN A 22 -8.02 -23.51 11.56
C ASN A 22 -7.15 -22.51 10.82
N LEU A 23 -5.87 -22.49 11.20
CA LEU A 23 -4.92 -21.68 10.48
C LEU A 23 -4.67 -22.36 9.16
N ASN A 24 -4.10 -21.60 8.25
CA ASN A 24 -3.79 -22.05 6.87
C ASN A 24 -3.11 -20.99 6.02
N CYS A 25 -3.24 -19.72 6.31
CA CYS A 25 -2.67 -18.58 5.51
C CYS A 25 -1.31 -17.95 5.93
N GLY A 26 -0.74 -18.35 7.05
CA GLY A 26 0.47 -17.71 7.51
C GLY A 26 0.10 -16.64 8.46
N SER A 27 0.74 -16.70 9.65
CA SER A 27 0.44 -15.85 10.81
C SER A 27 0.63 -14.38 10.53
N VAL A 28 1.33 -14.08 9.44
CA VAL A 28 1.64 -12.68 9.08
C VAL A 28 0.34 -11.93 8.68
N MET A 29 -0.70 -12.70 8.30
CA MET A 29 -2.08 -12.18 8.07
C MET A 29 -2.63 -11.39 9.28
N TYR A 30 -2.12 -11.57 10.48
CA TYR A 30 -2.57 -10.85 11.66
C TYR A 30 -2.42 -9.33 11.48
N GLU A 31 -1.23 -8.84 11.13
CA GLU A 31 -0.96 -7.45 10.81
C GLU A 31 0.00 -7.20 9.60
N PRO A 32 -0.45 -7.54 8.36
CA PRO A 32 0.33 -7.40 7.12
C PRO A 32 0.74 -6.00 6.73
N GLN A 33 0.15 -5.03 7.40
CA GLN A 33 0.47 -3.62 7.14
C GLN A 33 1.49 -3.01 8.09
N SER A 34 1.87 -3.72 9.13
CA SER A 34 2.86 -3.25 10.06
C SER A 34 4.34 -3.16 9.60
N LEU A 35 4.52 -2.51 8.45
CA LEU A 35 5.86 -2.31 7.92
C LEU A 35 6.26 -0.92 8.24
N GLU A 36 7.48 -0.66 8.76
CA GLU A 36 7.94 0.68 9.04
C GLU A 36 9.19 0.97 8.25
N ALA A 37 9.49 2.26 8.12
CA ALA A 37 10.82 2.68 7.74
C ALA A 37 11.21 3.91 8.62
N LYS A 38 12.47 4.12 9.03
CA LYS A 38 12.93 5.30 9.74
C LYS A 38 13.89 6.14 8.93
N LYS A 39 13.83 7.44 9.04
CA LYS A 39 14.75 8.31 8.25
C LYS A 39 16.09 8.20 8.99
N GLY A 40 17.18 8.34 8.25
CA GLY A 40 18.47 8.35 8.91
C GLY A 40 19.53 8.28 7.79
N PHE A 41 20.67 8.90 8.05
CA PHE A 41 21.66 9.12 7.02
C PHE A 41 23.11 8.76 7.51
N PRO A 42 24.05 8.24 6.69
CA PRO A 42 23.71 7.80 5.33
C PRO A 42 22.78 6.60 5.30
N HIS A 43 22.70 5.88 6.44
CA HIS A 43 21.51 5.00 6.60
C HIS A 43 21.03 4.91 8.02
N SER A 44 21.93 5.09 8.99
CA SER A 44 21.72 4.79 10.41
C SER A 44 21.21 3.37 10.66
N GLY A 45 19.90 3.18 10.64
CA GLY A 45 19.25 1.89 10.77
C GLY A 45 19.46 1.08 9.50
N PRO A 46 18.82 -0.08 9.30
CA PRO A 46 18.92 -0.80 8.02
C PRO A 46 18.30 -0.10 6.78
N ALA A 47 18.76 -0.48 5.59
CA ALA A 47 18.33 0.20 4.36
C ALA A 47 16.87 -0.08 3.97
N ASP A 48 15.91 0.76 4.41
CA ASP A 48 14.51 0.68 4.07
C ASP A 48 14.27 2.03 3.49
N GLY A 49 13.18 2.00 2.70
CA GLY A 49 12.75 3.23 1.99
C GLY A 49 13.39 3.29 0.60
N GLN A 50 13.98 2.18 0.17
CA GLN A 50 14.66 2.14 -1.08
C GLN A 50 13.84 2.11 -2.35
N ILE A 51 12.61 1.67 -2.19
CA ILE A 51 11.61 1.64 -3.29
C ILE A 51 10.91 3.00 -3.34
N ALA A 52 10.68 3.56 -2.17
CA ALA A 52 10.21 4.92 -2.14
C ALA A 52 11.18 5.91 -2.73
N SER A 53 12.47 5.83 -2.35
CA SER A 53 13.55 6.65 -2.95
C SER A 53 13.86 6.25 -4.37
N ALA A 54 13.23 5.14 -4.86
CA ALA A 54 13.58 4.59 -6.16
C ALA A 54 14.99 4.33 -6.68
N GLY A 55 15.88 4.16 -5.71
CA GLY A 55 17.21 3.67 -5.99
C GLY A 55 17.31 2.13 -6.00
N GLY A 56 16.33 1.51 -5.37
CA GLY A 56 16.33 0.05 -5.17
C GLY A 56 15.50 -0.75 -6.08
N LEU A 57 15.02 -0.26 -7.21
CA LEU A 57 13.86 -0.96 -7.85
C LEU A 57 14.16 -2.20 -8.70
N PHE A 58 15.44 -2.25 -9.11
CA PHE A 58 15.86 -3.36 -9.94
C PHE A 58 16.03 -4.49 -8.96
N GLY A 59 16.30 -4.12 -7.73
CA GLY A 59 16.36 -5.09 -6.65
C GLY A 59 14.97 -5.38 -6.05
N GLY A 60 14.02 -4.48 -6.32
CA GLY A 60 12.65 -4.65 -5.91
C GLY A 60 11.97 -5.86 -6.64
N ILE A 61 12.49 -6.18 -7.82
CA ILE A 61 11.99 -7.39 -8.57
C ILE A 61 12.39 -8.63 -7.82
N LEU A 62 13.59 -8.68 -7.21
CA LEU A 62 14.07 -9.91 -6.64
C LEU A 62 13.23 -10.09 -5.33
N ASP A 63 12.88 -8.97 -4.72
CA ASP A 63 12.09 -9.03 -3.55
C ASP A 63 10.65 -9.49 -3.72
N GLN A 64 9.99 -9.15 -4.84
CA GLN A 64 8.58 -9.51 -5.14
C GLN A 64 8.35 -11.00 -5.57
N GLN A 65 9.38 -11.83 -5.30
CA GLN A 65 9.33 -13.27 -5.55
C GLN A 65 9.69 -13.83 -4.19
N SER A 66 8.71 -13.92 -3.31
CA SER A 66 8.97 -14.31 -1.93
C SER A 66 7.73 -14.73 -1.23
N GLU A 67 7.75 -15.37 -0.08
CA GLU A 67 6.53 -15.60 0.64
C GLU A 67 5.99 -14.29 1.11
N ASN A 68 6.95 -13.38 1.34
CA ASN A 68 6.52 -12.02 1.76
C ASN A 68 6.11 -11.13 0.55
N ARG A 69 5.76 -11.80 -0.53
CA ARG A 69 4.95 -11.24 -1.54
C ARG A 69 3.52 -11.16 -1.06
N TRP A 70 3.31 -9.95 -0.63
CA TRP A 70 2.07 -9.26 -0.43
C TRP A 70 0.98 -9.73 -1.38
N PHE A 71 -0.18 -9.93 -0.78
CA PHE A 71 -1.31 -10.55 -1.45
C PHE A 71 -1.87 -9.82 -2.62
N LYS A 72 -2.45 -10.61 -3.51
CA LYS A 72 -3.02 -10.09 -4.73
C LYS A 72 -4.49 -9.97 -4.64
N HIS A 73 -5.13 -9.18 -5.50
CA HIS A 73 -6.64 -9.22 -5.75
C HIS A 73 -6.93 -8.73 -7.15
N ILE A 74 -7.98 -9.30 -7.79
CA ILE A 74 -8.36 -8.77 -9.14
C ILE A 74 -9.15 -7.47 -8.89
N MET A 75 -8.87 -6.41 -9.64
CA MET A 75 -9.66 -5.17 -9.53
C MET A 75 -9.92 -4.62 -10.93
N THR A 76 -10.94 -3.80 -11.08
CA THR A 76 -11.37 -3.22 -12.36
C THR A 76 -11.24 -1.73 -12.10
N GLY A 77 -11.29 -0.90 -13.11
CA GLY A 77 -11.08 0.52 -12.88
C GLY A 77 -12.34 1.23 -12.50
N GLY A 78 -12.34 2.53 -12.57
CA GLY A 78 -13.48 3.27 -12.14
C GLY A 78 -13.33 3.73 -10.70
N GLU A 79 -14.40 4.34 -10.13
CA GLU A 79 -14.37 4.79 -8.76
C GLU A 79 -14.65 3.63 -7.79
N HIS A 80 -13.92 3.71 -6.70
CA HIS A 80 -14.00 2.74 -5.64
C HIS A 80 -13.93 3.59 -4.35
N THR A 81 -14.67 3.16 -3.40
CA THR A 81 -14.61 3.72 -2.08
C THR A 81 -13.73 2.79 -1.26
N PHE A 82 -12.68 3.27 -0.61
CA PHE A 82 -11.83 2.43 0.27
C PHE A 82 -12.10 2.91 1.69
N THR A 83 -11.98 2.06 2.68
CA THR A 83 -11.99 2.47 4.09
C THR A 83 -11.23 1.52 5.03
N TRP A 84 -10.84 2.01 6.21
CA TRP A 84 -10.10 1.27 7.25
C TRP A 84 -10.80 1.72 8.56
N THR A 85 -10.42 1.05 9.65
CA THR A 85 -10.52 1.68 10.99
C THR A 85 -9.21 1.39 11.74
N TYR A 86 -8.88 2.25 12.68
CA TYR A 86 -7.81 2.03 13.65
C TYR A 86 -8.40 1.40 14.94
N THR A 87 -7.58 0.65 15.72
CA THR A 87 -8.02 0.13 17.02
C THR A 87 -7.80 1.15 18.11
N ALA A 88 -6.84 2.02 17.94
CA ALA A 88 -6.51 3.15 18.80
C ALA A 88 -5.87 4.09 17.86
N PRO A 89 -6.08 5.44 17.96
CA PRO A 89 -5.59 6.33 16.90
C PRO A 89 -4.12 6.56 16.95
N HIS A 90 -3.62 7.06 15.80
CA HIS A 90 -2.25 7.50 15.68
C HIS A 90 -2.30 8.94 15.38
N ASN A 91 -1.27 9.59 15.90
CA ASN A 91 -1.13 11.08 15.72
C ASN A 91 -0.52 11.36 14.36
N THR A 92 -1.38 11.67 13.37
CA THR A 92 -1.03 11.77 12.02
C THR A 92 -0.45 13.06 11.57
N SER A 93 0.71 13.05 10.93
CA SER A 93 1.23 14.32 10.39
C SER A 93 0.69 14.56 8.99
N GLN A 94 0.67 13.50 8.23
CA GLN A 94 -0.05 13.42 6.94
C GLN A 94 -0.10 11.98 6.46
N TRP A 95 -0.86 11.59 5.47
CA TRP A 95 -0.61 10.28 4.82
C TRP A 95 -0.83 10.38 3.27
N HIS A 96 -0.34 9.38 2.59
CA HIS A 96 -0.24 9.36 1.10
C HIS A 96 -0.59 8.00 0.52
N TYR A 97 -0.94 7.90 -0.74
CA TYR A 97 -1.08 6.64 -1.46
C TYR A 97 -0.81 6.79 -2.93
N TYR A 98 -0.21 5.80 -3.60
CA TYR A 98 0.23 5.92 -4.98
C TYR A 98 -0.13 4.56 -5.64
N ILE A 99 -0.01 4.51 -6.96
CA ILE A 99 0.06 3.25 -7.67
C ILE A 99 1.33 3.28 -8.49
N THR A 100 1.94 2.07 -8.79
CA THR A 100 3.07 2.00 -9.64
C THR A 100 2.37 1.99 -11.03
N LYS A 101 3.01 2.65 -11.98
CA LYS A 101 2.43 2.87 -13.29
C LYS A 101 3.16 1.81 -14.08
N LYS A 102 2.38 1.06 -14.87
CA LYS A 102 2.92 -0.21 -15.39
C LYS A 102 2.28 -0.33 -16.80
N GLY A 103 3.02 -1.00 -17.62
CA GLY A 103 2.66 -1.11 -19.05
C GLY A 103 3.21 0.08 -19.84
N TRP A 104 4.39 0.46 -19.42
CA TRP A 104 5.09 1.63 -19.78
C TRP A 104 5.51 1.70 -21.18
N ASP A 105 5.76 2.87 -21.78
CA ASP A 105 6.64 2.97 -22.96
C ASP A 105 8.06 2.78 -22.52
N PRO A 106 8.77 1.81 -23.07
CA PRO A 106 10.06 1.56 -22.42
C PRO A 106 11.03 2.70 -22.34
N ASP A 107 10.94 3.69 -23.22
CA ASP A 107 11.94 4.80 -23.32
C ASP A 107 11.78 5.86 -22.23
N LYS A 108 10.71 5.65 -21.47
CA LYS A 108 10.35 6.55 -20.36
C LYS A 108 11.51 6.71 -19.33
N PRO A 109 11.45 7.77 -18.49
CA PRO A 109 12.25 7.75 -17.27
C PRO A 109 11.67 6.88 -16.18
N LEU A 110 11.75 5.61 -16.51
CA LEU A 110 11.04 4.51 -15.76
C LEU A 110 11.18 4.60 -14.25
N LYS A 111 12.33 4.95 -13.62
CA LYS A 111 12.41 5.01 -12.19
C LYS A 111 11.57 6.10 -11.54
N ARG A 112 11.11 6.99 -12.35
CA ARG A 112 10.24 8.08 -11.91
C ARG A 112 8.85 8.01 -12.62
N ALA A 113 8.85 7.71 -13.89
CA ALA A 113 7.61 7.52 -14.66
C ALA A 113 6.80 6.30 -14.21
N ASP A 114 7.36 5.35 -13.49
CA ASP A 114 6.59 4.20 -13.07
C ASP A 114 5.97 4.29 -11.70
N PHE A 115 5.58 5.50 -11.28
CA PHE A 115 4.75 5.76 -10.08
C PHE A 115 3.78 6.85 -10.40
N GLU A 116 2.56 6.83 -9.85
CA GLU A 116 1.68 8.00 -9.80
C GLU A 116 1.08 8.30 -8.45
N LEU A 117 0.91 9.54 -8.04
CA LEU A 117 0.32 9.80 -6.73
C LEU A 117 -1.15 9.56 -7.07
N ILE A 118 -1.87 8.89 -6.21
CA ILE A 118 -3.25 8.68 -6.47
C ILE A 118 -4.07 9.21 -5.28
N GLY A 119 -3.37 9.63 -4.27
CA GLY A 119 -3.93 10.63 -3.36
C GLY A 119 -3.14 10.98 -2.12
N ALA A 120 -3.54 12.03 -1.40
CA ALA A 120 -2.90 12.26 -0.06
C ALA A 120 -3.90 13.00 0.83
N VAL A 121 -3.86 12.69 2.13
CA VAL A 121 -4.67 13.36 3.17
C VAL A 121 -3.78 14.04 4.23
N PRO A 122 -3.56 15.34 4.18
CA PRO A 122 -2.71 16.04 5.17
C PRO A 122 -3.53 16.20 6.49
N HIS A 123 -2.81 16.68 7.47
CA HIS A 123 -3.38 16.86 8.79
C HIS A 123 -2.97 18.26 9.30
N ASP A 124 -3.12 19.29 8.48
CA ASP A 124 -2.81 20.65 9.03
C ASP A 124 -3.95 21.12 9.86
N GLY A 125 -5.06 20.46 9.79
CA GLY A 125 -6.24 20.89 10.48
C GLY A 125 -7.51 20.65 9.70
N SER A 126 -8.64 21.17 10.19
CA SER A 126 -9.97 21.06 9.68
C SER A 126 -10.57 19.67 9.68
N PRO A 127 -11.93 19.54 9.72
CA PRO A 127 -12.35 18.17 9.92
C PRO A 127 -12.46 17.28 8.67
N ALA A 128 -11.97 17.74 7.54
CA ALA A 128 -11.83 16.90 6.35
C ALA A 128 -10.69 15.91 6.57
N SER A 129 -9.77 16.28 7.42
CA SER A 129 -8.54 15.50 7.73
C SER A 129 -8.84 14.25 8.55
N ARG A 130 -10.05 14.34 9.14
CA ARG A 130 -10.58 13.24 9.97
C ARG A 130 -11.01 12.08 9.07
N ASN A 131 -11.30 12.42 7.81
CA ASN A 131 -11.90 11.44 6.87
C ASN A 131 -10.90 10.36 6.50
N LEU A 132 -11.08 9.14 6.99
CA LEU A 132 -10.25 7.98 6.71
C LEU A 132 -10.79 7.25 5.47
N SER A 133 -12.13 7.21 5.31
CA SER A 133 -12.78 6.66 4.16
C SER A 133 -12.63 7.61 2.98
N HIS A 134 -12.24 7.11 1.83
CA HIS A 134 -11.94 7.99 0.69
C HIS A 134 -12.46 7.37 -0.58
N HIS A 135 -12.61 8.19 -1.58
CA HIS A 135 -13.00 7.77 -2.89
C HIS A 135 -11.82 7.89 -3.82
N ILE A 136 -11.56 6.86 -4.56
CA ILE A 136 -10.42 6.77 -5.45
C ILE A 136 -10.98 6.30 -6.78
N TYR A 137 -10.82 7.17 -7.76
CA TYR A 137 -10.86 6.77 -9.19
C TYR A 137 -9.56 6.07 -9.50
N ILE A 138 -9.64 4.94 -10.20
CA ILE A 138 -8.51 4.08 -10.62
C ILE A 138 -8.73 3.97 -12.13
N PRO A 139 -7.77 4.42 -12.97
CA PRO A 139 -8.02 4.28 -14.43
C PRO A 139 -7.96 2.84 -14.90
N GLU A 140 -8.66 2.56 -15.96
CA GLU A 140 -8.74 1.18 -16.52
C GLU A 140 -7.90 1.08 -17.75
N ASP A 141 -6.63 1.49 -17.67
CA ASP A 141 -5.84 1.69 -18.89
C ASP A 141 -5.42 0.47 -19.68
N ARG A 142 -5.14 -0.60 -18.96
CA ARG A 142 -4.58 -1.89 -19.46
C ARG A 142 -4.91 -3.06 -18.55
N LEU A 143 -4.70 -4.26 -19.07
CA LEU A 143 -4.68 -5.48 -18.18
C LEU A 143 -3.31 -5.68 -17.58
N GLY A 144 -3.29 -5.94 -16.27
CA GLY A 144 -2.03 -6.32 -15.66
C GLY A 144 -1.79 -5.74 -14.27
N TYR A 145 -0.84 -6.29 -13.59
CA TYR A 145 -0.55 -6.02 -12.17
C TYR A 145 0.09 -4.67 -11.77
N HIS A 146 -0.30 -4.17 -10.60
CA HIS A 146 0.18 -2.91 -10.07
C HIS A 146 0.30 -3.19 -8.60
N VAL A 147 1.12 -2.41 -7.94
CA VAL A 147 1.11 -2.34 -6.44
C VAL A 147 0.48 -0.99 -6.14
N ILE A 148 -0.41 -1.07 -5.17
CA ILE A 148 -1.05 0.16 -4.63
C ILE A 148 -0.07 0.28 -3.49
N LEU A 149 0.58 1.39 -3.40
CA LEU A 149 1.49 1.73 -2.33
C LEU A 149 0.84 2.75 -1.41
N ALA A 150 1.11 2.68 -0.13
CA ALA A 150 0.66 3.66 0.82
C ALA A 150 1.73 4.04 1.87
N VAL A 151 1.72 5.27 2.39
CA VAL A 151 2.72 5.78 3.38
C VAL A 151 2.08 6.68 4.39
N TRP A 152 2.28 6.43 5.66
CA TRP A 152 1.64 7.24 6.72
C TRP A 152 2.69 7.90 7.54
N ASP A 153 2.72 9.20 7.59
CA ASP A 153 3.74 9.85 8.37
C ASP A 153 3.10 10.03 9.71
N VAL A 154 3.80 9.75 10.79
CA VAL A 154 3.17 9.74 12.13
C VAL A 154 3.90 10.80 12.88
N ALA A 155 3.27 11.79 13.50
CA ALA A 155 3.91 13.03 14.02
C ALA A 155 4.77 12.86 15.20
N ASP A 156 4.64 11.75 15.89
CA ASP A 156 5.32 11.37 17.15
C ASP A 156 6.78 10.94 16.93
N THR A 157 7.04 10.40 15.76
CA THR A 157 8.19 9.53 15.54
C THR A 157 9.02 9.80 14.30
N GLU A 158 10.20 9.26 14.20
CA GLU A 158 11.02 9.32 13.00
C GLU A 158 10.87 8.07 12.12
N ASN A 159 10.32 7.02 12.69
CA ASN A 159 9.64 5.99 11.90
C ASN A 159 8.37 6.53 11.25
N ALA A 160 7.98 5.91 10.18
CA ALA A 160 6.76 6.23 9.42
C ALA A 160 6.37 4.91 8.84
N PHE A 161 5.06 4.61 8.80
CA PHE A 161 4.59 3.30 8.38
C PHE A 161 4.54 3.36 6.84
N TYR A 162 4.43 2.18 6.26
CA TYR A 162 4.03 2.01 4.88
C TYR A 162 3.34 0.64 4.72
N GLN A 163 2.57 0.48 3.63
CA GLN A 163 2.00 -0.82 3.33
C GLN A 163 1.87 -1.01 1.83
N VAL A 164 1.87 -2.24 1.30
CA VAL A 164 2.00 -2.49 -0.14
C VAL A 164 1.02 -3.60 -0.45
N ILE A 165 0.14 -3.43 -1.44
CA ILE A 165 -0.92 -4.37 -1.79
C ILE A 165 -0.85 -4.55 -3.27
N ASP A 166 -0.76 -5.73 -3.82
CA ASP A 166 -0.73 -6.03 -5.26
C ASP A 166 -2.18 -6.12 -5.77
N VAL A 167 -2.55 -5.53 -6.92
CA VAL A 167 -3.86 -5.70 -7.46
C VAL A 167 -3.58 -6.02 -8.89
N ASP A 168 -4.25 -7.03 -9.45
CA ASP A 168 -4.21 -7.34 -10.89
C ASP A 168 -5.34 -6.50 -11.54
N LEU A 169 -5.08 -5.36 -12.15
CA LEU A 169 -6.10 -4.49 -12.69
C LEU A 169 -6.42 -4.88 -14.09
N VAL A 170 -7.71 -5.07 -14.40
CA VAL A 170 -8.06 -5.60 -15.73
C VAL A 170 -9.22 -4.68 -16.29
N ASN A 171 -9.51 -4.86 -17.58
CA ASN A 171 -10.50 -4.16 -18.23
C ASN A 171 -11.78 -4.88 -17.95
N LYS A 172 -12.92 -4.24 -17.83
CA LYS A 172 -14.19 -5.02 -17.75
C LYS A 172 -14.55 -5.53 -19.09
CU CU1 B . 0.09 1.51 14.19
N HIS A 1 -1.08 1.70 14.65
CA HIS A 1 -1.31 0.71 13.55
C HIS A 1 -2.83 0.46 13.38
N GLY A 2 -3.11 -0.25 12.29
CA GLY A 2 -4.51 -0.44 11.93
C GLY A 2 -4.57 -1.59 10.88
N PHE A 3 -5.69 -1.61 10.19
CA PHE A 3 -5.97 -2.69 9.24
C PHE A 3 -6.87 -2.16 8.06
N ILE A 4 -6.89 -2.93 7.00
CA ILE A 4 -7.70 -2.57 5.81
C ILE A 4 -9.15 -3.05 5.95
N GLU A 5 -10.17 -2.29 5.55
CA GLU A 5 -11.55 -2.56 5.90
C GLU A 5 -12.24 -2.69 4.54
N LYS A 6 -11.55 -3.33 3.59
CA LYS A 6 -12.03 -3.74 2.29
C LYS A 6 -12.14 -2.56 1.25
N PRO A 7 -11.89 -2.87 -0.05
CA PRO A 7 -11.16 -4.02 -0.62
C PRO A 7 -9.79 -4.23 -0.07
N GLY A 8 -9.38 -5.51 0.00
CA GLY A 8 -8.04 -5.93 0.35
C GLY A 8 -7.93 -6.31 1.81
N SER A 9 -8.97 -6.86 2.40
CA SER A 9 -8.92 -7.19 3.79
C SER A 9 -8.09 -8.43 3.95
N ARG A 10 -7.23 -8.49 4.96
CA ARG A 10 -6.47 -9.72 5.19
C ARG A 10 -7.35 -10.63 6.04
N ALA A 11 -8.36 -10.04 6.67
CA ALA A 11 -9.26 -10.76 7.53
C ALA A 11 -10.07 -11.71 6.66
N ALA A 12 -10.39 -11.27 5.46
CA ALA A 12 -11.21 -12.11 4.54
C ALA A 12 -10.37 -13.24 3.96
N LEU A 13 -9.03 -13.17 4.08
CA LEU A 13 -8.14 -14.22 3.60
C LEU A 13 -7.94 -15.13 4.82
N CYS A 14 -8.17 -14.64 6.04
CA CYS A 14 -7.89 -15.46 7.27
C CYS A 14 -9.19 -16.23 7.59
N SER A 15 -10.35 -15.73 7.18
CA SER A 15 -11.60 -16.40 7.31
C SER A 15 -11.76 -17.73 6.57
N GLU A 16 -11.86 -18.87 7.25
CA GLU A 16 -12.07 -20.18 6.67
C GLU A 16 -13.51 -20.25 6.20
N ALA A 17 -14.43 -19.56 6.87
CA ALA A 17 -15.82 -19.61 6.47
C ALA A 17 -16.00 -19.02 5.01
N PHE A 18 -15.27 -17.97 4.69
CA PHE A 18 -15.35 -17.43 3.36
C PHE A 18 -15.23 -18.41 2.20
N GLY A 19 -14.27 -19.31 2.31
CA GLY A 19 -13.90 -20.24 1.26
C GLY A 19 -14.40 -21.56 1.75
N PHE A 20 -15.35 -21.52 2.69
CA PHE A 20 -15.83 -22.62 3.55
C PHE A 20 -14.88 -23.53 4.25
N LEU A 21 -13.93 -24.10 3.54
CA LEU A 21 -12.94 -25.07 4.08
C LEU A 21 -11.52 -24.58 3.96
N ASN A 22 -11.36 -23.50 3.29
CA ASN A 22 -10.03 -23.05 2.84
C ASN A 22 -9.79 -21.69 3.39
N LEU A 23 -8.54 -21.31 3.57
CA LEU A 23 -8.13 -20.00 4.13
C LEU A 23 -6.70 -19.84 3.73
N ASN A 24 -6.16 -18.63 3.89
CA ASN A 24 -4.92 -18.22 3.21
C ASN A 24 -4.28 -16.90 3.66
N CYS A 25 -4.24 -16.69 4.98
CA CYS A 25 -3.92 -15.35 5.56
C CYS A 25 -2.46 -14.91 5.31
N GLY A 26 -1.59 -15.89 5.07
CA GLY A 26 -0.17 -15.56 4.92
C GLY A 26 0.58 -15.56 6.21
N SER A 27 1.20 -16.68 6.51
CA SER A 27 1.79 -16.84 7.84
C SER A 27 3.00 -15.93 8.11
N VAL A 28 3.48 -15.26 7.06
CA VAL A 28 4.47 -14.20 7.14
C VAL A 28 4.12 -13.05 8.09
N MET A 29 2.88 -12.99 8.55
CA MET A 29 2.28 -11.89 9.30
C MET A 29 2.69 -11.61 10.74
N TYR A 30 3.85 -12.13 11.14
CA TYR A 30 4.25 -11.95 12.55
C TYR A 30 4.48 -10.47 12.90
N GLU A 31 5.14 -9.71 12.06
CA GLU A 31 5.39 -8.28 12.34
C GLU A 31 5.36 -7.41 11.11
N PRO A 32 4.18 -7.34 10.41
CA PRO A 32 4.11 -6.33 9.33
C PRO A 32 4.16 -4.90 9.86
N GLN A 33 3.91 -4.72 11.16
CA GLN A 33 4.12 -3.46 11.84
C GLN A 33 5.58 -2.98 11.94
N SER A 34 6.50 -3.90 11.76
CA SER A 34 7.90 -3.58 11.85
C SER A 34 8.41 -2.87 10.63
N LEU A 35 7.58 -2.73 9.62
CA LEU A 35 7.91 -2.00 8.38
C LEU A 35 7.96 -0.47 8.59
N GLU A 36 9.19 -0.02 8.83
CA GLU A 36 9.40 1.39 9.17
C GLU A 36 10.31 2.25 8.29
N ALA A 37 10.15 3.58 8.43
CA ALA A 37 10.78 4.62 7.61
C ALA A 37 11.26 5.68 8.62
N LYS A 38 12.02 6.65 8.15
CA LYS A 38 12.35 7.83 8.92
C LYS A 38 11.91 9.09 8.13
N LYS A 39 11.40 10.03 8.86
CA LYS A 39 10.90 11.27 8.33
C LYS A 39 12.09 12.15 7.89
N GLY A 40 11.81 13.05 6.97
CA GLY A 40 12.80 14.04 6.60
C GLY A 40 12.77 14.25 5.12
N PHE A 41 13.81 14.91 4.69
CA PHE A 41 14.01 15.20 3.25
C PHE A 41 15.49 14.80 2.89
N PRO A 42 15.79 14.17 1.73
CA PRO A 42 14.88 13.77 0.66
C PRO A 42 13.96 12.59 0.99
N HIS A 43 12.91 12.48 0.18
CA HIS A 43 11.77 11.57 0.48
C HIS A 43 10.83 11.26 -0.65
N SER A 44 11.01 11.83 -1.82
CA SER A 44 10.09 11.82 -2.98
C SER A 44 9.22 10.54 -3.18
N GLY A 45 9.85 9.41 -3.46
CA GLY A 45 9.16 8.16 -3.68
C GLY A 45 8.60 7.45 -2.41
N PRO A 46 7.89 6.32 -2.62
CA PRO A 46 7.22 5.68 -1.47
C PRO A 46 8.20 4.98 -0.50
N ALA A 47 9.33 4.52 -1.00
CA ALA A 47 10.33 3.74 -0.21
C ALA A 47 11.27 4.63 0.49
N ASP A 48 11.87 4.10 1.56
CA ASP A 48 12.88 4.78 2.35
C ASP A 48 13.83 3.70 2.89
N GLY A 49 15.10 4.04 3.16
CA GLY A 49 16.10 3.18 3.76
C GLY A 49 16.93 2.38 2.79
N GLN A 50 16.45 2.16 1.56
CA GLN A 50 17.11 1.35 0.45
C GLN A 50 17.02 2.10 -0.87
N ILE A 51 17.36 3.40 -0.80
CA ILE A 51 17.10 4.31 -1.88
C ILE A 51 18.07 4.05 -3.05
N ALA A 52 19.26 3.73 -2.80
CA ALA A 52 20.19 3.48 -3.91
C ALA A 52 19.99 2.22 -4.65
N SER A 53 19.63 1.14 -3.95
CA SER A 53 19.47 -0.12 -4.62
C SER A 53 18.03 -0.31 -5.20
N ALA A 54 17.07 0.60 -4.95
CA ALA A 54 15.64 0.42 -5.25
C ALA A 54 15.12 -0.93 -4.67
N GLY A 55 15.61 -1.34 -3.51
CA GLY A 55 15.18 -2.58 -2.98
C GLY A 55 13.83 -2.55 -2.36
N GLY A 56 13.29 -1.38 -2.02
CA GLY A 56 11.88 -1.25 -1.70
C GLY A 56 11.04 -1.08 -2.93
N LEU A 57 11.61 -1.02 -4.14
CA LEU A 57 10.83 -0.82 -5.36
C LEU A 57 10.75 -1.97 -6.32
N PHE A 58 11.93 -2.41 -6.69
CA PHE A 58 12.08 -3.67 -7.47
C PHE A 58 11.86 -4.88 -6.59
N GLY A 59 12.10 -4.69 -5.33
CA GLY A 59 11.81 -5.71 -4.30
C GLY A 59 10.37 -6.07 -4.36
N GLY A 60 9.57 -5.08 -4.81
CA GLY A 60 8.15 -5.28 -5.06
C GLY A 60 7.79 -6.23 -6.15
N ILE A 61 8.64 -6.34 -7.18
CA ILE A 61 8.41 -7.20 -8.33
C ILE A 61 8.83 -8.59 -7.86
N LEU A 62 9.88 -8.67 -7.10
CA LEU A 62 10.45 -9.86 -6.55
C LEU A 62 9.53 -10.49 -5.52
N ASP A 63 8.69 -9.69 -4.84
CA ASP A 63 7.75 -10.21 -3.82
C ASP A 63 6.61 -11.02 -4.54
N GLN A 64 6.47 -10.99 -5.84
CA GLN A 64 5.44 -11.79 -6.50
C GLN A 64 5.77 -13.29 -6.55
N GLN A 65 6.99 -13.51 -6.21
CA GLN A 65 7.64 -14.84 -6.20
C GLN A 65 8.70 -14.86 -5.10
N SER A 66 8.26 -14.83 -3.87
CA SER A 66 9.24 -14.65 -2.76
C SER A 66 8.80 -15.46 -1.59
N GLU A 67 9.68 -15.88 -0.66
CA GLU A 67 9.34 -16.25 0.67
C GLU A 67 8.56 -15.20 1.47
N ASN A 68 8.85 -13.94 1.17
CA ASN A 68 8.16 -12.85 1.89
C ASN A 68 6.67 -12.64 1.48
N ARG A 69 6.38 -12.86 0.20
CA ARG A 69 5.10 -12.67 -0.50
C ARG A 69 3.95 -12.17 0.33
N TRP A 70 4.16 -10.89 0.58
CA TRP A 70 3.15 -10.05 1.23
C TRP A 70 1.93 -9.99 0.33
N PHE A 71 0.76 -9.86 0.94
CA PHE A 71 -0.48 -10.43 0.51
C PHE A 71 -1.13 -9.70 -0.71
N LYS A 72 -1.72 -10.46 -1.56
CA LYS A 72 -2.24 -10.03 -2.85
C LYS A 72 -3.72 -10.29 -2.96
N HIS A 73 -4.42 -9.51 -3.78
CA HIS A 73 -5.87 -9.63 -3.96
C HIS A 73 -6.03 -9.56 -5.51
N ILE A 74 -7.24 -9.70 -6.00
CA ILE A 74 -7.54 -9.40 -7.41
C ILE A 74 -8.69 -8.37 -7.37
N MET A 75 -8.68 -7.37 -8.21
CA MET A 75 -9.80 -6.39 -8.32
C MET A 75 -9.97 -5.98 -9.77
N THR A 76 -11.01 -5.26 -10.11
CA THR A 76 -11.16 -4.72 -11.47
C THR A 76 -10.82 -3.23 -11.57
N GLY A 77 -10.63 -2.65 -12.77
CA GLY A 77 -10.46 -1.20 -12.91
C GLY A 77 -11.76 -0.41 -12.79
N GLY A 78 -11.65 0.88 -12.89
CA GLY A 78 -12.78 1.76 -12.55
C GLY A 78 -12.66 2.38 -11.15
N GLU A 79 -13.51 3.38 -10.86
CA GLU A 79 -13.42 3.96 -9.56
C GLU A 79 -13.86 3.07 -8.41
N HIS A 80 -13.05 2.88 -7.39
CA HIS A 80 -13.43 2.10 -6.19
C HIS A 80 -13.18 3.08 -5.02
N THR A 81 -13.88 2.78 -3.95
CA THR A 81 -13.65 3.36 -2.59
C THR A 81 -12.95 2.33 -1.73
N PHE A 82 -12.02 2.79 -0.91
CA PHE A 82 -11.19 1.92 -0.07
C PHE A 82 -11.41 2.41 1.35
N THR A 83 -11.33 1.53 2.37
CA THR A 83 -11.46 1.97 3.78
C THR A 83 -10.32 1.33 4.56
N TRP A 84 -9.73 2.12 5.46
CA TRP A 84 -8.72 1.70 6.43
C TRP A 84 -9.32 2.09 7.74
N THR A 85 -8.84 1.52 8.85
CA THR A 85 -9.08 2.14 10.18
C THR A 85 -7.78 1.98 10.97
N TYR A 86 -7.33 3.01 11.70
CA TYR A 86 -6.21 2.97 12.63
C TYR A 86 -6.68 3.30 14.03
N THR A 87 -6.35 2.37 14.94
CA THR A 87 -7.12 2.25 16.16
C THR A 87 -6.41 2.31 17.50
N ALA A 88 -5.13 2.61 17.51
CA ALA A 88 -4.28 2.76 18.71
C ALA A 88 -4.71 3.79 19.76
N PRO A 89 -4.75 5.11 19.45
CA PRO A 89 -4.32 5.96 18.33
C PRO A 89 -2.82 6.29 18.41
N HIS A 90 -2.36 7.01 17.39
CA HIS A 90 -1.07 7.66 17.48
C HIS A 90 -1.38 9.11 17.00
N ASN A 91 -0.45 10.01 17.29
CA ASN A 91 -0.63 11.34 16.74
C ASN A 91 0.06 11.30 15.37
N THR A 92 -0.44 12.10 14.42
CA THR A 92 -0.16 11.84 13.01
C THR A 92 0.15 13.21 12.33
N SER A 93 1.20 13.28 11.50
CA SER A 93 1.41 14.55 10.81
C SER A 93 0.87 14.49 9.39
N GLN A 94 0.96 13.33 8.78
CA GLN A 94 0.61 12.99 7.40
C GLN A 94 0.31 11.52 7.26
N TRP A 95 -0.55 11.11 6.31
CA TRP A 95 -0.46 9.83 5.68
C TRP A 95 -0.71 10.00 4.20
N HIS A 96 0.11 9.34 3.38
CA HIS A 96 -0.05 9.55 1.91
C HIS A 96 0.18 8.30 1.15
N TYR A 97 -0.26 8.28 -0.10
CA TYR A 97 -0.38 7.00 -0.81
C TYR A 97 -0.17 7.10 -2.34
N TYR A 98 0.51 6.08 -2.86
CA TYR A 98 1.10 6.00 -4.20
C TYR A 98 0.44 4.79 -4.91
N ILE A 99 0.66 4.82 -6.21
CA ILE A 99 0.38 3.68 -7.08
C ILE A 99 1.63 3.39 -7.86
N THR A 100 1.77 2.22 -8.39
CA THR A 100 2.64 1.95 -9.54
C THR A 100 1.74 1.84 -10.72
N LYS A 101 2.39 1.89 -11.86
CA LYS A 101 1.79 1.68 -13.22
C LYS A 101 2.22 0.26 -13.71
N LYS A 102 1.86 -0.15 -14.93
CA LYS A 102 2.23 -1.41 -15.54
C LYS A 102 1.95 -1.26 -17.05
N GLY A 103 2.42 -2.15 -17.93
CA GLY A 103 2.24 -1.95 -19.38
C GLY A 103 3.04 -0.76 -19.92
N TRP A 104 4.33 -0.91 -19.84
CA TRP A 104 5.30 0.17 -20.04
C TRP A 104 6.60 -0.20 -20.80
N ASP A 105 7.37 0.85 -21.12
CA ASP A 105 8.69 0.73 -21.72
C ASP A 105 9.77 0.53 -20.66
N PRO A 106 10.40 -0.66 -20.57
CA PRO A 106 11.48 -0.66 -19.60
C PRO A 106 12.67 0.28 -19.67
N ASP A 107 12.92 0.80 -20.87
CA ASP A 107 14.03 1.74 -20.94
C ASP A 107 13.77 3.04 -20.29
N LYS A 108 12.46 3.35 -20.05
CA LYS A 108 12.09 4.61 -19.37
C LYS A 108 12.40 4.66 -17.83
N PRO A 109 12.46 5.88 -17.25
CA PRO A 109 12.36 6.25 -15.82
C PRO A 109 11.40 5.63 -14.84
N LEU A 110 10.91 4.41 -15.11
CA LEU A 110 9.84 3.73 -14.34
C LEU A 110 10.03 3.64 -12.77
N LYS A 111 11.26 3.46 -12.32
CA LYS A 111 11.54 3.40 -10.91
C LYS A 111 11.34 4.72 -10.14
N ARG A 112 11.10 5.76 -10.89
CA ARG A 112 10.72 7.05 -10.29
C ARG A 112 9.43 7.57 -10.93
N ALA A 113 9.45 7.78 -12.22
CA ALA A 113 8.37 8.50 -12.87
C ALA A 113 7.05 7.68 -12.93
N ASP A 114 7.17 6.34 -12.83
CA ASP A 114 5.99 5.39 -12.85
C ASP A 114 5.65 4.82 -11.47
N PHE A 115 6.14 5.55 -10.47
CA PHE A 115 5.65 5.53 -9.09
C PHE A 115 4.99 6.91 -8.94
N GLU A 116 3.77 6.90 -8.49
CA GLU A 116 3.04 8.17 -8.55
C GLU A 116 2.28 8.40 -7.27
N LEU A 117 2.55 9.54 -6.60
CA LEU A 117 1.71 9.94 -5.44
C LEU A 117 0.31 10.12 -6.08
N ILE A 118 -0.67 9.36 -5.67
CA ILE A 118 -2.07 9.57 -6.12
C ILE A 118 -2.86 10.44 -5.17
N GLY A 119 -2.22 10.68 -3.97
CA GLY A 119 -2.78 11.61 -3.00
C GLY A 119 -2.31 11.47 -1.54
N ALA A 120 -2.77 12.43 -0.75
CA ALA A 120 -2.48 12.51 0.66
C ALA A 120 -3.66 13.03 1.46
N VAL A 121 -3.71 12.70 2.72
CA VAL A 121 -4.60 13.23 3.77
C VAL A 121 -3.65 13.78 4.81
N PRO A 122 -3.31 15.06 4.65
CA PRO A 122 -2.45 15.54 5.74
C PRO A 122 -3.24 15.85 6.99
N HIS A 123 -2.57 15.92 8.15
CA HIS A 123 -3.35 16.23 9.37
C HIS A 123 -3.61 17.77 9.43
N ASP A 124 -4.83 18.23 9.34
CA ASP A 124 -5.13 19.70 9.44
C ASP A 124 -6.18 20.03 10.46
N GLY A 125 -6.83 19.05 11.02
CA GLY A 125 -7.76 19.31 12.15
C GLY A 125 -9.21 19.49 11.78
N SER A 126 -9.51 19.72 10.48
CA SER A 126 -10.90 19.54 9.98
C SER A 126 -11.04 18.06 10.14
N PRO A 127 -12.25 17.52 10.33
CA PRO A 127 -12.41 16.05 10.19
C PRO A 127 -12.33 15.50 8.78
N ALA A 128 -11.77 16.29 7.88
CA ALA A 128 -11.13 15.81 6.67
C ALA A 128 -10.00 14.83 7.08
N SER A 129 -9.37 15.07 8.24
CA SER A 129 -8.17 14.35 8.71
C SER A 129 -8.66 12.96 9.20
N ARG A 130 -9.93 12.77 9.63
CA ARG A 130 -10.43 11.43 10.04
C ARG A 130 -10.89 10.55 8.92
N ASN A 131 -10.80 11.07 7.70
CA ASN A 131 -11.33 10.27 6.54
C ASN A 131 -10.33 9.23 6.01
N LEU A 132 -10.39 8.07 6.67
CA LEU A 132 -9.57 6.92 6.27
C LEU A 132 -10.36 6.05 5.30
N SER A 133 -11.54 6.45 4.91
CA SER A 133 -12.22 5.94 3.75
C SER A 133 -12.22 6.86 2.53
N HIS A 134 -11.72 6.41 1.41
CA HIS A 134 -11.17 7.30 0.41
C HIS A 134 -11.40 6.65 -0.91
N HIS A 135 -11.83 7.45 -1.92
CA HIS A 135 -12.03 7.06 -3.32
C HIS A 135 -10.80 7.10 -4.17
N ILE A 136 -10.55 6.07 -4.92
CA ILE A 136 -9.39 6.10 -5.81
C ILE A 136 -9.88 5.65 -7.22
N TYR A 137 -9.65 6.42 -8.19
CA TYR A 137 -9.83 5.97 -9.59
C TYR A 137 -8.67 5.09 -10.09
N ILE A 138 -8.93 3.88 -10.60
CA ILE A 138 -7.95 2.86 -10.96
C ILE A 138 -8.11 2.76 -12.49
N PRO A 139 -6.99 2.86 -13.20
CA PRO A 139 -7.24 2.82 -14.63
C PRO A 139 -7.62 1.42 -15.12
N GLU A 140 -8.29 1.30 -16.28
CA GLU A 140 -8.61 0.01 -16.89
C GLU A 140 -7.64 -0.30 -18.03
N ASP A 141 -6.37 0.11 -17.78
CA ASP A 141 -5.35 0.18 -18.81
C ASP A 141 -4.82 -1.16 -19.48
N ARG A 142 -4.53 -2.16 -18.66
CA ARG A 142 -4.14 -3.51 -19.01
C ARG A 142 -4.61 -4.38 -17.88
N LEU A 143 -4.52 -5.69 -17.99
CA LEU A 143 -4.73 -6.71 -16.91
C LEU A 143 -3.37 -6.75 -16.26
N GLY A 144 -3.32 -7.41 -15.12
CA GLY A 144 -2.05 -7.73 -14.45
C GLY A 144 -1.83 -6.94 -13.22
N TYR A 145 -0.71 -7.24 -12.51
CA TYR A 145 -0.53 -6.77 -11.15
C TYR A 145 0.22 -5.46 -11.08
N HIS A 146 0.12 -4.83 -9.93
CA HIS A 146 0.69 -3.52 -9.57
C HIS A 146 0.70 -3.41 -8.07
N VAL A 147 1.27 -2.38 -7.50
CA VAL A 147 1.23 -2.13 -6.03
C VAL A 147 0.69 -0.79 -5.66
N ILE A 148 -0.05 -0.70 -4.58
CA ILE A 148 -0.44 0.57 -3.97
C ILE A 148 0.50 0.64 -2.75
N LEU A 149 1.15 1.78 -2.45
CA LEU A 149 2.05 1.91 -1.32
C LEU A 149 1.58 3.08 -0.47
N ALA A 150 1.79 3.02 0.80
CA ALA A 150 1.44 4.12 1.71
C ALA A 150 2.48 4.34 2.82
N VAL A 151 2.46 5.50 3.44
CA VAL A 151 3.37 5.92 4.49
C VAL A 151 2.55 6.77 5.46
N TRP A 152 2.46 6.35 6.72
CA TRP A 152 1.96 7.11 7.87
C TRP A 152 3.07 7.74 8.67
N ASP A 153 3.01 9.02 8.69
CA ASP A 153 4.05 9.76 9.37
C ASP A 153 3.46 10.03 10.76
N VAL A 154 4.03 9.40 11.74
CA VAL A 154 3.61 9.55 13.10
C VAL A 154 4.30 10.82 13.73
N ALA A 155 3.46 11.70 14.25
CA ALA A 155 3.98 13.02 14.71
C ALA A 155 4.82 12.88 15.95
N ASP A 156 4.56 11.80 16.68
CA ASP A 156 5.25 11.67 17.93
C ASP A 156 6.72 11.22 17.82
N THR A 157 7.15 10.67 16.69
CA THR A 157 8.49 10.08 16.45
C THR A 157 9.22 10.66 15.23
N GLU A 158 10.53 10.54 15.24
CA GLU A 158 11.29 10.75 14.00
C GLU A 158 10.96 9.62 12.97
N ASN A 159 10.63 8.45 13.44
CA ASN A 159 10.27 7.37 12.53
C ASN A 159 8.84 7.43 12.00
N ALA A 160 8.64 6.71 10.92
CA ALA A 160 7.33 6.61 10.25
C ALA A 160 7.06 5.13 9.95
N PHE A 161 5.87 4.78 9.59
CA PHE A 161 5.52 3.39 9.19
C PHE A 161 5.10 3.42 7.73
N TYR A 162 5.44 2.35 6.99
CA TYR A 162 4.95 2.30 5.63
C TYR A 162 4.15 1.02 5.49
N GLN A 163 3.26 1.06 4.53
CA GLN A 163 2.36 -0.05 4.23
C GLN A 163 2.48 -0.40 2.78
N VAL A 164 2.22 -1.67 2.45
CA VAL A 164 2.32 -2.13 1.07
C VAL A 164 1.10 -2.96 0.82
N ILE A 165 0.46 -2.77 -0.33
CA ILE A 165 -0.69 -3.60 -0.66
C ILE A 165 -0.57 -3.92 -2.16
N ASP A 166 -0.20 -5.16 -2.57
CA ASP A 166 -0.17 -5.58 -3.94
C ASP A 166 -1.53 -6.06 -4.48
N VAL A 167 -1.98 -5.60 -5.62
CA VAL A 167 -3.22 -6.09 -6.24
C VAL A 167 -3.05 -6.44 -7.73
N ASP A 168 -3.75 -7.53 -8.11
CA ASP A 168 -3.89 -7.82 -9.51
C ASP A 168 -5.09 -6.99 -10.03
N LEU A 169 -5.00 -6.29 -11.14
CA LEU A 169 -6.12 -5.43 -11.58
C LEU A 169 -6.37 -5.89 -12.99
N VAL A 170 -7.62 -6.15 -13.32
CA VAL A 170 -8.00 -6.77 -14.57
C VAL A 170 -9.21 -5.94 -15.08
N ASN A 171 -9.68 -6.16 -16.29
CA ASN A 171 -10.80 -5.43 -16.86
C ASN A 171 -12.15 -5.96 -16.33
N LYS A 172 -13.09 -5.05 -16.18
CA LYS A 172 -14.49 -5.30 -15.72
C LYS A 172 -15.24 -6.28 -16.65
CU CU1 B . 0.79 1.77 15.89
N HIS A 1 -0.51 3.50 14.15
CA HIS A 1 -0.70 2.01 14.01
C HIS A 1 -2.17 1.73 13.70
N GLY A 2 -2.49 0.77 12.82
CA GLY A 2 -3.89 0.49 12.59
C GLY A 2 -4.19 -0.67 11.68
N PHE A 3 -5.35 -0.67 11.02
CA PHE A 3 -5.76 -1.70 10.10
C PHE A 3 -6.68 -1.03 9.08
N ILE A 4 -7.00 -1.78 8.02
CA ILE A 4 -7.98 -1.35 6.99
C ILE A 4 -9.39 -1.65 7.37
N GLU A 5 -10.22 -0.66 7.33
CA GLU A 5 -11.62 -0.73 7.71
C GLU A 5 -12.60 -1.03 6.60
N LYS A 6 -12.22 -0.62 5.40
CA LYS A 6 -12.91 -1.02 4.13
C LYS A 6 -11.80 -1.11 3.06
N PRO A 7 -11.63 -2.29 2.42
CA PRO A 7 -12.32 -3.58 2.59
C PRO A 7 -12.15 -4.17 3.95
N GLY A 8 -13.27 -4.60 4.48
CA GLY A 8 -13.27 -5.19 5.77
C GLY A 8 -12.59 -6.54 5.88
N SER A 9 -13.33 -7.58 5.67
CA SER A 9 -12.75 -8.96 5.80
C SER A 9 -11.53 -9.21 4.97
N ARG A 10 -10.59 -9.82 5.65
CA ARG A 10 -9.26 -10.25 5.09
C ARG A 10 -9.00 -11.78 5.16
N ALA A 11 -9.53 -12.45 6.16
CA ALA A 11 -9.21 -13.90 6.41
C ALA A 11 -9.78 -14.93 5.39
N ALA A 12 -10.85 -14.59 4.69
CA ALA A 12 -11.38 -15.46 3.62
C ALA A 12 -10.52 -15.37 2.37
N LEU A 13 -9.97 -14.22 2.03
CA LEU A 13 -9.11 -14.13 0.82
C LEU A 13 -7.73 -14.65 1.14
N CYS A 14 -7.41 -14.42 2.42
CA CYS A 14 -6.15 -14.99 2.95
C CYS A 14 -6.03 -16.49 2.92
N SER A 15 -7.20 -17.14 2.98
CA SER A 15 -7.33 -18.59 2.98
C SER A 15 -6.54 -19.31 1.85
N GLU A 16 -6.06 -20.51 2.17
CA GLU A 16 -5.28 -21.26 1.20
C GLU A 16 -6.11 -21.82 0.05
N ALA A 17 -7.40 -21.52 0.11
CA ALA A 17 -8.34 -21.86 -0.96
C ALA A 17 -8.16 -21.04 -2.26
N PHE A 18 -7.11 -20.22 -2.29
CA PHE A 18 -6.45 -19.86 -3.55
C PHE A 18 -5.92 -21.07 -4.35
N GLY A 19 -5.57 -22.19 -3.68
CA GLY A 19 -5.28 -23.44 -4.42
C GLY A 19 -4.23 -24.34 -3.82
N PHE A 20 -4.01 -24.11 -2.47
CA PHE A 20 -3.45 -25.08 -1.54
C PHE A 20 -2.06 -25.64 -1.86
N LEU A 21 -1.39 -25.07 -2.88
CA LEU A 21 0.01 -25.44 -3.19
C LEU A 21 0.93 -24.84 -2.17
N ASN A 22 0.61 -23.64 -1.74
CA ASN A 22 1.24 -22.85 -0.67
C ASN A 22 0.25 -21.87 -0.02
N LEU A 23 0.72 -21.15 0.99
CA LEU A 23 0.01 -19.94 1.38
C LEU A 23 -0.13 -18.87 0.34
N ASN A 24 -1.18 -18.06 0.62
CA ASN A 24 -1.54 -16.85 -0.15
C ASN A 24 -1.97 -15.65 0.75
N CYS A 25 -1.64 -15.85 2.02
CA CYS A 25 -2.24 -15.02 3.09
C CYS A 25 -1.45 -13.72 3.28
N GLY A 26 -0.15 -13.80 3.29
CA GLY A 26 0.71 -12.72 3.69
C GLY A 26 1.13 -12.68 5.12
N SER A 27 1.96 -13.52 5.57
CA SER A 27 2.23 -13.77 7.00
C SER A 27 2.70 -12.51 7.81
N VAL A 28 3.03 -11.40 7.15
CA VAL A 28 3.26 -10.09 7.79
C VAL A 28 1.93 -9.56 8.41
N MET A 29 0.78 -10.18 8.11
CA MET A 29 -0.55 -9.83 8.55
C MET A 29 -0.74 -9.49 9.99
N TYR A 30 0.15 -9.85 10.89
CA TYR A 30 0.06 -9.51 12.27
C TYR A 30 0.16 -7.96 12.36
N GLU A 31 0.99 -7.34 11.54
CA GLU A 31 1.35 -5.87 11.69
C GLU A 31 1.69 -5.18 10.36
N PRO A 32 0.90 -5.28 9.27
CA PRO A 32 1.38 -4.76 8.03
C PRO A 32 1.41 -3.23 7.87
N GLN A 33 0.65 -2.51 8.70
CA GLN A 33 0.71 -1.07 8.72
C GLN A 33 1.85 -0.62 9.61
N SER A 34 2.60 -1.47 10.29
CA SER A 34 3.60 -1.07 11.31
C SER A 34 5.04 -0.95 10.76
N LEU A 35 5.22 -0.95 9.46
CA LEU A 35 6.53 -0.90 8.88
C LEU A 35 6.95 0.53 8.96
N GLU A 36 8.26 0.79 9.06
CA GLU A 36 8.84 2.13 9.34
C GLU A 36 10.09 2.42 8.53
N ALA A 37 10.45 3.67 8.43
CA ALA A 37 11.78 4.08 8.00
C ALA A 37 11.94 5.36 8.85
N LYS A 38 13.14 5.74 9.25
CA LYS A 38 13.32 6.92 10.08
C LYS A 38 13.54 8.06 9.10
N LYS A 39 13.05 9.23 9.49
CA LYS A 39 13.24 10.42 8.71
C LYS A 39 14.70 10.98 8.90
N GLY A 40 15.11 11.85 7.98
CA GLY A 40 16.45 12.39 7.99
C GLY A 40 16.95 12.04 6.65
N PHE A 41 18.21 12.32 6.30
CA PHE A 41 18.73 11.86 5.09
C PHE A 41 18.74 10.31 5.05
N PRO A 42 18.45 9.77 3.85
CA PRO A 42 18.03 10.27 2.49
C PRO A 42 16.57 10.50 2.18
N HIS A 43 15.68 10.72 3.16
CA HIS A 43 14.26 10.91 2.92
C HIS A 43 13.72 11.91 1.94
N SER A 44 14.39 13.03 1.80
CA SER A 44 14.09 13.95 0.67
C SER A 44 14.25 13.32 -0.70
N GLY A 45 15.26 12.49 -0.82
CA GLY A 45 15.65 11.87 -2.06
C GLY A 45 14.63 10.83 -2.52
N PRO A 46 14.88 10.13 -3.62
CA PRO A 46 13.88 9.11 -3.98
C PRO A 46 13.92 7.91 -2.97
N ALA A 47 12.90 7.03 -3.03
CA ALA A 47 12.61 5.97 -2.03
C ALA A 47 13.64 4.90 -1.75
N ASP A 48 14.43 5.14 -0.74
CA ASP A 48 15.39 4.21 -0.23
C ASP A 48 15.00 3.94 1.20
N GLY A 49 15.61 2.90 1.74
CA GLY A 49 15.54 2.61 3.16
C GLY A 49 14.41 1.63 3.55
N GLN A 50 13.81 0.98 2.59
CA GLN A 50 12.66 0.11 2.73
C GLN A 50 12.89 -1.38 2.36
N ILE A 51 13.99 -1.67 1.74
CA ILE A 51 14.37 -3.07 1.48
C ILE A 51 14.69 -3.73 2.81
N ALA A 52 15.32 -2.99 3.71
CA ALA A 52 15.68 -3.46 5.04
C ALA A 52 14.48 -3.81 5.99
N SER A 53 13.25 -3.48 5.64
CA SER A 53 12.03 -3.86 6.35
C SER A 53 11.15 -4.80 5.56
N ALA A 54 11.57 -5.09 4.33
CA ALA A 54 10.73 -5.62 3.27
C ALA A 54 9.44 -4.87 3.10
N GLY A 55 9.58 -3.55 3.13
CA GLY A 55 8.62 -2.63 2.57
C GLY A 55 8.96 -2.29 1.14
N GLY A 56 10.11 -2.71 0.64
CA GLY A 56 10.60 -2.49 -0.75
C GLY A 56 10.15 -3.54 -1.71
N LEU A 57 9.05 -4.23 -1.41
CA LEU A 57 8.59 -5.37 -2.23
C LEU A 57 7.68 -4.93 -3.34
N PHE A 58 7.93 -3.76 -3.90
CA PHE A 58 7.75 -3.55 -5.35
C PHE A 58 8.76 -4.46 -6.06
N GLY A 59 9.88 -4.84 -5.44
CA GLY A 59 10.69 -5.97 -5.99
C GLY A 59 10.12 -7.36 -5.73
N GLY A 60 9.12 -7.48 -4.92
CA GLY A 60 8.50 -8.76 -4.67
C GLY A 60 7.65 -9.39 -5.79
N ILE A 61 7.54 -8.66 -6.84
CA ILE A 61 6.80 -9.07 -8.03
C ILE A 61 7.50 -10.32 -8.59
N LEU A 62 8.83 -10.25 -8.56
CA LEU A 62 9.69 -11.30 -9.11
C LEU A 62 9.69 -12.54 -8.18
N ASP A 63 9.47 -12.24 -6.91
CA ASP A 63 9.72 -13.22 -5.85
C ASP A 63 8.43 -13.78 -5.18
N GLN A 64 7.32 -13.66 -5.93
CA GLN A 64 5.96 -13.93 -5.41
C GLN A 64 5.46 -15.37 -5.20
N GLN A 65 6.32 -16.21 -4.68
CA GLN A 65 6.06 -17.66 -4.44
C GLN A 65 6.65 -17.97 -3.06
N SER A 66 6.35 -17.08 -2.10
CA SER A 66 6.80 -17.24 -0.72
C SER A 66 5.75 -16.75 0.23
N GLU A 67 6.15 -16.72 1.50
CA GLU A 67 5.31 -16.28 2.61
C GLU A 67 4.88 -14.80 2.48
N ASN A 68 5.64 -14.01 1.68
CA ASN A 68 5.34 -12.58 1.30
C ASN A 68 4.25 -12.47 0.23
N ARG A 69 3.65 -13.55 -0.21
CA ARG A 69 2.48 -13.50 -1.10
C ARG A 69 1.21 -13.42 -0.36
N TRP A 70 1.03 -12.18 -0.09
CA TRP A 70 -0.27 -11.55 0.17
C TRP A 70 -1.20 -11.69 -1.02
N PHE A 71 -2.50 -11.78 -0.78
CA PHE A 71 -3.48 -12.04 -1.82
C PHE A 71 -3.63 -10.77 -2.57
N LYS A 72 -3.89 -10.83 -3.87
CA LYS A 72 -4.17 -9.62 -4.72
C LYS A 72 -5.64 -9.36 -4.50
N HIS A 73 -5.99 -8.19 -4.01
CA HIS A 73 -7.40 -7.94 -3.90
C HIS A 73 -7.90 -7.71 -5.25
N ILE A 74 -8.83 -8.53 -5.72
CA ILE A 74 -9.47 -8.31 -7.03
C ILE A 74 -10.43 -7.17 -6.79
N MET A 75 -10.42 -6.13 -7.59
CA MET A 75 -11.27 -5.01 -7.55
C MET A 75 -11.58 -4.69 -9.01
N THR A 76 -12.76 -4.13 -9.19
CA THR A 76 -13.31 -3.79 -10.49
C THR A 76 -12.80 -2.39 -10.76
N GLY A 77 -13.11 -1.86 -11.93
CA GLY A 77 -12.86 -0.49 -12.31
C GLY A 77 -13.80 0.38 -11.48
N GLY A 78 -13.62 1.68 -11.61
CA GLY A 78 -14.40 2.73 -11.01
C GLY A 78 -13.91 3.11 -9.62
N GLU A 79 -14.55 4.07 -9.00
CA GLU A 79 -14.15 4.54 -7.66
C GLU A 79 -14.48 3.56 -6.54
N HIS A 80 -13.62 3.37 -5.52
CA HIS A 80 -13.98 2.55 -4.37
C HIS A 80 -13.60 3.36 -3.14
N THR A 81 -14.24 3.06 -2.01
CA THR A 81 -14.10 3.86 -0.80
C THR A 81 -12.94 3.22 -0.12
N PHE A 82 -11.78 3.87 -0.09
CA PHE A 82 -10.56 3.35 0.64
C PHE A 82 -10.60 3.97 2.05
N THR A 83 -10.76 3.12 3.05
CA THR A 83 -10.87 3.54 4.45
C THR A 83 -9.97 2.68 5.29
N TRP A 84 -9.21 3.32 6.13
CA TRP A 84 -8.41 2.68 7.10
C TRP A 84 -8.94 3.14 8.43
N THR A 85 -8.50 2.54 9.54
CA THR A 85 -8.81 3.04 10.92
C THR A 85 -7.47 2.83 11.70
N TYR A 86 -7.25 3.74 12.64
CA TYR A 86 -6.07 3.76 13.52
C TYR A 86 -6.43 3.71 15.04
N THR A 87 -5.54 3.06 15.78
CA THR A 87 -5.78 2.83 17.23
C THR A 87 -5.92 4.14 18.05
N ALA A 88 -5.39 5.25 17.60
CA ALA A 88 -5.50 6.57 18.19
C ALA A 88 -5.29 7.50 17.03
N PRO A 89 -5.76 8.76 17.06
CA PRO A 89 -5.17 9.61 16.06
C PRO A 89 -3.69 9.80 16.28
N HIS A 90 -3.02 10.32 15.25
CA HIS A 90 -1.56 10.58 15.29
C HIS A 90 -1.38 12.02 14.85
N ASN A 91 -0.36 12.64 15.42
CA ASN A 91 0.10 13.91 14.86
C ASN A 91 0.65 13.61 13.50
N THR A 92 0.15 14.30 12.54
CA THR A 92 0.42 14.07 11.11
C THR A 92 0.84 15.37 10.44
N SER A 93 1.74 15.32 9.48
CA SER A 93 2.08 16.48 8.63
C SER A 93 1.40 16.22 7.18
N GLN A 94 1.59 15.05 6.63
CA GLN A 94 1.01 14.66 5.39
C GLN A 94 0.90 13.14 5.48
N TRP A 95 0.04 12.60 4.64
CA TRP A 95 0.06 11.21 4.27
C TRP A 95 -0.30 11.03 2.82
N HIS A 96 0.39 10.09 2.17
CA HIS A 96 0.19 9.92 0.76
C HIS A 96 0.27 8.42 0.31
N TYR A 97 -0.25 8.18 -0.89
CA TYR A 97 -0.16 6.88 -1.55
C TYR A 97 0.19 6.86 -3.06
N TYR A 98 0.85 5.80 -3.44
CA TYR A 98 1.42 5.58 -4.78
C TYR A 98 1.01 4.27 -5.39
N ILE A 99 1.23 4.19 -6.67
CA ILE A 99 1.04 2.96 -7.45
C ILE A 99 2.29 2.66 -8.24
N THR A 100 2.51 1.39 -8.53
CA THR A 100 3.49 0.97 -9.58
C THR A 100 2.61 0.82 -10.83
N LYS A 101 3.20 0.77 -12.01
CA LYS A 101 2.40 0.97 -13.25
C LYS A 101 1.49 -0.24 -13.58
N LYS A 102 0.25 -0.03 -13.95
CA LYS A 102 -0.52 -1.20 -14.47
C LYS A 102 0.01 -1.56 -15.83
N GLY A 103 0.62 -2.70 -16.03
CA GLY A 103 1.26 -2.95 -17.29
C GLY A 103 2.72 -2.51 -17.24
N TRP A 104 3.43 -2.92 -16.17
CA TRP A 104 4.75 -2.43 -15.86
C TRP A 104 5.70 -2.85 -17.06
N ASP A 105 6.82 -2.15 -17.16
CA ASP A 105 7.85 -2.48 -18.16
C ASP A 105 9.22 -2.51 -17.42
N PRO A 106 9.76 -3.74 -17.17
CA PRO A 106 11.00 -3.81 -16.37
C PRO A 106 12.26 -3.35 -17.03
N ASP A 107 12.17 -3.15 -18.34
CA ASP A 107 13.32 -2.58 -19.12
C ASP A 107 13.64 -1.09 -18.78
N LYS A 108 12.75 -0.45 -18.03
CA LYS A 108 12.78 0.96 -17.64
C LYS A 108 13.52 1.21 -16.35
N PRO A 109 13.71 2.44 -15.93
CA PRO A 109 13.36 3.16 -14.68
C PRO A 109 12.28 2.65 -13.79
N LEU A 110 12.25 1.34 -13.69
CA LEU A 110 11.38 0.48 -12.90
C LEU A 110 11.34 0.95 -11.42
N LYS A 111 12.44 1.46 -10.84
CA LYS A 111 12.34 1.93 -9.42
C LYS A 111 11.89 3.40 -9.36
N ARG A 112 11.79 4.05 -10.53
CA ARG A 112 11.38 5.49 -10.58
C ARG A 112 10.28 5.84 -11.52
N ALA A 113 10.43 5.85 -12.84
CA ALA A 113 9.34 6.29 -13.74
C ALA A 113 8.21 5.22 -13.94
N ASP A 114 8.31 4.03 -13.32
CA ASP A 114 7.17 3.12 -13.17
C ASP A 114 6.21 3.61 -12.04
N PHE A 115 6.69 4.40 -11.10
CA PHE A 115 5.80 4.81 -9.98
C PHE A 115 5.05 6.01 -10.42
N GLU A 116 3.89 6.23 -9.86
CA GLU A 116 3.27 7.52 -9.84
C GLU A 116 2.89 7.75 -8.38
N LEU A 117 2.69 8.98 -7.95
CA LEU A 117 1.92 9.36 -6.76
C LEU A 117 0.49 9.49 -7.30
N ILE A 118 -0.44 8.83 -6.64
CA ILE A 118 -1.85 8.77 -7.08
C ILE A 118 -2.60 9.73 -6.23
N GLY A 119 -2.12 10.10 -5.04
CA GLY A 119 -2.74 11.15 -4.27
C GLY A 119 -2.08 11.35 -2.91
N ALA A 120 -2.42 12.51 -2.32
CA ALA A 120 -1.88 12.86 -1.02
C ALA A 120 -2.98 13.67 -0.30
N VAL A 121 -2.86 13.61 1.06
CA VAL A 121 -3.76 14.26 2.01
C VAL A 121 -2.90 14.98 3.10
N PRO A 122 -2.62 16.29 2.95
CA PRO A 122 -1.85 17.03 3.97
C PRO A 122 -2.76 17.31 5.21
N HIS A 123 -2.16 17.72 6.31
CA HIS A 123 -2.86 17.95 7.53
C HIS A 123 -2.57 19.34 7.95
N ASP A 124 -3.56 20.04 8.47
CA ASP A 124 -3.38 21.44 8.99
C ASP A 124 -3.89 21.67 10.37
N GLY A 125 -4.66 20.69 10.90
CA GLY A 125 -5.12 20.62 12.25
C GLY A 125 -6.62 20.89 12.33
N SER A 126 -7.19 21.31 11.23
CA SER A 126 -8.65 21.57 11.17
C SER A 126 -9.19 20.16 11.14
N PRO A 127 -10.42 20.00 11.60
CA PRO A 127 -10.97 18.60 11.62
C PRO A 127 -11.35 18.07 10.24
N ALA A 128 -10.79 18.54 9.17
CA ALA A 128 -11.04 17.98 7.84
C ALA A 128 -10.27 16.66 7.73
N SER A 129 -9.32 16.51 8.66
CA SER A 129 -8.54 15.25 8.79
C SER A 129 -9.37 14.05 9.31
N ARG A 130 -10.56 14.37 9.85
CA ARG A 130 -11.48 13.36 10.25
C ARG A 130 -11.91 12.48 9.06
N ASN A 131 -11.89 13.06 7.87
CA ASN A 131 -12.06 12.24 6.62
C ASN A 131 -10.86 11.36 6.42
N LEU A 132 -10.86 10.13 6.97
CA LEU A 132 -9.75 9.18 6.83
C LEU A 132 -10.05 8.30 5.62
N SER A 133 -11.37 8.21 5.42
CA SER A 133 -11.99 7.48 4.28
C SER A 133 -11.96 8.44 3.07
N HIS A 134 -11.37 8.00 1.97
CA HIS A 134 -11.38 8.78 0.73
C HIS A 134 -11.84 7.85 -0.45
N HIS A 135 -12.72 8.31 -1.32
CA HIS A 135 -13.12 7.63 -2.50
C HIS A 135 -11.91 7.66 -3.44
N ILE A 136 -11.49 6.58 -4.03
CA ILE A 136 -10.31 6.57 -4.87
C ILE A 136 -10.59 5.90 -6.28
N TYR A 137 -10.41 6.69 -7.33
CA TYR A 137 -10.71 6.22 -8.73
C TYR A 137 -9.81 5.12 -9.26
N ILE A 138 -10.35 4.05 -9.80
CA ILE A 138 -9.57 3.09 -10.53
C ILE A 138 -10.03 3.14 -11.99
N PRO A 139 -9.16 3.49 -12.95
CA PRO A 139 -9.68 3.36 -14.34
C PRO A 139 -9.83 1.97 -14.86
N GLU A 140 -10.85 1.79 -15.70
CA GLU A 140 -11.14 0.48 -16.28
C GLU A 140 -10.30 0.35 -17.60
N ASP A 141 -8.99 0.56 -17.51
CA ASP A 141 -8.14 0.66 -18.69
C ASP A 141 -7.60 -0.63 -19.35
N ARG A 142 -7.38 -1.64 -18.53
CA ARG A 142 -6.68 -2.89 -18.86
C ARG A 142 -7.30 -3.94 -17.90
N LEU A 143 -6.92 -5.18 -17.97
CA LEU A 143 -7.11 -6.13 -16.87
C LEU A 143 -5.70 -6.45 -16.40
N GLY A 144 -5.43 -6.31 -15.11
CA GLY A 144 -4.09 -6.67 -14.64
C GLY A 144 -3.77 -6.21 -13.27
N TYR A 145 -2.66 -6.67 -12.72
CA TYR A 145 -2.29 -6.52 -11.30
C TYR A 145 -1.08 -5.63 -11.11
N HIS A 146 -1.20 -4.72 -10.10
CA HIS A 146 -0.03 -3.87 -9.62
C HIS A 146 -0.09 -3.56 -8.11
N VAL A 147 1.02 -3.03 -7.59
CA VAL A 147 1.12 -2.82 -6.14
C VAL A 147 0.47 -1.46 -5.90
N ILE A 148 0.02 -1.21 -4.65
CA ILE A 148 -0.28 0.10 -4.19
C ILE A 148 0.48 0.20 -2.91
N LEU A 149 1.15 1.34 -2.70
CA LEU A 149 2.01 1.49 -1.56
C LEU A 149 1.44 2.73 -0.80
N ALA A 150 1.60 2.88 0.50
CA ALA A 150 1.19 4.17 1.10
C ALA A 150 2.21 4.52 2.13
N VAL A 151 2.31 5.78 2.46
CA VAL A 151 3.34 6.26 3.45
C VAL A 151 2.75 7.37 4.34
N TRP A 152 2.95 7.35 5.65
CA TRP A 152 2.27 8.30 6.53
C TRP A 152 3.33 9.03 7.33
N ASP A 153 3.40 10.35 7.19
CA ASP A 153 4.32 11.14 7.99
C ASP A 153 3.73 11.48 9.34
N VAL A 154 3.98 10.56 10.28
CA VAL A 154 3.55 10.78 11.65
C VAL A 154 4.57 11.78 12.29
N ALA A 155 4.10 13.03 12.39
CA ALA A 155 4.96 14.14 12.80
C ALA A 155 5.44 14.06 14.28
N ASP A 156 4.77 13.29 15.11
CA ASP A 156 5.20 12.97 16.47
C ASP A 156 6.43 12.13 16.66
N THR A 157 6.72 11.31 15.64
CA THR A 157 7.83 10.34 15.72
C THR A 157 8.95 10.59 14.73
N GLU A 158 10.13 10.05 15.04
CA GLU A 158 11.27 10.29 14.14
C GLU A 158 11.16 9.24 13.02
N ASN A 159 10.58 8.07 13.30
CA ASN A 159 10.07 7.19 12.26
C ASN A 159 8.85 7.83 11.53
N ALA A 160 8.68 7.30 10.33
CA ALA A 160 7.59 7.54 9.41
C ALA A 160 7.10 6.15 9.13
N PHE A 161 5.86 6.01 8.75
CA PHE A 161 5.25 4.68 8.57
C PHE A 161 4.91 4.30 7.16
N TYR A 162 4.89 3.00 6.86
CA TYR A 162 4.95 2.53 5.51
C TYR A 162 4.03 1.32 5.43
N GLN A 163 3.49 1.08 4.23
CA GLN A 163 2.81 -0.16 3.96
C GLN A 163 2.82 -0.50 2.44
N VAL A 164 2.83 -1.79 2.07
CA VAL A 164 2.80 -2.27 0.67
C VAL A 164 1.80 -3.42 0.45
N ILE A 165 0.89 -3.37 -0.49
CA ILE A 165 0.08 -4.56 -0.76
C ILE A 165 -0.34 -4.54 -2.28
N ASP A 166 -0.58 -5.71 -2.86
CA ASP A 166 -1.05 -5.86 -4.21
C ASP A 166 -2.56 -5.87 -4.47
N VAL A 167 -2.95 -5.53 -5.67
CA VAL A 167 -4.37 -5.54 -6.02
C VAL A 167 -4.38 -6.20 -7.40
N ASP A 168 -5.57 -6.53 -7.87
CA ASP A 168 -5.70 -7.01 -9.26
C ASP A 168 -6.86 -6.20 -9.81
N LEU A 169 -6.74 -5.43 -10.86
CA LEU A 169 -7.73 -4.39 -11.24
C LEU A 169 -8.28 -4.79 -12.63
N VAL A 170 -9.58 -5.01 -12.66
CA VAL A 170 -10.25 -5.62 -13.83
C VAL A 170 -11.59 -4.94 -14.20
N ASN A 171 -12.27 -5.47 -15.17
CA ASN A 171 -13.56 -4.83 -15.59
C ASN A 171 -14.72 -4.98 -14.59
N LYS A 172 -15.69 -4.07 -14.50
CA LYS A 172 -16.88 -4.17 -13.64
C LYS A 172 -17.77 -5.37 -13.90
CU CU1 B . 0.30 4.52 15.99
N HIS A 1 0.18 3.17 10.36
CA HIS A 1 -0.43 2.30 9.35
C HIS A 1 -1.46 1.30 9.97
N GLY A 2 -1.08 0.62 11.04
CA GLY A 2 -2.01 -0.19 11.79
C GLY A 2 -2.59 -1.30 10.98
N PHE A 3 -3.89 -1.33 10.91
CA PHE A 3 -4.65 -2.27 10.04
C PHE A 3 -5.38 -1.53 8.95
N ILE A 4 -5.83 -2.23 7.93
CA ILE A 4 -6.68 -1.68 6.91
C ILE A 4 -8.11 -2.07 7.39
N GLU A 5 -8.96 -1.07 7.62
CA GLU A 5 -10.26 -1.30 8.15
C GLU A 5 -11.22 -1.48 6.99
N LYS A 6 -11.03 -0.80 5.89
CA LYS A 6 -11.80 -0.97 4.67
C LYS A 6 -10.91 -0.85 3.46
N PRO A 7 -11.04 -1.79 2.51
CA PRO A 7 -11.88 -2.97 2.49
C PRO A 7 -11.34 -4.01 3.48
N GLY A 8 -12.29 -4.72 4.09
CA GLY A 8 -11.94 -5.88 4.89
C GLY A 8 -12.57 -7.12 4.31
N SER A 9 -11.82 -8.23 4.16
CA SER A 9 -12.35 -9.45 3.54
C SER A 9 -11.66 -10.67 4.19
N ARG A 10 -11.39 -10.56 5.46
CA ARG A 10 -10.49 -11.51 6.10
C ARG A 10 -11.03 -12.89 6.13
N ALA A 11 -12.33 -13.14 6.11
CA ALA A 11 -12.75 -14.55 6.24
C ALA A 11 -12.52 -15.27 4.92
N ALA A 12 -12.66 -14.51 3.85
CA ALA A 12 -12.31 -14.99 2.50
C ALA A 12 -10.82 -15.31 2.35
N LEU A 13 -9.98 -14.44 2.92
CA LEU A 13 -8.53 -14.60 2.89
C LEU A 13 -8.13 -15.84 3.72
N CYS A 14 -8.83 -16.11 4.79
CA CYS A 14 -8.56 -17.27 5.70
C CYS A 14 -8.76 -18.61 5.04
N SER A 15 -9.62 -18.67 4.03
CA SER A 15 -9.98 -19.92 3.31
C SER A 15 -8.77 -20.48 2.60
N GLU A 16 -8.52 -21.76 2.73
CA GLU A 16 -7.37 -22.37 2.06
C GLU A 16 -7.65 -22.33 0.61
N ALA A 17 -8.95 -22.33 0.24
CA ALA A 17 -9.36 -22.56 -1.13
C ALA A 17 -9.26 -21.26 -1.95
N PHE A 18 -9.33 -20.17 -1.25
CA PHE A 18 -9.18 -18.86 -1.89
C PHE A 18 -7.90 -18.68 -2.69
N GLY A 19 -6.78 -19.19 -2.13
CA GLY A 19 -5.50 -19.15 -2.78
C GLY A 19 -5.10 -20.58 -3.15
N PHE A 20 -6.09 -21.50 -3.21
CA PHE A 20 -5.95 -22.92 -3.12
C PHE A 20 -4.96 -23.74 -2.22
N LEU A 21 -3.66 -23.35 -2.25
CA LEU A 21 -2.59 -24.08 -1.56
C LEU A 21 -2.06 -23.34 -0.36
N ASN A 22 -2.86 -22.35 0.06
CA ASN A 22 -2.44 -21.56 1.25
C ASN A 22 -2.59 -22.22 2.56
N LEU A 23 -1.83 -21.70 3.56
CA LEU A 23 -1.83 -22.22 4.92
C LEU A 23 -3.22 -22.10 5.58
N ASN A 24 -3.43 -22.68 6.74
CA ASN A 24 -4.83 -22.94 7.08
C ASN A 24 -5.62 -21.67 7.42
N CYS A 25 -4.90 -20.58 7.73
CA CYS A 25 -5.52 -19.25 7.66
C CYS A 25 -4.62 -18.19 7.12
N GLY A 26 -3.33 -18.48 7.09
CA GLY A 26 -2.32 -17.53 6.64
C GLY A 26 -1.75 -16.58 7.71
N SER A 27 -1.16 -17.18 8.74
CA SER A 27 -0.59 -16.54 9.92
C SER A 27 0.48 -15.41 9.78
N VAL A 28 0.90 -15.08 8.56
CA VAL A 28 1.60 -13.82 8.25
C VAL A 28 0.66 -12.69 8.74
N MET A 29 -0.64 -12.96 8.85
CA MET A 29 -1.58 -12.02 9.38
C MET A 29 -1.35 -11.60 10.83
N TYR A 30 -0.42 -12.23 11.52
CA TYR A 30 -0.37 -12.06 12.98
C TYR A 30 -0.09 -10.66 13.58
N GLU A 31 0.89 -9.99 13.00
CA GLU A 31 1.23 -8.63 13.39
C GLU A 31 1.63 -7.70 12.29
N PRO A 32 0.69 -7.43 11.36
CA PRO A 32 1.09 -6.55 10.24
C PRO A 32 1.35 -5.08 10.66
N GLN A 33 0.77 -4.65 11.79
CA GLN A 33 0.97 -3.38 12.44
C GLN A 33 2.32 -3.18 13.11
N SER A 34 3.15 -4.23 13.33
CA SER A 34 4.45 -4.11 13.95
C SER A 34 5.61 -3.76 13.00
N LEU A 35 5.23 -3.57 11.71
CA LEU A 35 6.18 -3.23 10.64
C LEU A 35 6.66 -1.84 10.99
N GLU A 36 7.88 -1.54 10.58
CA GLU A 36 8.57 -0.30 10.78
C GLU A 36 9.17 0.11 9.49
N ALA A 37 9.53 1.36 9.35
CA ALA A 37 10.20 1.79 8.10
C ALA A 37 11.14 2.98 8.36
N LYS A 38 11.81 3.41 7.27
CA LYS A 38 12.78 4.50 7.27
C LYS A 38 12.20 5.93 7.44
N LYS A 39 13.05 6.95 7.53
CA LYS A 39 12.62 8.35 7.68
C LYS A 39 11.70 8.85 6.57
N GLY A 40 10.75 9.71 6.89
CA GLY A 40 9.87 10.22 5.82
C GLY A 40 10.30 11.60 5.34
N PHE A 41 11.10 12.32 6.11
CA PHE A 41 11.33 13.75 5.89
C PHE A 41 12.14 14.05 4.64
N PRO A 42 11.73 15.06 3.81
CA PRO A 42 10.44 15.77 3.61
C PRO A 42 9.25 14.97 3.20
N HIS A 43 8.15 14.95 3.96
CA HIS A 43 7.08 13.97 3.75
C HIS A 43 6.41 13.93 2.42
N SER A 44 6.43 14.99 1.61
CA SER A 44 5.88 15.01 0.32
C SER A 44 6.17 13.82 -0.62
N GLY A 45 7.45 13.42 -0.79
CA GLY A 45 7.83 12.38 -1.75
C GLY A 45 7.51 10.91 -1.42
N PRO A 46 8.00 9.97 -2.26
CA PRO A 46 7.84 8.54 -1.98
C PRO A 46 8.80 7.95 -0.98
N ALA A 47 8.63 6.64 -0.79
CA ALA A 47 9.39 5.88 0.19
C ALA A 47 10.88 5.95 0.08
N ASP A 48 11.50 6.15 1.23
CA ASP A 48 12.94 6.29 1.39
C ASP A 48 13.58 4.89 1.51
N GLY A 49 14.71 4.78 0.88
CA GLY A 49 15.56 3.60 1.06
C GLY A 49 15.30 2.44 0.12
N GLN A 50 14.36 2.69 -0.77
CA GLN A 50 13.94 1.58 -1.64
C GLN A 50 14.99 1.28 -2.69
N ILE A 51 15.97 2.14 -3.01
CA ILE A 51 17.04 1.66 -3.94
C ILE A 51 17.99 0.73 -3.14
N ALA A 52 18.29 1.10 -1.87
CA ALA A 52 19.31 0.31 -1.13
C ALA A 52 18.89 -1.12 -0.72
N SER A 53 17.58 -1.32 -0.50
CA SER A 53 17.02 -2.64 -0.24
C SER A 53 16.86 -3.42 -1.57
N ALA A 54 17.01 -2.71 -2.66
CA ALA A 54 16.73 -3.10 -4.04
C ALA A 54 15.30 -3.38 -4.35
N GLY A 55 14.40 -2.86 -3.52
CA GLY A 55 12.93 -2.99 -3.63
C GLY A 55 12.36 -2.15 -4.78
N GLY A 56 13.11 -1.11 -5.14
CA GLY A 56 12.76 -0.11 -6.16
C GLY A 56 13.38 -0.51 -7.48
N LEU A 57 13.95 -1.71 -7.52
CA LEU A 57 14.74 -2.31 -8.62
C LEU A 57 14.21 -3.69 -8.81
N PHE A 58 14.80 -4.43 -9.70
CA PHE A 58 14.41 -5.80 -9.97
C PHE A 58 14.62 -6.78 -8.80
N GLY A 59 15.38 -6.37 -7.83
CA GLY A 59 15.56 -7.08 -6.58
C GLY A 59 14.23 -7.18 -5.85
N GLY A 60 13.26 -6.29 -6.14
CA GLY A 60 12.01 -6.24 -5.41
C GLY A 60 11.06 -7.36 -5.89
N ILE A 61 11.36 -7.98 -7.00
CA ILE A 61 10.58 -9.09 -7.60
C ILE A 61 10.79 -10.30 -6.70
N LEU A 62 12.00 -10.49 -6.18
CA LEU A 62 12.29 -11.54 -5.21
C LEU A 62 11.51 -11.34 -3.91
N ASP A 63 11.25 -10.09 -3.52
CA ASP A 63 10.52 -9.85 -2.28
C ASP A 63 9.04 -10.21 -2.43
N GLN A 64 8.53 -10.35 -3.68
CA GLN A 64 7.19 -10.93 -3.94
C GLN A 64 7.17 -12.44 -4.17
N GLN A 65 8.25 -13.12 -3.78
CA GLN A 65 8.28 -14.61 -3.63
C GLN A 65 9.04 -14.87 -2.33
N SER A 66 8.60 -14.15 -1.33
CA SER A 66 9.28 -14.07 -0.04
C SER A 66 8.14 -13.63 0.85
N GLU A 67 8.33 -13.46 2.14
CA GLU A 67 7.28 -13.01 3.10
C GLU A 67 6.39 -11.80 2.70
N ASN A 68 6.87 -10.81 1.95
CA ASN A 68 6.11 -9.63 1.55
C ASN A 68 5.50 -9.94 0.18
N ARG A 69 5.20 -11.20 -0.13
CA ARG A 69 4.14 -11.53 -1.09
C ARG A 69 2.82 -11.50 -0.36
N TRP A 70 2.39 -10.27 -0.19
CA TRP A 70 1.11 -9.95 0.41
C TRP A 70 -0.06 -10.59 -0.31
N PHE A 71 -1.14 -10.68 0.42
CA PHE A 71 -2.32 -11.34 -0.13
C PHE A 71 -2.81 -10.50 -1.26
N LYS A 72 -3.58 -11.16 -2.14
CA LYS A 72 -4.29 -10.53 -3.33
C LYS A 72 -5.74 -10.53 -3.05
N HIS A 73 -6.39 -9.46 -3.53
CA HIS A 73 -7.84 -9.48 -3.66
C HIS A 73 -8.25 -8.79 -4.97
N ILE A 74 -9.41 -9.14 -5.61
CA ILE A 74 -9.91 -8.49 -6.87
C ILE A 74 -10.69 -7.22 -6.49
N MET A 75 -10.47 -6.14 -7.20
CA MET A 75 -11.31 -4.96 -7.02
C MET A 75 -11.60 -4.42 -8.43
N THR A 76 -12.79 -3.88 -8.65
CA THR A 76 -13.18 -3.27 -9.90
C THR A 76 -12.66 -1.88 -10.05
N GLY A 77 -12.83 -1.27 -11.18
CA GLY A 77 -12.52 0.17 -11.28
C GLY A 77 -13.56 1.01 -10.59
N GLY A 78 -13.63 2.31 -10.85
CA GLY A 78 -14.63 3.20 -10.21
C GLY A 78 -14.14 3.84 -8.93
N GLU A 79 -15.02 4.51 -8.22
CA GLU A 79 -14.67 4.94 -6.90
C GLU A 79 -14.72 3.89 -5.79
N HIS A 80 -13.84 3.88 -4.82
CA HIS A 80 -13.95 3.03 -3.59
C HIS A 80 -13.53 3.93 -2.41
N THR A 81 -13.83 3.47 -1.20
CA THR A 81 -13.45 4.17 0.01
C THR A 81 -12.53 3.23 0.78
N PHE A 82 -11.31 3.69 1.02
CA PHE A 82 -10.30 2.86 1.69
C PHE A 82 -10.00 3.59 3.03
N THR A 83 -9.81 2.80 4.07
CA THR A 83 -9.62 3.34 5.47
C THR A 83 -8.50 2.64 6.24
N TRP A 84 -7.67 3.29 7.04
CA TRP A 84 -6.60 2.64 7.84
C TRP A 84 -6.73 3.07 9.28
N THR A 85 -6.48 2.22 10.25
CA THR A 85 -6.77 2.52 11.64
C THR A 85 -5.73 1.81 12.52
N TYR A 86 -5.42 2.52 13.59
CA TYR A 86 -4.51 2.02 14.61
C TYR A 86 -4.95 2.45 16.03
N THR A 87 -4.59 1.64 17.02
CA THR A 87 -5.13 1.83 18.32
C THR A 87 -4.57 3.01 19.04
N ALA A 88 -3.55 3.71 18.62
CA ALA A 88 -3.06 4.90 19.37
C ALA A 88 -2.77 5.92 18.31
N PRO A 89 -2.70 7.18 18.62
CA PRO A 89 -2.11 7.99 17.55
C PRO A 89 -0.61 7.73 17.45
N HIS A 90 0.05 7.62 16.28
CA HIS A 90 -0.60 7.62 14.95
C HIS A 90 -1.15 8.98 14.45
N ASN A 91 -0.77 10.08 15.11
CA ASN A 91 -1.05 11.39 14.49
C ASN A 91 -0.27 11.61 13.20
N THR A 92 -0.97 11.75 12.08
CA THR A 92 -0.25 11.78 10.83
C THR A 92 0.43 13.14 10.60
N SER A 93 1.42 13.20 9.72
CA SER A 93 1.89 14.46 9.17
C SER A 93 1.55 14.55 7.74
N GLN A 94 1.43 13.41 7.10
CA GLN A 94 0.87 13.32 5.75
C GLN A 94 0.67 11.87 5.57
N TRP A 95 -0.33 11.45 4.77
CA TRP A 95 -0.37 10.08 4.34
C TRP A 95 -0.72 10.07 2.85
N HIS A 96 -0.47 9.01 2.15
CA HIS A 96 -0.42 8.97 0.71
C HIS A 96 -1.02 7.61 0.30
N TYR A 97 -1.39 7.58 -0.98
CA TYR A 97 -1.55 6.33 -1.74
C TYR A 97 -0.67 6.52 -2.98
N TYR A 98 0.22 5.58 -3.27
CA TYR A 98 1.00 5.57 -4.53
C TYR A 98 0.64 4.29 -5.29
N ILE A 99 0.68 4.29 -6.58
CA ILE A 99 0.60 3.06 -7.39
C ILE A 99 1.84 2.84 -8.28
N THR A 100 2.16 1.63 -8.62
CA THR A 100 3.36 1.36 -9.48
C THR A 100 3.00 1.83 -10.87
N LYS A 101 3.99 2.33 -11.61
CA LYS A 101 3.70 2.89 -12.91
C LYS A 101 3.92 1.85 -13.98
N LYS A 102 2.86 1.02 -14.18
CA LYS A 102 2.82 -0.03 -15.19
C LYS A 102 3.23 0.34 -16.59
N GLY A 103 3.67 -0.60 -17.37
CA GLY A 103 4.17 -0.36 -18.69
C GLY A 103 5.59 0.12 -18.91
N TRP A 104 6.35 -0.04 -17.82
CA TRP A 104 7.70 0.39 -17.71
C TRP A 104 8.70 -0.44 -18.55
N ASP A 105 9.96 -0.04 -18.47
CA ASP A 105 11.06 -0.75 -19.17
C ASP A 105 12.32 -0.38 -18.45
N PRO A 106 13.31 -1.30 -18.25
CA PRO A 106 14.56 -0.78 -17.62
C PRO A 106 15.36 0.37 -18.37
N ASP A 107 15.16 0.48 -19.66
CA ASP A 107 15.86 1.60 -20.36
C ASP A 107 15.17 2.95 -20.07
N LYS A 108 14.01 2.87 -19.48
CA LYS A 108 13.04 3.95 -19.14
C LYS A 108 13.15 4.06 -17.56
N PRO A 109 12.53 5.07 -16.88
CA PRO A 109 12.68 5.29 -15.45
C PRO A 109 12.33 4.21 -14.41
N LEU A 110 12.17 2.96 -14.78
CA LEU A 110 11.77 1.93 -13.84
C LEU A 110 12.61 1.78 -12.55
N LYS A 111 13.92 1.89 -12.75
CA LYS A 111 14.82 1.92 -11.63
C LYS A 111 14.83 3.23 -10.86
N ARG A 112 14.16 4.25 -11.34
CA ARG A 112 14.19 5.67 -10.84
C ARG A 112 12.84 6.17 -10.29
N ALA A 113 11.80 6.17 -11.12
CA ALA A 113 10.59 7.00 -10.92
C ALA A 113 9.31 6.24 -11.31
N ASP A 114 9.45 4.93 -11.13
CA ASP A 114 8.31 3.99 -11.34
C ASP A 114 7.15 4.12 -10.41
N PHE A 115 6.68 5.25 -10.03
CA PHE A 115 5.47 5.42 -9.26
C PHE A 115 4.54 6.44 -9.87
N GLU A 116 3.30 6.44 -9.38
CA GLU A 116 2.39 7.55 -9.59
C GLU A 116 1.84 7.76 -8.19
N LEU A 117 1.64 9.06 -7.89
CA LEU A 117 0.84 9.40 -6.70
C LEU A 117 -0.61 9.41 -7.07
N ILE A 118 -1.49 8.63 -6.47
CA ILE A 118 -2.93 8.59 -6.76
C ILE A 118 -3.70 9.35 -5.69
N GLY A 119 -2.97 9.74 -4.62
CA GLY A 119 -3.58 10.72 -3.75
C GLY A 119 -2.83 10.94 -2.47
N ALA A 120 -2.89 12.07 -1.79
CA ALA A 120 -2.13 12.36 -0.52
C ALA A 120 -3.07 13.22 0.33
N VAL A 121 -3.03 13.06 1.64
CA VAL A 121 -3.67 13.99 2.62
C VAL A 121 -2.73 14.55 3.66
N PRO A 122 -2.28 15.84 3.63
CA PRO A 122 -1.51 16.27 4.80
C PRO A 122 -2.31 16.59 6.01
N HIS A 123 -1.63 16.68 7.13
CA HIS A 123 -2.14 17.23 8.35
C HIS A 123 -2.17 18.74 8.13
N ASP A 124 -3.35 19.36 8.08
CA ASP A 124 -3.50 20.73 7.57
C ASP A 124 -4.40 21.68 8.40
N GLY A 125 -5.22 21.12 9.26
CA GLY A 125 -6.25 21.82 10.03
C GLY A 125 -7.64 21.76 9.42
N SER A 126 -7.82 20.80 8.49
CA SER A 126 -9.14 20.64 7.85
C SER A 126 -10.31 20.41 8.87
N PRO A 127 -11.60 20.60 8.46
CA PRO A 127 -12.72 20.13 9.30
C PRO A 127 -12.77 18.58 9.40
N ALA A 128 -13.69 18.10 10.17
CA ALA A 128 -13.76 16.65 10.56
C ALA A 128 -13.75 15.58 9.46
N SER A 129 -13.94 15.94 8.20
CA SER A 129 -13.77 15.04 7.07
C SER A 129 -12.27 14.66 6.85
N ARG A 130 -11.39 15.19 7.68
CA ARG A 130 -9.92 14.91 7.55
C ARG A 130 -9.41 13.55 8.04
N ASN A 131 -10.34 12.73 8.44
CA ASN A 131 -10.06 11.36 9.02
C ASN A 131 -9.35 10.45 8.10
N LEU A 132 -8.80 9.38 8.61
CA LEU A 132 -7.87 8.41 7.92
C LEU A 132 -8.63 7.43 6.93
N SER A 133 -9.72 7.96 6.37
CA SER A 133 -10.47 7.37 5.30
C SER A 133 -10.25 8.34 4.15
N HIS A 134 -10.27 7.83 2.96
CA HIS A 134 -10.37 8.63 1.71
C HIS A 134 -11.16 7.87 0.68
N HIS A 135 -11.98 8.59 -0.10
CA HIS A 135 -12.51 8.05 -1.36
C HIS A 135 -11.33 8.10 -2.36
N ILE A 136 -11.07 7.08 -3.15
CA ILE A 136 -10.08 7.04 -4.21
C ILE A 136 -10.84 6.50 -5.44
N TYR A 137 -10.68 7.25 -6.51
CA TYR A 137 -11.14 6.79 -7.80
C TYR A 137 -10.05 6.00 -8.55
N ILE A 138 -10.41 4.89 -9.13
CA ILE A 138 -9.55 4.03 -9.92
C ILE A 138 -10.09 3.97 -11.32
N PRO A 139 -9.43 4.59 -12.37
CA PRO A 139 -9.82 4.20 -13.73
C PRO A 139 -9.29 2.79 -14.18
N GLU A 140 -10.12 1.99 -14.82
CA GLU A 140 -9.69 0.66 -15.19
C GLU A 140 -10.43 0.24 -16.44
N ASP A 141 -9.81 0.28 -17.63
CA ASP A 141 -10.36 -0.16 -18.93
C ASP A 141 -9.69 -1.45 -19.30
N ARG A 142 -8.96 -2.05 -18.37
CA ARG A 142 -8.14 -3.24 -18.61
C ARG A 142 -8.39 -4.28 -17.49
N LEU A 143 -7.70 -5.39 -17.49
CA LEU A 143 -7.80 -6.30 -16.35
C LEU A 143 -6.37 -6.64 -16.06
N GLY A 144 -6.00 -6.90 -14.80
CA GLY A 144 -4.63 -7.27 -14.43
C GLY A 144 -4.05 -6.84 -13.12
N TYR A 145 -2.84 -7.31 -12.84
CA TYR A 145 -2.10 -7.04 -11.62
C TYR A 145 -1.47 -5.67 -11.50
N HIS A 146 -1.62 -5.06 -10.33
CA HIS A 146 -0.95 -3.77 -10.06
C HIS A 146 -0.47 -3.91 -8.62
N VAL A 147 0.28 -2.98 -8.12
CA VAL A 147 0.51 -2.94 -6.67
C VAL A 147 0.05 -1.55 -6.29
N ILE A 148 -0.47 -1.39 -5.07
CA ILE A 148 -0.78 -0.01 -4.58
C ILE A 148 0.21 0.06 -3.41
N LEU A 149 0.88 1.14 -3.22
CA LEU A 149 1.82 1.30 -2.09
C LEU A 149 1.39 2.47 -1.13
N ALA A 150 1.33 2.21 0.19
CA ALA A 150 0.84 3.17 1.19
C ALA A 150 1.97 3.82 1.96
N VAL A 151 1.96 5.14 2.16
CA VAL A 151 2.96 5.81 2.94
C VAL A 151 2.17 6.53 3.96
N TRP A 152 2.66 6.48 5.18
CA TRP A 152 1.98 7.20 6.29
C TRP A 152 3.15 7.79 7.12
N ASP A 153 3.24 9.11 7.11
CA ASP A 153 4.32 9.88 7.74
C ASP A 153 3.65 10.28 9.05
N VAL A 154 4.34 10.29 10.14
CA VAL A 154 3.73 10.52 11.44
C VAL A 154 4.46 11.64 12.08
N ALA A 155 3.77 12.28 13.01
CA ALA A 155 4.31 13.47 13.64
C ALA A 155 5.30 13.04 14.78
N ASP A 156 5.18 11.86 15.34
CA ASP A 156 5.96 11.48 16.55
C ASP A 156 7.42 11.34 16.33
N THR A 157 7.82 10.85 15.17
CA THR A 157 9.16 10.41 14.95
C THR A 157 9.60 10.95 13.59
N GLU A 158 10.91 11.06 13.30
CA GLU A 158 11.43 11.21 11.94
C GLU A 158 10.98 10.10 10.98
N ASN A 159 10.67 8.90 11.52
CA ASN A 159 10.27 7.76 10.69
C ASN A 159 8.87 7.95 10.16
N ALA A 160 8.60 7.14 9.13
CA ALA A 160 7.30 7.02 8.51
C ALA A 160 7.01 5.51 8.48
N PHE A 161 5.89 5.10 7.88
CA PHE A 161 5.59 3.68 7.60
C PHE A 161 5.35 3.52 6.07
N TYR A 162 5.73 2.38 5.52
CA TYR A 162 5.51 2.04 4.08
C TYR A 162 4.97 0.57 4.05
N GLN A 163 3.94 0.23 3.27
CA GLN A 163 3.62 -1.14 2.94
C GLN A 163 3.09 -1.16 1.51
N VAL A 164 2.88 -2.36 0.94
CA VAL A 164 2.40 -2.56 -0.40
C VAL A 164 1.19 -3.51 -0.32
N ILE A 165 0.26 -3.33 -1.19
CA ILE A 165 -0.87 -4.28 -1.19
C ILE A 165 -0.99 -4.70 -2.64
N ASP A 166 -0.89 -6.02 -2.89
CA ASP A 166 -0.80 -6.52 -4.21
C ASP A 166 -2.23 -6.70 -4.66
N VAL A 167 -2.63 -6.09 -5.78
CA VAL A 167 -4.05 -6.10 -6.18
C VAL A 167 -4.24 -6.58 -7.61
N ASP A 168 -5.42 -7.10 -7.92
CA ASP A 168 -5.71 -7.50 -9.27
C ASP A 168 -6.83 -6.51 -9.50
N LEU A 169 -6.80 -5.77 -10.62
CA LEU A 169 -7.74 -4.67 -10.83
C LEU A 169 -8.43 -4.95 -12.12
N VAL A 170 -9.76 -4.90 -12.11
CA VAL A 170 -10.50 -5.27 -13.39
C VAL A 170 -11.46 -4.17 -13.83
N ASN A 171 -11.82 -4.18 -15.09
CA ASN A 171 -12.85 -3.25 -15.58
C ASN A 171 -14.19 -3.67 -15.01
N LYS A 172 -14.91 -2.71 -14.46
CA LYS A 172 -16.15 -2.99 -13.69
C LYS A 172 -17.38 -3.59 -14.38
CU CU1 B . 1.73 2.31 11.86
N HIS A 1 -0.89 2.33 14.69
CA HIS A 1 -1.07 1.16 13.74
C HIS A 1 -2.46 0.56 13.83
N GLY A 2 -2.91 -0.02 12.71
CA GLY A 2 -4.31 -0.29 12.52
C GLY A 2 -4.71 -1.46 11.62
N PHE A 3 -5.81 -1.44 10.90
CA PHE A 3 -6.03 -2.46 9.83
C PHE A 3 -6.88 -1.81 8.80
N ILE A 4 -7.00 -2.48 7.65
CA ILE A 4 -7.80 -1.99 6.51
C ILE A 4 -9.20 -2.58 6.76
N GLU A 5 -10.19 -1.71 6.86
CA GLU A 5 -11.51 -2.16 7.23
C GLU A 5 -12.22 -2.68 6.00
N LYS A 6 -11.98 -2.04 4.88
CA LYS A 6 -12.65 -2.34 3.64
C LYS A 6 -11.76 -1.73 2.51
N PRO A 7 -11.85 -2.15 1.23
CA PRO A 7 -12.77 -3.16 0.67
C PRO A 7 -12.19 -4.54 1.03
N GLY A 8 -13.07 -5.41 1.43
CA GLY A 8 -12.71 -6.81 1.62
C GLY A 8 -12.17 -7.02 2.95
N SER A 9 -11.63 -8.20 3.27
CA SER A 9 -11.04 -8.52 4.55
C SER A 9 -9.87 -9.47 4.29
N ARG A 10 -8.93 -9.55 5.22
CA ARG A 10 -7.89 -10.60 5.09
C ARG A 10 -8.40 -11.91 5.61
N ALA A 11 -9.35 -11.93 6.51
CA ALA A 11 -10.00 -13.15 7.01
C ALA A 11 -10.63 -13.96 5.88
N ALA A 12 -11.24 -13.34 4.91
CA ALA A 12 -11.79 -14.06 3.76
C ALA A 12 -10.73 -14.86 2.97
N LEU A 13 -9.53 -14.37 2.95
CA LEU A 13 -8.41 -15.02 2.31
C LEU A 13 -7.68 -16.05 3.23
N CYS A 14 -7.85 -15.82 4.52
CA CYS A 14 -7.38 -16.68 5.59
C CYS A 14 -8.13 -18.03 5.58
N SER A 15 -9.41 -17.94 5.15
CA SER A 15 -10.23 -19.17 4.91
C SER A 15 -9.64 -20.14 3.89
N GLU A 16 -9.89 -21.43 4.08
CA GLU A 16 -9.31 -22.41 3.13
C GLU A 16 -10.19 -22.54 1.86
N ALA A 17 -11.39 -21.96 1.90
CA ALA A 17 -12.42 -22.26 0.86
C ALA A 17 -12.04 -22.11 -0.63
N PHE A 18 -11.07 -21.28 -0.91
CA PHE A 18 -10.44 -21.14 -2.25
C PHE A 18 -9.87 -22.46 -2.86
N GLY A 19 -9.46 -23.40 -2.06
CA GLY A 19 -8.92 -24.72 -2.51
C GLY A 19 -9.16 -25.91 -1.63
N PHE A 20 -9.31 -25.69 -0.33
CA PHE A 20 -9.35 -26.70 0.75
C PHE A 20 -8.18 -27.68 0.67
N LEU A 21 -7.04 -27.32 0.10
CA LEU A 21 -5.92 -28.29 -0.12
C LEU A 21 -5.09 -28.32 1.19
N ASN A 22 -4.96 -27.18 1.77
CA ASN A 22 -4.27 -27.00 3.07
C ASN A 22 -4.47 -25.61 3.55
N LEU A 23 -4.12 -25.24 4.80
CA LEU A 23 -4.24 -23.83 5.20
C LEU A 23 -3.20 -22.99 4.47
N ASN A 24 -3.58 -21.74 4.29
CA ASN A 24 -2.74 -20.74 3.58
C ASN A 24 -3.05 -19.35 4.14
N CYS A 25 -3.42 -19.30 5.39
CA CYS A 25 -3.67 -18.02 6.02
C CYS A 25 -2.36 -17.21 6.23
N GLY A 26 -1.33 -17.90 6.56
CA GLY A 26 -0.08 -17.18 6.72
C GLY A 26 0.09 -16.40 8.01
N SER A 27 0.77 -16.99 8.98
CA SER A 27 0.92 -16.52 10.35
C SER A 27 1.44 -15.11 10.51
N VAL A 28 1.89 -14.48 9.42
CA VAL A 28 2.04 -13.01 9.36
C VAL A 28 0.75 -12.19 9.72
N MET A 29 -0.40 -12.90 9.67
CA MET A 29 -1.71 -12.26 10.04
C MET A 29 -1.90 -11.42 11.34
N TYR A 30 -0.99 -11.55 12.32
CA TYR A 30 -1.11 -10.83 13.58
C TYR A 30 -1.02 -9.26 13.44
N GLU A 31 -0.13 -8.74 12.61
CA GLU A 31 0.00 -7.33 12.37
C GLU A 31 0.62 -7.09 10.96
N PRO A 32 0.07 -7.63 9.89
CA PRO A 32 0.87 -7.64 8.65
C PRO A 32 1.14 -6.26 8.08
N GLN A 33 0.16 -5.38 8.28
CA GLN A 33 0.24 -3.99 7.88
C GLN A 33 1.27 -3.10 8.62
N SER A 34 1.98 -3.64 9.59
CA SER A 34 2.92 -2.93 10.48
C SER A 34 4.34 -2.72 9.86
N LEU A 35 4.42 -2.10 8.69
CA LEU A 35 5.69 -1.88 8.07
C LEU A 35 6.21 -0.53 8.57
N GLU A 36 7.49 -0.48 8.93
CA GLU A 36 8.25 0.69 9.34
C GLU A 36 9.33 0.83 8.33
N ALA A 37 9.69 2.07 8.15
CA ALA A 37 10.92 2.43 7.47
C ALA A 37 11.23 3.77 8.07
N LYS A 38 12.38 4.33 7.69
CA LYS A 38 12.83 5.58 8.39
C LYS A 38 12.57 6.90 7.68
N LYS A 39 12.75 7.97 8.40
CA LYS A 39 12.70 9.26 7.86
C LYS A 39 13.62 9.42 6.69
N GLY A 40 13.26 10.18 5.69
CA GLY A 40 14.15 10.35 4.54
C GLY A 40 13.51 11.57 3.89
N PHE A 41 14.27 12.13 2.96
CA PHE A 41 13.97 13.38 2.30
C PHE A 41 14.34 13.38 0.83
N PRO A 42 13.56 14.15 0.01
CA PRO A 42 12.15 14.54 0.15
C PRO A 42 11.19 13.31 0.13
N HIS A 43 10.57 12.95 1.24
CA HIS A 43 9.90 11.68 1.36
C HIS A 43 8.65 11.51 0.44
N SER A 44 8.04 12.56 -0.02
CA SER A 44 7.02 12.48 -1.09
C SER A 44 7.62 11.91 -2.40
N GLY A 45 8.80 12.36 -2.77
CA GLY A 45 9.50 11.91 -3.99
C GLY A 45 10.12 10.54 -3.81
N PRO A 46 11.15 10.20 -4.60
CA PRO A 46 11.59 8.81 -4.61
C PRO A 46 12.20 8.33 -3.28
N ALA A 47 12.24 7.02 -3.19
CA ALA A 47 12.41 6.27 -1.92
C ALA A 47 13.70 6.66 -1.16
N ASP A 48 13.62 7.06 0.10
CA ASP A 48 14.79 7.24 0.96
C ASP A 48 14.26 6.61 2.21
N GLY A 49 15.14 6.20 3.11
CA GLY A 49 14.73 5.75 4.41
C GLY A 49 14.38 4.26 4.48
N GLN A 50 14.23 3.67 3.31
CA GLN A 50 13.89 2.25 3.13
C GLN A 50 15.13 1.36 2.89
N ILE A 51 16.32 1.92 3.14
CA ILE A 51 17.60 1.21 2.88
C ILE A 51 17.59 -0.09 3.69
N ALA A 52 17.43 0.01 5.00
CA ALA A 52 17.56 -1.16 5.92
C ALA A 52 16.37 -2.19 5.68
N SER A 53 15.15 -1.76 5.37
CA SER A 53 14.06 -2.68 5.07
C SER A 53 14.17 -3.30 3.69
N ALA A 54 15.09 -2.68 2.94
CA ALA A 54 15.26 -2.98 1.53
C ALA A 54 14.00 -2.75 0.70
N GLY A 55 13.13 -1.88 1.24
CA GLY A 55 11.81 -1.67 0.61
C GLY A 55 11.83 -0.55 -0.44
N GLY A 56 13.03 0.05 -0.52
CA GLY A 56 13.29 1.13 -1.41
C GLY A 56 13.82 0.54 -2.73
N LEU A 57 14.00 -0.74 -2.84
CA LEU A 57 14.44 -1.35 -4.05
C LEU A 57 13.23 -1.60 -4.91
N PHE A 58 13.18 -0.99 -6.06
CA PHE A 58 11.94 -1.13 -6.88
C PHE A 58 11.97 -2.51 -7.51
N GLY A 59 13.13 -3.15 -7.63
CA GLY A 59 13.20 -4.48 -8.30
C GLY A 59 12.85 -5.46 -7.19
N GLY A 60 13.04 -4.94 -6.00
CA GLY A 60 12.72 -5.68 -4.78
C GLY A 60 11.20 -5.91 -4.64
N ILE A 61 10.40 -5.10 -5.31
CA ILE A 61 8.96 -5.32 -5.23
C ILE A 61 8.46 -6.48 -6.09
N LEU A 62 9.04 -6.64 -7.26
CA LEU A 62 8.76 -7.81 -8.10
C LEU A 62 9.33 -9.10 -7.48
N ASP A 63 10.49 -9.02 -6.79
CA ASP A 63 11.18 -10.18 -6.29
C ASP A 63 10.55 -10.63 -5.00
N GLN A 64 9.61 -9.83 -4.57
CA GLN A 64 8.91 -10.16 -3.29
C GLN A 64 7.77 -11.20 -3.53
N GLN A 65 8.13 -12.42 -3.72
CA GLN A 65 7.27 -13.56 -3.97
C GLN A 65 7.68 -14.62 -2.95
N SER A 66 7.86 -14.13 -1.71
CA SER A 66 8.37 -14.98 -0.67
C SER A 66 7.33 -14.79 0.43
N GLU A 67 7.65 -15.23 1.62
CA GLU A 67 6.75 -15.20 2.75
C GLU A 67 6.33 -13.80 3.29
N ASN A 68 7.08 -12.77 2.94
CA ASN A 68 6.75 -11.40 3.33
C ASN A 68 6.00 -10.66 2.13
N ARG A 69 5.39 -11.47 1.27
CA ARG A 69 4.50 -10.97 0.21
C ARG A 69 3.08 -10.83 0.77
N TRP A 70 2.99 -9.52 0.98
CA TRP A 70 1.70 -8.83 1.22
C TRP A 70 0.55 -9.43 0.40
N PHE A 71 -0.67 -9.48 0.99
CA PHE A 71 -1.77 -10.17 0.34
C PHE A 71 -2.33 -9.49 -0.91
N LYS A 72 -2.90 -10.29 -1.80
CA LYS A 72 -3.51 -9.80 -3.08
C LYS A 72 -5.07 -9.59 -2.89
N HIS A 73 -5.74 -8.71 -3.61
CA HIS A 73 -7.19 -8.70 -3.58
C HIS A 73 -7.71 -8.56 -4.97
N ILE A 74 -8.86 -9.10 -5.37
CA ILE A 74 -9.42 -8.85 -6.72
C ILE A 74 -10.65 -7.95 -6.65
N MET A 75 -10.73 -6.94 -7.54
CA MET A 75 -11.83 -5.99 -7.59
C MET A 75 -12.04 -5.68 -9.04
N THR A 76 -13.12 -4.98 -9.35
CA THR A 76 -13.36 -4.54 -10.74
C THR A 76 -12.80 -3.22 -10.97
N GLY A 77 -12.79 -2.75 -12.19
CA GLY A 77 -12.54 -1.34 -12.50
C GLY A 77 -13.59 -0.43 -11.94
N GLY A 78 -13.38 0.87 -12.06
CA GLY A 78 -14.31 1.77 -11.35
C GLY A 78 -13.63 2.21 -10.07
N GLU A 79 -14.14 3.27 -9.43
CA GLU A 79 -13.52 3.78 -8.22
C GLU A 79 -13.92 2.92 -7.05
N HIS A 80 -13.09 2.91 -6.02
CA HIS A 80 -13.33 2.17 -4.79
C HIS A 80 -12.70 3.08 -3.70
N THR A 81 -13.18 2.81 -2.51
CA THR A 81 -12.88 3.66 -1.34
C THR A 81 -12.32 2.69 -0.36
N PHE A 82 -11.22 3.04 0.20
CA PHE A 82 -10.32 2.16 0.96
C PHE A 82 -10.29 2.84 2.29
N THR A 83 -10.79 2.13 3.31
CA THR A 83 -11.08 2.75 4.62
C THR A 83 -10.12 2.05 5.55
N TRP A 84 -9.46 2.88 6.30
CA TRP A 84 -8.44 2.43 7.23
C TRP A 84 -8.95 2.86 8.60
N THR A 85 -8.55 2.16 9.67
CA THR A 85 -8.95 2.40 11.00
C THR A 85 -7.74 2.10 11.90
N TYR A 86 -7.67 2.85 12.99
CA TYR A 86 -6.61 2.61 13.99
C TYR A 86 -7.14 2.59 15.44
N THR A 87 -6.51 1.78 16.30
CA THR A 87 -6.95 1.82 17.70
C THR A 87 -6.59 3.08 18.50
N ALA A 88 -5.57 3.83 18.01
CA ALA A 88 -5.13 5.11 18.60
C ALA A 88 -4.89 6.22 17.52
N PRO A 89 -5.19 7.49 17.87
CA PRO A 89 -4.69 8.47 16.89
C PRO A 89 -3.20 8.55 16.89
N HIS A 90 -2.64 9.07 15.82
CA HIS A 90 -1.22 9.37 15.66
C HIS A 90 -1.04 10.73 15.04
N ASN A 91 0.09 11.35 15.29
CA ASN A 91 0.47 12.63 14.74
C ASN A 91 0.72 12.41 13.26
N THR A 92 0.57 13.51 12.50
CA THR A 92 0.95 13.42 11.10
C THR A 92 1.65 14.72 10.64
N SER A 93 2.56 14.65 9.66
CA SER A 93 3.00 15.88 8.95
C SER A 93 2.54 15.83 7.54
N GLN A 94 2.56 14.68 6.87
CA GLN A 94 1.93 14.49 5.59
C GLN A 94 1.55 13.03 5.55
N TRP A 95 0.50 12.65 4.77
CA TRP A 95 0.46 11.25 4.37
C TRP A 95 0.01 11.18 2.90
N HIS A 96 0.44 10.12 2.29
CA HIS A 96 0.60 10.00 0.80
C HIS A 96 0.05 8.70 0.33
N TYR A 97 -0.38 8.62 -0.94
CA TYR A 97 -0.83 7.35 -1.52
C TYR A 97 0.02 7.27 -2.76
N TYR A 98 0.37 6.04 -3.11
CA TYR A 98 1.20 5.72 -4.27
C TYR A 98 0.63 4.48 -4.98
N ILE A 99 1.03 4.39 -6.25
CA ILE A 99 0.75 3.10 -6.99
C ILE A 99 2.04 2.76 -7.76
N THR A 100 2.33 1.49 -7.99
CA THR A 100 3.32 1.14 -8.97
C THR A 100 2.67 1.32 -10.31
N LYS A 101 3.32 1.88 -11.28
CA LYS A 101 2.73 2.43 -12.56
C LYS A 101 2.60 1.35 -13.59
N LYS A 102 1.46 0.75 -13.77
CA LYS A 102 1.25 -0.35 -14.74
C LYS A 102 1.55 0.06 -16.19
N GLY A 103 1.98 -0.88 -16.98
CA GLY A 103 2.11 -0.74 -18.46
C GLY A 103 3.35 0.05 -18.76
N TRP A 104 4.23 0.01 -17.82
CA TRP A 104 5.57 0.52 -17.88
C TRP A 104 6.39 -0.04 -19.07
N ASP A 105 7.52 0.59 -19.36
CA ASP A 105 8.37 0.24 -20.45
C ASP A 105 9.80 0.54 -19.90
N PRO A 106 10.72 -0.45 -19.88
CA PRO A 106 12.06 -0.25 -19.29
C PRO A 106 12.96 0.69 -20.08
N ASP A 107 12.67 1.04 -21.34
CA ASP A 107 13.38 2.02 -22.13
C ASP A 107 13.09 3.49 -21.78
N LYS A 108 12.11 3.55 -20.89
CA LYS A 108 11.52 4.83 -20.43
C LYS A 108 11.78 4.74 -18.92
N PRO A 109 11.64 5.82 -18.14
CA PRO A 109 11.91 6.13 -16.73
C PRO A 109 11.53 5.09 -15.62
N LEU A 110 11.09 3.89 -15.94
CA LEU A 110 10.63 2.92 -14.89
C LEU A 110 11.64 2.67 -13.68
N LYS A 111 12.94 2.82 -13.74
CA LYS A 111 13.76 2.69 -12.52
C LYS A 111 13.68 3.87 -11.62
N ARG A 112 12.95 4.90 -12.03
CA ARG A 112 12.68 6.00 -11.09
C ARG A 112 11.27 6.32 -10.94
N ALA A 113 10.65 6.37 -12.10
CA ALA A 113 9.19 6.52 -12.18
C ALA A 113 8.49 5.21 -11.99
N ASP A 114 9.08 4.36 -11.17
CA ASP A 114 8.41 3.07 -10.81
C ASP A 114 7.11 3.28 -10.08
N PHE A 115 7.05 4.33 -9.28
CA PHE A 115 5.85 4.77 -8.55
C PHE A 115 5.36 5.97 -9.35
N GLU A 116 4.09 6.20 -9.17
CA GLU A 116 3.47 7.53 -9.29
C GLU A 116 2.98 7.81 -7.87
N LEU A 117 3.12 9.02 -7.38
CA LEU A 117 2.29 9.63 -6.31
C LEU A 117 0.95 9.86 -6.88
N ILE A 118 -0.01 9.07 -6.36
CA ILE A 118 -1.35 9.18 -6.83
C ILE A 118 -2.10 10.21 -6.03
N GLY A 119 -1.67 10.66 -4.86
CA GLY A 119 -2.20 11.77 -4.17
C GLY A 119 -1.48 11.96 -2.86
N ALA A 120 -1.82 13.05 -2.17
CA ALA A 120 -1.29 13.33 -0.85
C ALA A 120 -2.11 14.32 -0.05
N VAL A 121 -2.15 14.16 1.28
CA VAL A 121 -2.92 15.00 2.22
C VAL A 121 -1.94 15.48 3.39
N PRO A 122 -1.64 16.80 3.39
CA PRO A 122 -0.76 17.29 4.48
C PRO A 122 -1.44 17.72 5.75
N HIS A 123 -0.72 17.81 6.86
CA HIS A 123 -1.25 18.39 8.09
C HIS A 123 -1.14 19.83 7.75
N ASP A 124 -2.30 20.49 7.66
CA ASP A 124 -2.31 21.93 7.47
C ASP A 124 -2.63 22.64 8.75
N GLY A 125 -3.15 21.99 9.80
CA GLY A 125 -3.36 22.61 11.08
C GLY A 125 -4.70 22.05 11.58
N SER A 126 -5.51 21.59 10.63
CA SER A 126 -6.54 20.60 10.81
C SER A 126 -5.79 19.25 10.82
N PRO A 127 -6.26 18.22 11.57
CA PRO A 127 -5.61 16.91 11.47
C PRO A 127 -5.70 16.47 9.99
N ALA A 128 -4.69 15.74 9.50
CA ALA A 128 -4.65 15.26 8.14
C ALA A 128 -5.51 14.03 8.07
N SER A 129 -5.77 13.45 9.25
CA SER A 129 -6.55 12.18 9.40
C SER A 129 -8.03 12.46 9.40
N ARG A 130 -8.48 13.72 9.15
CA ARG A 130 -9.92 14.06 9.19
C ARG A 130 -10.79 13.20 8.29
N ASN A 131 -10.32 12.96 7.07
CA ASN A 131 -10.92 11.93 6.26
C ASN A 131 -9.93 10.77 6.13
N LEU A 132 -10.08 9.73 6.93
CA LEU A 132 -9.14 8.60 7.01
C LEU A 132 -9.47 7.53 5.90
N SER A 133 -10.63 7.65 5.24
CA SER A 133 -11.05 6.78 4.15
C SER A 133 -10.87 7.52 2.90
N HIS A 134 -10.36 6.91 1.84
CA HIS A 134 -9.83 7.61 0.64
C HIS A 134 -10.16 6.85 -0.67
N HIS A 135 -10.35 7.61 -1.72
CA HIS A 135 -10.86 7.08 -2.97
C HIS A 135 -9.69 6.94 -4.00
N ILE A 136 -9.76 6.01 -4.89
CA ILE A 136 -8.85 5.88 -6.00
C ILE A 136 -9.70 5.46 -7.20
N TYR A 137 -9.62 6.14 -8.32
CA TYR A 137 -10.33 5.69 -9.53
C TYR A 137 -9.50 4.70 -10.25
N ILE A 138 -10.03 3.56 -10.55
CA ILE A 138 -9.34 2.55 -11.35
C ILE A 138 -9.91 2.65 -12.74
N PRO A 139 -9.11 2.89 -13.77
CA PRO A 139 -9.79 2.73 -15.08
C PRO A 139 -10.20 1.30 -15.46
N GLU A 140 -11.26 1.20 -16.24
CA GLU A 140 -11.78 -0.10 -16.67
C GLU A 140 -11.15 -0.56 -18.03
N ASP A 141 -9.92 -0.18 -18.28
CA ASP A 141 -9.20 -0.43 -19.63
C ASP A 141 -8.87 -1.92 -19.90
N ARG A 142 -8.35 -2.61 -18.91
CA ARG A 142 -7.81 -3.93 -19.09
C ARG A 142 -7.89 -4.78 -17.84
N LEU A 143 -7.68 -6.04 -17.95
CA LEU A 143 -7.47 -6.94 -16.83
C LEU A 143 -6.01 -6.86 -16.44
N GLY A 144 -5.73 -7.05 -15.15
CA GLY A 144 -4.40 -7.23 -14.64
C GLY A 144 -4.11 -6.54 -13.34
N TYR A 145 -2.88 -6.69 -12.87
CA TYR A 145 -2.48 -6.20 -11.52
C TYR A 145 -1.37 -5.17 -11.45
N HIS A 146 -1.38 -4.48 -10.32
CA HIS A 146 -0.27 -3.70 -9.91
C HIS A 146 -0.45 -3.49 -8.40
N VAL A 147 0.61 -3.08 -7.70
CA VAL A 147 0.62 -2.89 -6.24
C VAL A 147 0.28 -1.39 -5.81
N ILE A 148 -0.54 -1.19 -4.77
CA ILE A 148 -0.94 0.16 -4.23
C ILE A 148 -0.46 0.30 -2.80
N LEU A 149 0.21 1.43 -2.57
CA LEU A 149 0.81 1.73 -1.26
C LEU A 149 0.23 2.97 -0.58
N ALA A 150 0.24 3.03 0.72
CA ALA A 150 -0.14 4.22 1.53
C ALA A 150 1.03 4.41 2.50
N VAL A 151 1.42 5.68 2.69
CA VAL A 151 2.62 6.07 3.49
C VAL A 151 2.21 7.23 4.38
N TRP A 152 2.53 7.13 5.64
CA TRP A 152 2.21 8.22 6.58
C TRP A 152 3.50 8.68 7.28
N ASP A 153 3.73 10.00 7.22
CA ASP A 153 4.90 10.61 7.83
C ASP A 153 4.51 11.38 9.07
N VAL A 154 5.40 11.34 10.04
CA VAL A 154 5.22 11.81 11.40
C VAL A 154 6.30 12.79 11.79
N ALA A 155 5.98 13.98 12.26
CA ALA A 155 7.05 14.94 12.59
C ALA A 155 7.60 14.40 13.87
N ASP A 156 6.72 13.84 14.69
CA ASP A 156 7.03 13.39 16.06
C ASP A 156 7.83 12.11 16.22
N THR A 157 7.99 11.34 15.15
CA THR A 157 8.75 10.08 15.20
C THR A 157 9.71 9.99 14.05
N GLU A 158 10.83 9.33 14.27
CA GLU A 158 11.90 9.19 13.30
C GLU A 158 11.56 8.03 12.31
N ASN A 159 10.75 7.07 12.72
CA ASN A 159 10.18 6.07 11.78
C ASN A 159 8.96 6.64 11.09
N ALA A 160 8.71 6.13 9.91
CA ALA A 160 7.55 6.54 9.04
C ALA A 160 6.88 5.24 8.64
N PHE A 161 5.58 5.30 8.48
CA PHE A 161 4.82 4.04 8.57
C PHE A 161 4.08 3.76 7.32
N TYR A 162 4.08 2.52 6.85
CA TYR A 162 3.61 2.08 5.53
C TYR A 162 2.60 0.89 5.55
N GLN A 163 1.69 0.87 4.58
CA GLN A 163 0.66 -0.23 4.39
C GLN A 163 0.58 -0.46 2.88
N VAL A 164 0.56 -1.75 2.43
CA VAL A 164 0.70 -2.12 1.04
C VAL A 164 -0.16 -3.31 0.61
N ILE A 165 -0.87 -3.15 -0.50
CA ILE A 165 -1.77 -4.17 -1.03
C ILE A 165 -1.52 -4.42 -2.55
N ASP A 166 -1.24 -5.67 -2.91
CA ASP A 166 -1.19 -6.07 -4.34
C ASP A 166 -2.66 -6.16 -4.83
N VAL A 167 -3.08 -5.43 -5.90
CA VAL A 167 -4.47 -5.51 -6.31
C VAL A 167 -4.54 -5.95 -7.73
N ASP A 168 -5.53 -6.82 -8.00
CA ASP A 168 -5.71 -7.45 -9.27
C ASP A 168 -7.07 -6.95 -9.69
N LEU A 169 -7.09 -6.29 -10.83
CA LEU A 169 -8.15 -5.37 -11.17
C LEU A 169 -8.64 -5.71 -12.59
N VAL A 170 -9.88 -6.04 -12.70
CA VAL A 170 -10.45 -6.52 -13.96
C VAL A 170 -11.68 -5.79 -14.51
N ASN A 171 -12.08 -6.11 -15.72
CA ASN A 171 -13.27 -5.49 -16.31
C ASN A 171 -14.53 -6.08 -15.67
N LYS A 172 -15.60 -5.34 -15.79
CA LYS A 172 -16.90 -5.68 -15.22
C LYS A 172 -17.58 -6.73 -16.08
CU CU1 B . 1.11 3.35 15.15
N HIS A 1 -1.22 2.35 15.27
CA HIS A 1 -1.41 1.52 14.07
C HIS A 1 -2.92 1.42 13.66
N GLY A 2 -3.14 1.25 12.37
CA GLY A 2 -4.47 1.26 11.86
C GLY A 2 -5.05 -0.04 11.37
N PHE A 3 -6.23 -0.08 10.78
CA PHE A 3 -6.87 -1.27 10.27
C PHE A 3 -7.41 -0.92 8.86
N ILE A 4 -7.36 -1.90 7.95
CA ILE A 4 -7.92 -1.66 6.60
C ILE A 4 -9.45 -1.71 6.84
N GLU A 5 -10.17 -0.84 6.21
CA GLU A 5 -11.62 -0.81 6.37
C GLU A 5 -12.40 -0.68 5.05
N LYS A 6 -11.94 -1.56 4.16
CA LYS A 6 -12.48 -1.93 2.84
C LYS A 6 -12.23 -0.87 1.77
N PRO A 7 -12.38 -1.24 0.50
CA PRO A 7 -12.88 -2.44 -0.16
C PRO A 7 -11.85 -3.57 0.04
N GLY A 8 -12.32 -4.71 0.45
CA GLY A 8 -11.48 -5.87 0.59
C GLY A 8 -10.78 -5.86 1.91
N SER A 9 -10.41 -7.03 2.38
CA SER A 9 -9.68 -7.22 3.66
C SER A 9 -8.85 -8.47 3.65
N ARG A 10 -7.60 -8.41 4.07
CA ARG A 10 -6.72 -9.57 4.00
C ARG A 10 -6.96 -10.34 5.25
N ALA A 11 -7.52 -9.71 6.24
CA ALA A 11 -7.90 -10.48 7.40
C ALA A 11 -8.98 -11.52 7.09
N ALA A 12 -9.91 -11.17 6.20
CA ALA A 12 -10.97 -12.13 5.83
C ALA A 12 -10.30 -13.20 4.96
N LEU A 13 -9.17 -12.86 4.33
CA LEU A 13 -8.52 -13.86 3.44
C LEU A 13 -7.47 -14.79 4.13
N CYS A 14 -7.18 -14.42 5.35
CA CYS A 14 -6.23 -15.15 6.17
C CYS A 14 -6.44 -16.67 6.13
N SER A 15 -7.68 -17.15 6.16
CA SER A 15 -8.00 -18.54 6.54
C SER A 15 -7.55 -19.72 5.59
N GLU A 16 -7.78 -20.93 6.05
CA GLU A 16 -7.40 -22.21 5.40
C GLU A 16 -7.88 -22.34 3.93
N ALA A 17 -8.84 -21.51 3.52
CA ALA A 17 -9.31 -21.41 2.15
C ALA A 17 -8.07 -21.02 1.26
N PHE A 18 -7.00 -20.48 1.82
CA PHE A 18 -5.68 -20.27 1.11
C PHE A 18 -4.93 -21.56 0.71
N GLY A 19 -5.49 -22.71 1.08
CA GLY A 19 -4.92 -23.97 0.62
C GLY A 19 -5.01 -25.20 1.57
N PHE A 20 -5.05 -24.99 2.87
CA PHE A 20 -4.89 -26.06 3.89
C PHE A 20 -3.53 -26.72 3.74
N LEU A 21 -2.59 -25.95 3.18
CA LEU A 21 -1.24 -26.45 2.92
C LEU A 21 -0.28 -26.15 4.08
N ASN A 22 -0.53 -25.09 4.78
CA ASN A 22 0.36 -24.56 5.79
C ASN A 22 -0.61 -24.21 6.91
N LEU A 23 -0.08 -23.86 8.05
CA LEU A 23 -0.92 -23.46 9.14
C LEU A 23 -1.80 -22.29 8.67
N ASN A 24 -2.95 -22.03 9.29
CA ASN A 24 -4.13 -21.60 8.52
C ASN A 24 -4.40 -20.14 8.56
N CYS A 25 -3.35 -19.36 8.80
CA CYS A 25 -3.49 -17.87 8.70
C CYS A 25 -2.23 -17.19 8.12
N GLY A 26 -1.09 -17.63 8.53
CA GLY A 26 0.12 -17.10 7.91
C GLY A 26 0.83 -16.14 8.88
N SER A 27 2.06 -16.40 9.21
CA SER A 27 2.80 -15.79 10.33
C SER A 27 2.90 -14.28 10.41
N VAL A 28 2.74 -13.63 9.25
CA VAL A 28 2.74 -12.16 9.15
C VAL A 28 1.54 -11.50 9.92
N MET A 29 0.54 -12.26 10.27
CA MET A 29 -0.60 -11.82 11.15
C MET A 29 -0.46 -10.91 12.32
N TYR A 30 0.72 -10.66 12.82
CA TYR A 30 0.76 -9.73 13.97
C TYR A 30 0.47 -8.28 13.62
N GLU A 31 1.11 -7.77 12.56
CA GLU A 31 0.72 -6.45 12.01
C GLU A 31 0.86 -6.37 10.49
N PRO A 32 0.10 -7.27 9.78
CA PRO A 32 0.41 -7.43 8.35
C PRO A 32 0.01 -6.22 7.48
N GLN A 33 -0.72 -5.31 8.04
CA GLN A 33 -1.26 -4.09 7.42
C GLN A 33 -0.18 -2.98 7.31
N SER A 34 0.92 -3.13 8.05
CA SER A 34 2.00 -2.16 8.05
C SER A 34 3.35 -2.75 7.65
N LEU A 35 4.16 -1.99 6.88
CA LEU A 35 5.60 -2.14 6.79
C LEU A 35 6.17 -0.98 7.62
N GLU A 36 6.72 -1.34 8.74
CA GLU A 36 7.15 -0.37 9.72
C GLU A 36 8.50 0.05 9.29
N ALA A 37 8.90 1.26 9.60
CA ALA A 37 10.27 1.74 9.42
C ALA A 37 10.61 2.64 10.58
N LYS A 38 11.91 3.04 10.71
CA LYS A 38 12.28 3.98 11.81
C LYS A 38 13.25 5.03 11.22
N LYS A 39 13.24 6.27 11.69
CA LYS A 39 14.13 7.33 11.19
C LYS A 39 15.51 7.01 11.84
N GLY A 40 16.60 7.10 11.12
CA GLY A 40 17.91 6.73 11.68
C GLY A 40 19.02 6.60 10.65
N PHE A 41 20.31 6.56 11.03
CA PHE A 41 21.42 6.69 10.10
C PHE A 41 22.65 5.85 10.42
N PRO A 42 23.46 5.46 9.40
CA PRO A 42 23.32 5.77 7.95
C PRO A 42 22.13 5.12 7.22
N HIS A 43 21.47 4.10 7.73
CA HIS A 43 20.25 3.59 7.02
C HIS A 43 19.13 3.08 7.91
N SER A 44 19.18 3.52 9.15
CA SER A 44 18.32 2.97 10.28
C SER A 44 18.64 1.51 10.57
N GLY A 45 17.86 0.84 11.39
CA GLY A 45 18.28 -0.46 11.91
C GLY A 45 18.41 -1.57 10.93
N PRO A 46 17.36 -2.10 10.30
CA PRO A 46 17.28 -2.68 8.97
C PRO A 46 17.58 -1.67 7.91
N ALA A 47 17.74 -2.08 6.70
CA ALA A 47 17.90 -1.27 5.49
C ALA A 47 16.65 -0.52 5.12
N ASP A 48 16.23 0.46 5.89
CA ASP A 48 15.16 1.40 5.56
C ASP A 48 15.61 2.45 4.61
N GLY A 49 14.69 3.17 3.93
CA GLY A 49 15.04 4.00 2.80
C GLY A 49 15.03 3.36 1.43
N GLN A 50 14.91 2.02 1.42
CA GLN A 50 15.03 1.20 0.20
C GLN A 50 13.82 1.45 -0.74
N ILE A 51 12.71 1.90 -0.18
CA ILE A 51 11.52 2.10 -0.98
C ILE A 51 11.74 3.49 -1.58
N ALA A 52 12.48 4.36 -0.92
CA ALA A 52 12.79 5.70 -1.43
C ALA A 52 13.83 5.61 -2.54
N SER A 53 14.67 4.59 -2.56
CA SER A 53 15.76 4.48 -3.62
C SER A 53 15.29 3.69 -4.80
N ALA A 54 14.06 3.25 -4.65
CA ALA A 54 13.52 2.07 -5.35
C ALA A 54 14.40 0.74 -5.32
N GLY A 55 15.38 0.71 -4.47
CA GLY A 55 16.28 -0.45 -4.47
C GLY A 55 15.53 -1.68 -3.99
N GLY A 56 14.73 -1.39 -2.99
CA GLY A 56 13.85 -2.38 -2.38
C GLY A 56 12.55 -2.58 -3.17
N LEU A 57 12.47 -1.99 -4.39
CA LEU A 57 11.36 -2.20 -5.30
C LEU A 57 11.80 -2.90 -6.63
N PHE A 58 13.13 -2.94 -6.78
CA PHE A 58 13.69 -3.99 -7.61
C PHE A 58 13.60 -5.29 -6.76
N GLY A 59 13.75 -5.09 -5.43
CA GLY A 59 13.58 -6.23 -4.52
C GLY A 59 12.11 -6.61 -4.40
N GLY A 60 11.30 -5.65 -4.82
CA GLY A 60 9.87 -5.84 -4.88
C GLY A 60 9.47 -6.81 -5.94
N ILE A 61 10.31 -7.01 -6.93
CA ILE A 61 10.05 -7.99 -7.99
C ILE A 61 10.17 -9.37 -7.42
N LEU A 62 11.17 -9.61 -6.57
CA LEU A 62 11.25 -10.89 -5.85
C LEU A 62 10.29 -11.19 -4.74
N ASP A 63 9.80 -10.12 -4.11
CA ASP A 63 8.86 -10.24 -3.03
C ASP A 63 7.57 -10.79 -3.59
N GLN A 64 7.30 -10.55 -4.87
CA GLN A 64 6.15 -11.12 -5.48
C GLN A 64 6.38 -12.61 -5.86
N GLN A 65 7.48 -13.18 -5.48
CA GLN A 65 7.83 -14.57 -5.81
C GLN A 65 8.13 -15.22 -4.46
N SER A 66 7.32 -14.86 -3.46
CA SER A 66 7.51 -15.22 -2.03
C SER A 66 6.17 -15.18 -1.37
N GLU A 67 6.01 -15.66 -0.14
CA GLU A 67 4.75 -15.56 0.56
C GLU A 67 4.46 -14.03 0.89
N ASN A 68 5.49 -13.22 0.79
CA ASN A 68 5.38 -11.82 0.95
C ASN A 68 4.98 -11.12 -0.32
N ARG A 69 4.40 -11.93 -1.23
CA ARG A 69 3.63 -11.40 -2.36
C ARG A 69 2.35 -10.89 -1.77
N TRP A 70 2.50 -9.62 -1.59
CA TRP A 70 1.48 -8.74 -1.06
C TRP A 70 0.12 -9.05 -1.71
N PHE A 71 -0.97 -8.91 -0.97
CA PHE A 71 -2.17 -9.62 -1.33
C PHE A 71 -2.92 -8.93 -2.45
N LYS A 72 -3.30 -9.80 -3.43
CA LYS A 72 -4.02 -9.38 -4.62
C LYS A 72 -5.55 -9.52 -4.45
N HIS A 73 -6.34 -8.77 -5.19
CA HIS A 73 -7.81 -9.04 -5.15
C HIS A 73 -8.55 -8.64 -6.43
N ILE A 74 -9.52 -9.45 -6.84
CA ILE A 74 -10.22 -9.08 -8.04
C ILE A 74 -11.38 -8.21 -7.62
N MET A 75 -11.60 -7.03 -8.19
CA MET A 75 -12.88 -6.25 -8.08
C MET A 75 -13.18 -5.65 -9.46
N THR A 76 -14.41 -5.32 -9.75
CA THR A 76 -14.72 -4.58 -10.96
C THR A 76 -14.12 -3.12 -10.86
N GLY A 77 -13.98 -2.40 -11.98
CA GLY A 77 -13.76 -0.94 -11.85
C GLY A 77 -14.99 -0.18 -11.43
N GLY A 78 -14.99 1.09 -11.76
CA GLY A 78 -15.94 2.03 -11.18
C GLY A 78 -15.38 2.68 -9.94
N GLU A 79 -16.14 3.46 -9.21
CA GLU A 79 -15.66 4.11 -7.97
C GLU A 79 -15.29 3.12 -6.84
N HIS A 80 -14.13 3.34 -6.22
CA HIS A 80 -13.65 2.55 -5.09
C HIS A 80 -13.46 3.51 -3.96
N THR A 81 -13.92 3.21 -2.75
CA THR A 81 -13.78 4.08 -1.59
C THR A 81 -12.92 3.46 -0.54
N PHE A 82 -11.62 3.71 -0.60
CA PHE A 82 -10.65 3.15 0.30
C PHE A 82 -10.73 3.81 1.64
N THR A 83 -11.08 3.04 2.66
CA THR A 83 -11.29 3.57 3.98
C THR A 83 -10.35 2.79 4.88
N TRP A 84 -9.86 3.52 5.85
CA TRP A 84 -8.99 2.99 6.89
C TRP A 84 -9.68 3.45 8.13
N THR A 85 -9.36 2.77 9.20
CA THR A 85 -9.69 3.22 10.55
C THR A 85 -8.47 3.04 11.40
N TYR A 86 -8.43 3.69 12.58
CA TYR A 86 -7.51 3.42 13.72
C TYR A 86 -8.59 3.31 14.80
N THR A 87 -8.51 2.34 15.73
CA THR A 87 -9.71 2.10 16.51
C THR A 87 -9.81 3.26 17.47
N ALA A 88 -8.76 3.99 17.79
CA ALA A 88 -8.82 5.23 18.57
C ALA A 88 -7.98 6.22 17.73
N PRO A 89 -8.19 7.56 17.89
CA PRO A 89 -7.40 8.31 16.92
C PRO A 89 -5.90 8.35 17.30
N HIS A 90 -5.09 8.27 16.25
CA HIS A 90 -3.62 8.34 16.35
C HIS A 90 -3.23 9.60 15.54
N ASN A 91 -2.12 10.23 15.88
CA ASN A 91 -1.62 11.39 15.16
C ASN A 91 -1.04 11.11 13.74
N THR A 92 -0.95 12.14 12.95
CA THR A 92 -0.41 12.18 11.61
C THR A 92 0.12 13.57 11.21
N SER A 93 1.15 13.61 10.39
CA SER A 93 1.60 14.88 9.74
C SER A 93 1.32 14.94 8.23
N GLN A 94 1.28 13.78 7.55
CA GLN A 94 0.87 13.75 6.12
C GLN A 94 0.83 12.29 5.79
N TRP A 95 0.36 11.97 4.59
CA TRP A 95 0.58 10.64 3.98
C TRP A 95 0.53 10.78 2.44
N HIS A 96 0.92 9.75 1.72
CA HIS A 96 1.14 9.81 0.30
C HIS A 96 0.71 8.47 -0.26
N TYR A 97 0.26 8.36 -1.51
CA TYR A 97 -0.10 7.05 -2.05
C TYR A 97 -0.05 7.01 -3.58
N TYR A 98 0.31 5.82 -4.10
CA TYR A 98 0.78 5.64 -5.46
C TYR A 98 0.03 4.46 -6.02
N ILE A 99 0.07 4.32 -7.34
CA ILE A 99 -0.23 3.07 -8.06
C ILE A 99 1.07 2.89 -8.92
N THR A 100 1.30 1.68 -9.28
CA THR A 100 2.35 1.39 -10.27
C THR A 100 1.76 1.79 -11.65
N LYS A 101 2.57 2.23 -12.60
CA LYS A 101 2.10 2.68 -13.87
C LYS A 101 3.10 2.23 -14.95
N LYS A 102 3.00 0.96 -15.25
CA LYS A 102 3.63 0.34 -16.37
C LYS A 102 3.24 0.99 -17.71
N GLY A 103 4.09 0.88 -18.72
CA GLY A 103 3.81 1.43 -20.04
C GLY A 103 4.07 2.92 -20.06
N TRP A 104 5.10 3.32 -19.36
CA TRP A 104 5.72 4.64 -19.53
C TRP A 104 6.33 4.78 -20.93
N ASP A 105 6.48 6.02 -21.36
CA ASP A 105 7.41 6.42 -22.42
C ASP A 105 8.84 6.02 -21.97
N PRO A 106 9.65 5.39 -22.84
CA PRO A 106 10.96 4.87 -22.34
C PRO A 106 11.91 5.86 -21.70
N ASP A 107 11.92 7.08 -22.23
CA ASP A 107 12.85 8.10 -21.70
C ASP A 107 12.65 8.51 -20.23
N LYS A 108 11.43 8.21 -19.76
CA LYS A 108 10.94 8.62 -18.43
C LYS A 108 11.86 8.09 -17.34
N PRO A 109 11.85 8.68 -16.13
CA PRO A 109 12.60 8.27 -14.94
C PRO A 109 12.58 6.87 -14.33
N LEU A 110 12.24 5.87 -15.15
CA LEU A 110 12.19 4.40 -14.95
C LEU A 110 12.26 3.71 -13.63
N LYS A 111 13.28 3.92 -12.79
CA LYS A 111 13.25 3.28 -11.43
C LYS A 111 12.14 3.98 -10.63
N ARG A 112 11.97 5.23 -10.95
CA ARG A 112 11.05 6.12 -10.31
C ARG A 112 9.74 6.20 -11.09
N ALA A 113 9.88 6.37 -12.42
CA ALA A 113 8.68 6.43 -13.26
C ALA A 113 7.89 5.15 -13.23
N ASP A 114 8.35 4.11 -12.55
CA ASP A 114 7.61 2.89 -12.43
C ASP A 114 6.34 3.00 -11.67
N PHE A 115 6.29 3.99 -10.77
CA PHE A 115 5.16 4.21 -9.92
C PHE A 115 4.81 5.67 -10.12
N GLU A 116 3.50 5.91 -9.87
CA GLU A 116 2.93 7.26 -10.02
C GLU A 116 2.19 7.67 -8.75
N LEU A 117 2.46 8.88 -8.21
CA LEU A 117 1.74 9.40 -7.08
C LEU A 117 0.30 9.62 -7.57
N ILE A 118 -0.65 8.86 -7.11
CA ILE A 118 -2.00 9.04 -7.61
C ILE A 118 -2.66 10.13 -6.77
N GLY A 119 -2.14 10.40 -5.58
CA GLY A 119 -2.62 11.50 -4.70
C GLY A 119 -1.94 11.53 -3.37
N ALA A 120 -2.09 12.61 -2.63
CA ALA A 120 -1.41 12.69 -1.35
C ALA A 120 -2.37 13.55 -0.46
N VAL A 121 -2.28 13.38 0.86
CA VAL A 121 -3.12 14.16 1.78
C VAL A 121 -2.18 14.76 2.84
N PRO A 122 -1.89 16.08 2.83
CA PRO A 122 -1.08 16.62 3.92
C PRO A 122 -1.99 16.79 5.12
N HIS A 123 -1.42 16.91 6.31
CA HIS A 123 -2.24 16.87 7.51
C HIS A 123 -1.75 17.92 8.53
N ASP A 124 -1.85 19.21 8.14
CA ASP A 124 -1.71 20.31 9.08
C ASP A 124 -2.66 21.50 8.87
N GLY A 125 -3.27 21.60 7.72
CA GLY A 125 -4.24 22.60 7.38
C GLY A 125 -5.07 22.35 6.15
N SER A 126 -5.16 21.07 5.74
CA SER A 126 -5.83 20.68 4.52
C SER A 126 -7.38 20.83 4.58
N PRO A 127 -8.05 20.85 3.43
CA PRO A 127 -9.48 20.78 3.46
C PRO A 127 -10.03 19.38 3.83
N ALA A 128 -11.30 19.08 3.72
CA ALA A 128 -11.88 17.73 4.00
C ALA A 128 -11.40 16.51 3.29
N SER A 129 -10.37 16.68 2.44
CA SER A 129 -9.56 15.54 1.99
C SER A 129 -8.96 14.82 3.19
N ARG A 130 -8.91 15.45 4.37
CA ARG A 130 -8.38 14.82 5.59
C ARG A 130 -9.20 13.63 6.04
N ASN A 131 -10.44 13.50 5.54
CA ASN A 131 -11.29 12.42 5.94
C ASN A 131 -10.65 11.09 5.57
N LEU A 132 -10.54 10.15 6.44
CA LEU A 132 -9.91 8.90 6.19
C LEU A 132 -10.53 7.93 5.25
N SER A 133 -11.72 8.27 4.78
CA SER A 133 -12.35 7.73 3.59
C SER A 133 -11.89 8.50 2.40
N HIS A 134 -11.40 7.80 1.39
CA HIS A 134 -11.01 8.41 0.08
C HIS A 134 -11.43 7.72 -1.21
N HIS A 135 -12.01 8.51 -2.07
CA HIS A 135 -12.59 7.98 -3.31
C HIS A 135 -11.62 7.97 -4.49
N ILE A 136 -11.46 6.87 -5.20
CA ILE A 136 -10.74 6.78 -6.51
C ILE A 136 -11.77 6.24 -7.52
N TYR A 137 -12.00 6.96 -8.61
CA TYR A 137 -12.69 6.36 -9.73
C TYR A 137 -11.65 5.44 -10.41
N ILE A 138 -12.09 4.27 -10.78
CA ILE A 138 -11.24 3.32 -11.51
C ILE A 138 -11.97 3.23 -12.83
N PRO A 139 -11.24 3.40 -13.97
CA PRO A 139 -12.01 3.43 -15.23
C PRO A 139 -12.67 2.08 -15.45
N GLU A 140 -13.90 2.13 -15.96
CA GLU A 140 -14.82 0.96 -16.00
C GLU A 140 -14.94 0.54 -17.44
N ASP A 141 -14.22 1.18 -18.34
CA ASP A 141 -14.19 0.77 -19.76
C ASP A 141 -13.25 -0.35 -20.12
N ARG A 142 -12.19 -0.57 -19.35
CA ARG A 142 -11.17 -1.56 -19.65
C ARG A 142 -10.73 -2.18 -18.34
N LEU A 143 -10.20 -3.39 -18.34
CA LEU A 143 -9.55 -4.03 -17.19
C LEU A 143 -8.15 -3.42 -16.98
N GLY A 144 -7.52 -3.62 -15.83
CA GLY A 144 -6.13 -3.24 -15.70
C GLY A 144 -5.69 -3.49 -14.23
N TYR A 145 -4.53 -4.07 -14.06
CA TYR A 145 -3.97 -4.46 -12.77
C TYR A 145 -2.74 -3.70 -12.46
N HIS A 146 -2.52 -3.48 -11.17
CA HIS A 146 -1.41 -2.64 -10.61
C HIS A 146 -1.25 -3.01 -9.17
N VAL A 147 -0.10 -2.69 -8.57
CA VAL A 147 0.11 -2.74 -7.11
C VAL A 147 -0.30 -1.31 -6.67
N ILE A 148 -0.63 -1.15 -5.39
CA ILE A 148 -0.91 0.10 -4.75
C ILE A 148 0.31 0.15 -3.84
N LEU A 149 0.98 1.28 -3.72
CA LEU A 149 1.99 1.45 -2.68
C LEU A 149 1.56 2.68 -1.96
N ALA A 150 1.82 2.78 -0.65
CA ALA A 150 1.41 3.98 0.12
C ALA A 150 2.46 4.33 1.20
N VAL A 151 2.56 5.59 1.60
CA VAL A 151 3.49 6.03 2.64
C VAL A 151 2.80 6.95 3.65
N TRP A 152 3.10 6.81 4.91
CA TRP A 152 2.45 7.55 6.02
C TRP A 152 3.46 8.19 6.98
N ASP A 153 3.28 9.47 7.36
CA ASP A 153 4.19 10.19 8.23
C ASP A 153 3.51 10.67 9.50
N VAL A 154 4.20 10.44 10.62
CA VAL A 154 3.73 10.70 11.98
C VAL A 154 4.89 11.43 12.60
N ALA A 155 4.68 12.71 12.87
CA ALA A 155 5.81 13.58 13.34
C ALA A 155 6.08 13.26 14.80
N ASP A 156 5.09 12.74 15.53
CA ASP A 156 5.21 12.40 16.92
C ASP A 156 6.14 11.25 17.25
N THR A 157 6.39 10.46 16.20
CA THR A 157 7.15 9.22 16.29
C THR A 157 8.45 9.20 15.45
N GLU A 158 9.39 8.44 15.96
CA GLU A 158 10.59 8.07 15.26
C GLU A 158 10.29 6.95 14.27
N ASN A 159 9.25 6.17 14.54
CA ASN A 159 8.72 5.34 13.47
C ASN A 159 8.13 6.13 12.29
N ALA A 160 8.18 5.48 11.12
CA ALA A 160 7.60 5.93 9.85
C ALA A 160 6.97 4.69 9.24
N PHE A 161 6.02 4.85 8.32
CA PHE A 161 5.19 3.75 7.79
C PHE A 161 5.08 3.71 6.26
N TYR A 162 5.00 2.50 5.75
CA TYR A 162 4.78 2.19 4.35
C TYR A 162 3.75 1.08 4.43
N GLN A 163 3.15 0.67 3.31
CA GLN A 163 2.35 -0.52 3.17
C GLN A 163 2.24 -0.75 1.65
N VAL A 164 1.77 -1.94 1.26
CA VAL A 164 1.65 -2.36 -0.16
C VAL A 164 0.37 -3.25 -0.29
N ILE A 165 -0.50 -3.09 -1.29
CA ILE A 165 -1.68 -3.90 -1.50
C ILE A 165 -1.71 -4.03 -3.04
N ASP A 166 -2.18 -5.16 -3.63
CA ASP A 166 -2.21 -5.32 -5.11
C ASP A 166 -3.69 -5.62 -5.51
N VAL A 167 -4.05 -5.28 -6.70
CA VAL A 167 -5.51 -5.31 -7.14
C VAL A 167 -5.60 -5.62 -8.64
N ASP A 168 -6.73 -6.20 -9.09
CA ASP A 168 -6.88 -6.56 -10.47
C ASP A 168 -8.24 -5.99 -10.77
N LEU A 169 -8.32 -4.77 -11.31
CA LEU A 169 -9.64 -4.12 -11.42
C LEU A 169 -10.23 -4.15 -12.80
N VAL A 170 -11.29 -4.89 -12.94
CA VAL A 170 -11.63 -5.48 -14.29
C VAL A 170 -13.04 -5.26 -14.82
N ASN A 171 -13.28 -5.68 -16.05
CA ASN A 171 -14.58 -5.50 -16.69
C ASN A 171 -15.24 -6.77 -16.28
N LYS A 172 -16.57 -6.74 -16.06
CA LYS A 172 -17.40 -7.95 -15.87
C LYS A 172 -17.34 -9.00 -17.01
CU CU1 B . -2.52 1.82 17.12
N HIS A 1 -3.41 3.17 12.42
CA HIS A 1 -3.92 1.88 11.77
C HIS A 1 -3.60 0.63 12.62
N GLY A 2 -4.49 -0.30 12.53
CA GLY A 2 -4.41 -1.69 13.03
C GLY A 2 -5.12 -2.65 12.09
N PHE A 3 -6.17 -2.18 11.45
CA PHE A 3 -7.08 -2.95 10.58
C PHE A 3 -7.12 -2.34 9.24
N ILE A 4 -7.14 -3.06 8.10
CA ILE A 4 -7.42 -2.44 6.84
C ILE A 4 -8.83 -2.87 6.63
N GLU A 5 -9.75 -1.94 6.46
CA GLU A 5 -11.16 -2.24 6.39
C GLU A 5 -11.66 -2.44 4.92
N LYS A 6 -11.15 -1.62 4.03
CA LYS A 6 -11.59 -1.69 2.60
C LYS A 6 -10.35 -1.34 1.75
N PRO A 7 -10.21 -1.77 0.50
CA PRO A 7 -11.16 -2.59 -0.29
C PRO A 7 -11.09 -4.02 0.20
N GLY A 8 -12.27 -4.60 0.34
CA GLY A 8 -12.32 -6.02 0.63
C GLY A 8 -11.77 -6.55 1.93
N SER A 9 -11.49 -7.86 2.05
CA SER A 9 -10.97 -8.42 3.28
C SER A 9 -9.55 -8.95 3.10
N ARG A 10 -8.55 -8.37 3.76
CA ARG A 10 -7.18 -8.82 3.63
C ARG A 10 -7.01 -10.14 4.33
N ALA A 11 -7.88 -10.39 5.29
CA ALA A 11 -7.85 -11.51 6.19
C ALA A 11 -8.02 -12.75 5.34
N ALA A 12 -8.75 -12.59 4.25
CA ALA A 12 -8.97 -13.72 3.35
C ALA A 12 -7.66 -14.36 2.87
N LEU A 13 -6.63 -13.52 2.60
CA LEU A 13 -5.32 -13.98 2.13
C LEU A 13 -4.35 -14.16 3.31
N CYS A 14 -4.45 -13.38 4.38
CA CYS A 14 -3.53 -13.52 5.48
C CYS A 14 -3.77 -14.75 6.39
N SER A 15 -4.99 -15.26 6.39
CA SER A 15 -5.44 -16.18 7.42
C SER A 15 -5.23 -17.59 6.93
N GLU A 16 -5.12 -18.47 7.89
CA GLU A 16 -5.19 -19.92 7.65
C GLU A 16 -6.65 -20.27 7.78
N ALA A 17 -7.46 -19.39 8.31
CA ALA A 17 -8.87 -19.68 8.58
C ALA A 17 -9.52 -19.90 7.30
N PHE A 18 -9.13 -19.16 6.27
CA PHE A 18 -9.68 -19.33 4.88
C PHE A 18 -9.54 -20.71 4.29
N GLY A 19 -8.36 -21.26 4.36
CA GLY A 19 -8.09 -22.47 3.57
C GLY A 19 -7.16 -23.52 4.14
N PHE A 20 -6.65 -23.23 5.29
CA PHE A 20 -5.72 -24.07 6.06
C PHE A 20 -4.37 -24.47 5.47
N LEU A 21 -4.22 -24.93 4.25
CA LEU A 21 -2.89 -25.39 3.74
C LEU A 21 -1.89 -24.32 3.43
N ASN A 22 -2.34 -23.06 3.25
CA ASN A 22 -1.43 -22.05 2.80
C ASN A 22 -2.01 -20.85 3.46
N LEU A 23 -1.30 -19.74 3.29
CA LEU A 23 -1.73 -18.43 3.63
C LEU A 23 -0.78 -17.51 2.80
N ASN A 24 -1.02 -16.23 2.76
CA ASN A 24 -0.28 -15.33 1.88
C ASN A 24 -0.17 -13.97 2.55
N CYS A 25 0.67 -13.99 3.60
CA CYS A 25 0.83 -12.79 4.41
C CYS A 25 2.32 -12.41 4.69
N GLY A 26 3.21 -13.39 4.51
CA GLY A 26 4.65 -13.19 4.70
C GLY A 26 5.06 -12.72 6.08
N SER A 27 5.42 -11.49 6.10
CA SER A 27 5.90 -10.75 7.27
C SER A 27 4.77 -9.97 7.92
N VAL A 28 3.80 -9.56 7.08
CA VAL A 28 2.77 -8.61 7.51
C VAL A 28 1.89 -9.19 8.68
N MET A 29 1.75 -10.51 8.70
CA MET A 29 1.04 -11.15 9.79
C MET A 29 1.69 -10.95 11.18
N TYR A 30 2.97 -10.68 11.24
CA TYR A 30 3.55 -10.31 12.58
C TYR A 30 3.44 -8.80 12.85
N GLU A 31 3.64 -8.00 11.78
CA GLU A 31 3.64 -6.56 11.91
C GLU A 31 2.41 -5.81 11.26
N PRO A 32 1.18 -6.25 11.49
CA PRO A 32 0.21 -5.46 10.74
C PRO A 32 -0.02 -3.98 11.21
N GLN A 33 0.35 -3.61 12.45
CA GLN A 33 0.19 -2.26 12.97
C GLN A 33 1.49 -1.49 13.14
N SER A 34 2.57 -2.23 13.23
CA SER A 34 3.90 -1.65 13.30
C SER A 34 4.63 -1.58 11.93
N LEU A 35 3.80 -1.59 10.90
CA LEU A 35 4.15 -1.70 9.51
C LEU A 35 4.94 -0.45 8.90
N GLU A 36 5.93 0.07 9.61
CA GLU A 36 6.76 1.20 9.21
C GLU A 36 7.79 1.04 8.12
N ALA A 37 8.19 2.10 7.44
CA ALA A 37 9.33 2.08 6.48
C ALA A 37 10.08 3.43 6.36
N LYS A 38 10.64 4.05 7.36
CA LYS A 38 11.40 5.30 7.15
C LYS A 38 12.46 5.43 8.22
N LYS A 39 12.98 6.65 8.32
CA LYS A 39 14.15 6.94 9.14
C LYS A 39 13.83 6.71 10.61
N GLY A 40 14.85 6.50 11.49
CA GLY A 40 14.62 6.38 12.93
C GLY A 40 15.83 6.51 13.80
N PHE A 41 15.58 6.61 15.12
CA PHE A 41 16.64 6.81 16.11
C PHE A 41 16.85 5.62 17.13
N PRO A 42 17.79 4.73 16.89
CA PRO A 42 18.67 4.48 15.72
C PRO A 42 17.84 3.90 14.56
N HIS A 43 18.38 3.64 13.38
CA HIS A 43 17.44 3.09 12.36
C HIS A 43 17.02 1.65 12.47
N SER A 44 17.83 0.76 13.01
CA SER A 44 17.68 -0.67 13.22
C SER A 44 17.39 -1.56 12.00
N GLY A 45 16.26 -1.33 11.33
CA GLY A 45 15.84 -2.14 10.23
C GLY A 45 16.68 -1.98 9.00
N PRO A 46 16.46 -2.73 7.89
CA PRO A 46 17.16 -2.71 6.62
C PRO A 46 16.88 -1.41 5.90
N ALA A 47 17.64 -1.17 4.84
CA ALA A 47 17.44 0.07 4.08
C ALA A 47 15.98 0.10 3.60
N ASP A 48 15.31 1.23 3.70
CA ASP A 48 13.79 1.18 3.51
C ASP A 48 13.53 1.20 2.05
N GLY A 49 12.69 0.28 1.52
CA GLY A 49 12.41 0.19 0.08
C GLY A 49 13.61 -0.13 -0.80
N GLN A 50 14.80 -0.40 -0.25
CA GLN A 50 16.08 -0.51 -1.00
C GLN A 50 16.13 0.64 -2.07
N ILE A 51 15.66 1.84 -1.71
CA ILE A 51 15.60 2.95 -2.69
C ILE A 51 17.00 3.49 -3.01
N ALA A 52 17.86 3.63 -2.03
CA ALA A 52 19.12 4.38 -2.23
C ALA A 52 20.11 3.68 -3.16
N SER A 53 20.21 2.34 -3.03
CA SER A 53 21.12 1.56 -3.80
C SER A 53 20.46 1.15 -5.12
N ALA A 54 19.13 1.28 -5.17
CA ALA A 54 18.24 1.26 -6.39
C ALA A 54 18.16 0.03 -7.32
N GLY A 55 19.13 -0.85 -7.23
CA GLY A 55 19.09 -2.11 -7.94
C GLY A 55 18.04 -3.05 -7.34
N GLY A 56 17.76 -2.81 -6.08
CA GLY A 56 16.58 -3.42 -5.40
C GLY A 56 15.22 -2.90 -5.85
N LEU A 57 15.12 -1.81 -6.61
CA LEU A 57 13.83 -1.38 -7.19
C LEU A 57 13.51 -2.10 -8.55
N PHE A 58 14.59 -2.60 -9.18
CA PHE A 58 14.38 -3.40 -10.36
C PHE A 58 14.00 -4.81 -9.72
N GLY A 59 14.66 -5.08 -8.59
CA GLY A 59 14.33 -6.28 -7.81
C GLY A 59 12.99 -6.21 -7.15
N GLY A 60 12.36 -5.06 -7.12
CA GLY A 60 11.07 -4.86 -6.44
C GLY A 60 9.93 -5.60 -7.18
N ILE A 61 10.15 -5.85 -8.44
CA ILE A 61 9.17 -6.63 -9.21
C ILE A 61 9.18 -8.06 -8.61
N LEU A 62 10.37 -8.57 -8.34
CA LEU A 62 10.47 -9.95 -7.79
C LEU A 62 10.03 -9.90 -6.34
N ASP A 63 10.13 -8.75 -5.71
CA ASP A 63 9.87 -8.68 -4.31
C ASP A 63 8.35 -8.79 -4.01
N GLN A 64 7.53 -8.51 -4.98
CA GLN A 64 6.08 -8.58 -4.87
C GLN A 64 5.62 -9.85 -5.60
N GLN A 65 6.58 -10.73 -5.83
CA GLN A 65 6.34 -12.05 -6.48
C GLN A 65 7.01 -12.99 -5.54
N SER A 66 6.75 -12.88 -4.25
CA SER A 66 7.60 -13.48 -3.18
C SER A 66 6.58 -13.69 -2.10
N GLU A 67 6.93 -14.21 -0.94
CA GLU A 67 5.85 -14.43 0.07
C GLU A 67 5.19 -13.10 0.63
N ASN A 68 5.87 -11.98 0.45
CA ASN A 68 5.27 -10.64 0.63
C ASN A 68 4.77 -10.14 -0.76
N ARG A 69 4.05 -11.01 -1.44
CA ARG A 69 3.08 -10.70 -2.50
C ARG A 69 1.85 -10.44 -1.66
N TRP A 70 1.76 -9.14 -1.55
CA TRP A 70 0.77 -8.47 -0.70
C TRP A 70 -0.65 -8.73 -1.22
N PHE A 71 -1.69 -8.52 -0.43
CA PHE A 71 -3.05 -8.91 -0.80
C PHE A 71 -3.50 -8.25 -2.09
N LYS A 72 -4.30 -8.98 -2.86
CA LYS A 72 -4.83 -8.56 -4.15
C LYS A 72 -6.35 -8.80 -4.09
N HIS A 73 -7.11 -8.05 -4.89
CA HIS A 73 -8.56 -8.30 -5.03
C HIS A 73 -9.02 -8.15 -6.47
N ILE A 74 -10.08 -8.89 -6.87
CA ILE A 74 -10.71 -8.66 -8.16
C ILE A 74 -12.05 -7.96 -7.99
N MET A 75 -12.28 -6.93 -8.81
CA MET A 75 -13.52 -6.18 -8.85
C MET A 75 -13.88 -5.67 -10.23
N THR A 76 -15.06 -5.12 -10.37
CA THR A 76 -15.47 -4.39 -11.52
C THR A 76 -14.69 -3.07 -11.45
N GLY A 77 -14.67 -2.34 -12.55
CA GLY A 77 -14.06 -1.02 -12.52
C GLY A 77 -15.06 -0.11 -11.86
N GLY A 78 -14.76 1.13 -11.63
CA GLY A 78 -15.62 2.00 -10.83
C GLY A 78 -14.88 2.75 -9.70
N GLU A 79 -15.68 3.36 -8.85
CA GLU A 79 -15.16 3.89 -7.60
C GLU A 79 -14.86 2.71 -6.59
N HIS A 80 -13.73 2.77 -5.89
CA HIS A 80 -13.41 1.89 -4.73
C HIS A 80 -13.00 2.72 -3.54
N THR A 81 -13.07 2.18 -2.33
CA THR A 81 -12.76 3.01 -1.10
C THR A 81 -11.58 2.35 -0.45
N PHE A 82 -10.65 3.09 0.09
CA PHE A 82 -9.44 2.53 0.72
C PHE A 82 -9.46 3.13 2.08
N THR A 83 -9.62 2.25 3.04
CA THR A 83 -9.70 2.58 4.50
C THR A 83 -8.79 1.76 5.33
N TRP A 84 -7.88 2.44 5.97
CA TRP A 84 -6.98 1.84 6.99
C TRP A 84 -7.48 2.49 8.23
N THR A 85 -7.61 1.75 9.29
CA THR A 85 -8.35 2.25 10.47
C THR A 85 -7.75 1.62 11.74
N TYR A 86 -8.02 2.29 12.87
CA TYR A 86 -7.63 1.74 14.20
C TYR A 86 -8.78 1.92 15.15
N THR A 87 -8.69 1.32 16.36
CA THR A 87 -9.72 1.56 17.35
C THR A 87 -9.72 3.01 17.80
N ALA A 88 -8.59 3.64 17.68
CA ALA A 88 -8.36 5.01 18.24
C ALA A 88 -7.59 5.89 17.23
N PRO A 89 -7.77 7.21 17.30
CA PRO A 89 -7.01 8.05 16.38
C PRO A 89 -5.53 8.10 16.71
N HIS A 90 -4.79 8.66 15.75
CA HIS A 90 -3.34 8.77 15.86
C HIS A 90 -3.07 10.24 15.63
N ASN A 91 -1.92 10.75 16.02
CA ASN A 91 -1.48 12.15 15.74
C ASN A 91 -0.90 12.25 14.30
N THR A 92 -1.75 11.88 13.37
CA THR A 92 -1.33 11.88 11.95
C THR A 92 -1.09 13.32 11.51
N SER A 93 -0.07 13.48 10.64
CA SER A 93 0.42 14.77 10.15
C SER A 93 0.22 14.85 8.63
N GLN A 94 0.30 13.75 7.93
CA GLN A 94 0.34 13.69 6.47
C GLN A 94 0.07 12.28 6.02
N TRP A 95 -0.44 12.09 4.80
CA TRP A 95 -0.09 10.97 3.97
C TRP A 95 0.03 11.30 2.47
N HIS A 96 0.64 10.40 1.71
CA HIS A 96 0.89 10.49 0.26
C HIS A 96 0.46 9.19 -0.35
N TYR A 97 -0.09 9.21 -1.56
CA TYR A 97 -0.32 7.97 -2.28
C TYR A 97 0.01 8.13 -3.78
N TYR A 98 0.46 6.96 -4.26
CA TYR A 98 1.18 6.77 -5.54
C TYR A 98 0.56 5.66 -6.35
N ILE A 99 0.80 5.54 -7.68
CA ILE A 99 0.28 4.42 -8.48
C ILE A 99 1.55 3.89 -9.17
N THR A 100 1.52 2.63 -9.43
CA THR A 100 2.37 2.07 -10.47
C THR A 100 1.72 2.29 -11.84
N LYS A 101 2.30 3.10 -12.74
CA LYS A 101 1.90 3.03 -14.12
C LYS A 101 2.63 1.92 -14.80
N LYS A 102 2.03 0.74 -14.86
CA LYS A 102 2.59 -0.45 -15.52
C LYS A 102 2.80 -0.22 -17.02
N GLY A 103 3.65 -1.07 -17.59
CA GLY A 103 3.74 -1.09 -19.05
C GLY A 103 4.93 -0.39 -19.65
N TRP A 104 5.89 -0.10 -18.82
CA TRP A 104 6.97 0.73 -19.25
C TRP A 104 7.88 -0.01 -20.31
N ASP A 105 8.61 0.79 -21.04
CA ASP A 105 9.94 0.36 -21.57
C ASP A 105 10.82 0.34 -20.27
N PRO A 106 11.37 -0.82 -19.82
CA PRO A 106 12.08 -0.98 -18.56
C PRO A 106 13.46 -0.28 -18.41
N ASP A 107 14.11 0.03 -19.56
CA ASP A 107 15.48 0.60 -19.51
C ASP A 107 15.41 2.06 -19.09
N LYS A 108 14.15 2.51 -19.17
CA LYS A 108 13.74 3.91 -19.01
C LYS A 108 12.85 3.77 -17.74
N PRO A 109 12.45 4.86 -17.00
CA PRO A 109 11.67 5.07 -15.76
C PRO A 109 11.08 4.01 -14.84
N LEU A 110 11.48 2.74 -14.93
CA LEU A 110 11.07 1.69 -14.05
C LEU A 110 11.16 2.07 -12.55
N LYS A 111 12.22 2.72 -12.11
CA LYS A 111 12.36 3.05 -10.69
C LYS A 111 11.48 4.23 -10.25
N ARG A 112 10.74 4.81 -11.19
CA ARG A 112 9.99 6.06 -10.96
C ARG A 112 8.46 5.88 -11.24
N ALA A 113 8.22 5.34 -12.42
CA ALA A 113 6.86 4.90 -12.85
C ALA A 113 6.13 4.02 -11.86
N ASP A 114 6.96 3.33 -11.07
CA ASP A 114 6.38 2.38 -10.12
C ASP A 114 5.85 3.12 -8.85
N PHE A 115 6.12 4.42 -8.71
CA PHE A 115 5.78 5.18 -7.50
C PHE A 115 5.31 6.57 -7.97
N GLU A 116 4.45 6.72 -8.96
CA GLU A 116 4.12 8.08 -9.40
C GLU A 116 2.98 8.71 -8.53
N LEU A 117 3.26 9.87 -7.90
CA LEU A 117 2.27 10.48 -6.96
C LEU A 117 0.98 10.83 -7.60
N ILE A 118 -0.12 10.34 -7.08
CA ILE A 118 -1.44 10.69 -7.61
C ILE A 118 -2.11 11.65 -6.59
N GLY A 119 -1.69 11.65 -5.29
CA GLY A 119 -2.01 12.79 -4.44
C GLY A 119 -1.41 12.78 -3.07
N ALA A 120 -1.69 13.81 -2.27
CA ALA A 120 -1.29 13.79 -0.86
C ALA A 120 -2.37 14.54 -0.06
N VAL A 121 -2.46 14.17 1.20
CA VAL A 121 -3.54 14.66 2.11
C VAL A 121 -2.74 15.09 3.45
N PRO A 122 -2.24 16.32 3.48
CA PRO A 122 -1.70 16.75 4.79
C PRO A 122 -2.79 16.98 5.82
N HIS A 123 -2.46 16.86 7.08
CA HIS A 123 -3.51 16.59 8.08
C HIS A 123 -3.29 17.24 9.45
N ASP A 124 -3.95 18.39 9.59
CA ASP A 124 -3.99 19.16 10.84
C ASP A 124 -5.32 19.12 11.58
N GLY A 125 -6.34 18.55 10.99
CA GLY A 125 -7.63 18.36 11.68
C GLY A 125 -8.44 17.67 10.63
N SER A 126 -9.72 17.49 10.84
CA SER A 126 -10.62 16.71 9.92
C SER A 126 -11.84 17.44 9.46
N PRO A 127 -11.70 18.40 8.52
CA PRO A 127 -12.90 18.53 7.70
C PRO A 127 -12.97 17.26 6.83
N ALA A 128 -14.11 17.06 6.13
CA ALA A 128 -14.33 15.85 5.36
C ALA A 128 -13.33 15.62 4.16
N SER A 129 -12.67 16.62 3.62
CA SER A 129 -11.67 16.42 2.60
C SER A 129 -10.40 15.73 3.10
N ARG A 130 -10.23 15.86 4.41
CA ARG A 130 -9.08 15.34 5.12
C ARG A 130 -9.46 14.20 6.05
N ASN A 131 -10.60 13.61 5.77
CA ASN A 131 -11.04 12.30 6.40
C ASN A 131 -9.96 11.26 6.14
N LEU A 132 -9.89 10.36 7.14
CA LEU A 132 -8.82 9.33 7.12
C LEU A 132 -8.99 8.37 5.91
N SER A 133 -10.24 8.05 5.54
CA SER A 133 -10.57 7.12 4.46
C SER A 133 -10.70 8.01 3.24
N HIS A 134 -10.47 7.43 2.04
CA HIS A 134 -10.78 8.13 0.74
C HIS A 134 -11.20 7.18 -0.35
N HIS A 135 -11.79 7.71 -1.43
CA HIS A 135 -12.36 6.90 -2.50
C HIS A 135 -11.46 7.20 -3.72
N ILE A 136 -11.28 6.24 -4.62
CA ILE A 136 -10.50 6.45 -5.85
C ILE A 136 -11.36 5.87 -7.01
N TYR A 137 -11.65 6.67 -8.01
CA TYR A 137 -12.33 6.17 -9.25
C TYR A 137 -11.25 5.73 -10.29
N ILE A 138 -11.44 4.52 -10.89
CA ILE A 138 -10.54 4.03 -11.95
C ILE A 138 -11.52 3.55 -13.03
N PRO A 139 -11.43 4.03 -14.32
CA PRO A 139 -12.47 3.54 -15.23
C PRO A 139 -12.38 2.06 -15.63
N GLU A 140 -13.47 1.60 -16.19
CA GLU A 140 -13.50 0.20 -16.74
C GLU A 140 -13.14 0.18 -18.28
N ASP A 141 -12.19 1.00 -18.61
CA ASP A 141 -11.78 1.14 -20.02
C ASP A 141 -10.94 -0.02 -20.59
N ARG A 142 -10.33 -0.81 -19.73
CA ARG A 142 -9.55 -1.97 -20.09
C ARG A 142 -9.67 -2.97 -18.98
N LEU A 143 -9.20 -4.18 -19.16
CA LEU A 143 -9.26 -5.27 -18.14
C LEU A 143 -7.80 -5.27 -17.59
N GLY A 144 -7.61 -5.43 -16.27
CA GLY A 144 -6.23 -5.52 -15.76
C GLY A 144 -6.00 -4.90 -14.36
N TYR A 145 -4.76 -5.04 -13.85
CA TYR A 145 -4.31 -4.62 -12.54
C TYR A 145 -3.94 -3.15 -12.34
N HIS A 146 -4.20 -2.66 -11.15
CA HIS A 146 -3.89 -1.30 -10.80
C HIS A 146 -3.33 -1.22 -9.36
N VAL A 147 -2.06 -0.85 -9.18
CA VAL A 147 -1.42 -0.92 -7.85
C VAL A 147 -1.45 0.51 -7.22
N ILE A 148 -1.89 0.69 -5.96
CA ILE A 148 -1.73 1.95 -5.13
C ILE A 148 -0.78 1.68 -3.97
N LEU A 149 0.14 2.62 -3.83
CA LEU A 149 1.20 2.52 -2.84
C LEU A 149 0.96 3.69 -1.97
N ALA A 150 1.08 3.57 -0.66
CA ALA A 150 0.74 4.72 0.16
C ALA A 150 1.59 4.80 1.38
N VAL A 151 1.92 6.02 1.81
CA VAL A 151 2.84 6.29 2.95
C VAL A 151 1.98 7.20 3.88
N TRP A 152 2.01 6.91 5.16
CA TRP A 152 1.13 7.50 6.17
C TRP A 152 1.89 7.92 7.44
N ASP A 153 1.93 9.23 7.70
CA ASP A 153 2.90 9.81 8.62
C ASP A 153 2.23 10.35 9.86
N VAL A 154 2.79 9.92 10.96
CA VAL A 154 2.21 10.11 12.31
C VAL A 154 3.23 10.85 13.13
N ALA A 155 2.94 12.02 13.64
CA ALA A 155 4.05 12.89 14.19
C ALA A 155 4.85 12.43 15.35
N ASP A 156 4.42 11.37 16.06
CA ASP A 156 5.14 10.94 17.23
C ASP A 156 6.40 10.18 16.88
N THR A 157 6.51 9.67 15.68
CA THR A 157 7.65 8.87 15.19
C THR A 157 8.47 9.63 14.12
N GLU A 158 9.75 9.31 13.99
CA GLU A 158 10.59 9.81 12.88
C GLU A 158 10.18 8.93 11.70
N ASN A 159 9.74 7.70 11.94
CA ASN A 159 9.28 6.79 10.87
C ASN A 159 7.94 7.19 10.26
N ALA A 160 7.50 6.39 9.30
CA ALA A 160 6.26 6.52 8.59
C ALA A 160 5.79 5.15 8.21
N PHE A 161 4.50 4.97 8.10
CA PHE A 161 3.98 3.69 7.73
C PHE A 161 3.72 3.61 6.24
N TYR A 162 3.85 2.36 5.71
CA TYR A 162 3.86 2.12 4.30
C TYR A 162 2.89 0.91 4.00
N GLN A 163 2.01 1.02 3.07
CA GLN A 163 1.16 -0.06 2.69
C GLN A 163 0.92 -0.12 1.15
N VAL A 164 0.56 -1.29 0.61
CA VAL A 164 0.51 -1.40 -0.86
C VAL A 164 -0.65 -2.39 -1.22
N ILE A 165 -1.56 -1.97 -2.10
CA ILE A 165 -2.74 -2.77 -2.49
C ILE A 165 -2.79 -2.81 -4.07
N ASP A 166 -3.07 -3.98 -4.63
CA ASP A 166 -3.32 -4.07 -6.06
C ASP A 166 -4.66 -4.65 -6.31
N VAL A 167 -5.43 -3.91 -7.11
CA VAL A 167 -6.77 -4.40 -7.50
C VAL A 167 -6.86 -4.68 -8.96
N ASP A 168 -7.41 -5.84 -9.28
CA ASP A 168 -7.58 -6.35 -10.62
C ASP A 168 -9.00 -5.97 -11.01
N LEU A 169 -9.05 -5.07 -11.99
CA LEU A 169 -10.33 -4.45 -12.38
C LEU A 169 -10.76 -4.94 -13.71
N VAL A 170 -11.78 -5.71 -13.77
CA VAL A 170 -12.19 -6.31 -15.07
C VAL A 170 -13.70 -6.17 -15.34
N ASN A 171 -14.04 -6.18 -16.64
CA ASN A 171 -15.43 -6.31 -17.09
C ASN A 171 -15.97 -7.65 -16.52
N LYS A 172 -17.10 -7.62 -15.81
CA LYS A 172 -17.74 -8.81 -15.22
C LYS A 172 -18.28 -9.68 -16.35
CU CU1 B . -1.27 3.26 13.02
N HIS A 1 -1.00 0.34 13.65
CA HIS A 1 -1.81 -0.85 13.29
C HIS A 1 -3.22 -0.47 12.92
N GLY A 2 -3.88 -1.14 12.03
CA GLY A 2 -5.26 -0.81 11.65
C GLY A 2 -6.00 -1.87 10.84
N PHE A 3 -7.27 -1.64 10.61
CA PHE A 3 -8.26 -2.65 10.31
C PHE A 3 -9.09 -2.32 9.04
N ILE A 4 -9.30 -3.28 8.17
CA ILE A 4 -9.93 -2.98 6.87
C ILE A 4 -11.44 -3.09 6.95
N GLU A 5 -12.18 -2.02 6.63
CA GLU A 5 -13.63 -1.92 6.80
C GLU A 5 -14.35 -2.14 5.44
N LYS A 6 -13.56 -2.69 4.49
CA LYS A 6 -13.93 -3.14 3.16
C LYS A 6 -14.39 -1.91 2.25
N PRO A 7 -14.50 -2.10 0.95
CA PRO A 7 -14.52 -3.32 0.11
C PRO A 7 -13.19 -4.07 0.16
N GLY A 8 -13.32 -5.41 0.18
CA GLY A 8 -12.22 -6.33 -0.01
C GLY A 8 -11.52 -6.85 1.23
N SER A 9 -12.01 -7.99 1.72
CA SER A 9 -11.40 -8.69 2.82
C SER A 9 -10.13 -9.42 2.36
N ARG A 10 -9.17 -9.44 3.26
CA ARG A 10 -7.98 -10.25 3.16
C ARG A 10 -8.05 -11.45 4.20
N ALA A 11 -8.85 -11.26 5.24
CA ALA A 11 -8.99 -12.25 6.32
C ALA A 11 -9.55 -13.54 5.72
N ALA A 12 -10.58 -13.43 4.92
CA ALA A 12 -11.12 -14.58 4.20
C ALA A 12 -10.15 -15.25 3.20
N LEU A 13 -9.25 -14.51 2.63
CA LEU A 13 -8.26 -15.08 1.73
C LEU A 13 -7.10 -15.71 2.55
N CYS A 14 -6.89 -15.32 3.83
CA CYS A 14 -5.93 -15.92 4.69
C CYS A 14 -6.36 -17.24 5.38
N SER A 15 -7.66 -17.57 5.27
CA SER A 15 -8.19 -18.81 5.84
C SER A 15 -7.67 -20.06 5.21
N GLU A 16 -7.88 -21.20 5.85
CA GLU A 16 -7.33 -22.56 5.62
C GLU A 16 -7.09 -23.17 4.22
N ALA A 17 -7.81 -22.67 3.24
CA ALA A 17 -7.64 -22.95 1.82
C ALA A 17 -6.31 -22.40 1.32
N PHE A 18 -5.77 -21.45 2.08
CA PHE A 18 -4.38 -21.10 1.87
C PHE A 18 -3.35 -22.22 1.89
N GLY A 19 -3.65 -23.37 2.44
CA GLY A 19 -2.75 -24.53 2.45
C GLY A 19 -2.73 -25.54 3.57
N PHE A 20 -3.69 -25.40 4.49
CA PHE A 20 -4.08 -26.25 5.62
C PHE A 20 -2.95 -26.74 6.58
N LEU A 21 -1.71 -26.34 6.34
CA LEU A 21 -0.55 -26.77 7.18
C LEU A 21 -0.14 -25.81 8.33
N ASN A 22 -0.68 -24.59 8.32
CA ASN A 22 -0.36 -23.60 9.35
C ASN A 22 -1.65 -22.95 9.88
N LEU A 23 -1.59 -21.89 10.70
CA LEU A 23 -2.75 -21.24 11.32
C LEU A 23 -3.67 -20.54 10.32
N ASN A 24 -4.89 -20.30 10.72
CA ASN A 24 -6.00 -19.86 9.87
C ASN A 24 -5.92 -18.37 9.58
N CYS A 25 -4.87 -17.72 10.06
CA CYS A 25 -4.17 -16.69 9.20
C CYS A 25 -2.65 -16.64 9.52
N GLY A 26 -2.25 -16.76 10.79
CA GLY A 26 -0.83 -16.65 11.20
C GLY A 26 -0.74 -15.37 12.00
N SER A 27 -0.10 -15.46 13.19
CA SER A 27 -0.01 -14.36 14.11
C SER A 27 0.52 -12.99 13.64
N VAL A 28 1.11 -12.85 12.45
CA VAL A 28 1.58 -11.53 12.00
C VAL A 28 0.41 -10.62 11.55
N MET A 29 -0.77 -11.22 11.55
CA MET A 29 -2.08 -10.56 11.28
C MET A 29 -2.40 -9.33 12.17
N TYR A 30 -1.56 -9.15 13.24
CA TYR A 30 -1.62 -7.88 13.98
C TYR A 30 -1.21 -6.58 13.19
N GLU A 31 -0.21 -6.72 12.35
CA GLU A 31 0.20 -5.61 11.51
C GLU A 31 0.73 -6.13 10.18
N PRO A 32 -0.09 -6.79 9.36
CA PRO A 32 0.63 -7.26 8.16
C PRO A 32 0.95 -6.24 7.09
N GLN A 33 0.19 -5.15 7.11
CA GLN A 33 0.45 -4.04 6.18
C GLN A 33 1.71 -3.25 6.55
N SER A 34 2.20 -3.29 7.78
CA SER A 34 3.25 -2.40 8.20
C SER A 34 4.62 -2.94 7.68
N LEU A 35 5.10 -2.09 6.76
CA LEU A 35 6.51 -2.12 6.35
C LEU A 35 7.11 -0.87 7.00
N GLU A 36 7.65 -1.01 8.22
CA GLU A 36 8.14 0.22 8.91
C GLU A 36 9.32 0.79 8.28
N ALA A 37 9.55 2.06 8.63
CA ALA A 37 10.69 2.84 8.15
C ALA A 37 11.05 3.68 9.38
N LYS A 38 12.24 4.32 9.40
CA LYS A 38 12.65 5.24 10.42
C LYS A 38 13.15 6.49 9.72
N LYS A 39 12.81 7.65 10.30
CA LYS A 39 13.27 8.95 9.78
C LYS A 39 14.75 9.13 10.09
N GLY A 40 15.42 10.13 9.54
CA GLY A 40 16.82 10.43 9.88
C GLY A 40 17.83 9.53 9.11
N PHE A 41 19.09 9.92 9.20
CA PHE A 41 20.16 9.20 8.54
C PHE A 41 21.00 8.69 9.70
N PRO A 42 21.95 7.76 9.51
CA PRO A 42 22.35 7.04 8.29
C PRO A 42 21.23 6.19 7.73
N HIS A 43 20.68 5.27 8.51
CA HIS A 43 19.26 5.10 8.67
C HIS A 43 18.92 4.61 10.04
N SER A 44 19.88 3.84 10.60
CA SER A 44 19.81 3.13 11.89
C SER A 44 18.82 1.96 12.02
N GLY A 45 17.59 2.29 11.68
CA GLY A 45 16.49 1.37 11.61
C GLY A 45 16.72 0.55 10.36
N PRO A 46 15.67 -0.05 9.82
CA PRO A 46 15.83 -0.99 8.71
C PRO A 46 16.33 -0.25 7.47
N ALA A 47 16.71 -0.99 6.41
CA ALA A 47 17.13 -0.43 5.13
C ALA A 47 16.10 0.48 4.48
N ASP A 48 16.34 1.77 4.43
CA ASP A 48 15.41 2.77 3.95
C ASP A 48 16.04 3.50 2.72
N GLY A 49 15.18 4.27 2.11
CA GLY A 49 15.56 4.97 0.90
C GLY A 49 15.43 4.17 -0.38
N GLN A 50 15.12 2.89 -0.26
CA GLN A 50 15.20 2.01 -1.36
C GLN A 50 13.87 2.07 -2.11
N ILE A 51 12.79 2.35 -1.42
CA ILE A 51 11.49 2.45 -2.11
C ILE A 51 11.48 3.70 -2.90
N ALA A 52 12.12 4.77 -2.47
CA ALA A 52 12.18 5.98 -3.25
C ALA A 52 12.96 5.90 -4.60
N SER A 53 13.89 4.97 -4.68
CA SER A 53 14.66 4.78 -5.97
C SER A 53 14.08 3.60 -6.76
N ALA A 54 12.98 3.04 -6.26
CA ALA A 54 12.36 1.78 -6.63
C ALA A 54 13.22 0.58 -6.66
N GLY A 55 14.39 0.64 -6.08
CA GLY A 55 15.17 -0.56 -5.89
C GLY A 55 14.45 -1.49 -4.95
N GLY A 56 13.74 -0.95 -3.98
CA GLY A 56 12.96 -1.77 -3.08
C GLY A 56 11.75 -2.41 -3.77
N LEU A 57 11.38 -1.97 -4.98
CA LEU A 57 10.24 -2.46 -5.73
C LEU A 57 10.64 -3.26 -6.93
N PHE A 58 11.89 -3.19 -7.28
CA PHE A 58 12.49 -4.04 -8.33
C PHE A 58 12.78 -5.29 -7.49
N GLY A 59 13.23 -5.13 -6.27
CA GLY A 59 13.50 -6.24 -5.32
C GLY A 59 12.18 -6.81 -4.75
N GLY A 60 11.19 -5.96 -4.98
CA GLY A 60 9.77 -6.28 -4.84
C GLY A 60 9.29 -7.30 -5.86
N ILE A 61 9.92 -7.48 -7.00
CA ILE A 61 9.35 -8.49 -7.96
C ILE A 61 9.57 -9.92 -7.37
N LEU A 62 10.74 -10.10 -6.76
CA LEU A 62 11.09 -11.28 -6.00
C LEU A 62 10.44 -11.43 -4.65
N ASP A 63 10.12 -10.37 -4.00
CA ASP A 63 9.48 -10.31 -2.68
C ASP A 63 8.07 -10.85 -2.75
N GLN A 64 7.47 -10.72 -3.94
CA GLN A 64 6.10 -11.15 -4.23
C GLN A 64 6.08 -12.60 -4.76
N GLN A 65 6.89 -13.43 -4.22
CA GLN A 65 7.00 -14.86 -4.54
C GLN A 65 7.11 -15.62 -3.20
N SER A 66 6.04 -15.45 -2.40
CA SER A 66 6.13 -15.64 -0.95
C SER A 66 4.67 -15.62 -0.41
N GLU A 67 4.58 -16.02 0.83
CA GLU A 67 3.25 -16.00 1.53
C GLU A 67 2.88 -14.53 1.88
N ASN A 68 3.93 -13.73 1.89
CA ASN A 68 3.74 -12.29 2.05
C ASN A 68 3.42 -11.53 0.81
N ARG A 69 3.18 -12.29 -0.26
CA ARG A 69 2.50 -11.78 -1.48
C ARG A 69 1.05 -11.49 -1.12
N TRP A 70 0.98 -10.27 -0.64
CA TRP A 70 -0.24 -9.58 -0.39
C TRP A 70 -1.34 -9.74 -1.41
N PHE A 71 -2.57 -9.69 -0.89
CA PHE A 71 -3.80 -10.11 -1.65
C PHE A 71 -4.19 -9.09 -2.70
N LYS A 72 -4.59 -9.68 -3.86
CA LYS A 72 -5.46 -8.95 -4.81
C LYS A 72 -6.86 -8.97 -4.27
N HIS A 73 -7.65 -8.01 -4.63
CA HIS A 73 -9.12 -8.16 -4.58
C HIS A 73 -9.50 -7.62 -5.95
N ILE A 74 -10.24 -8.34 -6.76
CA ILE A 74 -10.43 -8.05 -8.21
C ILE A 74 -11.75 -7.32 -8.31
N MET A 75 -11.70 -6.06 -8.75
CA MET A 75 -12.91 -5.25 -8.82
C MET A 75 -13.00 -4.54 -10.21
N THR A 76 -14.18 -4.20 -10.68
CA THR A 76 -14.30 -3.45 -11.94
C THR A 76 -13.91 -2.04 -11.65
N GLY A 77 -13.53 -1.30 -12.65
CA GLY A 77 -13.19 0.09 -12.52
C GLY A 77 -14.32 1.02 -12.22
N GLY A 78 -14.04 2.32 -12.14
CA GLY A 78 -15.10 3.25 -11.72
C GLY A 78 -14.68 4.28 -10.67
N GLU A 79 -15.60 4.97 -10.05
CA GLU A 79 -15.36 5.69 -8.81
C GLU A 79 -15.21 4.69 -7.69
N HIS A 80 -14.23 4.90 -6.86
CA HIS A 80 -13.79 3.83 -5.91
C HIS A 80 -13.59 4.35 -4.54
N THR A 81 -13.97 3.62 -3.52
CA THR A 81 -13.64 3.98 -2.13
C THR A 81 -12.91 2.84 -1.43
N PHE A 82 -11.81 3.14 -0.78
CA PHE A 82 -11.02 2.13 -0.06
C PHE A 82 -11.26 2.59 1.45
N THR A 83 -11.74 1.73 2.34
CA THR A 83 -12.07 2.11 3.73
C THR A 83 -11.35 1.22 4.74
N TRP A 84 -10.73 1.95 5.66
CA TRP A 84 -10.02 1.45 6.82
C TRP A 84 -10.60 2.08 8.03
N THR A 85 -10.47 1.47 9.18
CA THR A 85 -10.82 2.00 10.52
C THR A 85 -9.50 1.85 11.34
N TYR A 86 -9.22 2.82 12.24
CA TYR A 86 -8.19 2.67 13.32
C TYR A 86 -9.00 2.59 14.60
N THR A 87 -8.48 1.89 15.60
CA THR A 87 -9.16 1.79 16.88
C THR A 87 -8.97 3.08 17.66
N ALA A 88 -7.76 3.64 17.54
CA ALA A 88 -7.42 5.02 17.94
C ALA A 88 -6.29 5.21 16.93
N PRO A 89 -6.16 6.35 16.26
CA PRO A 89 -5.01 6.51 15.37
C PRO A 89 -3.70 6.76 16.12
N HIS A 90 -2.55 6.78 15.48
CA HIS A 90 -1.33 7.27 16.09
C HIS A 90 -1.26 8.71 15.67
N ASN A 91 -0.54 9.54 16.37
CA ASN A 91 -0.22 10.90 15.83
C ASN A 91 0.56 10.98 14.53
N THR A 92 0.06 11.70 13.53
CA THR A 92 0.52 11.48 12.16
C THR A 92 0.66 12.85 11.51
N SER A 93 1.73 13.12 10.80
CA SER A 93 2.02 14.50 10.30
C SER A 93 1.43 14.66 8.89
N GLN A 94 1.36 13.53 8.16
CA GLN A 94 0.92 13.52 6.73
C GLN A 94 0.78 12.09 6.30
N TRP A 95 0.26 11.84 5.16
CA TRP A 95 0.35 10.55 4.54
C TRP A 95 0.26 10.64 3.02
N HIS A 96 0.75 9.65 2.25
CA HIS A 96 0.95 9.79 0.78
C HIS A 96 0.56 8.56 -0.03
N TYR A 97 0.02 8.67 -1.23
CA TYR A 97 -0.41 7.55 -2.02
C TYR A 97 0.23 7.52 -3.39
N TYR A 98 0.64 6.35 -3.86
CA TYR A 98 1.26 6.22 -5.16
C TYR A 98 0.72 4.93 -5.77
N ILE A 99 0.96 4.77 -7.06
CA ILE A 99 0.69 3.54 -7.74
C ILE A 99 1.91 3.23 -8.61
N THR A 100 2.03 2.03 -9.12
CA THR A 100 3.03 1.72 -10.14
C THR A 100 2.55 2.12 -11.56
N LYS A 101 3.48 2.46 -12.43
CA LYS A 101 3.21 3.14 -13.75
C LYS A 101 3.26 2.02 -14.81
N LYS A 102 2.70 2.31 -16.00
CA LYS A 102 2.75 1.49 -17.23
C LYS A 102 2.33 2.53 -18.27
N GLY A 103 2.44 2.31 -19.59
CA GLY A 103 2.15 3.35 -20.53
C GLY A 103 3.38 4.27 -20.46
N TRP A 104 4.52 3.69 -20.78
CA TRP A 104 5.82 4.32 -20.56
C TRP A 104 6.86 3.95 -21.64
N ASP A 105 8.02 4.52 -21.73
CA ASP A 105 8.97 4.19 -22.85
C ASP A 105 10.38 4.33 -22.22
N PRO A 106 11.26 3.37 -22.51
CA PRO A 106 12.60 3.45 -21.85
C PRO A 106 13.61 4.57 -22.06
N ASP A 107 13.44 5.36 -23.13
CA ASP A 107 14.34 6.44 -23.44
C ASP A 107 14.08 7.64 -22.60
N LYS A 108 13.07 7.45 -21.78
CA LYS A 108 12.37 8.43 -21.04
C LYS A 108 12.36 7.75 -19.63
N PRO A 109 12.05 8.48 -18.50
CA PRO A 109 12.08 8.03 -17.10
C PRO A 109 11.45 6.70 -16.63
N LEU A 110 11.27 5.69 -17.47
CA LEU A 110 10.78 4.39 -17.08
C LEU A 110 11.30 3.69 -15.74
N LYS A 111 12.57 3.80 -15.39
CA LYS A 111 13.13 3.11 -14.20
C LYS A 111 13.12 4.01 -12.98
N ARG A 112 12.86 5.24 -13.15
CA ARG A 112 12.93 6.24 -12.10
C ARG A 112 11.52 6.68 -11.68
N ALA A 113 10.68 6.92 -12.68
CA ALA A 113 9.22 7.19 -12.53
C ALA A 113 8.52 5.83 -12.53
N ASP A 114 9.18 4.84 -11.89
CA ASP A 114 8.71 3.46 -11.87
C ASP A 114 7.42 3.28 -11.04
N PHE A 115 7.21 4.24 -10.18
CA PHE A 115 6.00 4.51 -9.50
C PHE A 115 5.81 6.09 -9.53
N GLU A 116 4.57 6.53 -9.39
CA GLU A 116 4.25 7.98 -9.39
C GLU A 116 3.16 8.24 -8.34
N LEU A 117 3.23 9.39 -7.67
CA LEU A 117 2.23 9.87 -6.74
C LEU A 117 0.85 10.08 -7.45
N ILE A 118 -0.19 9.61 -6.73
CA ILE A 118 -1.55 9.68 -7.22
C ILE A 118 -2.20 10.78 -6.36
N GLY A 119 -1.68 10.98 -5.18
CA GLY A 119 -2.09 12.06 -4.32
C GLY A 119 -1.47 12.02 -2.92
N ALA A 120 -1.69 13.09 -2.14
CA ALA A 120 -1.03 13.12 -0.85
C ALA A 120 -1.92 13.97 0.04
N VAL A 121 -1.95 13.61 1.33
CA VAL A 121 -2.85 14.24 2.34
C VAL A 121 -1.94 14.77 3.43
N PRO A 122 -1.93 16.08 3.72
CA PRO A 122 -1.11 16.52 4.87
C PRO A 122 -2.07 16.23 6.09
N HIS A 123 -1.55 16.26 7.28
CA HIS A 123 -2.33 16.03 8.53
C HIS A 123 -2.06 16.99 9.72
N ASP A 124 -2.33 18.25 9.52
CA ASP A 124 -2.43 19.26 10.59
C ASP A 124 -3.59 20.28 10.54
N GLY A 125 -4.12 20.59 9.36
CA GLY A 125 -5.16 21.58 9.15
C GLY A 125 -5.90 21.45 7.82
N SER A 126 -5.72 20.32 7.08
CA SER A 126 -6.37 20.04 5.77
C SER A 126 -7.87 19.86 5.71
N PRO A 127 -8.49 19.79 4.49
CA PRO A 127 -9.92 19.50 4.39
C PRO A 127 -10.28 18.04 4.77
N ALA A 128 -11.50 17.63 4.42
CA ALA A 128 -11.94 16.26 4.49
C ALA A 128 -11.10 15.16 3.79
N SER A 129 -10.06 15.60 3.15
CA SER A 129 -9.02 14.69 2.64
C SER A 129 -8.33 13.89 3.73
N ARG A 130 -8.40 14.39 4.99
CA ARG A 130 -8.00 13.69 6.23
C ARG A 130 -8.91 12.52 6.72
N ASN A 131 -10.04 12.31 6.03
CA ASN A 131 -10.85 11.11 6.30
C ASN A 131 -10.04 9.90 5.89
N LEU A 132 -9.99 8.89 6.73
CA LEU A 132 -9.15 7.71 6.43
C LEU A 132 -9.78 6.88 5.31
N SER A 133 -11.11 6.94 5.26
CA SER A 133 -11.83 6.48 4.12
C SER A 133 -11.39 7.36 2.99
N HIS A 134 -10.97 6.76 1.91
CA HIS A 134 -10.37 7.47 0.78
C HIS A 134 -10.71 7.01 -0.61
N HIS A 135 -11.02 7.99 -1.44
CA HIS A 135 -11.38 7.75 -2.83
C HIS A 135 -10.11 7.91 -3.68
N ILE A 136 -10.06 7.08 -4.72
CA ILE A 136 -9.22 7.30 -5.85
C ILE A 136 -10.09 6.99 -7.05
N TYR A 137 -10.29 7.85 -8.04
CA TYR A 137 -11.07 7.53 -9.23
C TYR A 137 -10.28 6.56 -10.11
N ILE A 138 -10.89 5.49 -10.62
CA ILE A 138 -10.16 4.54 -11.47
C ILE A 138 -10.83 4.65 -12.83
N PRO A 139 -10.19 5.18 -13.87
CA PRO A 139 -10.98 5.03 -15.17
C PRO A 139 -11.14 3.60 -15.63
N GLU A 140 -12.16 3.32 -16.39
CA GLU A 140 -12.25 1.91 -16.85
C GLU A 140 -11.56 1.70 -18.21
N ASP A 141 -10.30 2.11 -18.31
CA ASP A 141 -9.56 2.11 -19.56
C ASP A 141 -8.99 0.75 -19.97
N ARG A 142 -8.74 -0.14 -19.05
CA ARG A 142 -8.08 -1.43 -19.32
C ARG A 142 -8.45 -2.41 -18.29
N LEU A 143 -8.06 -3.67 -18.46
CA LEU A 143 -8.09 -4.72 -17.44
C LEU A 143 -6.60 -4.99 -17.11
N GLY A 144 -6.24 -5.21 -15.84
CA GLY A 144 -4.83 -5.43 -15.50
C GLY A 144 -4.53 -5.19 -14.07
N TYR A 145 -3.34 -5.63 -13.68
CA TYR A 145 -2.76 -5.56 -12.30
C TYR A 145 -1.73 -4.42 -12.18
N HIS A 146 -1.76 -3.73 -11.04
CA HIS A 146 -0.71 -2.80 -10.62
C HIS A 146 -0.88 -2.77 -9.15
N VAL A 147 0.08 -2.26 -8.37
CA VAL A 147 -0.06 -2.16 -6.93
C VAL A 147 -0.41 -0.76 -6.51
N ILE A 148 -0.92 -0.56 -5.32
CA ILE A 148 -1.13 0.76 -4.78
C ILE A 148 -0.05 0.78 -3.66
N LEU A 149 0.83 1.75 -3.60
CA LEU A 149 1.82 1.95 -2.48
C LEU A 149 1.34 3.09 -1.61
N ALA A 150 1.71 3.13 -0.34
CA ALA A 150 1.39 4.29 0.43
C ALA A 150 2.46 4.49 1.54
N VAL A 151 2.59 5.72 2.05
CA VAL A 151 3.55 6.10 3.09
C VAL A 151 2.74 6.85 4.10
N TRP A 152 2.94 6.54 5.35
CA TRP A 152 2.23 7.09 6.46
C TRP A 152 3.34 7.60 7.44
N ASP A 153 3.49 8.95 7.53
CA ASP A 153 4.49 9.63 8.36
C ASP A 153 3.89 9.77 9.75
N VAL A 154 4.24 8.79 10.58
CA VAL A 154 3.88 8.82 12.00
C VAL A 154 4.78 9.83 12.66
N ALA A 155 4.17 10.81 13.22
CA ALA A 155 4.87 11.80 14.01
C ALA A 155 5.03 11.45 15.45
N ASP A 156 4.32 10.46 15.92
CA ASP A 156 4.53 10.03 17.34
C ASP A 156 5.94 9.46 17.72
N THR A 157 6.55 8.98 16.62
CA THR A 157 7.67 8.13 16.65
C THR A 157 8.60 8.60 15.57
N GLU A 158 9.86 8.26 15.71
CA GLU A 158 10.77 8.36 14.57
C GLU A 158 10.54 7.25 13.56
N ASN A 159 9.87 6.23 14.00
CA ASN A 159 9.28 5.34 13.03
C ASN A 159 8.12 5.92 12.23
N ALA A 160 7.92 5.39 11.05
CA ALA A 160 6.88 5.78 10.11
C ALA A 160 6.45 4.40 9.54
N PHE A 161 5.46 4.42 8.65
CA PHE A 161 5.06 3.22 7.90
C PHE A 161 5.11 3.43 6.40
N TYR A 162 5.31 2.33 5.69
CA TYR A 162 4.93 2.24 4.30
C TYR A 162 3.98 1.07 4.19
N GLN A 163 3.16 0.95 3.17
CA GLN A 163 2.24 -0.18 3.06
C GLN A 163 1.92 -0.40 1.58
N VAL A 164 1.61 -1.62 1.23
CA VAL A 164 1.30 -1.95 -0.16
C VAL A 164 0.05 -2.82 -0.31
N ILE A 165 -0.76 -2.47 -1.27
CA ILE A 165 -2.05 -3.18 -1.58
C ILE A 165 -1.97 -3.65 -3.02
N ASP A 166 -2.16 -4.92 -3.34
CA ASP A 166 -2.17 -5.45 -4.68
C ASP A 166 -3.67 -5.32 -5.16
N VAL A 167 -3.84 -4.89 -6.39
CA VAL A 167 -5.18 -4.89 -6.98
C VAL A 167 -5.14 -5.48 -8.36
N ASP A 168 -6.29 -5.89 -8.79
CA ASP A 168 -6.59 -6.28 -10.14
C ASP A 168 -7.82 -5.54 -10.49
N LEU A 169 -7.71 -4.57 -11.40
CA LEU A 169 -8.79 -3.63 -11.60
C LEU A 169 -9.15 -3.90 -13.07
N VAL A 170 -10.35 -4.34 -13.33
CA VAL A 170 -10.79 -4.91 -14.63
C VAL A 170 -11.87 -4.12 -15.41
N ASN A 171 -12.15 -4.46 -16.68
CA ASN A 171 -13.24 -3.89 -17.47
C ASN A 171 -14.55 -4.57 -17.01
N LYS A 172 -15.67 -3.89 -17.13
CA LYS A 172 -16.95 -4.45 -16.76
C LYS A 172 -17.32 -5.65 -17.65
CU CU1 B . -1.32 1.42 15.71
N HIS A 1 -1.44 5.45 11.57
CA HIS A 1 -1.88 5.27 10.14
C HIS A 1 -3.29 4.70 10.05
N GLY A 2 -3.68 3.89 11.06
CA GLY A 2 -5.01 3.34 11.16
C GLY A 2 -5.25 2.02 10.47
N PHE A 3 -6.49 1.67 10.19
CA PHE A 3 -6.94 0.41 9.61
C PHE A 3 -7.88 0.60 8.43
N ILE A 4 -7.92 -0.41 7.58
CA ILE A 4 -8.81 -0.32 6.44
C ILE A 4 -10.07 -1.06 6.96
N GLU A 5 -11.18 -0.35 6.88
CA GLU A 5 -12.46 -0.85 7.30
C GLU A 5 -13.25 -1.59 6.17
N LYS A 6 -13.19 -1.04 4.97
CA LYS A 6 -13.81 -1.63 3.77
C LYS A 6 -12.81 -1.14 2.70
N PRO A 7 -12.59 -1.84 1.60
CA PRO A 7 -13.20 -3.08 1.17
C PRO A 7 -12.73 -4.28 1.95
N GLY A 8 -13.64 -5.14 2.27
CA GLY A 8 -13.29 -6.35 2.90
C GLY A 8 -12.68 -6.27 4.30
N SER A 9 -11.91 -7.32 4.64
CA SER A 9 -11.11 -7.42 5.88
C SER A 9 -9.74 -8.01 5.55
N ARG A 10 -8.66 -7.22 5.74
CA ARG A 10 -7.33 -7.71 5.39
C ARG A 10 -6.83 -8.86 6.27
N ALA A 11 -7.34 -8.97 7.51
CA ALA A 11 -7.09 -10.10 8.39
C ALA A 11 -7.70 -11.45 7.91
N ALA A 12 -8.80 -11.36 7.19
CA ALA A 12 -9.45 -12.54 6.65
C ALA A 12 -8.52 -13.24 5.58
N LEU A 13 -7.97 -12.37 4.78
CA LEU A 13 -7.22 -12.68 3.55
C LEU A 13 -5.82 -13.06 3.92
N CYS A 14 -5.45 -12.72 5.11
CA CYS A 14 -4.14 -13.08 5.63
C CYS A 14 -4.01 -14.60 5.85
N SER A 15 -5.11 -15.30 5.82
CA SER A 15 -5.14 -16.72 6.13
C SER A 15 -4.28 -17.63 5.13
N GLU A 16 -3.87 -18.80 5.64
CA GLU A 16 -3.14 -19.79 4.83
C GLU A 16 -4.09 -20.48 3.88
N ALA A 17 -5.33 -20.66 4.35
CA ALA A 17 -6.37 -21.17 3.49
C ALA A 17 -6.79 -20.26 2.33
N PHE A 18 -6.77 -18.96 2.61
CA PHE A 18 -6.98 -18.00 1.57
C PHE A 18 -5.98 -18.02 0.43
N GLY A 19 -4.71 -18.04 0.74
CA GLY A 19 -3.65 -17.98 -0.31
C GLY A 19 -3.66 -19.26 -1.11
N PHE A 20 -4.07 -20.31 -0.39
CA PHE A 20 -4.62 -21.59 -0.88
C PHE A 20 -4.20 -22.73 0.07
N LEU A 21 -2.91 -22.86 0.26
CA LEU A 21 -2.28 -23.57 1.38
C LEU A 21 -1.39 -22.83 2.31
N ASN A 22 -0.88 -21.65 1.82
CA ASN A 22 0.22 -20.91 2.50
C ASN A 22 -0.11 -19.43 2.33
N LEU A 23 0.30 -18.58 3.26
CA LEU A 23 -0.24 -17.21 3.28
C LEU A 23 0.41 -16.34 2.23
N ASN A 24 -0.29 -15.31 1.82
CA ASN A 24 0.21 -14.35 0.82
C ASN A 24 -0.25 -13.01 1.47
N CYS A 25 0.39 -12.80 2.62
CA CYS A 25 0.25 -11.64 3.45
C CYS A 25 1.50 -11.40 4.28
N GLY A 26 1.83 -12.40 5.08
CA GLY A 26 3.06 -12.55 5.81
C GLY A 26 3.19 -11.81 7.14
N SER A 27 3.44 -10.50 7.04
CA SER A 27 3.72 -9.71 8.29
C SER A 27 2.73 -8.63 8.68
N VAL A 28 1.71 -8.44 7.83
CA VAL A 28 0.79 -7.33 8.09
C VAL A 28 0.11 -7.44 9.45
N MET A 29 -0.34 -8.67 9.70
CA MET A 29 -0.93 -9.02 10.99
C MET A 29 -0.11 -9.11 12.25
N TYR A 30 1.23 -8.92 12.11
CA TYR A 30 2.10 -9.12 13.28
C TYR A 30 1.91 -7.91 14.23
N GLU A 31 2.02 -6.73 13.60
CA GLU A 31 1.63 -5.40 14.22
C GLU A 31 0.78 -4.69 13.17
N PRO A 32 -0.50 -5.00 13.09
CA PRO A 32 -1.30 -4.27 12.08
C PRO A 32 -1.40 -2.78 12.29
N GLN A 33 -1.08 -2.32 13.48
CA GLN A 33 -1.02 -0.90 13.78
C GLN A 33 0.38 -0.35 13.95
N SER A 34 1.21 -0.94 14.76
CA SER A 34 2.59 -0.48 15.03
C SER A 34 3.62 -0.96 14.00
N LEU A 35 3.28 -0.84 12.74
CA LEU A 35 4.21 -1.12 11.65
C LEU A 35 5.24 0.04 11.68
N GLU A 36 6.49 -0.37 11.66
CA GLU A 36 7.56 0.56 11.51
C GLU A 36 8.29 0.23 10.15
N ALA A 37 8.80 1.28 9.46
CA ALA A 37 9.48 1.12 8.22
C ALA A 37 10.53 2.18 7.96
N LYS A 38 11.29 2.54 8.99
CA LYS A 38 12.31 3.59 8.81
C LYS A 38 13.58 3.31 9.59
N LYS A 39 13.48 3.50 10.90
CA LYS A 39 14.62 3.59 11.85
C LYS A 39 15.20 2.22 12.18
N GLY A 40 16.27 2.22 13.00
CA GLY A 40 17.09 1.05 13.27
C GLY A 40 18.37 1.02 12.50
N PHE A 41 18.86 2.18 12.17
CA PHE A 41 20.14 2.35 11.48
C PHE A 41 21.28 2.00 12.48
N PRO A 42 22.45 1.53 11.95
CA PRO A 42 22.75 0.98 10.60
C PRO A 42 22.05 -0.36 10.36
N HIS A 43 21.26 -0.44 9.28
CA HIS A 43 20.45 -1.67 9.01
C HIS A 43 21.32 -2.82 8.57
N SER A 44 22.57 -2.55 8.09
CA SER A 44 23.62 -3.51 7.72
C SER A 44 23.40 -4.26 6.39
N GLY A 45 22.16 -4.74 6.24
CA GLY A 45 21.66 -5.25 4.97
C GLY A 45 21.43 -4.12 3.97
N PRO A 46 20.95 -4.35 2.75
CA PRO A 46 20.86 -3.26 1.85
C PRO A 46 19.84 -2.17 2.41
N ALA A 47 20.10 -0.91 2.05
CA ALA A 47 19.50 0.36 2.61
C ALA A 47 18.00 0.44 2.65
N ASP A 48 17.42 0.84 3.77
CA ASP A 48 15.96 0.73 3.98
C ASP A 48 15.15 1.58 3.03
N GLY A 49 14.31 0.93 2.29
CA GLY A 49 13.47 1.62 1.34
C GLY A 49 14.04 1.93 0.00
N GLN A 50 15.36 1.80 -0.15
CA GLN A 50 16.20 2.12 -1.33
C GLN A 50 15.85 3.44 -2.01
N ILE A 51 15.55 4.41 -1.15
CA ILE A 51 14.82 5.63 -1.57
C ILE A 51 15.62 6.48 -2.55
N ALA A 52 16.93 6.47 -2.52
CA ALA A 52 17.78 7.20 -3.42
C ALA A 52 17.58 6.88 -4.90
N SER A 53 17.56 5.62 -5.34
CA SER A 53 17.46 5.35 -6.75
C SER A 53 16.56 4.17 -7.11
N ALA A 54 16.13 3.41 -6.10
CA ALA A 54 15.50 2.09 -6.23
C ALA A 54 16.33 1.11 -7.17
N GLY A 55 17.63 1.28 -7.32
CA GLY A 55 18.43 0.36 -8.11
C GLY A 55 18.56 -1.00 -7.46
N GLY A 56 18.52 -1.08 -6.15
CA GLY A 56 18.44 -2.32 -5.40
C GLY A 56 17.10 -3.02 -5.60
N LEU A 57 16.10 -2.32 -6.10
CA LEU A 57 14.76 -2.85 -6.30
C LEU A 57 14.25 -3.02 -7.70
N PHE A 58 15.05 -3.63 -8.57
CA PHE A 58 14.52 -4.45 -9.70
C PHE A 58 13.97 -5.69 -8.97
N GLY A 59 14.54 -5.98 -7.80
CA GLY A 59 14.02 -7.06 -6.93
C GLY A 59 12.65 -6.66 -6.38
N GLY A 60 12.32 -5.38 -6.46
CA GLY A 60 10.99 -4.93 -5.97
C GLY A 60 9.86 -5.31 -6.84
N ILE A 61 10.15 -5.57 -8.12
CA ILE A 61 9.09 -6.28 -8.95
C ILE A 61 8.96 -7.77 -8.45
N LEU A 62 10.16 -8.38 -8.25
CA LEU A 62 10.21 -9.77 -7.90
C LEU A 62 9.67 -10.21 -6.54
N ASP A 63 9.18 -9.20 -5.86
CA ASP A 63 8.40 -9.35 -4.58
C ASP A 63 7.07 -10.07 -4.84
N GLN A 64 6.65 -10.20 -6.07
CA GLN A 64 5.47 -10.99 -6.37
C GLN A 64 5.63 -12.46 -6.27
N GLN A 65 6.79 -12.94 -5.82
CA GLN A 65 7.05 -14.29 -5.44
C GLN A 65 7.53 -14.27 -3.97
N SER A 66 6.68 -13.91 -3.02
CA SER A 66 7.00 -13.76 -1.59
C SER A 66 5.91 -14.11 -0.58
N GLU A 67 6.26 -14.55 0.63
CA GLU A 67 5.22 -14.91 1.64
C GLU A 67 4.56 -13.64 2.16
N ASN A 68 5.35 -12.60 2.16
CA ASN A 68 4.92 -11.26 2.68
C ASN A 68 4.69 -10.38 1.48
N ARG A 69 4.27 -11.00 0.38
CA ARG A 69 3.68 -10.37 -0.76
C ARG A 69 2.26 -10.15 -0.18
N TRP A 70 2.11 -8.90 0.19
CA TRP A 70 0.87 -8.37 0.75
C TRP A 70 -0.43 -8.81 0.03
N PHE A 71 -1.47 -8.74 0.85
CA PHE A 71 -2.74 -9.34 0.54
C PHE A 71 -3.42 -8.87 -0.75
N LYS A 72 -4.08 -9.82 -1.38
CA LYS A 72 -4.82 -9.64 -2.63
C LYS A 72 -6.19 -9.09 -2.56
N HIS A 73 -6.68 -8.44 -3.56
CA HIS A 73 -8.02 -7.88 -3.62
C HIS A 73 -8.47 -7.82 -5.03
N ILE A 74 -9.77 -7.81 -5.24
CA ILE A 74 -10.29 -7.89 -6.60
C ILE A 74 -11.31 -6.80 -6.71
N MET A 75 -11.40 -6.10 -7.82
CA MET A 75 -12.33 -5.00 -7.97
C MET A 75 -12.68 -4.81 -9.41
N THR A 76 -13.89 -4.29 -9.69
CA THR A 76 -14.30 -3.90 -11.03
C THR A 76 -13.79 -2.46 -11.33
N GLY A 77 -14.04 -1.98 -12.55
CA GLY A 77 -13.82 -0.59 -12.85
C GLY A 77 -14.89 0.29 -12.24
N GLY A 78 -14.65 1.59 -12.28
CA GLY A 78 -15.71 2.53 -11.77
C GLY A 78 -15.19 3.32 -10.63
N GLU A 79 -16.00 4.27 -10.16
CA GLU A 79 -15.76 4.84 -8.81
C GLU A 79 -16.08 3.87 -7.73
N HIS A 80 -15.18 3.78 -6.79
CA HIS A 80 -15.42 2.99 -5.61
C HIS A 80 -15.02 3.76 -4.37
N THR A 81 -15.71 3.56 -3.23
CA THR A 81 -15.33 4.09 -1.94
C THR A 81 -14.37 3.17 -1.26
N PHE A 82 -13.33 3.73 -0.67
CA PHE A 82 -12.47 3.03 0.26
C PHE A 82 -12.79 3.59 1.62
N THR A 83 -12.95 2.76 2.64
CA THR A 83 -13.30 3.25 3.98
C THR A 83 -12.11 2.94 4.89
N TRP A 84 -11.53 3.97 5.50
CA TRP A 84 -10.40 3.80 6.43
C TRP A 84 -10.79 4.36 7.82
N THR A 85 -10.29 3.83 8.95
CA THR A 85 -10.72 4.16 10.30
C THR A 85 -9.49 4.16 11.25
N TYR A 86 -9.58 4.85 12.38
CA TYR A 86 -8.69 4.64 13.53
C TYR A 86 -9.32 3.54 14.29
N THR A 87 -8.50 2.74 14.94
CA THR A 87 -9.10 1.90 15.99
C THR A 87 -8.56 2.48 17.24
N ALA A 88 -7.46 3.26 17.19
CA ALA A 88 -6.93 3.96 18.34
C ALA A 88 -6.57 5.32 17.72
N PRO A 89 -6.67 6.44 18.46
CA PRO A 89 -6.32 7.73 17.83
C PRO A 89 -4.85 7.82 17.40
N HIS A 90 -4.60 8.60 16.38
CA HIS A 90 -3.21 8.91 16.01
C HIS A 90 -3.28 10.44 15.93
N ASN A 91 -2.16 11.03 15.65
CA ASN A 91 -2.03 12.38 15.07
C ASN A 91 -1.34 12.23 13.76
N THR A 92 -2.07 11.94 12.68
CA THR A 92 -1.43 11.78 11.37
C THR A 92 -1.14 13.21 10.97
N SER A 93 -0.08 13.49 10.21
CA SER A 93 0.05 14.83 9.61
C SER A 93 -0.23 14.88 8.09
N GLN A 94 0.02 13.84 7.35
CA GLN A 94 -0.23 13.79 5.92
C GLN A 94 -0.19 12.32 5.58
N TRP A 95 -0.79 11.90 4.47
CA TRP A 95 -0.53 10.60 3.85
C TRP A 95 -0.73 10.69 2.33
N HIS A 96 -0.19 9.71 1.60
CA HIS A 96 -0.21 9.58 0.16
C HIS A 96 -0.69 8.22 -0.25
N TYR A 97 -1.21 8.05 -1.43
CA TYR A 97 -1.52 6.79 -2.07
C TYR A 97 -1.31 7.01 -3.53
N TYR A 98 -0.93 5.90 -4.17
CA TYR A 98 -0.17 5.92 -5.42
C TYR A 98 -0.74 4.69 -6.06
N ILE A 99 -0.45 4.52 -7.32
CA ILE A 99 -0.58 3.23 -8.05
C ILE A 99 0.70 3.01 -8.90
N THR A 100 0.99 1.78 -9.25
CA THR A 100 2.12 1.56 -10.21
C THR A 100 1.60 1.48 -11.63
N LYS A 101 2.16 2.14 -12.63
CA LYS A 101 1.64 2.03 -13.98
C LYS A 101 2.07 0.70 -14.60
N LYS A 102 1.15 0.03 -15.25
CA LYS A 102 1.52 -1.18 -16.07
C LYS A 102 2.20 -0.60 -17.30
N GLY A 103 2.91 -1.41 -18.08
CA GLY A 103 3.41 -1.06 -19.37
C GLY A 103 4.79 -0.51 -19.43
N TRP A 104 5.47 -0.47 -18.28
CA TRP A 104 6.79 0.15 -18.14
C TRP A 104 7.91 -0.65 -18.76
N ASP A 105 9.10 -0.12 -18.71
CA ASP A 105 10.29 -0.76 -19.33
C ASP A 105 11.58 -0.33 -18.57
N PRO A 106 12.54 -1.22 -18.27
CA PRO A 106 13.68 -0.80 -17.45
C PRO A 106 14.65 0.22 -18.03
N ASP A 107 14.72 0.39 -19.34
CA ASP A 107 15.55 1.48 -19.91
C ASP A 107 14.85 2.89 -19.80
N LYS A 108 13.70 2.90 -19.16
CA LYS A 108 12.76 4.07 -19.09
C LYS A 108 12.52 4.14 -17.59
N PRO A 109 11.78 5.19 -17.07
CA PRO A 109 11.52 5.32 -15.64
C PRO A 109 10.84 4.19 -14.80
N LEU A 110 10.86 2.94 -15.22
CA LEU A 110 10.32 1.81 -14.43
C LEU A 110 10.55 1.85 -12.88
N LYS A 111 11.68 2.39 -12.47
CA LYS A 111 12.03 2.58 -11.03
C LYS A 111 11.51 3.89 -10.35
N ARG A 112 10.91 4.79 -11.12
CA ARG A 112 10.34 6.05 -10.66
C ARG A 112 8.82 6.06 -10.88
N ALA A 113 8.47 5.58 -12.04
CA ALA A 113 7.03 5.29 -12.36
C ALA A 113 6.45 4.12 -11.53
N ASP A 114 7.27 3.57 -10.58
CA ASP A 114 6.72 2.55 -9.67
C ASP A 114 5.74 3.21 -8.71
N PHE A 115 5.80 4.55 -8.64
CA PHE A 115 4.91 5.33 -7.85
C PHE A 115 4.35 6.44 -8.76
N GLU A 116 3.09 6.37 -9.17
CA GLU A 116 2.34 7.51 -9.78
C GLU A 116 1.33 7.90 -8.75
N LEU A 117 1.35 9.16 -8.27
CA LEU A 117 0.42 9.54 -7.20
C LEU A 117 -1.00 9.52 -7.75
N ILE A 118 -1.99 8.94 -6.99
CA ILE A 118 -3.41 9.07 -7.38
C ILE A 118 -4.14 9.98 -6.39
N GLY A 119 -3.54 10.15 -5.21
CA GLY A 119 -4.12 11.02 -4.21
C GLY A 119 -3.24 11.24 -3.00
N ALA A 120 -3.38 12.38 -2.35
CA ALA A 120 -2.59 12.71 -1.19
C ALA A 120 -3.68 13.49 -0.38
N VAL A 121 -3.70 13.29 0.94
CA VAL A 121 -4.66 13.93 1.85
C VAL A 121 -3.80 14.39 2.99
N PRO A 122 -3.55 15.72 3.03
CA PRO A 122 -2.98 16.08 4.32
C PRO A 122 -3.97 15.88 5.44
N HIS A 123 -3.55 15.90 6.68
CA HIS A 123 -4.46 15.82 7.81
C HIS A 123 -3.99 16.68 8.98
N ASP A 124 -4.29 17.98 8.98
CA ASP A 124 -3.99 18.85 10.11
C ASP A 124 -5.04 18.79 11.21
N GLY A 125 -6.15 18.26 10.79
CA GLY A 125 -7.33 18.08 11.60
C GLY A 125 -8.30 17.38 10.66
N SER A 126 -9.58 17.23 10.97
CA SER A 126 -10.46 16.54 10.01
C SER A 126 -11.71 17.30 9.68
N PRO A 127 -11.59 18.39 8.94
CA PRO A 127 -12.85 18.69 8.20
C PRO A 127 -13.14 17.63 7.14
N ALA A 128 -14.31 17.62 6.48
CA ALA A 128 -14.62 16.53 5.54
C ALA A 128 -13.57 16.37 4.43
N SER A 129 -13.02 17.46 4.00
CA SER A 129 -11.94 17.44 3.03
C SER A 129 -10.69 16.69 3.45
N ARG A 130 -10.47 16.46 4.74
CA ARG A 130 -9.32 15.61 5.18
C ARG A 130 -9.59 14.21 5.66
N ASN A 131 -10.83 13.73 5.53
CA ASN A 131 -11.29 12.45 6.11
C ASN A 131 -10.48 11.29 5.57
N LEU A 132 -10.40 10.24 6.43
CA LEU A 132 -9.70 9.01 6.14
C LEU A 132 -10.32 8.18 5.01
N SER A 133 -11.61 8.27 4.75
CA SER A 133 -12.20 7.41 3.75
C SER A 133 -12.25 8.22 2.49
N HIS A 134 -12.05 7.56 1.33
CA HIS A 134 -12.01 8.27 0.03
C HIS A 134 -12.87 7.68 -1.09
N HIS A 135 -13.10 8.36 -2.22
CA HIS A 135 -13.71 7.73 -3.38
C HIS A 135 -12.83 7.78 -4.62
N ILE A 136 -12.43 6.60 -5.10
CA ILE A 136 -11.38 6.57 -6.11
C ILE A 136 -11.91 5.87 -7.35
N TYR A 137 -11.68 6.49 -8.51
CA TYR A 137 -12.01 5.85 -9.77
C TYR A 137 -10.94 4.81 -10.02
N ILE A 138 -11.39 3.63 -10.41
CA ILE A 138 -10.54 2.48 -10.70
C ILE A 138 -10.74 2.29 -12.19
N PRO A 139 -9.63 2.12 -12.99
CA PRO A 139 -9.95 2.06 -14.41
C PRO A 139 -10.80 0.97 -14.90
N GLU A 140 -11.63 1.27 -15.84
CA GLU A 140 -12.55 0.36 -16.52
C GLU A 140 -12.12 -0.04 -17.93
N ASP A 141 -11.29 0.83 -18.53
CA ASP A 141 -10.88 0.76 -19.93
C ASP A 141 -9.79 -0.31 -20.16
N ARG A 142 -9.37 -0.87 -19.03
CA ARG A 142 -8.41 -2.00 -19.08
C ARG A 142 -8.65 -3.00 -18.00
N LEU A 143 -8.18 -4.20 -18.20
CA LEU A 143 -8.18 -5.27 -17.21
C LEU A 143 -6.71 -5.36 -16.81
N GLY A 144 -6.41 -5.82 -15.60
CA GLY A 144 -5.04 -6.20 -15.20
C GLY A 144 -4.78 -6.18 -13.69
N TYR A 145 -3.69 -6.77 -13.29
CA TYR A 145 -3.11 -6.63 -11.94
C TYR A 145 -2.15 -5.46 -11.79
N HIS A 146 -2.31 -4.75 -10.70
CA HIS A 146 -1.85 -3.39 -10.48
C HIS A 146 -1.56 -3.35 -8.98
N VAL A 147 -0.89 -2.31 -8.49
CA VAL A 147 -0.46 -2.32 -7.09
C VAL A 147 -0.85 -0.98 -6.60
N ILE A 148 -1.51 -0.88 -5.45
CA ILE A 148 -1.89 0.36 -4.81
C ILE A 148 -0.81 0.62 -3.71
N LEU A 149 -0.07 1.74 -3.73
CA LEU A 149 0.98 1.93 -2.77
C LEU A 149 0.61 3.09 -1.88
N ALA A 150 0.84 3.00 -0.60
CA ALA A 150 0.48 4.07 0.30
C ALA A 150 1.51 4.40 1.36
N VAL A 151 1.65 5.65 1.74
CA VAL A 151 2.64 6.09 2.72
C VAL A 151 1.99 7.03 3.73
N TRP A 152 2.26 6.92 5.02
CA TRP A 152 1.67 7.87 5.99
C TRP A 152 2.84 8.64 6.58
N ASP A 153 2.56 9.86 6.96
CA ASP A 153 3.45 10.59 7.86
C ASP A 153 2.55 10.66 9.07
N VAL A 154 3.07 10.32 10.25
CA VAL A 154 2.30 10.29 11.47
C VAL A 154 3.16 10.97 12.49
N ALA A 155 2.68 12.05 13.10
CA ALA A 155 3.49 12.85 13.99
C ALA A 155 3.56 12.21 15.40
N ASP A 156 2.57 11.34 15.72
CA ASP A 156 2.57 10.71 17.03
C ASP A 156 3.44 9.51 17.18
N THR A 157 3.86 8.98 16.05
CA THR A 157 4.71 7.77 16.02
C THR A 157 6.06 8.17 15.50
N GLU A 158 7.06 7.38 15.83
CA GLU A 158 8.43 7.82 15.55
C GLU A 158 8.95 7.38 14.19
N ASN A 159 8.36 6.31 13.68
CA ASN A 159 8.72 5.86 12.33
C ASN A 159 7.70 6.26 11.34
N ALA A 160 8.16 6.24 10.11
CA ALA A 160 7.27 6.26 8.92
C ALA A 160 6.62 4.94 8.68
N PHE A 161 5.63 5.03 7.79
CA PHE A 161 4.82 3.87 7.38
C PHE A 161 4.75 3.76 5.82
N TYR A 162 5.02 2.56 5.30
CA TYR A 162 4.95 2.23 3.90
C TYR A 162 4.33 0.81 3.74
N GLN A 163 3.44 0.66 2.80
CA GLN A 163 2.58 -0.53 2.67
C GLN A 163 2.10 -0.57 1.24
N VAL A 164 1.89 -1.76 0.74
CA VAL A 164 1.35 -1.96 -0.63
C VAL A 164 0.12 -2.87 -0.52
N ILE A 165 -0.69 -2.88 -1.57
CA ILE A 165 -1.84 -3.80 -1.68
C ILE A 165 -1.83 -4.30 -3.09
N ASP A 166 -1.94 -5.61 -3.26
CA ASP A 166 -1.85 -6.16 -4.60
C ASP A 166 -3.34 -6.31 -5.11
N VAL A 167 -3.67 -5.71 -6.27
CA VAL A 167 -5.07 -5.80 -6.69
C VAL A 167 -5.14 -6.43 -8.09
N ASP A 168 -6.32 -6.99 -8.43
CA ASP A 168 -6.59 -7.34 -9.82
C ASP A 168 -7.84 -6.47 -10.09
N LEU A 169 -7.69 -5.59 -11.13
CA LEU A 169 -8.70 -4.62 -11.49
C LEU A 169 -9.20 -5.06 -12.85
N VAL A 170 -10.29 -5.79 -12.89
CA VAL A 170 -10.70 -6.42 -14.18
C VAL A 170 -12.21 -6.39 -14.42
N ASN A 171 -12.65 -6.80 -15.61
CA ASN A 171 -14.06 -6.94 -15.96
C ASN A 171 -14.60 -8.10 -15.11
N LYS A 172 -15.77 -7.91 -14.47
CA LYS A 172 -16.39 -8.94 -13.67
C LYS A 172 -16.84 -10.11 -14.58
CU CU1 B . -1.30 3.53 12.91
N HIS A 1 -3.81 4.29 12.58
CA HIS A 1 -4.63 3.66 11.42
C HIS A 1 -5.40 2.48 11.97
N GLY A 2 -4.76 1.75 12.87
CA GLY A 2 -5.46 0.76 13.60
C GLY A 2 -5.74 -0.46 12.76
N PHE A 3 -7.05 -0.80 12.62
CA PHE A 3 -7.45 -1.95 11.85
C PHE A 3 -7.84 -1.45 10.50
N ILE A 4 -7.55 -2.23 9.46
CA ILE A 4 -8.04 -1.92 8.15
C ILE A 4 -9.44 -2.56 8.07
N GLU A 5 -10.44 -1.76 7.73
CA GLU A 5 -11.78 -2.27 7.89
C GLU A 5 -12.39 -2.57 6.54
N LYS A 6 -12.08 -1.77 5.53
CA LYS A 6 -12.57 -1.94 4.15
C LYS A 6 -11.34 -1.59 3.26
N PRO A 7 -11.22 -2.24 2.06
CA PRO A 7 -12.05 -3.21 1.36
C PRO A 7 -12.04 -4.60 1.99
N GLY A 8 -13.26 -5.16 2.15
CA GLY A 8 -13.39 -6.55 2.62
C GLY A 8 -12.85 -6.81 4.05
N SER A 9 -12.28 -7.96 4.24
CA SER A 9 -11.83 -8.36 5.51
C SER A 9 -10.45 -8.92 5.28
N ARG A 10 -9.35 -8.22 5.61
CA ARG A 10 -8.04 -8.73 5.36
C ARG A 10 -7.77 -9.89 6.26
N ALA A 11 -8.53 -10.05 7.34
CA ALA A 11 -8.44 -11.28 8.18
C ALA A 11 -8.93 -12.51 7.42
N ALA A 12 -9.85 -12.41 6.50
CA ALA A 12 -10.32 -13.62 5.78
C ALA A 12 -9.20 -14.02 4.82
N LEU A 13 -8.45 -13.06 4.30
CA LEU A 13 -7.38 -13.40 3.33
C LEU A 13 -6.17 -14.01 4.00
N CYS A 14 -6.02 -13.59 5.25
CA CYS A 14 -4.95 -14.08 6.12
C CYS A 14 -5.17 -15.48 6.62
N SER A 15 -6.45 -15.80 6.89
CA SER A 15 -6.79 -17.14 7.32
C SER A 15 -6.39 -18.35 6.43
N GLU A 16 -6.12 -19.48 7.01
CA GLU A 16 -5.95 -20.73 6.23
C GLU A 16 -7.23 -21.03 5.41
N ALA A 17 -8.37 -20.76 5.95
CA ALA A 17 -9.65 -21.17 5.38
C ALA A 17 -9.98 -20.41 4.11
N PHE A 18 -9.17 -19.44 3.78
CA PHE A 18 -9.25 -18.72 2.48
C PHE A 18 -9.06 -19.70 1.35
N GLY A 19 -8.17 -20.68 1.56
CA GLY A 19 -7.77 -21.65 0.54
C GLY A 19 -7.43 -23.07 0.86
N PHE A 20 -7.47 -23.43 2.13
CA PHE A 20 -7.18 -24.80 2.67
C PHE A 20 -5.97 -25.62 2.16
N LEU A 21 -5.01 -24.99 1.50
CA LEU A 21 -3.75 -25.72 1.08
C LEU A 21 -2.54 -25.05 1.66
N ASN A 22 -2.54 -23.74 1.74
CA ASN A 22 -1.38 -22.99 2.24
C ASN A 22 -1.80 -21.71 2.93
N LEU A 23 -0.79 -20.85 3.19
CA LEU A 23 -1.03 -19.52 3.75
C LEU A 23 0.27 -18.71 3.65
N ASN A 24 0.18 -17.38 3.67
CA ASN A 24 1.41 -16.50 3.56
C ASN A 24 1.20 -15.03 4.06
N CYS A 25 0.54 -14.97 5.22
CA CYS A 25 0.25 -13.68 5.93
C CYS A 25 1.36 -13.24 6.83
N GLY A 26 2.37 -14.07 6.99
CA GLY A 26 3.23 -13.95 8.13
C GLY A 26 3.97 -12.67 8.37
N SER A 27 4.47 -11.95 7.38
CA SER A 27 5.25 -10.76 7.62
C SER A 27 4.37 -9.60 7.86
N VAL A 28 3.12 -9.76 7.56
CA VAL A 28 2.08 -8.71 7.89
C VAL A 28 1.59 -9.06 9.27
N MET A 29 1.28 -10.28 9.62
CA MET A 29 0.63 -10.53 10.94
C MET A 29 1.57 -10.46 12.16
N TYR A 30 2.87 -10.34 11.89
CA TYR A 30 3.80 -10.05 12.92
C TYR A 30 3.49 -8.78 13.63
N GLU A 31 3.22 -7.71 12.85
CA GLU A 31 2.93 -6.37 13.41
C GLU A 31 1.90 -5.60 12.63
N PRO A 32 0.67 -6.09 12.56
CA PRO A 32 -0.25 -5.52 11.59
C PRO A 32 -0.76 -4.08 11.84
N GLN A 33 -0.64 -3.63 13.09
CA GLN A 33 -0.91 -2.20 13.41
C GLN A 33 0.34 -1.29 13.56
N SER A 34 1.51 -1.81 13.26
CA SER A 34 2.78 -1.07 13.16
C SER A 34 3.61 -1.50 11.93
N LEU A 35 2.94 -1.75 10.85
CA LEU A 35 3.59 -2.09 9.58
C LEU A 35 4.15 -0.85 8.90
N GLU A 36 5.46 -0.65 9.09
CA GLU A 36 6.08 0.65 8.91
C GLU A 36 7.32 0.46 8.04
N ALA A 37 7.63 1.47 7.24
CA ALA A 37 8.81 1.40 6.38
C ALA A 37 9.52 2.82 6.08
N LYS A 38 9.79 3.57 7.18
CA LYS A 38 10.53 4.86 7.07
C LYS A 38 11.58 4.85 8.18
N LYS A 39 12.13 6.00 8.51
CA LYS A 39 13.28 6.14 9.35
C LYS A 39 12.96 5.77 10.77
N GLY A 40 13.94 5.51 11.61
CA GLY A 40 13.71 5.22 13.00
C GLY A 40 15.11 4.96 13.56
N PHE A 41 15.29 4.69 14.83
CA PHE A 41 16.63 4.42 15.26
C PHE A 41 16.69 3.12 15.99
N PRO A 42 17.22 2.01 15.43
CA PRO A 42 17.86 1.73 14.12
C PRO A 42 16.88 1.84 12.96
N HIS A 43 17.30 2.05 11.72
CA HIS A 43 16.36 2.30 10.63
C HIS A 43 15.53 1.01 10.44
N SER A 44 16.17 -0.14 10.68
CA SER A 44 15.55 -1.49 10.67
C SER A 44 15.31 -2.03 9.28
N GLY A 45 14.31 -1.48 8.55
CA GLY A 45 14.06 -1.90 7.14
C GLY A 45 15.15 -1.34 6.26
N PRO A 46 15.02 -1.56 4.94
CA PRO A 46 16.07 -1.10 3.97
C PRO A 46 16.06 0.42 3.73
N ALA A 47 16.81 1.00 2.78
CA ALA A 47 16.68 2.43 2.51
C ALA A 47 15.24 2.73 2.02
N ASP A 48 14.57 3.73 2.51
CA ASP A 48 13.18 3.90 2.13
C ASP A 48 12.86 4.25 0.70
N GLY A 49 12.08 3.43 0.03
CA GLY A 49 11.77 3.58 -1.39
C GLY A 49 12.89 3.06 -2.27
N GLN A 50 13.93 2.53 -1.68
CA GLN A 50 15.13 2.03 -2.33
C GLN A 50 15.61 2.86 -3.57
N ILE A 51 15.50 4.17 -3.46
CA ILE A 51 15.48 5.06 -4.58
C ILE A 51 16.88 5.10 -5.20
N ALA A 52 17.99 5.10 -4.40
CA ALA A 52 19.32 5.36 -4.96
C ALA A 52 19.73 4.36 -6.09
N SER A 53 19.57 3.07 -5.84
CA SER A 53 20.15 2.05 -6.69
C SER A 53 19.05 1.35 -7.50
N ALA A 54 17.80 1.39 -7.04
CA ALA A 54 16.72 0.65 -7.58
C ALA A 54 16.85 -0.86 -7.58
N GLY A 55 17.86 -1.43 -6.92
CA GLY A 55 18.05 -2.87 -6.89
C GLY A 55 17.04 -3.46 -5.90
N GLY A 56 16.52 -2.65 -5.00
CA GLY A 56 15.35 -2.96 -4.22
C GLY A 56 13.98 -3.07 -4.84
N LEU A 57 13.87 -2.50 -6.06
CA LEU A 57 12.62 -2.32 -6.82
C LEU A 57 12.59 -3.24 -8.08
N PHE A 58 13.78 -3.65 -8.45
CA PHE A 58 13.98 -4.89 -9.23
C PHE A 58 13.67 -6.00 -8.26
N GLY A 59 14.10 -5.88 -7.03
CA GLY A 59 13.65 -6.75 -5.95
C GLY A 59 12.17 -6.76 -5.75
N GLY A 60 11.52 -5.68 -6.17
CA GLY A 60 10.08 -5.60 -6.04
C GLY A 60 9.33 -6.54 -6.99
N ILE A 61 10.04 -7.05 -7.98
CA ILE A 61 9.48 -7.96 -8.99
C ILE A 61 9.51 -9.37 -8.33
N LEU A 62 10.54 -9.53 -7.51
CA LEU A 62 10.82 -10.80 -6.83
C LEU A 62 9.87 -11.07 -5.68
N ASP A 63 9.18 -9.94 -5.33
CA ASP A 63 8.16 -9.90 -4.21
C ASP A 63 7.01 -10.87 -4.45
N GLN A 64 6.72 -11.21 -5.72
CA GLN A 64 5.56 -12.06 -5.98
C GLN A 64 5.87 -13.57 -5.79
N GLN A 65 7.03 -13.87 -5.21
CA GLN A 65 7.49 -15.28 -4.94
C GLN A 65 8.01 -15.45 -3.56
N SER A 66 7.67 -14.49 -2.70
CA SER A 66 8.43 -14.27 -1.48
C SER A 66 7.56 -14.64 -0.25
N GLU A 67 8.18 -14.77 0.91
CA GLU A 67 7.50 -14.90 2.21
C GLU A 67 6.83 -13.56 2.47
N ASN A 68 7.32 -12.47 1.82
CA ASN A 68 6.73 -11.09 1.87
C ASN A 68 5.96 -10.80 0.57
N ARG A 69 5.28 -11.80 0.11
CA ARG A 69 4.40 -11.67 -1.08
C ARG A 69 3.05 -11.27 -0.55
N TRP A 70 3.01 -9.96 -0.54
CA TRP A 70 1.78 -9.20 -0.23
C TRP A 70 0.74 -9.68 -1.24
N PHE A 71 -0.49 -9.86 -0.81
CA PHE A 71 -1.52 -10.51 -1.66
C PHE A 71 -1.91 -9.73 -2.90
N LYS A 72 -2.31 -10.56 -3.84
CA LYS A 72 -2.91 -10.14 -5.10
C LYS A 72 -4.43 -10.02 -4.77
N HIS A 73 -4.98 -8.92 -5.25
CA HIS A 73 -6.46 -8.67 -5.22
C HIS A 73 -7.01 -8.33 -6.57
N ILE A 74 -8.13 -8.92 -6.95
CA ILE A 74 -8.84 -8.45 -8.15
C ILE A 74 -9.91 -7.43 -7.73
N MET A 75 -10.10 -6.36 -8.52
CA MET A 75 -11.13 -5.32 -8.26
C MET A 75 -11.64 -4.81 -9.59
N THR A 76 -12.91 -4.43 -9.58
CA THR A 76 -13.49 -3.81 -10.81
C THR A 76 -13.22 -2.38 -10.95
N GLY A 77 -13.58 -1.78 -12.05
CA GLY A 77 -13.64 -0.34 -12.07
C GLY A 77 -14.85 0.17 -11.27
N GLY A 78 -15.00 1.47 -11.25
CA GLY A 78 -16.01 2.19 -10.52
C GLY A 78 -15.32 2.68 -9.21
N GLU A 79 -16.06 3.40 -8.37
CA GLU A 79 -15.57 3.84 -7.09
C GLU A 79 -15.56 2.74 -5.99
N HIS A 80 -14.48 2.76 -5.22
CA HIS A 80 -14.37 1.85 -4.03
C HIS A 80 -13.91 2.62 -2.79
N THR A 81 -14.16 2.05 -1.63
CA THR A 81 -13.83 2.73 -0.34
C THR A 81 -12.70 2.02 0.38
N PHE A 82 -11.77 2.84 0.91
CA PHE A 82 -10.74 2.41 1.82
C PHE A 82 -10.93 3.02 3.23
N THR A 83 -11.11 2.24 4.24
CA THR A 83 -11.37 2.75 5.55
C THR A 83 -10.49 1.98 6.53
N TRP A 84 -9.79 2.73 7.33
CA TRP A 84 -8.86 2.23 8.32
C TRP A 84 -9.51 2.83 9.56
N THR A 85 -9.36 2.20 10.72
CA THR A 85 -9.99 2.77 11.91
C THR A 85 -9.12 2.58 13.17
N TYR A 86 -8.81 3.63 13.94
CA TYR A 86 -8.10 3.52 15.27
C TYR A 86 -8.82 4.31 16.30
N THR A 87 -8.88 3.80 17.56
CA THR A 87 -9.58 4.48 18.65
C THR A 87 -9.11 5.89 19.08
N ALA A 88 -7.85 6.22 18.81
CA ALA A 88 -7.17 7.48 19.21
C ALA A 88 -6.50 7.87 17.94
N PRO A 89 -6.15 9.14 17.71
CA PRO A 89 -5.28 9.41 16.52
C PRO A 89 -3.89 9.17 17.04
N HIS A 90 -3.02 8.92 16.08
CA HIS A 90 -1.55 9.09 16.23
C HIS A 90 -1.31 10.58 15.81
N ASN A 91 -0.13 11.15 16.06
CA ASN A 91 0.24 12.47 15.51
C ASN A 91 0.89 12.24 14.14
N THR A 92 0.28 12.75 13.10
CA THR A 92 0.67 12.46 11.72
C THR A 92 0.62 13.76 10.84
N SER A 93 1.38 13.78 9.75
CA SER A 93 1.47 14.94 8.82
C SER A 93 0.58 14.75 7.60
N GLN A 94 0.66 13.62 6.95
CA GLN A 94 -0.04 13.34 5.67
C GLN A 94 -0.22 11.91 5.37
N TRP A 95 -1.15 11.53 4.48
CA TRP A 95 -1.13 10.22 3.86
C TRP A 95 -1.07 10.31 2.32
N HIS A 96 -0.36 9.39 1.68
CA HIS A 96 -0.01 9.42 0.24
C HIS A 96 -0.53 8.17 -0.47
N TYR A 97 -0.82 8.18 -1.77
CA TYR A 97 -1.24 6.97 -2.38
C TYR A 97 -0.64 6.99 -3.80
N TYR A 98 -0.13 5.84 -4.22
CA TYR A 98 0.73 5.74 -5.47
C TYR A 98 0.31 4.57 -6.29
N ILE A 99 0.62 4.65 -7.56
CA ILE A 99 0.30 3.51 -8.46
C ILE A 99 1.56 3.09 -9.21
N THR A 100 1.53 1.86 -9.78
CA THR A 100 2.61 1.31 -10.67
C THR A 100 2.08 1.20 -12.04
N LYS A 101 2.76 1.75 -12.98
CA LYS A 101 2.42 1.69 -14.40
C LYS A 101 3.30 0.60 -15.03
N LYS A 102 3.14 0.39 -16.33
CA LYS A 102 3.94 -0.59 -17.04
C LYS A 102 3.76 -0.26 -18.52
N GLY A 103 4.46 -1.00 -19.39
CA GLY A 103 4.60 -0.60 -20.77
C GLY A 103 5.56 0.53 -20.98
N TRP A 104 6.44 0.54 -20.00
CA TRP A 104 7.43 1.64 -19.85
C TRP A 104 8.81 1.28 -20.46
N ASP A 105 9.51 2.33 -20.92
CA ASP A 105 10.76 2.31 -21.66
C ASP A 105 11.95 2.55 -20.76
N PRO A 106 13.08 1.89 -20.94
CA PRO A 106 14.23 1.93 -20.05
C PRO A 106 15.04 3.20 -19.89
N ASP A 107 15.29 3.92 -20.95
CA ASP A 107 16.12 5.16 -20.86
C ASP A 107 15.34 6.23 -20.15
N LYS A 108 14.04 6.15 -20.29
CA LYS A 108 13.03 7.01 -19.65
C LYS A 108 12.97 6.73 -18.18
N PRO A 109 12.41 7.62 -17.30
CA PRO A 109 12.24 7.50 -15.81
C PRO A 109 11.69 6.25 -15.14
N LEU A 110 11.62 5.08 -15.80
CA LEU A 110 11.12 3.84 -15.23
C LEU A 110 11.67 3.46 -13.83
N LYS A 111 12.95 3.71 -13.53
CA LYS A 111 13.52 3.37 -12.23
C LYS A 111 13.34 4.42 -11.12
N ARG A 112 12.88 5.57 -11.50
CA ARG A 112 12.51 6.69 -10.61
C ARG A 112 11.01 6.95 -10.38
N ALA A 113 10.33 7.08 -11.50
CA ALA A 113 8.87 7.14 -11.56
C ALA A 113 8.35 5.71 -11.43
N ASP A 114 9.04 4.90 -10.64
CA ASP A 114 8.75 3.46 -10.38
C ASP A 114 7.40 3.34 -9.65
N PHE A 115 7.07 4.38 -8.96
CA PHE A 115 5.81 4.52 -8.23
C PHE A 115 5.37 5.82 -8.78
N GLU A 116 4.08 6.09 -8.98
CA GLU A 116 3.65 7.44 -9.28
C GLU A 116 2.72 7.95 -8.21
N LEU A 117 2.99 9.15 -7.72
CA LEU A 117 2.04 9.83 -6.88
C LEU A 117 0.75 10.14 -7.66
N ILE A 118 -0.34 9.45 -7.33
CA ILE A 118 -1.58 9.76 -7.96
C ILE A 118 -2.40 10.65 -7.00
N GLY A 119 -2.05 10.67 -5.73
CA GLY A 119 -2.55 11.71 -4.88
C GLY A 119 -2.06 11.69 -3.46
N ALA A 120 -2.29 12.76 -2.77
CA ALA A 120 -2.01 12.81 -1.32
C ALA A 120 -2.99 13.83 -0.70
N VAL A 121 -3.29 13.61 0.55
CA VAL A 121 -4.05 14.54 1.35
C VAL A 121 -3.39 14.73 2.69
N PRO A 122 -3.00 15.96 3.03
CA PRO A 122 -2.44 16.20 4.38
C PRO A 122 -3.50 16.14 5.48
N HIS A 123 -3.01 15.78 6.65
CA HIS A 123 -3.81 15.77 7.89
C HIS A 123 -3.54 17.12 8.56
N ASP A 124 -3.72 18.20 7.82
CA ASP A 124 -3.25 19.52 8.27
C ASP A 124 -4.33 20.06 9.19
N GLY A 125 -5.53 19.59 9.04
CA GLY A 125 -6.70 20.08 9.75
C GLY A 125 -7.61 18.90 9.74
N SER A 126 -8.81 18.95 10.33
CA SER A 126 -9.82 17.88 10.19
C SER A 126 -11.23 18.23 9.65
N PRO A 127 -11.33 18.83 8.45
CA PRO A 127 -12.68 18.94 7.81
C PRO A 127 -13.07 17.55 7.27
N ALA A 128 -14.27 17.43 6.74
CA ALA A 128 -14.81 16.17 6.14
C ALA A 128 -14.03 15.68 4.93
N SER A 129 -13.18 16.50 4.34
CA SER A 129 -12.29 16.10 3.25
C SER A 129 -11.00 15.45 3.79
N ARG A 130 -10.80 15.41 5.09
CA ARG A 130 -9.62 14.70 5.67
C ARG A 130 -10.07 13.52 6.52
N ASN A 131 -11.27 12.98 6.20
CA ASN A 131 -11.79 11.78 6.91
C ASN A 131 -10.92 10.65 6.53
N LEU A 132 -10.78 9.70 7.42
CA LEU A 132 -9.94 8.57 7.11
C LEU A 132 -10.57 7.51 6.15
N SER A 133 -11.87 7.57 5.96
CA SER A 133 -12.51 6.75 4.94
C SER A 133 -12.29 7.51 3.67
N HIS A 134 -11.67 6.87 2.67
CA HIS A 134 -11.39 7.50 1.40
C HIS A 134 -12.12 6.73 0.32
N HIS A 135 -12.54 7.45 -0.69
CA HIS A 135 -13.16 6.83 -1.93
C HIS A 135 -12.16 7.03 -3.08
N ILE A 136 -11.92 6.02 -3.90
CA ILE A 136 -10.98 6.16 -5.05
C ILE A 136 -11.72 5.60 -6.23
N TYR A 137 -11.77 6.37 -7.29
CA TYR A 137 -12.24 5.90 -8.57
C TYR A 137 -11.17 5.10 -9.30
N ILE A 138 -11.58 3.97 -9.81
CA ILE A 138 -10.77 3.13 -10.66
C ILE A 138 -11.43 3.12 -12.03
N PRO A 139 -10.72 3.45 -13.14
CA PRO A 139 -11.49 3.37 -14.38
C PRO A 139 -11.89 1.97 -14.80
N GLU A 140 -13.02 1.93 -15.49
CA GLU A 140 -13.72 0.67 -15.90
C GLU A 140 -13.52 0.36 -17.36
N ASP A 141 -12.92 1.34 -18.04
CA ASP A 141 -12.63 1.18 -19.50
C ASP A 141 -11.44 0.25 -19.84
N ARG A 142 -10.73 -0.32 -18.89
CA ARG A 142 -9.52 -1.06 -19.13
C ARG A 142 -9.38 -2.26 -18.24
N LEU A 143 -8.49 -3.18 -18.53
CA LEU A 143 -8.24 -4.36 -17.71
C LEU A 143 -6.74 -4.29 -17.53
N GLY A 144 -6.26 -4.73 -16.36
CA GLY A 144 -4.85 -5.11 -16.14
C GLY A 144 -4.23 -4.96 -14.81
N TYR A 145 -3.01 -5.44 -14.74
CA TYR A 145 -2.23 -5.52 -13.50
C TYR A 145 -1.54 -4.16 -13.17
N HIS A 146 -1.57 -3.86 -11.85
CA HIS A 146 -0.94 -2.63 -11.29
C HIS A 146 -0.51 -3.02 -9.86
N VAL A 147 0.34 -2.24 -9.19
CA VAL A 147 0.61 -2.43 -7.72
C VAL A 147 0.30 -1.04 -7.11
N ILE A 148 -0.30 -0.95 -5.94
CA ILE A 148 -0.73 0.33 -5.32
C ILE A 148 -0.17 0.40 -3.92
N LEU A 149 0.40 1.53 -3.62
CA LEU A 149 1.03 1.80 -2.34
C LEU A 149 0.21 2.82 -1.54
N ALA A 150 0.08 2.60 -0.25
CA ALA A 150 -0.60 3.55 0.68
C ALA A 150 0.23 3.83 1.94
N VAL A 151 0.64 5.08 2.09
CA VAL A 151 1.72 5.42 3.01
C VAL A 151 1.26 6.57 3.93
N TRP A 152 1.35 6.43 5.22
CA TRP A 152 0.95 7.46 6.13
C TRP A 152 2.11 7.95 7.01
N ASP A 153 2.54 9.17 6.73
CA ASP A 153 3.71 9.83 7.31
C ASP A 153 3.41 10.21 8.80
N VAL A 154 4.17 9.62 9.75
CA VAL A 154 3.96 9.84 11.21
C VAL A 154 4.79 11.05 11.57
N ALA A 155 4.18 11.95 12.38
CA ALA A 155 4.79 13.21 12.71
C ALA A 155 5.55 13.24 13.99
N ASP A 156 5.24 12.39 14.96
CA ASP A 156 5.96 12.41 16.26
C ASP A 156 7.08 11.37 16.34
N THR A 157 7.35 10.68 15.22
CA THR A 157 8.44 9.68 15.11
C THR A 157 9.05 9.94 13.69
N GLU A 158 10.01 9.16 13.30
CA GLU A 158 10.70 9.28 12.01
C GLU A 158 10.03 8.36 11.07
N ASN A 159 9.06 7.50 11.55
CA ASN A 159 8.51 6.45 10.72
C ASN A 159 7.35 6.82 9.81
N ALA A 160 6.91 5.86 9.03
CA ALA A 160 5.62 6.05 8.32
C ALA A 160 4.97 4.62 8.16
N PHE A 161 3.63 4.55 8.20
CA PHE A 161 2.85 3.31 8.02
C PHE A 161 2.82 3.05 6.55
N TYR A 162 3.07 1.85 6.11
CA TYR A 162 3.23 1.46 4.73
C TYR A 162 2.49 0.14 4.45
N GLN A 163 1.59 0.14 3.51
CA GLN A 163 0.90 -1.09 3.18
C GLN A 163 0.78 -1.04 1.68
N VAL A 164 0.90 -2.13 0.97
CA VAL A 164 1.02 -2.09 -0.48
C VAL A 164 0.23 -3.31 -0.91
N ILE A 165 -0.48 -3.23 -2.02
CA ILE A 165 -1.44 -4.22 -2.47
C ILE A 165 -1.24 -4.38 -3.98
N ASP A 166 -0.95 -5.62 -4.32
CA ASP A 166 -0.75 -6.07 -5.68
C ASP A 166 -2.15 -6.17 -6.33
N VAL A 167 -2.41 -5.55 -7.46
CA VAL A 167 -3.82 -5.51 -7.92
C VAL A 167 -4.06 -5.79 -9.37
N ASP A 168 -5.24 -6.18 -9.75
CA ASP A 168 -5.65 -6.46 -11.10
C ASP A 168 -6.97 -5.73 -11.24
N LEU A 169 -7.07 -4.69 -12.07
CA LEU A 169 -8.23 -3.80 -12.09
C LEU A 169 -8.86 -3.98 -13.49
N VAL A 170 -10.12 -4.37 -13.51
CA VAL A 170 -10.84 -4.75 -14.73
C VAL A 170 -12.28 -4.19 -14.93
N ASN A 171 -12.73 -4.20 -16.17
CA ASN A 171 -14.10 -3.87 -16.48
C ASN A 171 -15.08 -4.87 -15.80
N LYS A 172 -16.20 -4.42 -15.27
CA LYS A 172 -17.25 -5.31 -14.79
C LYS A 172 -17.66 -6.31 -15.91
CU CU1 B . -1.82 3.45 13.19
#